data_9B29
#
_entry.id   9B29
#
_cell.length_a   1.00
_cell.length_b   1.00
_cell.length_c   1.00
_cell.angle_alpha   90.00
_cell.angle_beta   90.00
_cell.angle_gamma   90.00
#
_symmetry.space_group_name_H-M   'P 1'
#
loop_
_entity.id
_entity.type
_entity.pdbx_description
1 polymer 'Transient receptor potential cation channel, subfamily M, member 3'
2 non-polymer '[(2~{R})-1-[2-azanylethoxy(oxidanyl)phosphoryl]oxy-3-hexadecanoyloxy-propan-2-yl] (~{Z})-octadec-9-enoate'
3 non-polymer 1-palmitoyl-2-oleoyl-sn-glycero-3-phosphocholine
4 non-polymer 'CHOLESTEROL HEMISUCCINATE'
5 non-polymer 1,2-DILAUROYL-SN-GLYCERO-3-PHOSPHATE
#
_entity_poly.entity_id   1
_entity_poly.type   'polypeptide(L)'
_entity_poly.pdbx_seq_one_letter_code
;MGKKWRDAGELERGCSDREDSAESRRRSRSASRGRFAESWKRLSSKQGSTKRSGLPAQQTPAQKSWIERAFYKRECVHII
PSTKDPHRCCCGRLIGQHVGLTPSISVLQNEKNESRLSRNDIQSEKWSISKHTQLSPTDAFGTIEFQGGGHSNKAMYVRV
SFDTKPDLLLHLMTKEWQLELPKLLISVHGGLQNFELQPKLKQVFGKGLIKAAMTTGAWIFTGGVNTGVIRHVGDALKDH
ASKSRGKICTIGIAPWGIVENQEDLIGRDVVRPYQTMSNPMSKLTVLNSMHSHFILADNGTTGKYGAEVKLRRQLEKHIS
LQKINTRIGQGVPVVALIVEGGPNVISIVLEYLRDTPPVPVVVCDGSGRASDILAFGHKYSEEGGLINESLRDQLLVTIQ
KTFTYTRTQAQHLFIILMECMKKKELITVFRMGSEGHQDIDLAILTALLKGANASAPDQLSLALAWNRVDIARSQIFIYG
QQWPVGSLEQAMLDALVLDRVDFVKLLIENGVSMHRFLTISRLEELYNTRHGPSNTLYHLVRDVKKGNLPPDYRISLIDI
GLVIEYLMGGAYRCNYTRKRFRTLYHNLFGPKRPKALKLLGMEDDIPLRRGRKTTKKREEEVDIDLDDPEINHFPFPFHE
LMVWAVLMKRQKMALFFWQHGEEAMAKALVACKLCKAMAHEASENDMVDDISQELNHNSRDFGQLAVELLDQSYKQDEQL
AMKLLTYELKNWSNATCLQLAVAAKHRDFIAHTCSQMLLTDMWMGRLRMRKNSGLKVILGILLPPSILSLEFKNKDDMPY
MTQAQEIHLQEKEPEEPEKPTKEKDEEDMELTAMLGRSNGESSRKKDEEEVQSRHRLIPVGRKIYEFYNAPIVKFWFYTL
AYIGYLMLFNYIVLVKMERWPSTQEWIVISYIFTLGIEKMREILMSEPGKLLQKVKVWLQEYWNVTDLIAILLFSVGMIL
RLQDQPFRSDGRVIYCVNIIYWYIRLLDIFGVNKYLGPYVMMIGKMMIDMMYFVIIMLVVLMSFGVARQAILFPNEEPSW
KLAKNIFYMPYWMIYGEVFADQIDPPCGQNETREDGKTIQLPPCKTGAWIVPAIMACYLLVANILLVNLLIAVFNNTFFE
VKSISNQVWKFQRYQLIMTFHERPVLPPPLIIFSHMTMIFQHVCCRWRKHESDQDERDYGLKLFITDDELKKVHDFEEQC
IEEYFREKDDRFNSSNDERIRVTSERVENMSMRLEEVNEREHSMKASLQTVDIRLAQLEDLIGRMATALERLTGLERAES
NKIRSRTSSDCTDAAYIVRQSSFNSQEGNTFKLQESIDPAGEETISPTSPTLMPRMRSHSFYSVNVKDKGGIEKLESIFK
ERSLSLHRATSSHSVAKEPKAPAAPANTLAIVPDSRRPSSCIDIYVSAMDELHCDIEPLDNSMNILGLGEPSFSALAPST
TPSSSAYATLAPTDRPPSRSIDFEDLTSMDTRSFSSDYTHLPECQNPWDTDPPTYHTIERSKSSRYLATTPFLLEEAPIV
KSHSFMFSPSRSYYANFGVPVKTAEYTSITDCIDTRCVNAPQAIADRATFPGGLGDKVEDLSCCHPEREAELSHPSSDSE
ENEARGQRAANPISSQEAENADRTLSNNITVPKIERANSYSAEEPNVPYAHTRKSFSISDKLDRQRNTASLRNPFQRSKS
SKPEGRGDSLSMRRLSRTSAFHSFESKHNSNSLEVLFQGPDYKDDDDKAHHHHHHHHHH
;
_entity_poly.pdbx_strand_id   A,B,C,D
#
# COMPACT_ATOMS: atom_id res chain seq x y z
N THR A 138 -29.24 -53.34 -40.32
CA THR A 138 -29.30 -51.97 -39.82
C THR A 138 -29.57 -51.99 -38.31
N ASP A 139 -30.46 -51.11 -37.85
CA ASP A 139 -30.85 -51.06 -36.44
C ASP A 139 -29.82 -50.29 -35.62
N ALA A 140 -30.21 -49.85 -34.43
CA ALA A 140 -29.33 -49.10 -33.54
C ALA A 140 -28.92 -47.82 -34.26
N PHE A 141 -27.64 -47.45 -34.27
CA PHE A 141 -27.18 -46.21 -34.92
C PHE A 141 -27.78 -44.99 -34.22
N GLY A 142 -27.60 -44.93 -32.91
CA GLY A 142 -28.12 -43.82 -32.13
C GLY A 142 -27.16 -43.46 -31.01
N THR A 143 -27.24 -42.19 -30.59
CA THR A 143 -26.38 -41.67 -29.54
C THR A 143 -27.21 -41.47 -28.27
N ILE A 144 -26.69 -41.94 -27.14
CA ILE A 144 -27.36 -41.86 -25.86
C ILE A 144 -26.44 -41.17 -24.86
N GLU A 145 -26.97 -40.21 -24.13
CA GLU A 145 -26.21 -39.47 -23.11
C GLU A 145 -26.57 -40.04 -21.74
N PHE A 146 -25.54 -40.46 -20.99
CA PHE A 146 -25.74 -41.07 -19.68
C PHE A 146 -25.87 -39.95 -18.64
N GLN A 147 -27.06 -39.36 -18.60
CA GLN A 147 -27.35 -38.30 -17.65
C GLN A 147 -27.79 -38.87 -16.31
N SER A 152 -23.29 -35.42 -17.78
CA SER A 152 -24.11 -36.09 -18.79
C SER A 152 -23.26 -37.07 -19.59
N ASN A 153 -22.08 -36.61 -20.03
CA ASN A 153 -21.16 -37.43 -20.80
C ASN A 153 -21.82 -37.92 -22.10
N LYS A 154 -22.20 -36.96 -22.93
CA LYS A 154 -22.81 -37.29 -24.21
C LYS A 154 -21.84 -38.11 -25.06
N ALA A 155 -22.37 -39.12 -25.75
CA ALA A 155 -21.55 -40.02 -26.54
C ALA A 155 -22.38 -40.59 -27.68
N MET A 156 -21.68 -41.10 -28.69
CA MET A 156 -22.32 -41.77 -29.81
C MET A 156 -22.20 -43.28 -29.65
N TYR A 157 -23.19 -43.99 -30.18
CA TYR A 157 -23.24 -45.44 -30.05
C TYR A 157 -23.69 -46.06 -31.37
N VAL A 158 -23.00 -47.12 -31.78
CA VAL A 158 -23.34 -47.87 -32.98
C VAL A 158 -23.27 -49.36 -32.64
N ARG A 159 -24.32 -50.09 -33.00
CA ARG A 159 -24.39 -51.53 -32.73
C ARG A 159 -23.98 -52.27 -34.00
N VAL A 160 -22.68 -52.29 -34.25
CA VAL A 160 -22.15 -52.99 -35.42
C VAL A 160 -22.24 -54.50 -35.21
N SER A 161 -22.17 -55.23 -36.32
CA SER A 161 -22.21 -56.68 -36.27
C SER A 161 -20.83 -57.25 -35.98
N PHE A 162 -20.77 -58.58 -35.84
CA PHE A 162 -19.49 -59.23 -35.58
C PHE A 162 -18.50 -58.98 -36.72
N ASP A 163 -18.96 -59.08 -37.96
CA ASP A 163 -18.14 -58.75 -39.11
C ASP A 163 -18.18 -57.25 -39.35
N THR A 164 -17.00 -56.63 -39.49
CA THR A 164 -16.89 -55.20 -39.66
C THR A 164 -15.95 -54.88 -40.81
N LYS A 165 -16.18 -53.73 -41.43
CA LYS A 165 -15.35 -53.25 -42.53
C LYS A 165 -14.47 -52.11 -42.02
N PRO A 166 -13.14 -52.21 -42.11
CA PRO A 166 -12.31 -51.10 -41.60
C PRO A 166 -12.66 -49.75 -42.21
N ASP A 167 -13.00 -49.72 -43.51
CA ASP A 167 -13.33 -48.46 -44.14
C ASP A 167 -14.57 -47.84 -43.51
N LEU A 168 -15.59 -48.65 -43.23
CA LEU A 168 -16.82 -48.12 -42.64
C LEU A 168 -16.54 -47.48 -41.28
N LEU A 169 -15.84 -48.20 -40.41
CA LEU A 169 -15.54 -47.66 -39.08
C LEU A 169 -14.66 -46.42 -39.18
N LEU A 170 -13.66 -46.43 -40.06
CA LEU A 170 -12.79 -45.27 -40.22
C LEU A 170 -13.58 -44.06 -40.67
N HIS A 171 -14.47 -44.24 -41.65
CA HIS A 171 -15.29 -43.12 -42.12
C HIS A 171 -16.23 -42.63 -41.02
N LEU A 172 -16.83 -43.56 -40.27
CA LEU A 172 -17.75 -43.15 -39.22
C LEU A 172 -17.03 -42.34 -38.14
N MET A 173 -15.85 -42.80 -37.73
CA MET A 173 -15.12 -42.10 -36.66
C MET A 173 -14.57 -40.76 -37.16
N THR A 174 -13.93 -40.77 -38.33
CA THR A 174 -13.28 -39.56 -38.83
C THR A 174 -14.29 -38.53 -39.32
N LYS A 175 -15.34 -38.98 -40.01
CA LYS A 175 -16.29 -38.08 -40.66
C LYS A 175 -17.64 -38.05 -39.97
N GLU A 176 -18.28 -39.20 -39.78
CA GLU A 176 -19.60 -39.21 -39.16
C GLU A 176 -19.55 -38.67 -37.74
N TRP A 177 -18.54 -39.08 -36.98
CA TRP A 177 -18.37 -38.62 -35.60
C TRP A 177 -17.55 -37.35 -35.50
N GLN A 178 -16.99 -36.87 -36.61
CA GLN A 178 -16.17 -35.65 -36.61
C GLN A 178 -15.03 -35.77 -35.61
N LEU A 179 -14.45 -36.97 -35.52
CA LEU A 179 -13.34 -37.23 -34.61
C LEU A 179 -12.00 -37.12 -35.33
N PRO A 182 -5.76 -39.78 -34.61
CA PRO A 182 -4.68 -39.48 -33.66
C PRO A 182 -3.32 -39.98 -34.12
N LYS A 183 -2.25 -39.32 -33.65
CA LYS A 183 -0.89 -39.73 -34.01
C LYS A 183 -0.50 -41.04 -33.36
N LEU A 184 -1.06 -41.33 -32.19
CA LEU A 184 -0.77 -42.56 -31.44
C LEU A 184 -2.09 -43.26 -31.15
N LEU A 185 -2.00 -44.59 -31.02
CA LEU A 185 -3.17 -45.42 -30.73
C LEU A 185 -2.86 -46.31 -29.54
N ILE A 186 -3.84 -46.44 -28.63
CA ILE A 186 -3.69 -47.25 -27.43
C ILE A 186 -4.95 -48.09 -27.24
N SER A 187 -4.76 -49.35 -26.88
CA SER A 187 -5.87 -50.27 -26.61
C SER A 187 -5.54 -51.06 -25.36
N VAL A 188 -6.55 -51.26 -24.51
CA VAL A 188 -6.37 -51.93 -23.21
C VAL A 188 -7.23 -53.18 -23.19
N HIS A 189 -6.62 -54.30 -22.80
CA HIS A 189 -7.30 -55.57 -22.60
C HIS A 189 -7.37 -55.85 -21.12
N GLY A 190 -8.57 -56.10 -20.60
CA GLY A 190 -8.75 -56.38 -19.19
C GLY A 190 -9.87 -57.37 -18.93
N GLN A 203 -3.73 -45.06 -8.42
CA GLN A 203 -3.33 -43.66 -8.59
C GLN A 203 -2.35 -43.53 -9.77
N VAL A 204 -1.30 -44.36 -9.74
CA VAL A 204 -0.31 -44.32 -10.82
C VAL A 204 -0.96 -44.73 -12.14
N PHE A 205 -1.80 -45.77 -12.10
CA PHE A 205 -2.45 -46.23 -13.33
C PHE A 205 -3.28 -45.12 -13.95
N GLY A 206 -4.11 -44.45 -13.14
CA GLY A 206 -4.91 -43.37 -13.67
C GLY A 206 -4.08 -42.19 -14.12
N LYS A 207 -3.09 -41.81 -13.31
CA LYS A 207 -2.27 -40.64 -13.64
C LYS A 207 -1.49 -40.86 -14.93
N GLY A 208 -0.90 -42.05 -15.08
CA GLY A 208 -0.10 -42.31 -16.26
C GLY A 208 -0.91 -42.28 -17.54
N LEU A 209 -2.07 -42.95 -17.54
CA LEU A 209 -2.91 -42.98 -18.73
C LEU A 209 -3.44 -41.59 -19.07
N ILE A 210 -3.88 -40.84 -18.04
CA ILE A 210 -4.45 -39.53 -18.29
C ILE A 210 -3.40 -38.61 -18.90
N LYS A 211 -2.19 -38.61 -18.35
CA LYS A 211 -1.13 -37.78 -18.90
C LYS A 211 -0.75 -38.21 -20.31
N ALA A 212 -0.61 -39.52 -20.52
CA ALA A 212 -0.24 -40.01 -21.85
C ALA A 212 -1.31 -39.67 -22.88
N ALA A 213 -2.57 -39.91 -22.56
CA ALA A 213 -3.64 -39.63 -23.51
C ALA A 213 -3.76 -38.14 -23.80
N MET A 214 -3.65 -37.30 -22.77
CA MET A 214 -3.79 -35.86 -22.97
C MET A 214 -2.64 -35.33 -23.83
N THR A 215 -1.41 -35.73 -23.53
CA THR A 215 -0.26 -35.25 -24.30
C THR A 215 -0.30 -35.81 -25.71
N THR A 216 -0.51 -37.12 -25.85
CA THR A 216 -0.53 -37.74 -27.17
C THR A 216 -1.82 -37.44 -27.93
N GLY A 217 -2.92 -37.21 -27.21
CA GLY A 217 -4.21 -37.03 -27.85
C GLY A 217 -4.60 -38.26 -28.63
N ALA A 218 -4.43 -39.43 -28.01
CA ALA A 218 -4.64 -40.72 -28.65
C ALA A 218 -5.93 -41.35 -28.19
N TRP A 219 -6.63 -41.99 -29.13
CA TRP A 219 -7.85 -42.73 -28.79
C TRP A 219 -7.50 -43.95 -27.94
N ILE A 220 -8.35 -44.24 -26.97
CA ILE A 220 -8.16 -45.36 -26.05
C ILE A 220 -9.26 -46.38 -26.32
N PHE A 221 -8.85 -47.62 -26.59
CA PHE A 221 -9.79 -48.72 -26.79
C PHE A 221 -9.87 -49.53 -25.49
N THR A 222 -11.07 -49.57 -24.91
CA THR A 222 -11.31 -50.28 -23.66
C THR A 222 -12.67 -50.94 -23.73
N GLY A 223 -12.87 -51.94 -22.89
CA GLY A 223 -14.14 -52.63 -22.85
C GLY A 223 -15.30 -51.71 -22.55
N GLY A 224 -16.35 -51.79 -23.37
CA GLY A 224 -17.52 -50.95 -23.14
C GLY A 224 -18.25 -51.31 -21.86
N VAL A 225 -18.27 -52.59 -21.49
CA VAL A 225 -18.98 -53.02 -20.29
C VAL A 225 -18.33 -52.41 -19.08
N ASN A 226 -19.13 -51.82 -18.20
CA ASN A 226 -18.63 -51.20 -16.99
C ASN A 226 -17.96 -52.23 -16.09
N VAL A 229 -12.04 -54.41 -15.07
CA VAL A 229 -10.97 -53.42 -15.13
C VAL A 229 -11.47 -52.15 -15.81
N ILE A 230 -12.59 -52.27 -16.53
CA ILE A 230 -13.14 -51.11 -17.23
C ILE A 230 -13.55 -50.04 -16.23
N ARG A 231 -14.18 -50.45 -15.13
CA ARG A 231 -14.62 -49.50 -14.11
C ARG A 231 -13.44 -48.70 -13.57
N HIS A 232 -12.31 -49.35 -13.36
CA HIS A 232 -11.13 -48.65 -12.86
C HIS A 232 -10.71 -47.54 -13.82
N VAL A 233 -10.69 -47.85 -15.13
CA VAL A 233 -10.33 -46.84 -16.12
C VAL A 233 -11.33 -45.69 -16.10
N GLY A 234 -12.62 -46.01 -16.06
CA GLY A 234 -13.64 -44.97 -16.04
C GLY A 234 -13.47 -44.03 -14.85
N ASP A 235 -13.16 -44.60 -13.68
CA ASP A 235 -12.92 -43.77 -12.50
C ASP A 235 -11.73 -42.85 -12.73
N ALA A 236 -10.66 -43.36 -13.33
CA ALA A 236 -9.50 -42.53 -13.62
C ALA A 236 -9.86 -41.38 -14.56
N LEU A 237 -10.67 -41.67 -15.58
CA LEU A 237 -11.08 -40.62 -16.51
C LEU A 237 -11.85 -39.53 -15.79
N LYS A 238 -12.74 -39.91 -14.87
CA LYS A 238 -13.51 -38.92 -14.12
C LYS A 238 -12.59 -37.99 -13.34
N ASP A 239 -11.45 -38.50 -12.88
CA ASP A 239 -10.49 -37.70 -12.14
C ASP A 239 -9.67 -36.82 -13.08
N LYS A 247 -10.70 -33.64 -22.73
CA LYS A 247 -11.69 -34.25 -23.61
C LYS A 247 -11.06 -35.40 -24.40
N ILE A 248 -10.55 -36.40 -23.68
CA ILE A 248 -9.94 -37.55 -24.34
C ILE A 248 -11.03 -38.35 -25.05
N CYS A 249 -10.80 -38.66 -26.32
CA CYS A 249 -11.78 -39.36 -27.14
C CYS A 249 -11.55 -40.87 -27.05
N THR A 250 -11.86 -41.41 -25.87
CA THR A 250 -11.78 -42.84 -25.66
C THR A 250 -12.89 -43.56 -26.44
N ILE A 251 -12.58 -44.78 -26.87
CA ILE A 251 -13.52 -45.60 -27.61
C ILE A 251 -13.81 -46.85 -26.80
N GLY A 252 -15.09 -47.16 -26.62
CA GLY A 252 -15.54 -48.33 -25.87
C GLY A 252 -16.11 -49.38 -26.81
N ILE A 253 -15.61 -50.61 -26.64
CA ILE A 253 -16.03 -51.75 -27.45
C ILE A 253 -16.59 -52.81 -26.52
N ALA A 254 -17.80 -53.29 -26.82
CA ALA A 254 -18.44 -54.32 -26.01
C ALA A 254 -19.40 -55.15 -26.86
N LEU A 287 -21.25 -50.43 -21.47
CA LEU A 287 -21.91 -49.14 -21.71
C LEU A 287 -21.48 -48.11 -20.67
N ASN A 288 -20.18 -47.96 -20.49
CA ASN A 288 -19.67 -47.00 -19.51
C ASN A 288 -20.00 -45.58 -19.93
N SER A 289 -20.37 -44.75 -18.94
CA SER A 289 -20.73 -43.37 -19.24
C SER A 289 -19.52 -42.59 -19.74
N MET A 290 -18.34 -42.84 -19.17
CA MET A 290 -17.17 -42.04 -19.51
C MET A 290 -16.80 -42.19 -20.99
N HIS A 291 -16.85 -43.41 -21.51
CA HIS A 291 -16.39 -43.65 -22.87
C HIS A 291 -17.30 -42.97 -23.88
N SER A 292 -16.71 -42.61 -25.03
CA SER A 292 -17.43 -41.93 -26.10
C SER A 292 -17.23 -42.70 -27.39
N HIS A 293 -18.15 -42.46 -28.34
CA HIS A 293 -18.10 -43.12 -29.65
C HIS A 293 -18.18 -44.64 -29.49
N PHE A 294 -19.24 -45.09 -28.82
CA PHE A 294 -19.40 -46.51 -28.53
C PHE A 294 -19.58 -47.31 -29.82
N ILE A 295 -18.93 -48.46 -29.87
CA ILE A 295 -19.08 -49.43 -30.94
C ILE A 295 -19.39 -50.78 -30.33
N LEU A 296 -20.44 -51.43 -30.82
CA LEU A 296 -20.91 -52.70 -30.28
C LEU A 296 -20.76 -53.81 -31.32
N ALA A 297 -20.85 -55.04 -30.84
CA ALA A 297 -20.76 -56.23 -31.68
C ALA A 297 -22.01 -57.07 -31.50
N ASP A 298 -22.53 -57.58 -32.61
CA ASP A 298 -23.74 -58.41 -32.60
C ASP A 298 -23.31 -59.87 -32.49
N ASN A 299 -23.65 -60.50 -31.36
CA ASN A 299 -23.32 -61.89 -31.14
C ASN A 299 -24.54 -62.68 -30.66
N GLU A 308 -16.43 -59.70 -33.95
CA GLU A 308 -16.19 -58.74 -32.87
C GLU A 308 -14.69 -58.50 -32.69
N VAL A 309 -14.01 -59.43 -32.03
CA VAL A 309 -12.58 -59.28 -31.79
C VAL A 309 -11.82 -59.26 -33.12
N LYS A 310 -12.16 -60.17 -34.03
CA LYS A 310 -11.48 -60.23 -35.31
C LYS A 310 -11.71 -58.95 -36.12
N LEU A 311 -12.95 -58.48 -36.16
CA LEU A 311 -13.25 -57.25 -36.88
C LEU A 311 -12.55 -56.06 -36.23
N ARG A 312 -12.53 -56.02 -34.91
CA ARG A 312 -11.83 -54.93 -34.21
C ARG A 312 -10.36 -54.92 -34.55
N ARG A 313 -9.72 -56.11 -34.55
CA ARG A 313 -8.30 -56.18 -34.86
C ARG A 313 -8.03 -55.79 -36.31
N GLN A 314 -8.91 -56.21 -37.22
CA GLN A 314 -8.75 -55.83 -38.62
C GLN A 314 -8.85 -54.32 -38.78
N LEU A 315 -9.82 -53.70 -38.10
CA LEU A 315 -9.97 -52.25 -38.17
C LEU A 315 -8.75 -51.55 -37.60
N GLU A 316 -8.23 -52.05 -36.47
CA GLU A 316 -7.04 -51.45 -35.88
C GLU A 316 -5.84 -51.57 -36.81
N LYS A 317 -5.67 -52.72 -37.45
CA LYS A 317 -4.58 -52.90 -38.39
C LYS A 317 -4.71 -51.96 -39.58
N HIS A 318 -5.93 -51.82 -40.10
CA HIS A 318 -6.14 -50.90 -41.22
C HIS A 318 -5.84 -49.46 -40.82
N ILE A 319 -6.26 -49.06 -39.62
CA ILE A 319 -5.97 -47.70 -39.15
C ILE A 319 -4.48 -47.50 -39.00
N SER A 320 -3.78 -48.47 -38.41
CA SER A 320 -2.33 -48.35 -38.25
C SER A 320 -1.63 -48.27 -39.59
N LEU A 321 -2.14 -48.99 -40.59
CA LEU A 321 -1.53 -48.93 -41.93
C LEU A 321 -1.49 -47.51 -42.47
N GLN A 322 -2.52 -46.72 -42.18
CA GLN A 322 -2.54 -45.33 -42.63
C GLN A 322 -1.45 -44.53 -41.92
N LYS A 323 -0.84 -43.62 -42.67
CA LYS A 323 0.24 -42.79 -42.13
C LYS A 323 -0.30 -41.86 -41.04
N VAL A 332 1.05 -44.35 -37.38
CA VAL A 332 0.31 -44.35 -36.12
C VAL A 332 0.70 -45.58 -35.29
N PRO A 333 1.75 -45.45 -34.48
CA PRO A 333 2.15 -46.59 -33.64
C PRO A 333 1.04 -47.00 -32.69
N VAL A 334 0.89 -48.31 -32.48
CA VAL A 334 -0.14 -48.88 -31.63
C VAL A 334 0.54 -49.64 -30.51
N VAL A 335 0.20 -49.30 -29.26
CA VAL A 335 0.73 -49.98 -28.08
C VAL A 335 -0.46 -50.38 -27.22
N ALA A 336 -0.44 -51.62 -26.72
CA ALA A 336 -1.51 -52.16 -25.90
C ALA A 336 -0.96 -52.45 -24.51
N LEU A 337 -1.60 -51.87 -23.50
CA LEU A 337 -1.27 -52.15 -22.10
C LEU A 337 -2.31 -53.09 -21.51
N ILE A 338 -1.84 -54.04 -20.69
CA ILE A 338 -2.69 -55.09 -20.16
C ILE A 338 -2.49 -55.15 -18.65
N VAL A 339 -3.60 -55.21 -17.91
CA VAL A 339 -3.56 -55.28 -16.46
C VAL A 339 -4.02 -56.67 -16.01
N PRO A 343 -6.48 -66.43 -18.30
CA PRO A 343 -5.93 -67.40 -19.25
C PRO A 343 -5.86 -66.85 -20.68
N ASN A 344 -7.00 -66.34 -21.17
CA ASN A 344 -7.02 -65.78 -22.52
C ASN A 344 -6.16 -64.53 -22.64
N VAL A 345 -5.81 -63.91 -21.52
CA VAL A 345 -4.97 -62.71 -21.56
C VAL A 345 -3.63 -63.03 -22.19
N ILE A 346 -3.00 -64.13 -21.76
CA ILE A 346 -1.73 -64.53 -22.34
C ILE A 346 -1.90 -64.91 -23.81
N SER A 347 -3.02 -65.53 -24.14
CA SER A 347 -3.28 -65.89 -25.54
C SER A 347 -3.31 -64.66 -26.42
N ILE A 348 -4.05 -63.62 -26.02
CA ILE A 348 -4.12 -62.41 -26.82
C ILE A 348 -2.76 -61.70 -26.81
N VAL A 349 -2.04 -61.75 -25.70
CA VAL A 349 -0.72 -61.15 -25.63
C VAL A 349 0.18 -61.76 -26.70
N LEU A 350 0.23 -63.09 -26.74
CA LEU A 350 1.10 -63.76 -27.71
C LEU A 350 0.62 -63.54 -29.13
N GLU A 351 -0.71 -63.52 -29.34
CA GLU A 351 -1.23 -63.25 -30.67
C GLU A 351 -0.78 -61.89 -31.17
N TYR A 352 -0.92 -60.87 -30.33
CA TYR A 352 -0.51 -59.53 -30.72
C TYR A 352 1.00 -59.45 -30.95
N LEU A 353 1.78 -60.08 -30.06
CA LEU A 353 3.23 -60.00 -30.18
C LEU A 353 3.73 -60.68 -31.46
N ARG A 354 3.18 -61.85 -31.78
CA ARG A 354 3.68 -62.62 -32.92
C ARG A 354 3.06 -62.13 -34.23
N ASP A 355 1.72 -62.21 -34.34
CA ASP A 355 1.07 -61.87 -35.60
C ASP A 355 1.34 -60.42 -35.98
N THR A 356 1.23 -59.51 -35.03
CA THR A 356 1.47 -58.10 -35.30
C THR A 356 2.92 -57.76 -34.96
N PRO A 357 3.74 -57.35 -35.92
CA PRO A 357 5.13 -57.00 -35.61
C PRO A 357 5.21 -55.93 -34.53
N PRO A 358 4.38 -54.88 -34.62
CA PRO A 358 4.38 -53.87 -33.54
C PRO A 358 3.45 -54.24 -32.41
N VAL A 359 4.00 -54.44 -31.21
CA VAL A 359 3.20 -54.73 -30.03
C VAL A 359 4.03 -54.49 -28.78
N PRO A 360 4.41 -53.25 -28.47
CA PRO A 360 5.18 -53.01 -27.23
C PRO A 360 4.34 -53.19 -25.98
N VAL A 361 3.81 -54.39 -25.78
CA VAL A 361 2.96 -54.65 -24.63
C VAL A 361 3.77 -54.55 -23.35
N VAL A 362 3.19 -53.91 -22.34
CA VAL A 362 3.83 -53.71 -21.05
C VAL A 362 2.96 -54.34 -19.96
N VAL A 363 3.57 -55.20 -19.15
CA VAL A 363 2.83 -55.82 -18.04
C VAL A 363 2.65 -54.79 -16.92
N CYS A 364 1.63 -55.05 -16.10
CA CYS A 364 1.29 -54.17 -14.99
C CYS A 364 1.42 -54.93 -13.67
N ASP A 365 1.51 -54.16 -12.58
CA ASP A 365 1.68 -54.76 -11.26
C ASP A 365 0.47 -55.60 -10.86
N GLY A 366 -0.67 -55.38 -11.49
CA GLY A 366 -1.88 -56.12 -11.16
C GLY A 366 -1.69 -57.62 -11.26
N SER A 367 -2.16 -58.34 -10.24
CA SER A 367 -2.00 -59.79 -10.19
C SER A 367 -2.98 -60.46 -11.16
N GLY A 368 -2.69 -61.73 -11.46
CA GLY A 368 -3.50 -62.51 -12.38
C GLY A 368 -2.68 -62.99 -13.56
N ARG A 369 -3.27 -62.91 -14.75
CA ARG A 369 -2.57 -63.30 -15.96
C ARG A 369 -1.35 -62.40 -16.20
N ALA A 370 -1.50 -61.10 -15.94
CA ALA A 370 -0.38 -60.17 -16.10
C ALA A 370 0.77 -60.54 -15.18
N SER A 371 0.47 -60.88 -13.92
CA SER A 371 1.53 -61.25 -12.99
C SER A 371 2.27 -62.49 -13.45
N ASP A 372 1.52 -63.51 -13.90
CA ASP A 372 2.16 -64.73 -14.39
C ASP A 372 3.02 -64.46 -15.61
N ILE A 373 2.51 -63.65 -16.54
CA ILE A 373 3.27 -63.32 -17.75
C ILE A 373 4.56 -62.59 -17.37
N LEU A 374 4.47 -61.61 -16.46
CA LEU A 374 5.65 -60.88 -16.04
C LEU A 374 6.66 -61.78 -15.37
N ALA A 375 6.18 -62.69 -14.50
CA ALA A 375 7.09 -63.61 -13.82
C ALA A 375 7.79 -64.52 -14.82
N PHE A 376 7.04 -65.03 -15.80
CA PHE A 376 7.64 -65.90 -16.81
C PHE A 376 8.67 -65.13 -17.64
N GLY A 377 8.34 -63.90 -18.03
CA GLY A 377 9.26 -63.13 -18.85
C GLY A 377 10.54 -62.74 -18.11
N HIS A 378 10.41 -62.40 -16.83
CA HIS A 378 11.58 -61.98 -16.05
C HIS A 378 12.60 -63.10 -15.95
N LYS A 379 12.14 -64.32 -15.69
CA LYS A 379 13.03 -65.46 -15.57
C LYS A 379 13.27 -66.12 -16.93
N SER A 390 12.16 -77.03 -13.03
CA SER A 390 12.32 -76.25 -11.81
C SER A 390 11.42 -75.02 -11.83
N LEU A 391 11.91 -73.93 -12.41
CA LEU A 391 11.10 -72.71 -12.49
C LEU A 391 9.84 -72.94 -13.32
N ARG A 392 9.97 -73.66 -14.44
CA ARG A 392 8.80 -73.95 -15.27
C ARG A 392 7.80 -74.80 -14.51
N ASP A 393 8.28 -75.80 -13.76
CA ASP A 393 7.37 -76.62 -12.96
C ASP A 393 6.67 -75.80 -11.89
N GLN A 394 7.40 -74.89 -11.24
CA GLN A 394 6.79 -74.03 -10.23
C GLN A 394 5.72 -73.14 -10.86
N LEU A 395 6.00 -72.57 -12.03
CA LEU A 395 5.02 -71.73 -12.71
C LEU A 395 3.78 -72.55 -13.09
N LEU A 396 3.98 -73.76 -13.60
CA LEU A 396 2.85 -74.60 -13.96
C LEU A 396 2.01 -74.94 -12.73
N VAL A 397 2.66 -75.25 -11.62
CA VAL A 397 1.93 -75.55 -10.39
C VAL A 397 1.13 -74.33 -9.94
N THR A 398 1.76 -73.16 -9.98
CA THR A 398 1.06 -71.93 -9.59
C THR A 398 -0.12 -71.65 -10.50
N ILE A 399 -0.02 -72.04 -11.78
CA ILE A 399 -1.12 -71.82 -12.71
C ILE A 399 -2.36 -72.58 -12.25
N GLN A 400 -2.19 -73.83 -11.83
CA GLN A 400 -3.30 -74.65 -11.36
C GLN A 400 -3.86 -74.08 -10.05
N THR A 408 -2.23 -80.84 -17.68
CA THR A 408 -2.26 -80.90 -19.13
C THR A 408 -2.41 -79.51 -19.73
N GLN A 409 -3.30 -78.71 -19.13
CA GLN A 409 -3.52 -77.34 -19.62
C GLN A 409 -2.25 -76.51 -19.49
N ALA A 410 -1.54 -76.64 -18.37
CA ALA A 410 -0.31 -75.88 -18.19
C ALA A 410 0.74 -76.28 -19.23
N GLN A 411 0.87 -77.58 -19.48
CA GLN A 411 1.84 -78.03 -20.48
C GLN A 411 1.51 -77.49 -21.86
N HIS A 412 0.23 -77.53 -22.25
CA HIS A 412 -0.17 -76.99 -23.54
C HIS A 412 0.04 -75.48 -23.60
N LEU A 413 -0.26 -74.78 -22.52
CA LEU A 413 -0.13 -73.32 -22.49
C LEU A 413 1.33 -72.87 -22.52
N PHE A 414 2.26 -73.68 -22.04
CA PHE A 414 3.66 -73.29 -22.02
C PHE A 414 4.27 -73.21 -23.41
N ILE A 415 3.59 -73.70 -24.44
CA ILE A 415 4.11 -73.59 -25.80
C ILE A 415 4.28 -72.12 -26.16
N ILE A 416 3.27 -71.30 -25.86
CA ILE A 416 3.37 -69.87 -26.12
C ILE A 416 4.46 -69.25 -25.26
N LEU A 417 4.54 -69.64 -23.99
CA LEU A 417 5.55 -69.08 -23.10
C LEU A 417 6.96 -69.36 -23.60
N MET A 418 7.13 -70.46 -24.34
CA MET A 418 8.44 -70.73 -24.93
C MET A 418 8.83 -69.63 -25.90
N GLU A 419 7.88 -69.15 -26.71
CA GLU A 419 8.17 -68.08 -27.65
C GLU A 419 8.32 -66.73 -26.96
N CYS A 420 7.83 -66.61 -25.72
CA CYS A 420 7.95 -65.34 -25.01
C CYS A 420 9.41 -64.97 -24.78
N MET A 421 10.25 -65.95 -24.45
CA MET A 421 11.67 -65.68 -24.25
C MET A 421 12.30 -65.13 -25.54
N LYS A 422 11.96 -65.72 -26.68
CA LYS A 422 12.44 -65.20 -27.95
C LYS A 422 11.90 -63.80 -28.23
N LYS A 423 10.67 -63.53 -27.82
CA LYS A 423 10.05 -62.22 -28.01
C LYS A 423 10.46 -61.21 -26.95
N LYS A 424 11.28 -61.60 -25.98
CA LYS A 424 11.71 -60.67 -24.95
C LYS A 424 12.52 -59.54 -25.57
N GLU A 425 12.53 -58.40 -24.87
CA GLU A 425 13.17 -57.16 -25.27
C GLU A 425 12.33 -56.41 -26.30
N LEU A 426 11.19 -56.96 -26.72
CA LEU A 426 10.25 -56.26 -27.58
C LEU A 426 9.05 -55.75 -26.80
N ILE A 427 8.53 -56.53 -25.85
CA ILE A 427 7.49 -56.09 -24.94
C ILE A 427 8.14 -55.98 -23.55
N THR A 428 8.22 -54.77 -23.03
CA THR A 428 8.93 -54.50 -21.79
C THR A 428 7.94 -54.36 -20.63
N VAL A 429 8.18 -55.11 -19.56
CA VAL A 429 7.27 -55.11 -18.43
C VAL A 429 7.43 -53.81 -17.65
N PHE A 430 6.30 -53.17 -17.32
CA PHE A 430 6.32 -51.97 -16.53
C PHE A 430 6.80 -52.29 -15.11
N ARG A 431 7.57 -51.37 -14.53
CA ARG A 431 8.14 -51.53 -13.21
C ARG A 431 7.66 -50.41 -12.29
N MET A 432 7.45 -50.76 -11.03
CA MET A 432 6.99 -49.79 -10.03
C MET A 432 8.18 -49.23 -9.26
N ILE A 440 3.72 -43.35 -15.56
CA ILE A 440 3.57 -44.38 -16.59
C ILE A 440 3.63 -43.75 -17.97
N ASP A 441 3.30 -42.46 -18.06
CA ASP A 441 3.34 -41.76 -19.34
C ASP A 441 4.76 -41.78 -19.92
N LEU A 442 5.75 -41.48 -19.09
CA LEU A 442 7.14 -41.54 -19.55
C LEU A 442 7.52 -42.97 -19.94
N ALA A 443 7.11 -43.95 -19.12
CA ALA A 443 7.39 -45.34 -19.45
C ALA A 443 6.70 -45.75 -20.74
N ILE A 444 5.45 -45.32 -20.93
CA ILE A 444 4.73 -45.65 -22.15
C ILE A 444 5.43 -45.05 -23.37
N LEU A 445 5.86 -43.79 -23.25
CA LEU A 445 6.57 -43.14 -24.36
C LEU A 445 7.87 -43.87 -24.66
N THR A 446 8.61 -44.26 -23.62
CA THR A 446 9.86 -44.99 -23.85
C THR A 446 9.60 -46.32 -24.53
N ALA A 447 8.55 -47.04 -24.10
CA ALA A 447 8.21 -48.31 -24.72
C ALA A 447 7.84 -48.11 -26.19
N LEU A 448 7.06 -47.08 -26.49
CA LEU A 448 6.69 -46.81 -27.88
C LEU A 448 7.93 -46.49 -28.72
N LEU A 449 8.84 -45.69 -28.17
CA LEU A 449 10.07 -45.35 -28.89
C LEU A 449 10.90 -46.60 -29.15
N LYS A 450 11.02 -47.48 -28.15
CA LYS A 450 11.77 -48.71 -28.34
C LYS A 450 11.11 -49.59 -29.39
N GLY A 451 9.78 -49.67 -29.37
CA GLY A 451 9.09 -50.46 -30.39
C GLY A 451 9.30 -49.91 -31.78
N ALA A 452 9.30 -48.58 -31.92
CA ALA A 452 9.53 -47.97 -33.23
C ALA A 452 10.91 -48.33 -33.77
N ASN A 453 11.92 -48.30 -32.92
CA ASN A 453 13.28 -48.64 -33.33
C ASN A 453 13.77 -47.69 -34.42
N SER A 455 18.44 -45.07 -35.60
CA SER A 455 17.96 -44.12 -36.58
C SER A 455 17.37 -42.89 -35.91
N ALA A 456 18.23 -41.91 -35.62
CA ALA A 456 17.77 -40.69 -34.96
C ALA A 456 16.70 -39.96 -35.77
N PRO A 457 16.86 -39.76 -37.09
CA PRO A 457 15.83 -39.01 -37.83
C PRO A 457 14.45 -39.64 -37.75
N ASP A 458 14.37 -40.96 -37.86
CA ASP A 458 13.06 -41.62 -37.85
C ASP A 458 12.35 -41.43 -36.52
N GLN A 459 13.06 -41.66 -35.42
CA GLN A 459 12.45 -41.47 -34.10
C GLN A 459 12.11 -40.00 -33.86
N LEU A 460 13.00 -39.09 -34.27
CA LEU A 460 12.78 -37.68 -34.00
C LEU A 460 11.60 -37.13 -34.80
N SER A 461 11.36 -37.64 -36.01
CA SER A 461 10.22 -37.20 -36.78
C SER A 461 8.92 -37.48 -36.05
N LEU A 462 8.80 -38.68 -35.47
CA LEU A 462 7.61 -39.00 -34.69
C LEU A 462 7.58 -38.25 -33.36
N ALA A 463 8.75 -38.03 -32.76
CA ALA A 463 8.80 -37.30 -31.49
C ALA A 463 8.30 -35.87 -31.65
N LEU A 464 8.66 -35.22 -32.76
CA LEU A 464 8.18 -33.86 -33.01
C LEU A 464 6.67 -33.79 -33.02
N ALA A 465 6.01 -34.84 -33.54
CA ALA A 465 4.56 -34.85 -33.58
C ALA A 465 3.94 -34.90 -32.19
N TRP A 466 4.69 -35.32 -31.18
CA TRP A 466 4.18 -35.43 -29.81
C TRP A 466 4.54 -34.24 -28.94
N ASN A 467 5.55 -33.46 -29.33
CA ASN A 467 5.97 -32.28 -28.56
C ASN A 467 6.40 -32.68 -27.15
N ARG A 468 7.43 -33.54 -27.10
CA ARG A 468 8.00 -34.03 -25.85
C ARG A 468 9.53 -33.89 -25.89
N VAL A 469 10.00 -32.70 -26.27
CA VAL A 469 11.43 -32.48 -26.39
C VAL A 469 12.13 -32.68 -25.05
N ASP A 470 11.54 -32.15 -23.98
CA ASP A 470 12.19 -32.22 -22.67
C ASP A 470 12.46 -33.66 -22.26
N ILE A 471 11.51 -34.55 -22.51
CA ILE A 471 11.67 -35.96 -22.15
C ILE A 471 12.39 -36.73 -23.25
N ALA A 472 12.07 -36.44 -24.52
CA ALA A 472 12.64 -37.18 -25.63
C ALA A 472 14.11 -36.86 -25.86
N ARG A 473 14.66 -35.81 -25.23
CA ARG A 473 16.05 -35.46 -25.46
C ARG A 473 16.99 -36.57 -25.01
N SER A 474 16.70 -37.18 -23.86
CA SER A 474 17.59 -38.21 -23.32
C SER A 474 17.67 -39.42 -24.25
N GLN A 475 16.53 -39.84 -24.81
CA GLN A 475 16.48 -41.07 -25.58
C GLN A 475 16.78 -40.86 -27.06
N ILE A 476 16.13 -39.88 -27.70
CA ILE A 476 16.30 -39.69 -29.14
C ILE A 476 17.75 -39.37 -29.48
N PHE A 477 18.37 -38.47 -28.71
CA PHE A 477 19.74 -38.04 -28.96
C PHE A 477 20.61 -38.55 -27.81
N ILE A 478 21.50 -39.49 -28.12
CA ILE A 478 22.43 -40.05 -27.16
C ILE A 478 23.80 -40.18 -27.81
N TYR A 479 24.84 -40.25 -26.97
CA TYR A 479 26.19 -40.39 -27.47
C TYR A 479 26.32 -41.69 -28.25
N GLY A 480 26.99 -41.61 -29.40
CA GLY A 480 27.18 -42.76 -30.26
C GLY A 480 26.09 -42.97 -31.29
N GLN A 481 25.22 -42.00 -31.50
CA GLN A 481 24.15 -42.14 -32.47
C GLN A 481 24.73 -42.13 -33.89
N GLN A 482 23.85 -42.27 -34.88
CA GLN A 482 24.26 -42.30 -36.27
C GLN A 482 24.24 -40.91 -36.90
N TRP A 483 23.13 -40.19 -36.75
CA TRP A 483 22.99 -38.85 -37.31
C TRP A 483 23.29 -38.86 -38.80
N PRO A 484 22.42 -39.44 -39.63
CA PRO A 484 22.66 -39.41 -41.08
C PRO A 484 22.74 -37.98 -41.59
N VAL A 485 23.61 -37.77 -42.58
CA VAL A 485 23.81 -36.43 -43.13
C VAL A 485 22.62 -36.07 -44.02
N GLY A 486 22.06 -34.88 -43.80
CA GLY A 486 20.95 -34.37 -44.56
C GLY A 486 19.61 -34.46 -43.87
N SER A 487 19.39 -35.50 -43.06
CA SER A 487 18.14 -35.62 -42.33
C SER A 487 17.99 -34.51 -41.30
N LEU A 488 19.12 -34.05 -40.73
CA LEU A 488 19.07 -33.00 -39.74
C LEU A 488 18.49 -31.71 -40.32
N GLU A 489 18.84 -31.38 -41.57
CA GLU A 489 18.30 -30.18 -42.19
C GLU A 489 16.79 -30.28 -42.35
N GLN A 490 16.30 -31.43 -42.80
CA GLN A 490 14.86 -31.62 -42.96
C GLN A 490 14.15 -31.53 -41.62
N ALA A 491 14.71 -32.15 -40.58
CA ALA A 491 14.10 -32.07 -39.26
C ALA A 491 14.08 -30.63 -38.76
N MET A 492 15.17 -29.89 -38.99
CA MET A 492 15.22 -28.50 -38.56
C MET A 492 14.15 -27.67 -39.28
N LEU A 493 14.00 -27.89 -40.59
CA LEU A 493 12.98 -27.16 -41.33
C LEU A 493 11.59 -27.48 -40.83
N ASP A 494 11.32 -28.77 -40.59
CA ASP A 494 10.00 -29.18 -40.09
C ASP A 494 9.71 -28.55 -38.74
N ALA A 495 10.70 -28.56 -37.84
CA ALA A 495 10.51 -27.94 -36.53
C ALA A 495 10.29 -26.44 -36.66
N LEU A 496 11.04 -25.79 -37.56
CA LEU A 496 10.91 -24.35 -37.72
C LEU A 496 9.55 -23.97 -38.29
N VAL A 497 8.97 -24.82 -39.15
CA VAL A 497 7.64 -24.53 -39.68
C VAL A 497 6.64 -24.39 -38.55
N LEU A 498 6.70 -25.28 -37.57
CA LEU A 498 5.82 -25.22 -36.41
C LEU A 498 6.48 -24.41 -35.30
N ASP A 499 5.71 -24.17 -34.23
CA ASP A 499 6.17 -23.37 -33.11
C ASP A 499 6.66 -24.31 -32.01
N ARG A 500 7.91 -24.76 -32.15
CA ARG A 500 8.56 -25.63 -31.17
C ARG A 500 9.91 -25.01 -30.83
N VAL A 501 9.92 -24.09 -29.86
CA VAL A 501 11.15 -23.42 -29.48
C VAL A 501 12.12 -24.40 -28.84
N ASP A 502 11.61 -25.32 -28.00
CA ASP A 502 12.48 -26.25 -27.31
C ASP A 502 13.25 -27.13 -28.29
N PHE A 503 12.57 -27.63 -29.33
CA PHE A 503 13.24 -28.49 -30.30
C PHE A 503 14.30 -27.73 -31.09
N VAL A 504 14.00 -26.48 -31.47
CA VAL A 504 14.99 -25.69 -32.18
C VAL A 504 16.20 -25.44 -31.31
N LYS A 505 15.97 -25.14 -30.02
CA LYS A 505 17.09 -24.93 -29.10
C LYS A 505 17.91 -26.21 -28.95
N LEU A 506 17.25 -27.36 -28.85
CA LEU A 506 17.96 -28.63 -28.74
C LEU A 506 18.79 -28.90 -29.98
N LEU A 507 18.24 -28.64 -31.16
CA LEU A 507 18.98 -28.85 -32.39
C LEU A 507 20.17 -27.91 -32.49
N ILE A 508 20.00 -26.65 -32.06
CA ILE A 508 21.13 -25.73 -32.02
C ILE A 508 22.21 -26.25 -31.10
N GLU A 509 21.82 -26.74 -29.92
CA GLU A 509 22.80 -27.34 -29.01
C GLU A 509 23.50 -28.53 -29.67
N ASN A 510 22.76 -29.29 -30.49
CA ASN A 510 23.37 -30.43 -31.19
C ASN A 510 24.44 -29.97 -32.17
N GLY A 511 24.33 -28.76 -32.69
CA GLY A 511 25.32 -28.22 -33.61
C GLY A 511 24.74 -27.78 -34.94
N VAL A 512 23.45 -27.44 -34.96
CA VAL A 512 22.81 -26.94 -36.16
C VAL A 512 23.41 -25.59 -36.51
N SER A 513 24.11 -25.53 -37.64
CA SER A 513 24.80 -24.31 -38.07
C SER A 513 23.84 -23.47 -38.91
N MET A 514 23.44 -22.32 -38.37
CA MET A 514 22.56 -21.42 -39.11
C MET A 514 23.30 -20.69 -40.23
N HIS A 515 24.62 -20.58 -40.12
CA HIS A 515 25.39 -19.94 -41.19
C HIS A 515 25.22 -20.69 -42.50
N ARG A 516 25.27 -22.02 -42.47
CA ARG A 516 25.03 -22.83 -43.64
C ARG A 516 23.56 -23.26 -43.77
N PHE A 517 22.82 -23.26 -42.66
CA PHE A 517 21.41 -23.64 -42.72
C PHE A 517 20.61 -22.64 -43.54
N LEU A 518 20.92 -21.35 -43.42
CA LEU A 518 20.18 -20.34 -44.15
C LEU A 518 20.23 -20.60 -45.65
N THR A 519 19.08 -20.53 -46.31
CA THR A 519 18.99 -20.82 -47.73
C THR A 519 17.86 -19.98 -48.32
N ILE A 520 18.07 -19.51 -49.55
CA ILE A 520 17.06 -18.70 -50.21
C ILE A 520 15.80 -19.52 -50.49
N SER A 521 15.99 -20.73 -51.03
CA SER A 521 14.85 -21.59 -51.34
C SER A 521 14.09 -21.97 -50.07
N ARG A 522 14.82 -22.31 -49.00
CA ARG A 522 14.15 -22.68 -47.76
C ARG A 522 13.35 -21.51 -47.20
N LEU A 523 13.92 -20.30 -47.24
CA LEU A 523 13.19 -19.13 -46.76
C LEU A 523 11.96 -18.87 -47.60
N GLU A 524 12.06 -18.99 -48.92
CA GLU A 524 10.91 -18.78 -49.79
C GLU A 524 9.82 -19.80 -49.50
N GLU A 525 10.20 -21.07 -49.34
CA GLU A 525 9.21 -22.10 -49.02
C GLU A 525 8.56 -21.84 -47.66
N LEU A 526 9.36 -21.41 -46.67
CA LEU A 526 8.82 -21.13 -45.36
C LEU A 526 7.82 -19.98 -45.41
N TYR A 527 8.13 -18.94 -46.18
CA TYR A 527 7.16 -17.86 -46.36
C TYR A 527 5.91 -18.36 -47.06
N ASN A 528 6.06 -19.25 -48.05
CA ASN A 528 4.92 -19.71 -48.82
C ASN A 528 3.93 -20.48 -47.93
N THR A 529 4.43 -21.35 -47.06
CA THR A 529 3.54 -22.23 -46.31
C THR A 529 2.58 -21.43 -45.44
N ARG A 530 1.33 -21.88 -45.38
CA ARG A 530 0.31 -21.27 -44.55
C ARG A 530 -0.09 -22.13 -43.36
N HIS A 531 0.60 -23.26 -43.14
CA HIS A 531 0.26 -24.14 -42.04
C HIS A 531 0.65 -23.50 -40.71
N GLY A 532 0.02 -23.98 -39.64
CA GLY A 532 0.30 -23.48 -38.31
C GLY A 532 -0.56 -22.27 -37.95
N ASN A 535 -1.57 -16.36 -40.26
CA ASN A 535 -0.82 -15.14 -40.50
C ASN A 535 -1.59 -14.19 -41.43
N THR A 536 -1.60 -12.91 -41.08
CA THR A 536 -2.30 -11.91 -41.88
C THR A 536 -1.46 -11.40 -43.04
N LEU A 537 -0.21 -11.84 -43.17
CA LEU A 537 0.65 -11.35 -44.24
C LEU A 537 -0.03 -11.51 -45.60
N TYR A 538 -0.72 -12.62 -45.81
CA TYR A 538 -1.43 -12.84 -47.07
C TYR A 538 -2.33 -11.64 -47.39
N HIS A 539 -3.14 -11.23 -46.42
CA HIS A 539 -3.98 -10.04 -46.63
C HIS A 539 -3.12 -8.83 -46.96
N LEU A 540 -2.04 -8.62 -46.19
CA LEU A 540 -1.12 -7.54 -46.51
C LEU A 540 -0.57 -7.71 -47.92
N VAL A 541 -0.34 -8.95 -48.34
CA VAL A 541 0.11 -9.20 -49.71
C VAL A 541 -0.89 -8.63 -50.70
N ARG A 542 -2.19 -8.84 -50.45
CA ARG A 542 -3.21 -8.26 -51.31
C ARG A 542 -3.06 -6.74 -51.36
N ASP A 543 -2.74 -6.12 -50.23
CA ASP A 543 -2.49 -4.68 -50.21
C ASP A 543 -1.19 -4.34 -50.94
N VAL A 544 -0.19 -5.22 -50.83
CA VAL A 544 1.10 -4.99 -51.47
C VAL A 544 0.94 -5.01 -52.99
N TYR A 553 -0.56 -18.32 -55.08
CA TYR A 553 0.62 -17.86 -55.80
C TYR A 553 1.87 -17.92 -54.92
N ARG A 554 3.01 -18.21 -55.53
CA ARG A 554 4.25 -18.30 -54.78
C ARG A 554 4.63 -16.93 -54.22
N ILE A 555 5.30 -16.96 -53.06
CA ILE A 555 5.73 -15.75 -52.37
C ILE A 555 7.25 -15.64 -52.51
N SER A 556 7.70 -14.50 -53.01
CA SER A 556 9.12 -14.26 -53.24
C SER A 556 9.65 -13.20 -52.28
N LEU A 557 10.98 -13.16 -52.15
CA LEU A 557 11.62 -12.19 -51.27
C LEU A 557 11.31 -10.76 -51.70
N ILE A 558 11.10 -10.54 -53.00
CA ILE A 558 10.87 -9.19 -53.48
C ILE A 558 9.58 -8.63 -52.92
N ASP A 559 8.50 -9.43 -52.93
CA ASP A 559 7.23 -8.96 -52.38
C ASP A 559 7.33 -8.71 -50.88
N ILE A 560 8.05 -9.58 -50.15
CA ILE A 560 8.24 -9.37 -48.73
C ILE A 560 8.97 -8.06 -48.47
N GLY A 561 10.03 -7.79 -49.25
CA GLY A 561 10.74 -6.54 -49.11
C GLY A 561 9.86 -5.34 -49.41
N LEU A 562 9.03 -5.45 -50.46
CA LEU A 562 8.13 -4.35 -50.81
C LEU A 562 7.16 -4.05 -49.67
N VAL A 563 6.53 -5.10 -49.12
CA VAL A 563 5.56 -4.88 -48.05
C VAL A 563 6.25 -4.36 -46.79
N ILE A 564 7.48 -4.84 -46.52
CA ILE A 564 8.22 -4.33 -45.37
C ILE A 564 8.52 -2.86 -45.54
N GLU A 565 8.96 -2.46 -46.74
CA GLU A 565 9.24 -1.05 -47.01
C GLU A 565 7.98 -0.21 -46.84
N TYR A 566 6.85 -0.71 -47.33
CA TYR A 566 5.59 0.00 -47.15
C TYR A 566 5.25 0.16 -45.68
N LEU A 567 5.42 -0.91 -44.90
CA LEU A 567 5.09 -0.84 -43.48
C LEU A 567 5.98 0.15 -42.75
N MET A 568 7.28 0.14 -43.04
CA MET A 568 8.22 1.05 -42.40
C MET A 568 7.95 2.48 -42.83
N ASN A 632 24.97 -18.08 -51.76
CA ASN A 632 23.60 -17.61 -51.61
C ASN A 632 23.11 -17.83 -50.18
N HIS A 633 23.98 -17.60 -49.22
CA HIS A 633 23.68 -17.75 -47.80
C HIS A 633 23.69 -16.38 -47.13
N PHE A 634 22.67 -16.10 -46.34
CA PHE A 634 22.58 -14.82 -45.66
C PHE A 634 23.72 -14.66 -44.67
N PRO A 635 24.52 -13.58 -44.76
CA PRO A 635 25.60 -13.40 -43.77
C PRO A 635 25.09 -13.27 -42.35
N PHE A 636 23.92 -12.67 -42.16
CA PHE A 636 23.31 -12.48 -40.84
C PHE A 636 21.85 -12.93 -40.91
N PRO A 637 21.62 -14.24 -40.97
CA PRO A 637 20.25 -14.73 -41.18
C PRO A 637 19.29 -14.38 -40.05
N PHE A 638 19.82 -14.07 -38.87
CA PHE A 638 18.94 -13.84 -37.72
C PHE A 638 18.04 -12.64 -37.94
N HIS A 639 18.49 -11.63 -38.70
CA HIS A 639 17.61 -10.52 -39.03
C HIS A 639 16.37 -11.01 -39.78
N GLU A 640 16.58 -11.82 -40.83
CA GLU A 640 15.46 -12.35 -41.59
C GLU A 640 14.58 -13.23 -40.73
N LEU A 641 15.20 -14.07 -39.90
CA LEU A 641 14.42 -14.96 -39.04
C LEU A 641 13.53 -14.17 -38.10
N MET A 642 14.08 -13.15 -37.45
CA MET A 642 13.29 -12.39 -36.49
C MET A 642 12.21 -11.58 -37.18
N VAL A 643 12.51 -10.96 -38.33
CA VAL A 643 11.48 -10.18 -39.01
C VAL A 643 10.35 -11.10 -39.46
N TRP A 644 10.68 -12.30 -39.95
CA TRP A 644 9.64 -13.25 -40.30
C TRP A 644 8.82 -13.65 -39.08
N ALA A 645 9.49 -13.96 -37.97
CA ALA A 645 8.78 -14.42 -36.79
C ALA A 645 7.81 -13.36 -36.28
N VAL A 646 8.26 -12.10 -36.21
CA VAL A 646 7.38 -11.04 -35.75
C VAL A 646 6.27 -10.78 -36.76
N LEU A 647 6.58 -10.91 -38.06
CA LEU A 647 5.55 -10.67 -39.07
C LEU A 647 4.47 -11.75 -39.04
N MET A 648 4.82 -12.96 -38.58
CA MET A 648 3.87 -14.05 -38.49
C MET A 648 3.06 -14.02 -37.20
N LYS A 649 3.28 -13.04 -36.33
CA LYS A 649 2.56 -12.85 -35.09
C LYS A 649 2.96 -13.84 -34.00
N ARG A 650 4.12 -14.45 -34.11
CA ARG A 650 4.62 -15.32 -33.05
C ARG A 650 5.17 -14.48 -31.90
N GLN A 651 5.09 -15.04 -30.68
CA GLN A 651 5.52 -14.34 -29.49
C GLN A 651 6.66 -15.05 -28.76
N LYS A 652 7.13 -16.19 -29.25
CA LYS A 652 8.21 -16.93 -28.60
C LYS A 652 9.44 -17.07 -29.47
N MET A 653 9.30 -17.47 -30.73
CA MET A 653 10.47 -17.65 -31.59
C MET A 653 11.17 -16.32 -31.84
N ALA A 654 10.40 -15.25 -32.04
CA ALA A 654 11.00 -13.95 -32.31
C ALA A 654 11.85 -13.49 -31.13
N LEU A 655 11.37 -13.70 -29.91
CA LEU A 655 12.15 -13.30 -28.74
C LEU A 655 13.45 -14.10 -28.66
N PHE A 656 13.39 -15.40 -28.97
CA PHE A 656 14.60 -16.21 -28.95
C PHE A 656 15.60 -15.73 -30.00
N PHE A 657 15.13 -15.44 -31.21
CA PHE A 657 16.03 -14.93 -32.25
C PHE A 657 16.63 -13.59 -31.83
N TRP A 658 15.83 -12.73 -31.19
CA TRP A 658 16.36 -11.48 -30.67
C TRP A 658 17.45 -11.73 -29.64
N GLN A 659 17.24 -12.71 -28.76
CA GLN A 659 18.26 -13.04 -27.77
C GLN A 659 19.55 -13.48 -28.43
N HIS A 660 19.46 -14.38 -29.42
CA HIS A 660 20.67 -14.93 -30.01
C HIS A 660 21.42 -13.90 -30.83
N GLY A 661 20.71 -13.15 -31.68
CA GLY A 661 21.37 -12.24 -32.59
C GLY A 661 22.03 -11.08 -31.87
N GLU A 662 23.04 -10.53 -32.53
CA GLU A 662 23.74 -9.35 -32.02
C GLU A 662 23.02 -8.07 -32.46
N GLU A 663 23.50 -6.93 -31.97
CA GLU A 663 22.90 -5.63 -32.24
C GLU A 663 21.41 -5.66 -31.90
N ALA A 664 21.14 -5.97 -30.63
CA ALA A 664 19.77 -6.16 -30.17
C ALA A 664 18.96 -4.87 -30.14
N MET A 665 19.61 -3.73 -29.93
CA MET A 665 18.87 -2.47 -29.80
C MET A 665 18.09 -2.15 -31.08
N ALA A 666 18.78 -2.17 -32.22
CA ALA A 666 18.13 -1.82 -33.48
C ALA A 666 17.04 -2.82 -33.82
N LYS A 667 17.30 -4.10 -33.61
CA LYS A 667 16.28 -5.12 -33.89
C LYS A 667 15.05 -4.92 -33.01
N ALA A 668 15.27 -4.64 -31.72
CA ALA A 668 14.15 -4.42 -30.82
C ALA A 668 13.34 -3.21 -31.23
N LEU A 669 14.01 -2.12 -31.61
CA LEU A 669 13.29 -0.92 -32.03
C LEU A 669 12.51 -1.17 -33.31
N VAL A 670 13.10 -1.89 -34.26
CA VAL A 670 12.40 -2.20 -35.50
C VAL A 670 11.17 -3.06 -35.22
N ALA A 671 11.31 -4.06 -34.35
CA ALA A 671 10.18 -4.90 -34.00
C ALA A 671 9.09 -4.10 -33.32
N CYS A 672 9.47 -3.19 -32.41
CA CYS A 672 8.49 -2.36 -31.74
C CYS A 672 7.73 -1.50 -32.72
N LYS A 673 8.43 -0.89 -33.69
CA LYS A 673 7.74 -0.09 -34.70
C LYS A 673 6.83 -0.96 -35.56
N LEU A 674 7.30 -2.14 -35.95
CA LEU A 674 6.51 -3.00 -36.84
C LEU A 674 5.25 -3.49 -36.15
N CYS A 675 5.33 -3.77 -34.85
CA CYS A 675 4.19 -4.35 -34.14
C CYS A 675 2.99 -3.41 -34.17
N LYS A 676 3.22 -2.12 -33.93
CA LYS A 676 2.11 -1.17 -33.87
C LYS A 676 1.38 -1.11 -35.20
N ALA A 677 2.13 -1.07 -36.31
CA ALA A 677 1.50 -0.98 -37.63
C ALA A 677 0.96 -2.32 -38.10
N MET A 678 1.42 -3.43 -37.53
CA MET A 678 0.92 -4.74 -37.94
C MET A 678 -0.57 -4.87 -37.64
N ALA A 679 -0.99 -4.46 -36.45
CA ALA A 679 -2.41 -4.50 -36.11
C ALA A 679 -3.22 -3.56 -37.00
N HIS A 680 -2.70 -2.37 -37.25
CA HIS A 680 -3.38 -1.39 -38.09
C HIS A 680 -3.19 -1.73 -39.56
N LEU A 695 -1.11 -6.26 -29.85
CA LEU A 695 -0.26 -5.22 -30.41
C LEU A 695 0.38 -4.38 -29.31
N ASN A 696 -0.47 -3.88 -28.40
CA ASN A 696 0.04 -3.04 -27.32
C ASN A 696 0.99 -3.81 -26.42
N HIS A 697 0.64 -5.06 -26.09
CA HIS A 697 1.49 -5.86 -25.21
C HIS A 697 2.84 -6.13 -25.85
N ASN A 698 2.83 -6.61 -27.11
CA ASN A 698 4.08 -6.89 -27.79
C ASN A 698 4.90 -5.63 -28.01
N SER A 699 4.25 -4.54 -28.41
CA SER A 699 4.97 -3.28 -28.62
C SER A 699 5.59 -2.79 -27.33
N ARG A 700 4.84 -2.86 -26.23
CA ARG A 700 5.39 -2.45 -24.94
C ARG A 700 6.58 -3.30 -24.54
N ASP A 701 6.50 -4.62 -24.78
CA ASP A 701 7.60 -5.52 -24.43
C ASP A 701 8.86 -5.15 -25.20
N PHE A 702 8.75 -5.00 -26.52
CA PHE A 702 9.91 -4.65 -27.32
C PHE A 702 10.48 -3.30 -26.90
N GLY A 703 9.60 -2.32 -26.67
CA GLY A 703 10.07 -1.01 -26.26
C GLY A 703 10.78 -1.03 -24.92
N GLN A 704 10.22 -1.76 -23.95
CA GLN A 704 10.83 -1.82 -22.63
C GLN A 704 12.15 -2.58 -22.66
N LEU A 705 12.25 -3.62 -23.50
CA LEU A 705 13.50 -4.36 -23.60
C LEU A 705 14.62 -3.46 -24.08
N ALA A 706 14.34 -2.62 -25.08
CA ALA A 706 15.35 -1.69 -25.56
C ALA A 706 15.75 -0.69 -24.48
N VAL A 707 14.76 -0.18 -23.74
CA VAL A 707 15.06 0.78 -22.67
C VAL A 707 15.93 0.14 -21.61
N GLU A 708 15.59 -1.08 -21.20
CA GLU A 708 16.39 -1.76 -20.19
C GLU A 708 17.80 -2.01 -20.69
N LEU A 709 17.95 -2.39 -21.96
CA LEU A 709 19.28 -2.62 -22.51
C LEU A 709 20.12 -1.37 -22.48
N LEU A 710 19.54 -0.23 -22.89
CA LEU A 710 20.28 1.02 -22.86
C LEU A 710 20.62 1.43 -21.42
N ASP A 711 19.67 1.25 -20.50
CA ASP A 711 19.91 1.66 -19.12
C ASP A 711 21.07 0.90 -18.52
N GLN A 712 21.13 -0.42 -18.75
CA GLN A 712 22.25 -1.21 -18.25
C GLN A 712 23.56 -0.76 -18.90
N SER A 713 23.54 -0.51 -20.21
CA SER A 713 24.74 -0.01 -20.88
C SER A 713 25.12 1.37 -20.37
N TYR A 714 24.12 2.20 -20.08
CA TYR A 714 24.39 3.53 -19.54
C TYR A 714 25.11 3.43 -18.20
N LYS A 715 24.69 2.50 -17.34
CA LYS A 715 25.36 2.32 -16.06
C LYS A 715 26.79 1.84 -16.25
N GLN A 716 27.00 0.88 -17.15
CA GLN A 716 28.34 0.32 -17.33
C GLN A 716 29.32 1.36 -17.85
N ASP A 717 28.92 2.12 -18.87
CA ASP A 717 29.80 3.15 -19.42
C ASP A 717 28.99 4.13 -20.28
N GLU A 718 29.10 5.42 -19.95
CA GLU A 718 28.37 6.43 -20.72
C GLU A 718 28.87 6.50 -22.16
N GLN A 719 30.18 6.45 -22.36
CA GLN A 719 30.73 6.53 -23.71
C GLN A 719 30.26 5.36 -24.57
N LEU A 720 30.24 4.15 -24.00
CA LEU A 720 29.77 3.00 -24.75
C LEU A 720 28.31 3.18 -25.16
N ALA A 721 27.47 3.68 -24.25
CA ALA A 721 26.07 3.92 -24.59
C ALA A 721 25.95 4.96 -25.70
N MET A 722 26.72 6.05 -25.61
CA MET A 722 26.68 7.07 -26.64
C MET A 722 27.07 6.49 -27.99
N LYS A 723 28.14 5.69 -28.03
CA LYS A 723 28.56 5.08 -29.29
C LYS A 723 27.49 4.14 -29.82
N LEU A 724 26.89 3.33 -28.95
CA LEU A 724 25.86 2.39 -29.38
C LEU A 724 24.62 3.10 -29.88
N LEU A 725 24.34 4.30 -29.37
CA LEU A 725 23.10 4.99 -29.73
C LEU A 725 23.07 5.35 -31.21
N THR A 726 24.15 5.93 -31.73
CA THR A 726 24.16 6.49 -33.08
C THR A 726 25.39 6.00 -33.83
N TYR A 727 25.17 5.22 -34.87
CA TYR A 727 26.22 4.85 -35.81
C TYR A 727 25.56 4.18 -37.01
N GLU A 728 25.99 4.59 -38.20
CA GLU A 728 25.32 4.15 -39.42
C GLU A 728 25.38 2.63 -39.55
N LEU A 729 24.24 2.03 -39.87
CA LEU A 729 24.12 0.59 -40.06
C LEU A 729 23.85 0.30 -41.53
N LYS A 730 24.79 -0.37 -42.19
CA LYS A 730 24.56 -0.82 -43.56
C LYS A 730 23.42 -1.84 -43.63
N ASN A 731 23.17 -2.55 -42.54
CA ASN A 731 22.09 -3.54 -42.53
C ASN A 731 20.73 -2.88 -42.63
N TRP A 732 20.55 -1.73 -41.98
CA TRP A 732 19.26 -1.06 -41.86
C TRP A 732 19.27 0.29 -42.56
N SER A 733 19.87 0.35 -43.75
CA SER A 733 19.85 1.55 -44.59
C SER A 733 20.48 2.75 -43.88
N ASN A 734 21.51 2.51 -43.07
CA ASN A 734 22.25 3.57 -42.40
C ASN A 734 21.32 4.48 -41.60
N ALA A 735 20.55 3.86 -40.70
CA ALA A 735 19.66 4.56 -39.80
C ALA A 735 20.07 4.30 -38.36
N THR A 736 20.25 5.36 -37.60
CA THR A 736 20.68 5.24 -36.21
C THR A 736 19.50 4.86 -35.32
N CYS A 737 19.82 4.47 -34.09
CA CYS A 737 18.78 4.02 -33.15
C CYS A 737 17.82 5.16 -32.81
N LEU A 738 18.33 6.37 -32.65
CA LEU A 738 17.47 7.49 -32.29
C LEU A 738 16.43 7.76 -33.38
N GLN A 739 16.84 7.69 -34.65
CA GLN A 739 15.90 7.92 -35.73
C GLN A 739 14.80 6.87 -35.73
N LEU A 740 15.16 5.61 -35.52
CA LEU A 740 14.16 4.54 -35.45
C LEU A 740 13.21 4.77 -34.28
N ALA A 741 13.74 5.14 -33.12
CA ALA A 741 12.90 5.37 -31.96
C ALA A 741 11.93 6.52 -32.20
N VAL A 742 12.41 7.60 -32.79
CA VAL A 742 11.55 8.74 -33.08
C VAL A 742 10.46 8.35 -34.07
N ALA A 743 10.84 7.64 -35.13
CA ALA A 743 9.86 7.20 -36.11
C ALA A 743 8.89 6.20 -35.50
N ALA A 744 9.35 5.37 -34.57
CA ALA A 744 8.47 4.43 -33.90
C ALA A 744 7.50 5.15 -32.96
N LYS A 745 7.85 6.36 -32.51
CA LYS A 745 7.03 7.11 -31.58
C LYS A 745 6.95 6.41 -30.23
N HIS A 746 8.08 5.83 -29.81
CA HIS A 746 8.10 5.13 -28.53
C HIS A 746 7.81 6.08 -27.38
N ARG A 747 8.39 7.29 -27.42
CA ARG A 747 8.02 8.35 -26.50
C ARG A 747 8.64 8.16 -25.12
N ASP A 748 9.43 7.10 -24.95
CA ASP A 748 10.16 6.87 -23.71
C ASP A 748 11.66 6.68 -23.92
N PHE A 749 12.07 6.19 -25.09
CA PHE A 749 13.50 6.06 -25.38
C PHE A 749 14.15 7.42 -25.52
N ILE A 750 13.43 8.38 -26.09
CA ILE A 750 13.98 9.72 -26.26
C ILE A 750 14.10 10.42 -24.91
N ALA A 751 13.11 10.25 -24.05
CA ALA A 751 13.06 10.98 -22.79
C ALA A 751 14.16 10.55 -21.82
N HIS A 752 14.87 9.46 -22.09
CA HIS A 752 15.92 9.01 -21.18
C HIS A 752 17.02 10.06 -21.09
N THR A 753 17.70 10.08 -19.93
CA THR A 753 18.65 11.16 -19.65
C THR A 753 19.78 11.19 -20.67
N CYS A 754 20.29 10.02 -21.07
CA CYS A 754 21.40 9.99 -22.01
C CYS A 754 21.01 10.61 -23.34
N SER A 755 19.82 10.29 -23.83
CA SER A 755 19.35 10.88 -25.09
C SER A 755 19.20 12.39 -24.98
N GLN A 756 18.68 12.86 -23.84
CA GLN A 756 18.56 14.30 -23.64
C GLN A 756 19.93 14.97 -23.63
N MET A 757 20.90 14.34 -22.99
CA MET A 757 22.25 14.90 -22.99
C MET A 757 22.82 14.97 -24.40
N LEU A 758 22.64 13.92 -25.19
CA LEU A 758 23.12 13.95 -26.57
C LEU A 758 22.42 15.04 -27.37
N LEU A 759 21.12 15.20 -27.16
CA LEU A 759 20.38 16.25 -27.86
C LEU A 759 20.88 17.62 -27.48
N THR A 760 21.17 17.84 -26.20
CA THR A 760 21.72 19.12 -25.77
C THR A 760 23.09 19.36 -26.39
N ASP A 761 23.93 18.32 -26.43
CA ASP A 761 25.25 18.47 -27.02
C ASP A 761 25.14 18.85 -28.50
N MET A 762 24.22 18.23 -29.22
CA MET A 762 24.00 18.63 -30.61
C MET A 762 23.42 20.04 -30.69
N TRP A 763 22.60 20.42 -29.71
CA TRP A 763 21.99 21.74 -29.70
C TRP A 763 23.05 22.83 -29.59
N MET A 764 24.05 22.62 -28.75
CA MET A 764 25.14 23.57 -28.61
C MET A 764 26.23 23.39 -29.66
N GLY A 765 26.10 22.38 -30.52
CA GLY A 765 27.06 22.19 -31.60
C GLY A 765 28.47 21.98 -31.10
N ARG A 766 29.43 22.55 -31.82
CA ARG A 766 30.84 22.35 -31.47
C ARG A 766 31.20 23.12 -30.19
N LEU A 767 30.68 24.34 -30.05
CA LEU A 767 30.99 25.16 -28.88
C LEU A 767 30.23 24.62 -27.67
N ARG A 768 30.81 23.59 -27.05
CA ARG A 768 30.23 22.98 -25.87
C ARG A 768 30.78 23.63 -24.60
N MET A 769 30.66 24.95 -24.54
CA MET A 769 31.13 25.73 -23.41
C MET A 769 30.14 25.66 -22.26
N GLY A 861 39.27 31.30 -38.92
CA GLY A 861 38.67 30.82 -40.16
C GLY A 861 37.54 29.84 -39.93
N ARG A 862 37.84 28.71 -39.30
CA ARG A 862 36.82 27.72 -39.01
C ARG A 862 35.75 28.24 -38.07
N LYS A 863 36.08 29.25 -37.26
CA LYS A 863 35.09 29.82 -36.35
C LYS A 863 33.91 30.41 -37.12
N ILE A 864 34.19 31.12 -38.21
CA ILE A 864 33.11 31.77 -38.96
C ILE A 864 32.10 30.74 -39.44
N TYR A 865 32.57 29.55 -39.82
CA TYR A 865 31.67 28.54 -40.37
C TYR A 865 30.99 27.74 -39.26
N GLU A 866 31.75 27.29 -38.27
CA GLU A 866 31.17 26.43 -37.23
C GLU A 866 30.26 27.22 -36.30
N PHE A 867 30.72 28.40 -35.86
CA PHE A 867 29.94 29.18 -34.89
C PHE A 867 28.61 29.62 -35.47
N TYR A 868 28.60 30.09 -36.72
CA TYR A 868 27.39 30.63 -37.32
C TYR A 868 26.48 29.57 -37.90
N ASN A 869 26.88 28.29 -37.86
CA ASN A 869 26.01 27.20 -38.27
C ASN A 869 25.44 26.43 -37.09
N ALA A 870 25.84 26.77 -35.86
CA ALA A 870 25.28 26.11 -34.70
C ALA A 870 23.79 26.46 -34.58
N PRO A 871 22.93 25.50 -34.25
CA PRO A 871 21.48 25.82 -34.22
C PRO A 871 21.11 26.93 -33.26
N ILE A 872 21.78 27.02 -32.10
CA ILE A 872 21.34 27.94 -31.06
C ILE A 872 21.47 29.39 -31.53
N VAL A 873 22.60 29.74 -32.15
CA VAL A 873 22.78 31.11 -32.60
C VAL A 873 21.81 31.45 -33.72
N LYS A 874 21.52 30.49 -34.60
CA LYS A 874 20.51 30.74 -35.63
C LYS A 874 19.14 30.96 -35.02
N PHE A 875 18.79 30.19 -33.99
CA PHE A 875 17.54 30.41 -33.29
C PHE A 875 17.47 31.80 -32.70
N TRP A 876 18.55 32.25 -32.06
CA TRP A 876 18.56 33.59 -31.48
C TRP A 876 18.44 34.66 -32.54
N PHE A 877 19.12 34.48 -33.69
CA PHE A 877 19.02 35.44 -34.77
C PHE A 877 17.58 35.53 -35.29
N TYR A 878 16.94 34.38 -35.49
CA TYR A 878 15.55 34.38 -35.92
C TYR A 878 14.66 35.09 -34.91
N THR A 879 14.87 34.82 -33.62
CA THR A 879 14.06 35.47 -32.60
C THR A 879 14.23 36.98 -32.63
N LEU A 880 15.47 37.45 -32.73
CA LEU A 880 15.72 38.89 -32.75
C LEU A 880 15.08 39.53 -33.98
N ALA A 881 15.20 38.88 -35.14
CA ALA A 881 14.58 39.42 -36.34
C ALA A 881 13.07 39.50 -36.17
N TYR A 882 12.45 38.47 -35.60
CA TYR A 882 11.02 38.48 -35.38
C TYR A 882 10.62 39.62 -34.45
N ILE A 883 11.39 39.83 -33.38
CA ILE A 883 11.08 40.90 -32.44
C ILE A 883 11.16 42.26 -33.12
N GLY A 884 12.21 42.48 -33.92
CA GLY A 884 12.33 43.75 -34.63
C GLY A 884 11.19 43.97 -35.60
N TYR A 885 10.81 42.93 -36.34
CA TYR A 885 9.69 43.04 -37.25
C TYR A 885 8.40 43.36 -36.50
N LEU A 886 8.21 42.76 -35.34
CA LEU A 886 7.02 43.05 -34.54
C LEU A 886 7.02 44.50 -34.08
N MET A 887 8.18 45.01 -33.65
CA MET A 887 8.26 46.42 -33.26
C MET A 887 7.90 47.34 -34.41
N LEU A 888 8.41 47.04 -35.61
CA LEU A 888 8.10 47.88 -36.75
C LEU A 888 6.61 47.81 -37.08
N PHE A 889 6.00 46.63 -36.98
CA PHE A 889 4.57 46.50 -37.24
C PHE A 889 3.77 47.35 -36.26
N ASN A 890 4.13 47.30 -34.97
CA ASN A 890 3.43 48.12 -33.98
C ASN A 890 3.57 49.60 -34.31
N TYR A 891 4.79 50.05 -34.59
CA TYR A 891 5.00 51.46 -34.92
C TYR A 891 4.15 51.86 -36.13
N ILE A 892 4.08 50.98 -37.14
CA ILE A 892 3.31 51.30 -38.34
C ILE A 892 1.83 51.45 -38.01
N VAL A 893 1.27 50.47 -37.29
CA VAL A 893 -0.17 50.50 -37.06
C VAL A 893 -0.55 51.69 -36.18
N LEU A 894 0.24 51.96 -35.14
CA LEU A 894 -0.10 53.05 -34.23
C LEU A 894 -0.08 54.40 -34.95
N VAL A 895 0.93 54.63 -35.77
CA VAL A 895 1.11 55.93 -36.41
C VAL A 895 0.27 56.01 -37.68
N LYS A 896 -0.06 57.23 -38.08
CA LYS A 896 -0.84 57.46 -39.28
C LYS A 896 -0.05 57.07 -40.53
N MET A 897 -0.78 56.74 -41.59
CA MET A 897 -0.20 56.33 -42.86
C MET A 897 -0.68 57.25 -43.97
N GLU A 898 0.23 57.63 -44.86
CA GLU A 898 -0.09 58.47 -46.01
C GLU A 898 -0.59 57.60 -47.16
N ARG A 899 -0.74 58.20 -48.34
CA ARG A 899 -1.22 57.44 -49.49
C ARG A 899 -0.25 56.33 -49.85
N TRP A 900 1.06 56.62 -49.82
CA TRP A 900 2.06 55.62 -50.16
C TRP A 900 2.76 55.11 -48.92
N PRO A 901 3.19 53.85 -48.91
CA PRO A 901 3.81 53.28 -47.71
C PRO A 901 5.20 53.86 -47.46
N SER A 902 5.63 53.78 -46.20
CA SER A 902 6.95 54.22 -45.80
C SER A 902 7.93 53.03 -45.87
N THR A 903 9.18 53.28 -45.46
CA THR A 903 10.20 52.24 -45.52
C THR A 903 9.83 51.07 -44.61
N GLN A 904 9.28 51.37 -43.44
CA GLN A 904 8.96 50.31 -42.48
C GLN A 904 7.95 49.34 -43.06
N GLU A 905 6.92 49.85 -43.75
CA GLU A 905 5.91 48.98 -44.33
C GLU A 905 6.51 48.12 -45.44
N TRP A 906 7.41 48.67 -46.24
CA TRP A 906 8.10 47.87 -47.24
C TRP A 906 8.90 46.74 -46.59
N ILE A 907 9.60 47.05 -45.50
CA ILE A 907 10.35 46.01 -44.80
C ILE A 907 9.40 44.93 -44.28
N VAL A 908 8.26 45.35 -43.73
CA VAL A 908 7.32 44.39 -43.17
C VAL A 908 6.78 43.47 -44.25
N ILE A 909 6.33 44.04 -45.38
CA ILE A 909 5.74 43.21 -46.43
C ILE A 909 6.80 42.30 -47.04
N SER A 910 8.04 42.79 -47.16
CA SER A 910 9.13 41.94 -47.62
C SER A 910 9.34 40.77 -46.68
N TYR A 911 9.31 41.01 -45.37
CA TYR A 911 9.43 39.93 -44.40
C TYR A 911 8.31 38.92 -44.60
N ILE A 912 7.07 39.40 -44.75
CA ILE A 912 5.93 38.48 -44.87
C ILE A 912 6.08 37.60 -46.10
N PHE A 913 6.43 38.20 -47.23
CA PHE A 913 6.51 37.43 -48.46
C PHE A 913 7.73 36.52 -48.49
N THR A 914 8.84 36.93 -47.86
CA THR A 914 9.96 36.01 -47.72
C THR A 914 9.60 34.83 -46.84
N LEU A 915 8.80 35.06 -45.79
CA LEU A 915 8.32 33.97 -44.96
C LEU A 915 7.47 33.00 -45.79
N GLY A 916 6.58 33.55 -46.61
CA GLY A 916 5.77 32.69 -47.47
C GLY A 916 6.61 31.87 -48.44
N ILE A 917 7.62 32.52 -49.03
CA ILE A 917 8.52 31.81 -49.95
C ILE A 917 9.27 30.72 -49.21
N GLU A 918 9.69 30.99 -47.97
CA GLU A 918 10.37 29.97 -47.18
C GLU A 918 9.45 28.78 -46.91
N LYS A 919 8.18 29.05 -46.60
CA LYS A 919 7.22 27.97 -46.41
C LYS A 919 7.08 27.14 -47.68
N MET A 920 7.00 27.80 -48.83
CA MET A 920 6.89 27.07 -50.09
C MET A 920 8.12 26.22 -50.34
N ARG A 921 9.31 26.76 -50.07
CA ARG A 921 10.53 25.98 -50.24
C ARG A 921 10.54 24.77 -49.30
N GLU A 922 10.12 24.98 -48.05
CA GLU A 922 10.12 23.88 -47.09
C GLU A 922 9.17 22.77 -47.52
N ILE A 923 7.98 23.13 -47.99
CA ILE A 923 7.04 22.10 -48.43
C ILE A 923 7.56 21.40 -49.68
N LEU A 924 8.24 22.14 -50.56
CA LEU A 924 8.81 21.52 -51.75
C LEU A 924 9.94 20.55 -51.40
N MET A 925 10.64 20.80 -50.30
CA MET A 925 11.78 19.97 -49.92
C MET A 925 12.82 19.95 -51.03
N LYS A 930 4.53 11.18 -52.56
CA LYS A 930 4.07 12.12 -53.58
C LYS A 930 3.75 13.47 -52.95
N LEU A 931 3.26 14.40 -53.77
CA LEU A 931 2.92 15.73 -53.27
C LEU A 931 1.76 15.66 -52.28
N LEU A 932 0.82 14.75 -52.50
CA LEU A 932 -0.31 14.62 -51.58
C LEU A 932 0.15 14.24 -50.18
N GLN A 933 1.10 13.30 -50.08
CA GLN A 933 1.63 12.92 -48.79
C GLN A 933 2.33 14.10 -48.11
N LYS A 934 3.11 14.86 -48.87
CA LYS A 934 3.76 16.04 -48.30
C LYS A 934 2.73 17.03 -47.79
N VAL A 935 1.66 17.26 -48.56
CA VAL A 935 0.62 18.19 -48.13
C VAL A 935 -0.04 17.71 -46.86
N LYS A 936 -0.34 16.41 -46.77
CA LYS A 936 -0.99 15.87 -45.58
C LYS A 936 -0.08 16.03 -44.36
N VAL A 937 1.21 15.71 -44.51
CA VAL A 937 2.13 15.84 -43.40
C VAL A 937 2.26 17.30 -42.97
N TRP A 938 2.31 18.21 -43.94
CA TRP A 938 2.40 19.63 -43.64
C TRP A 938 1.18 20.09 -42.87
N LEU A 939 -0.02 19.67 -43.31
CA LEU A 939 -1.25 20.01 -42.61
C LEU A 939 -1.36 19.33 -41.26
N GLN A 940 -0.55 18.29 -41.01
CA GLN A 940 -0.53 17.69 -39.68
C GLN A 940 -0.29 18.74 -38.60
N GLU A 941 0.55 19.74 -38.90
CA GLU A 941 0.78 20.84 -37.98
C GLU A 941 -0.22 21.96 -38.25
N TYR A 942 -0.67 22.62 -37.16
CA TYR A 942 -1.65 23.69 -37.27
C TYR A 942 -1.02 25.07 -37.37
N TRP A 943 0.19 25.25 -36.81
CA TRP A 943 0.83 26.55 -36.88
C TRP A 943 1.05 26.99 -38.32
N ASN A 944 1.45 26.06 -39.19
CA ASN A 944 1.64 26.40 -40.59
C ASN A 944 0.33 26.82 -41.24
N VAL A 945 -0.76 26.15 -40.93
CA VAL A 945 -2.06 26.51 -41.49
C VAL A 945 -2.44 27.92 -41.06
N THR A 946 -2.29 28.21 -39.76
CA THR A 946 -2.62 29.55 -39.28
C THR A 946 -1.74 30.61 -39.91
N ASP A 947 -0.45 30.30 -40.08
CA ASP A 947 0.46 31.25 -40.71
C ASP A 947 0.05 31.52 -42.15
N LEU A 948 -0.34 30.48 -42.88
CA LEU A 948 -0.79 30.67 -44.26
C LEU A 948 -2.03 31.53 -44.31
N ILE A 949 -2.99 31.28 -43.42
CA ILE A 949 -4.21 32.08 -43.39
C ILE A 949 -3.88 33.54 -43.08
N ALA A 950 -3.00 33.77 -42.10
CA ALA A 950 -2.64 35.13 -41.75
C ALA A 950 -1.94 35.84 -42.89
N ILE A 951 -1.07 35.13 -43.61
CA ILE A 951 -0.37 35.74 -44.74
C ILE A 951 -1.36 36.10 -45.84
N LEU A 952 -2.34 35.23 -46.10
CA LEU A 952 -3.35 35.55 -47.10
C LEU A 952 -4.16 36.78 -46.69
N LEU A 953 -4.55 36.86 -45.41
CA LEU A 953 -5.28 38.03 -44.95
C LEU A 953 -4.44 39.29 -45.08
N PHE A 954 -3.15 39.20 -44.76
CA PHE A 954 -2.28 40.36 -44.91
C PHE A 954 -2.17 40.79 -46.36
N SER A 955 -2.10 39.83 -47.29
CA SER A 955 -2.06 40.18 -48.70
C SER A 955 -3.34 40.88 -49.13
N VAL A 956 -4.49 40.37 -48.67
CA VAL A 956 -5.76 41.01 -48.99
C VAL A 956 -5.77 42.45 -48.47
N GLY A 957 -5.33 42.63 -47.23
CA GLY A 957 -5.29 43.98 -46.66
C GLY A 957 -4.37 44.90 -47.43
N MET A 958 -3.20 44.39 -47.84
CA MET A 958 -2.26 45.21 -48.61
C MET A 958 -2.87 45.62 -49.95
N ILE A 959 -3.54 44.69 -50.62
CA ILE A 959 -4.18 45.04 -51.89
C ILE A 959 -5.25 46.10 -51.67
N LEU A 960 -6.07 45.93 -50.63
CA LEU A 960 -7.12 46.90 -50.37
C LEU A 960 -6.56 48.27 -49.99
N ARG A 961 -5.41 48.31 -49.33
CA ARG A 961 -4.91 49.58 -48.81
C ARG A 961 -4.58 50.56 -49.94
N LEU A 962 -4.01 50.06 -51.03
CA LEU A 962 -3.48 50.94 -52.07
C LEU A 962 -4.54 51.46 -53.03
N GLN A 963 -5.77 50.96 -52.97
CA GLN A 963 -6.80 51.31 -53.95
C GLN A 963 -7.71 52.40 -53.40
N ASP A 964 -7.20 53.64 -53.47
CA ASP A 964 -8.02 54.84 -53.25
C ASP A 964 -8.47 54.98 -51.81
N GLN A 965 -9.15 56.10 -51.52
CA GLN A 965 -9.52 56.40 -50.13
C GLN A 965 -10.53 55.40 -49.55
N PRO A 966 -11.64 55.08 -50.21
CA PRO A 966 -12.68 54.31 -49.53
C PRO A 966 -12.23 52.93 -49.07
N PHE A 967 -11.21 52.36 -49.72
CA PHE A 967 -10.75 51.02 -49.37
C PHE A 967 -9.56 51.03 -48.42
N ARG A 968 -8.83 52.14 -48.34
CA ARG A 968 -7.60 52.16 -47.55
C ARG A 968 -7.90 51.98 -46.06
N SER A 969 -8.99 52.58 -45.56
CA SER A 969 -9.32 52.45 -44.15
C SER A 969 -9.67 51.02 -43.79
N ASP A 970 -10.18 50.25 -44.75
CA ASP A 970 -10.47 48.85 -44.48
C ASP A 970 -9.18 48.03 -44.40
N GLY A 971 -8.23 48.30 -45.28
CA GLY A 971 -6.95 47.63 -45.19
C GLY A 971 -6.22 47.94 -43.90
N ARG A 972 -6.31 49.18 -43.43
CA ARG A 972 -5.69 49.53 -42.16
C ARG A 972 -6.29 48.71 -41.01
N VAL A 973 -7.61 48.57 -40.97
CA VAL A 973 -8.25 47.78 -39.94
C VAL A 973 -7.85 46.31 -40.07
N ILE A 974 -7.68 45.85 -41.32
CA ILE A 974 -7.22 44.47 -41.53
C ILE A 974 -5.85 44.28 -40.90
N TYR A 975 -4.94 45.25 -41.13
CA TYR A 975 -3.62 45.19 -40.49
C TYR A 975 -3.75 45.14 -38.97
N CYS A 976 -4.60 46.01 -38.42
CA CYS A 976 -4.73 46.11 -36.97
C CYS A 976 -5.24 44.80 -36.38
N VAL A 977 -6.19 44.15 -37.04
CA VAL A 977 -6.71 42.89 -36.53
C VAL A 977 -5.72 41.76 -36.78
N ASN A 978 -4.90 41.86 -37.82
CA ASN A 978 -3.95 40.80 -38.14
C ASN A 978 -2.79 40.77 -37.15
N ILE A 979 -2.33 41.94 -36.69
CA ILE A 979 -1.17 41.99 -35.82
C ILE A 979 -1.34 41.11 -34.58
N ILE A 980 -2.58 40.82 -34.19
CA ILE A 980 -2.81 40.05 -32.97
C ILE A 980 -2.27 38.64 -33.10
N TYR A 981 -2.44 38.01 -34.26
CA TYR A 981 -1.93 36.65 -34.45
C TYR A 981 -0.41 36.62 -34.32
N TRP A 982 0.28 37.59 -34.92
CA TRP A 982 1.73 37.64 -34.78
C TRP A 982 2.13 37.90 -33.34
N TYR A 983 1.36 38.72 -32.62
CA TYR A 983 1.63 38.92 -31.20
C TYR A 983 1.52 37.62 -30.43
N ILE A 984 0.49 36.82 -30.71
CA ILE A 984 0.28 35.58 -29.98
C ILE A 984 1.25 34.48 -30.42
N ARG A 985 1.81 34.57 -31.61
CA ARG A 985 2.70 33.52 -32.11
C ARG A 985 4.00 33.40 -31.32
N LEU A 986 4.23 34.27 -30.34
CA LEU A 986 5.43 34.16 -29.51
C LEU A 986 5.43 32.91 -28.65
N LEU A 987 4.28 32.24 -28.51
CA LEU A 987 4.24 31.00 -27.75
C LEU A 987 5.09 29.93 -28.41
N ASP A 988 5.10 29.89 -29.75
CA ASP A 988 5.96 28.96 -30.45
C ASP A 988 7.43 29.21 -30.11
N ILE A 989 7.83 30.48 -30.05
CA ILE A 989 9.19 30.80 -29.65
C ILE A 989 9.45 30.34 -28.22
N PHE A 990 8.50 30.60 -27.32
CA PHE A 990 8.66 30.20 -25.93
C PHE A 990 8.67 28.69 -25.75
N GLY A 991 8.21 27.93 -26.75
CA GLY A 991 8.14 26.49 -26.60
C GLY A 991 9.48 25.84 -26.29
N VAL A 992 10.58 26.48 -26.70
CA VAL A 992 11.90 25.90 -26.48
C VAL A 992 12.22 25.85 -24.99
N ASN A 993 11.76 26.82 -24.21
CA ASN A 993 12.15 26.92 -22.81
C ASN A 993 11.69 25.69 -22.04
N LYS A 994 12.53 25.30 -21.06
CA LYS A 994 12.25 24.08 -20.29
C LYS A 994 11.03 24.27 -19.39
N TYR A 995 10.97 25.37 -18.65
CA TYR A 995 9.92 25.58 -17.67
C TYR A 995 8.67 26.23 -18.23
N LEU A 996 8.67 26.64 -19.49
CA LEU A 996 7.58 27.44 -20.04
C LEU A 996 6.78 26.74 -21.13
N GLY A 997 7.34 25.73 -21.78
CA GLY A 997 6.64 25.02 -22.83
C GLY A 997 5.40 24.28 -22.35
N PRO A 998 5.53 23.53 -21.26
CA PRO A 998 4.37 22.78 -20.75
C PRO A 998 3.18 23.67 -20.40
N TYR A 999 3.42 24.92 -20.01
CA TYR A 999 2.32 25.83 -19.70
C TYR A 999 1.38 25.98 -20.89
N VAL A 1000 1.95 26.13 -22.09
CA VAL A 1000 1.14 26.32 -23.29
C VAL A 1000 0.27 25.09 -23.56
N MET A 1001 0.86 23.90 -23.42
CA MET A 1001 0.10 22.68 -23.64
C MET A 1001 -1.01 22.53 -22.61
N MET A 1002 -0.73 22.89 -21.37
CA MET A 1002 -1.76 22.84 -20.33
C MET A 1002 -2.92 23.78 -20.67
N ILE A 1003 -2.61 24.99 -21.11
CA ILE A 1003 -3.66 25.93 -21.51
C ILE A 1003 -4.49 25.34 -22.64
N GLY A 1004 -3.81 24.80 -23.65
CA GLY A 1004 -4.52 24.20 -24.77
C GLY A 1004 -5.45 23.08 -24.34
N LYS A 1005 -5.03 22.28 -23.36
CA LYS A 1005 -5.89 21.20 -22.88
C LYS A 1005 -7.07 21.74 -22.06
N MET A 1006 -6.86 22.82 -21.30
CA MET A 1006 -7.95 23.38 -20.50
C MET A 1006 -8.98 24.13 -21.34
N MET A 1007 -8.61 24.52 -22.56
CA MET A 1007 -9.58 25.21 -23.42
C MET A 1007 -10.87 24.40 -23.61
N ILE A 1008 -10.79 23.07 -23.57
CA ILE A 1008 -11.97 22.25 -23.79
C ILE A 1008 -12.96 22.43 -22.65
N ASP A 1009 -12.47 22.36 -21.41
CA ASP A 1009 -13.34 22.62 -20.27
C ASP A 1009 -13.87 24.04 -20.32
N MET A 1010 -13.05 24.99 -20.77
CA MET A 1010 -13.53 26.35 -20.97
C MET A 1010 -14.75 26.37 -21.89
N MET A 1011 -14.67 25.66 -23.01
CA MET A 1011 -15.78 25.62 -23.96
C MET A 1011 -17.02 24.99 -23.34
N TYR A 1012 -16.85 23.90 -22.60
CA TYR A 1012 -18.00 23.24 -21.99
C TYR A 1012 -18.68 24.16 -20.98
N PHE A 1013 -17.90 24.91 -20.21
CA PHE A 1013 -18.47 25.93 -19.34
C PHE A 1013 -19.19 27.01 -20.15
N VAL A 1014 -18.59 27.40 -21.28
CA VAL A 1014 -19.13 28.49 -22.09
C VAL A 1014 -20.53 28.16 -22.57
N ILE A 1015 -20.77 26.91 -22.95
CA ILE A 1015 -22.08 26.56 -23.52
C ILE A 1015 -23.19 26.86 -22.52
N ILE A 1016 -23.04 26.35 -21.28
CA ILE A 1016 -24.09 26.55 -20.27
C ILE A 1016 -24.17 28.02 -19.88
N MET A 1017 -23.02 28.69 -19.76
CA MET A 1017 -23.06 30.11 -19.46
C MET A 1017 -23.87 30.86 -20.51
N LEU A 1018 -23.69 30.50 -21.79
CA LEU A 1018 -24.43 31.13 -22.86
C LEU A 1018 -25.91 30.87 -22.74
N VAL A 1019 -26.30 29.63 -22.42
CA VAL A 1019 -27.73 29.33 -22.28
C VAL A 1019 -28.35 30.22 -21.22
N VAL A 1020 -27.73 30.27 -20.04
CA VAL A 1020 -28.29 31.07 -18.95
C VAL A 1020 -28.31 32.55 -19.33
N LEU A 1021 -27.22 33.02 -19.95
CA LEU A 1021 -27.12 34.41 -20.37
C LEU A 1021 -28.27 34.78 -21.30
N MET A 1022 -28.52 33.94 -22.31
CA MET A 1022 -29.58 34.24 -23.26
C MET A 1022 -30.94 34.24 -22.59
N SER A 1023 -31.18 33.28 -21.69
CA SER A 1023 -32.47 33.26 -21.00
C SER A 1023 -32.70 34.57 -20.24
N PHE A 1024 -31.71 34.99 -19.45
CA PHE A 1024 -31.88 36.21 -18.68
C PHE A 1024 -32.03 37.42 -19.57
N GLY A 1025 -31.24 37.51 -20.64
CA GLY A 1025 -31.32 38.66 -21.51
C GLY A 1025 -32.66 38.77 -22.20
N VAL A 1026 -33.18 37.66 -22.70
CA VAL A 1026 -34.49 37.68 -23.35
C VAL A 1026 -35.56 38.08 -22.36
N ALA A 1027 -35.52 37.53 -21.14
CA ALA A 1027 -36.52 37.90 -20.14
C ALA A 1027 -36.48 39.40 -19.86
N ARG A 1028 -35.29 39.95 -19.63
CA ARG A 1028 -35.18 41.37 -19.32
C ARG A 1028 -35.69 42.21 -20.49
N GLN A 1029 -35.28 41.88 -21.71
CA GLN A 1029 -35.69 42.68 -22.85
C GLN A 1029 -37.19 42.63 -23.07
N ALA A 1030 -37.80 41.47 -22.88
CA ALA A 1030 -39.24 41.35 -23.11
C ALA A 1030 -40.04 42.07 -22.03
N ILE A 1031 -39.61 41.96 -20.77
CA ILE A 1031 -40.35 42.61 -19.69
C ILE A 1031 -40.41 44.12 -19.91
N LEU A 1032 -39.26 44.72 -20.24
CA LEU A 1032 -39.24 46.11 -20.64
C LEU A 1032 -39.54 46.24 -22.14
N PHE A 1033 -39.65 47.48 -22.59
CA PHE A 1033 -39.93 47.82 -24.00
C PHE A 1033 -41.06 46.93 -24.54
N PRO A 1034 -42.25 47.01 -23.95
CA PRO A 1034 -43.33 46.11 -24.40
C PRO A 1034 -43.66 46.28 -25.88
N ASN A 1035 -43.58 47.49 -26.41
CA ASN A 1035 -43.90 47.77 -27.80
C ASN A 1035 -42.63 48.21 -28.52
N GLU A 1036 -42.26 47.49 -29.58
CA GLU A 1036 -41.10 47.84 -30.38
C GLU A 1036 -41.09 47.05 -31.68
N GLU A 1037 -40.92 47.74 -32.81
CA GLU A 1037 -40.92 47.07 -34.09
C GLU A 1037 -39.66 46.23 -34.26
N PRO A 1038 -39.71 45.22 -35.12
CA PRO A 1038 -38.55 44.34 -35.28
C PRO A 1038 -37.32 45.11 -35.76
N SER A 1039 -36.16 44.69 -35.27
CA SER A 1039 -34.89 45.30 -35.64
C SER A 1039 -33.77 44.43 -35.08
N TRP A 1040 -32.54 44.74 -35.47
CA TRP A 1040 -31.38 43.97 -35.04
C TRP A 1040 -30.84 44.40 -33.69
N LYS A 1041 -31.30 45.53 -33.15
CA LYS A 1041 -30.80 45.99 -31.85
C LYS A 1041 -31.20 45.01 -30.74
N LEU A 1042 -32.28 44.25 -30.93
CA LEU A 1042 -32.73 43.34 -29.89
C LEU A 1042 -31.69 42.27 -29.60
N ALA A 1043 -31.07 41.71 -30.64
CA ALA A 1043 -30.05 40.69 -30.44
C ALA A 1043 -28.87 41.25 -29.67
N LYS A 1044 -28.43 42.46 -30.01
CA LYS A 1044 -27.33 43.09 -29.29
C LYS A 1044 -27.70 43.32 -27.83
N ASN A 1045 -28.92 43.81 -27.58
CA ASN A 1045 -29.34 44.10 -26.22
C ASN A 1045 -29.46 42.84 -25.39
N ILE A 1046 -29.80 41.71 -26.01
CA ILE A 1046 -29.89 40.45 -25.28
C ILE A 1046 -28.56 40.13 -24.62
N PHE A 1047 -27.45 40.38 -25.34
CA PHE A 1047 -26.14 39.96 -24.87
C PHE A 1047 -25.38 41.05 -24.12
N TYR A 1048 -25.68 42.33 -24.37
CA TYR A 1048 -24.80 43.39 -23.91
C TYR A 1048 -24.59 43.40 -22.40
N MET A 1049 -25.62 43.76 -21.62
CA MET A 1049 -25.41 43.95 -20.19
C MET A 1049 -25.07 42.65 -19.48
N PRO A 1050 -25.80 41.55 -19.68
CA PRO A 1050 -25.54 40.35 -18.86
C PRO A 1050 -24.13 39.82 -18.97
N TYR A 1051 -23.49 39.94 -20.14
CA TYR A 1051 -22.11 39.47 -20.26
C TYR A 1051 -21.18 40.29 -19.38
N TRP A 1052 -21.34 41.61 -19.35
CA TRP A 1052 -20.51 42.44 -18.50
C TRP A 1052 -20.86 42.28 -17.03
N MET A 1053 -22.07 41.81 -16.72
CA MET A 1053 -22.42 41.56 -15.32
C MET A 1053 -21.51 40.52 -14.69
N ILE A 1054 -20.88 39.67 -15.49
CA ILE A 1054 -20.03 38.62 -14.94
C ILE A 1054 -18.79 39.21 -14.29
N TYR A 1055 -18.23 40.26 -14.88
CA TYR A 1055 -16.91 40.76 -14.51
C TYR A 1055 -16.95 41.96 -13.59
N GLY A 1056 -18.05 42.15 -12.86
CA GLY A 1056 -18.09 43.13 -11.78
C GLY A 1056 -18.82 44.42 -12.09
N GLU A 1057 -19.45 44.55 -13.25
CA GLU A 1057 -20.22 45.74 -13.60
C GLU A 1057 -21.70 45.36 -13.63
N VAL A 1058 -22.45 45.80 -12.63
CA VAL A 1058 -23.85 45.42 -12.46
C VAL A 1058 -24.81 46.51 -12.91
N PHE A 1059 -24.32 47.67 -13.30
CA PHE A 1059 -25.17 48.77 -13.75
C PHE A 1059 -26.18 49.13 -12.67
N ALA A 1060 -25.67 49.62 -11.54
CA ALA A 1060 -26.52 49.92 -10.40
C ALA A 1060 -27.58 50.95 -10.74
N ASP A 1061 -27.30 51.85 -11.69
CA ASP A 1061 -28.25 52.90 -12.03
C ASP A 1061 -29.52 52.31 -12.63
N GLN A 1062 -29.39 51.27 -13.46
CA GLN A 1062 -30.49 50.74 -14.25
C GLN A 1062 -31.14 49.52 -13.63
N ILE A 1063 -30.79 49.16 -12.39
CA ILE A 1063 -31.39 47.97 -11.78
C ILE A 1063 -32.88 48.18 -11.54
N ASP A 1064 -33.25 49.31 -10.95
CA ASP A 1064 -34.64 49.57 -10.62
C ASP A 1064 -34.88 51.07 -10.49
N PRO A 1065 -35.10 51.78 -11.59
CA PRO A 1065 -35.34 53.22 -11.50
C PRO A 1065 -36.67 53.51 -10.82
N PRO A 1066 -36.83 54.69 -10.24
CA PRO A 1066 -38.08 54.99 -9.52
C PRO A 1066 -39.32 54.88 -10.39
N CYS A 1067 -39.20 55.19 -11.68
CA CYS A 1067 -40.32 55.16 -12.63
C CYS A 1067 -41.36 56.16 -12.12
N GLY A 1068 -42.62 55.77 -11.92
CA GLY A 1068 -43.68 56.74 -11.69
C GLY A 1068 -43.69 57.26 -10.28
N GLN A 1069 -43.80 58.57 -10.14
CA GLN A 1069 -43.90 59.24 -8.85
C GLN A 1069 -44.04 60.74 -9.11
N ASN A 1070 -44.27 61.49 -8.04
CA ASN A 1070 -44.36 62.95 -8.10
C ASN A 1070 -43.05 63.51 -7.57
N GLU A 1071 -42.10 63.75 -8.47
CA GLU A 1071 -40.78 64.24 -8.12
C GLU A 1071 -40.64 65.67 -8.58
N THR A 1072 -40.34 66.57 -7.64
CA THR A 1072 -40.14 67.98 -7.97
C THR A 1072 -38.75 68.25 -8.53
N ARG A 1073 -37.82 67.31 -8.39
CA ARG A 1073 -36.46 67.46 -8.90
C ARG A 1073 -35.70 68.49 -8.06
N GLU A 1074 -34.50 68.85 -8.50
CA GLU A 1074 -33.67 69.83 -7.81
C GLU A 1074 -33.00 70.73 -8.82
N ASP A 1075 -32.93 72.02 -8.49
CA ASP A 1075 -32.26 73.02 -9.35
C ASP A 1075 -32.83 72.98 -10.77
N GLY A 1076 -34.14 72.86 -10.87
CA GLY A 1076 -34.78 72.84 -12.17
C GLY A 1076 -36.27 72.64 -12.02
N LYS A 1077 -36.98 72.82 -13.13
CA LYS A 1077 -38.42 72.62 -13.13
C LYS A 1077 -38.75 71.16 -12.88
N THR A 1078 -39.87 70.93 -12.19
CA THR A 1078 -40.30 69.58 -11.89
C THR A 1078 -40.49 68.78 -13.17
N ILE A 1079 -39.95 67.57 -13.19
CA ILE A 1079 -40.02 66.68 -14.34
C ILE A 1079 -41.01 65.57 -14.00
N GLN A 1080 -42.11 65.50 -14.75
CA GLN A 1080 -43.09 64.45 -14.52
C GLN A 1080 -42.49 63.09 -14.85
N LEU A 1081 -42.67 62.14 -13.95
CA LEU A 1081 -42.05 60.83 -14.11
C LEU A 1081 -42.89 59.95 -15.04
N PRO A 1082 -42.26 58.98 -15.71
CA PRO A 1082 -43.01 58.11 -16.63
C PRO A 1082 -44.02 57.26 -15.89
N PRO A 1083 -44.85 56.51 -16.61
CA PRO A 1083 -45.89 55.68 -15.97
C PRO A 1083 -45.46 54.28 -15.58
N CYS A 1084 -44.16 53.97 -15.61
CA CYS A 1084 -43.67 52.65 -15.23
C CYS A 1084 -44.16 51.59 -16.22
N LYS A 1085 -44.02 50.32 -15.85
CA LYS A 1085 -44.46 49.20 -16.65
C LYS A 1085 -45.29 48.26 -15.78
N THR A 1086 -45.92 47.28 -16.42
CA THR A 1086 -46.80 46.38 -15.69
C THR A 1086 -46.03 45.59 -14.63
N GLY A 1087 -44.84 45.10 -14.98
CA GLY A 1087 -44.01 44.38 -14.04
C GLY A 1087 -42.54 44.66 -14.23
N ALA A 1088 -41.86 45.07 -13.16
CA ALA A 1088 -40.43 45.36 -13.22
C ALA A 1088 -39.64 44.67 -12.11
N TRP A 1089 -40.22 44.54 -10.91
CA TRP A 1089 -39.53 43.90 -9.81
C TRP A 1089 -39.04 42.50 -10.17
N ILE A 1090 -39.77 41.82 -11.07
CA ILE A 1090 -39.31 40.53 -11.56
C ILE A 1090 -37.92 40.65 -12.16
N VAL A 1091 -37.60 41.81 -12.77
CA VAL A 1091 -36.27 41.99 -13.34
C VAL A 1091 -35.19 41.96 -12.27
N PRO A 1092 -35.26 42.72 -11.18
CA PRO A 1092 -34.27 42.54 -10.10
C PRO A 1092 -34.24 41.13 -9.54
N ALA A 1093 -35.40 40.48 -9.39
CA ALA A 1093 -35.38 39.12 -8.86
C ALA A 1093 -34.59 38.19 -9.78
N ILE A 1094 -34.86 38.24 -11.08
CA ILE A 1094 -34.17 37.38 -12.03
C ILE A 1094 -32.69 37.75 -12.09
N MET A 1095 -32.38 39.04 -11.96
CA MET A 1095 -30.98 39.45 -11.94
C MET A 1095 -30.24 38.84 -10.77
N ALA A 1096 -30.85 38.87 -9.58
CA ALA A 1096 -30.22 38.29 -8.40
C ALA A 1096 -30.00 36.79 -8.61
N CYS A 1097 -31.03 36.09 -9.09
CA CYS A 1097 -30.90 34.65 -9.29
C CYS A 1097 -29.82 34.34 -10.32
N TYR A 1098 -29.78 35.09 -11.42
CA TYR A 1098 -28.81 34.85 -12.47
C TYR A 1098 -27.38 35.10 -11.97
N LEU A 1099 -27.17 36.18 -11.22
CA LEU A 1099 -25.85 36.45 -10.68
C LEU A 1099 -25.43 35.35 -9.71
N LEU A 1100 -26.35 34.91 -8.86
CA LEU A 1100 -26.03 33.82 -7.93
C LEU A 1100 -25.62 32.56 -8.68
N VAL A 1101 -26.35 32.23 -9.75
CA VAL A 1101 -26.03 31.01 -10.50
C VAL A 1101 -24.69 31.16 -11.21
N ALA A 1102 -24.42 32.33 -11.79
CA ALA A 1102 -23.26 32.47 -12.66
C ALA A 1102 -21.97 32.73 -11.87
N ASN A 1103 -21.93 33.80 -11.10
CA ASN A 1103 -20.67 34.27 -10.53
C ASN A 1103 -20.11 33.34 -9.47
N ILE A 1104 -20.89 32.37 -8.99
CA ILE A 1104 -20.49 31.51 -7.88
C ILE A 1104 -20.38 30.05 -8.31
N LEU A 1105 -21.49 29.47 -8.78
CA LEU A 1105 -21.55 28.02 -8.99
C LEU A 1105 -20.61 27.59 -10.12
N LEU A 1106 -20.85 28.08 -11.32
CA LEU A 1106 -20.14 27.56 -12.50
C LEU A 1106 -18.65 27.84 -12.43
N VAL A 1107 -18.26 29.04 -11.99
CA VAL A 1107 -16.85 29.37 -11.96
C VAL A 1107 -16.10 28.49 -10.97
N ASN A 1108 -16.67 28.26 -9.79
CA ASN A 1108 -16.02 27.39 -8.83
C ASN A 1108 -15.99 25.94 -9.31
N LEU A 1109 -17.03 25.51 -10.02
CA LEU A 1109 -17.01 24.18 -10.61
C LEU A 1109 -15.86 24.05 -11.61
N LEU A 1110 -15.66 25.09 -12.42
CA LEU A 1110 -14.54 25.09 -13.36
C LEU A 1110 -13.21 25.05 -12.61
N ILE A 1111 -13.11 25.79 -11.50
CA ILE A 1111 -11.89 25.75 -10.69
C ILE A 1111 -11.62 24.34 -10.21
N ALA A 1112 -12.66 23.65 -9.73
CA ALA A 1112 -12.50 22.28 -9.28
C ALA A 1112 -12.05 21.37 -10.42
N VAL A 1113 -12.64 21.55 -11.60
CA VAL A 1113 -12.25 20.74 -12.76
C VAL A 1113 -10.77 20.94 -13.07
N PHE A 1114 -10.33 22.19 -13.09
CA PHE A 1114 -8.92 22.47 -13.36
C PHE A 1114 -8.02 21.84 -12.31
N ASN A 1115 -8.40 21.95 -11.04
CA ASN A 1115 -7.59 21.36 -9.98
C ASN A 1115 -7.47 19.85 -10.16
N ASN A 1116 -8.57 19.19 -10.50
CA ASN A 1116 -8.53 17.75 -10.69
C ASN A 1116 -7.67 17.37 -11.89
N THR A 1117 -7.77 18.11 -12.99
CA THR A 1117 -7.10 17.72 -14.23
C THR A 1117 -5.64 18.13 -14.31
N PHE A 1118 -5.20 19.05 -13.43
CA PHE A 1118 -3.86 19.60 -13.54
C PHE A 1118 -2.79 18.52 -13.41
N PHE A 1119 -2.89 17.69 -12.37
CA PHE A 1119 -1.85 16.68 -12.13
C PHE A 1119 -1.80 15.68 -13.28
N GLU A 1120 -2.97 15.26 -13.76
CA GLU A 1120 -2.99 14.32 -14.88
C GLU A 1120 -2.34 14.92 -16.12
N VAL A 1121 -2.58 16.20 -16.39
CA VAL A 1121 -2.05 16.79 -17.61
C VAL A 1121 -0.56 17.10 -17.51
N LYS A 1122 -0.06 17.38 -16.30
CA LYS A 1122 1.29 17.93 -16.17
C LYS A 1122 2.35 16.98 -16.69
N SER A 1123 2.33 15.73 -16.22
CA SER A 1123 3.38 14.78 -16.59
C SER A 1123 3.33 14.47 -18.08
N ILE A 1124 2.13 14.29 -18.62
CA ILE A 1124 1.98 14.01 -20.04
C ILE A 1124 2.55 15.17 -20.86
N SER A 1125 2.25 16.40 -20.46
CA SER A 1125 2.78 17.56 -21.18
C SER A 1125 4.30 17.58 -21.14
N ASN A 1126 4.88 17.30 -19.97
CA ASN A 1126 6.33 17.31 -19.85
C ASN A 1126 6.97 16.27 -20.77
N GLN A 1127 6.43 15.05 -20.76
CA GLN A 1127 6.97 13.99 -21.60
C GLN A 1127 6.85 14.35 -23.08
N VAL A 1128 5.68 14.89 -23.48
CA VAL A 1128 5.47 15.23 -24.88
C VAL A 1128 6.44 16.33 -25.32
N TRP A 1129 6.68 17.32 -24.45
CA TRP A 1129 7.65 18.35 -24.80
C TRP A 1129 9.05 17.76 -24.94
N LYS A 1130 9.44 16.88 -24.01
CA LYS A 1130 10.74 16.23 -24.13
C LYS A 1130 10.86 15.47 -25.45
N PHE A 1131 9.76 14.90 -25.92
CA PHE A 1131 9.81 14.21 -27.21
C PHE A 1131 9.93 15.18 -28.38
N GLN A 1132 9.14 16.27 -28.36
CA GLN A 1132 9.18 17.24 -29.45
C GLN A 1132 10.52 17.98 -29.52
N ARG A 1133 11.29 17.97 -28.43
CA ARG A 1133 12.58 18.65 -28.41
C ARG A 1133 13.47 18.18 -29.56
N TYR A 1134 13.45 16.88 -29.87
CA TYR A 1134 14.31 16.36 -30.93
C TYR A 1134 13.96 16.97 -32.28
N GLN A 1135 12.68 17.00 -32.62
CA GLN A 1135 12.27 17.58 -33.90
C GLN A 1135 12.59 19.07 -33.93
N LEU A 1136 12.43 19.76 -32.80
CA LEU A 1136 12.80 21.17 -32.76
C LEU A 1136 14.27 21.35 -33.09
N ILE A 1137 15.14 20.55 -32.45
CA ILE A 1137 16.57 20.69 -32.65
C ILE A 1137 16.94 20.40 -34.09
N MET A 1138 16.36 19.34 -34.66
CA MET A 1138 16.70 19.01 -36.05
C MET A 1138 16.21 20.07 -37.01
N THR A 1139 15.01 20.62 -36.77
CA THR A 1139 14.50 21.66 -37.65
C THR A 1139 15.42 22.88 -37.64
N PHE A 1140 15.89 23.27 -36.46
CA PHE A 1140 16.82 24.40 -36.41
C PHE A 1140 18.20 24.02 -36.93
N HIS A 1141 18.54 22.74 -36.93
CA HIS A 1141 19.80 22.30 -37.50
C HIS A 1141 19.80 22.37 -39.02
N GLU A 1142 18.64 22.12 -39.64
CA GLU A 1142 18.57 22.10 -41.10
C GLU A 1142 18.40 23.49 -41.72
N ARG A 1143 17.93 24.47 -40.96
CA ARG A 1143 17.60 25.77 -41.54
C ARG A 1143 18.86 26.52 -41.97
N PRO A 1144 18.71 27.49 -42.88
CA PRO A 1144 19.84 28.33 -43.27
C PRO A 1144 20.29 29.23 -42.13
N VAL A 1145 21.48 29.79 -42.30
CA VAL A 1145 22.07 30.64 -41.25
C VAL A 1145 21.32 31.95 -41.13
N LEU A 1146 20.96 32.57 -42.25
CA LEU A 1146 20.40 33.91 -42.20
C LEU A 1146 18.92 33.89 -41.81
N PRO A 1147 18.40 34.98 -41.24
CA PRO A 1147 16.98 35.02 -40.89
C PRO A 1147 16.12 35.37 -42.10
N PRO A 1148 14.80 35.35 -41.96
CA PRO A 1148 13.90 35.46 -43.12
C PRO A 1148 14.13 36.73 -43.93
N PRO A 1149 14.38 37.87 -43.29
CA PRO A 1149 14.54 39.10 -44.08
C PRO A 1149 15.65 39.03 -45.10
N LEU A 1150 16.72 38.29 -44.82
CA LEU A 1150 17.93 38.31 -45.63
C LEU A 1150 18.19 36.99 -46.34
N ILE A 1151 17.31 35.99 -46.20
CA ILE A 1151 17.54 34.70 -46.83
C ILE A 1151 17.15 34.67 -48.30
N ILE A 1152 16.72 35.80 -48.86
CA ILE A 1152 16.49 35.85 -50.30
C ILE A 1152 17.79 35.53 -51.04
N PHE A 1153 18.91 36.07 -50.56
CA PHE A 1153 20.21 35.69 -51.11
C PHE A 1153 20.48 34.20 -50.90
N SER A 1154 20.06 33.67 -49.74
CA SER A 1154 20.21 32.24 -49.50
C SER A 1154 19.40 31.44 -50.50
N HIS A 1155 18.18 31.88 -50.81
CA HIS A 1155 17.37 31.20 -51.82
C HIS A 1155 18.04 31.26 -53.19
N MET A 1156 18.59 32.43 -53.54
CA MET A 1156 19.28 32.56 -54.82
C MET A 1156 20.47 31.62 -54.90
N THR A 1157 21.22 31.49 -53.81
CA THR A 1157 22.33 30.55 -53.78
C THR A 1157 21.83 29.11 -53.91
N MET A 1158 20.74 28.78 -53.22
CA MET A 1158 20.22 27.41 -53.24
C MET A 1158 19.76 27.01 -54.64
N ILE A 1159 19.05 27.91 -55.32
CA ILE A 1159 18.57 27.58 -56.67
C ILE A 1159 19.75 27.42 -57.62
N PHE A 1160 20.80 28.22 -57.43
CA PHE A 1160 21.99 28.13 -58.26
C PHE A 1160 22.69 26.79 -58.07
N THR A 1186 35.84 2.36 -36.58
CA THR A 1186 36.65 1.27 -37.11
C THR A 1186 35.98 -0.07 -36.86
N ASP A 1187 36.45 -1.10 -37.57
CA ASP A 1187 35.91 -2.44 -37.37
C ASP A 1187 36.15 -2.93 -35.95
N ASP A 1188 37.33 -2.64 -35.40
CA ASP A 1188 37.62 -3.04 -34.02
C ASP A 1188 36.67 -2.37 -33.04
N GLU A 1189 36.37 -1.09 -33.26
CA GLU A 1189 35.42 -0.39 -32.38
C GLU A 1189 34.03 -1.03 -32.47
N LEU A 1190 33.59 -1.37 -33.68
CA LEU A 1190 32.29 -2.01 -33.83
C LEU A 1190 32.27 -3.37 -33.13
N LYS A 1191 33.35 -4.15 -33.25
CA LYS A 1191 33.42 -5.42 -32.57
C LYS A 1191 33.38 -5.25 -31.06
N LYS A 1192 34.08 -4.23 -30.55
CA LYS A 1192 34.04 -3.96 -29.11
C LYS A 1192 32.64 -3.58 -28.65
N VAL A 1193 31.95 -2.76 -29.44
CA VAL A 1193 30.59 -2.37 -29.10
C VAL A 1193 29.68 -3.59 -29.08
N HIS A 1194 29.81 -4.47 -30.08
CA HIS A 1194 29.00 -5.66 -30.13
C HIS A 1194 29.27 -6.57 -28.94
N ASP A 1195 30.54 -6.72 -28.56
CA ASP A 1195 30.88 -7.53 -27.39
C ASP A 1195 30.28 -6.92 -26.13
N PHE A 1196 30.35 -5.59 -26.00
CA PHE A 1196 29.76 -4.92 -24.86
C PHE A 1196 28.26 -5.17 -24.80
N GLU A 1197 27.58 -5.08 -25.95
CA GLU A 1197 26.14 -5.31 -25.98
C GLU A 1197 25.81 -6.74 -25.61
N GLU A 1198 26.57 -7.72 -26.12
CA GLU A 1198 26.31 -9.11 -25.78
C GLU A 1198 26.53 -9.36 -24.29
N GLN A 1199 27.59 -8.80 -23.73
CA GLN A 1199 27.83 -8.93 -22.29
C GLN A 1199 26.69 -8.31 -21.50
N CYS A 1200 26.21 -7.14 -21.92
CA CYS A 1200 25.10 -6.51 -21.22
C CYS A 1200 23.84 -7.37 -21.29
N ILE A 1201 23.56 -7.95 -22.46
CA ILE A 1201 22.39 -8.81 -22.60
C ILE A 1201 22.50 -10.01 -21.66
N GLU A 1202 23.66 -10.66 -21.65
CA GLU A 1202 23.85 -11.83 -20.80
C GLU A 1202 23.70 -11.45 -19.33
N GLU A 1203 24.30 -10.35 -18.91
CA GLU A 1203 24.22 -9.93 -17.52
C GLU A 1203 22.78 -9.60 -17.14
N TYR A 1204 22.05 -8.91 -18.02
CA TYR A 1204 20.67 -8.56 -17.72
C TYR A 1204 19.80 -9.80 -17.60
N PHE A 1205 19.96 -10.77 -18.50
CA PHE A 1205 19.16 -11.98 -18.43
C PHE A 1205 19.50 -12.78 -17.17
N ARG A 1206 20.78 -12.87 -16.83
CA ARG A 1206 21.18 -13.59 -15.61
C ARG A 1206 20.60 -12.90 -14.37
N GLU A 1207 20.65 -11.58 -14.33
CA GLU A 1207 20.09 -10.84 -13.19
C GLU A 1207 18.59 -11.06 -13.10
N LYS A 1208 17.89 -11.05 -14.24
CA LYS A 1208 16.45 -11.28 -14.21
C LYS A 1208 16.13 -12.68 -13.70
N ASP A 1209 16.88 -13.69 -14.15
CA ASP A 1209 16.66 -15.04 -13.67
C ASP A 1209 16.94 -15.15 -12.18
N ASP A 1210 18.02 -14.54 -11.70
CA ASP A 1210 18.34 -14.58 -10.29
C ASP A 1210 17.26 -13.89 -9.46
N ARG A 1211 16.78 -12.74 -9.93
CA ARG A 1211 15.71 -12.04 -9.22
C ARG A 1211 14.45 -12.87 -9.16
N PHE A 1212 14.09 -13.52 -10.27
CA PHE A 1212 12.90 -14.38 -10.26
C PHE A 1212 13.08 -15.54 -9.29
N ASN A 1213 14.26 -16.16 -9.27
CA ASN A 1213 14.49 -17.27 -8.36
C ASN A 1213 14.48 -16.82 -6.91
N SER A 1214 14.94 -15.60 -6.63
CA SER A 1214 14.96 -15.08 -5.27
C SER A 1214 13.57 -14.74 -4.74
N SER A 1215 12.56 -14.71 -5.61
CA SER A 1215 11.21 -14.41 -5.17
C SER A 1215 10.76 -15.43 -4.12
N ASN A 1216 10.09 -14.93 -3.08
CA ASN A 1216 9.63 -15.81 -2.02
C ASN A 1216 8.67 -16.87 -2.54
N ASP A 1217 7.92 -16.54 -3.59
CA ASP A 1217 6.98 -17.52 -4.16
C ASP A 1217 7.71 -18.75 -4.66
N GLU A 1218 8.84 -18.55 -5.35
CA GLU A 1218 9.62 -19.68 -5.85
C GLU A 1218 10.13 -20.55 -4.71
N ARG A 1219 10.65 -19.91 -3.65
CA ARG A 1219 11.15 -20.67 -2.51
C ARG A 1219 10.04 -21.44 -1.82
N ILE A 1220 8.88 -20.79 -1.63
CA ILE A 1220 7.76 -21.46 -0.97
C ILE A 1220 7.31 -22.67 -1.78
N ARG A 1221 7.18 -22.50 -3.10
CA ARG A 1221 6.73 -23.59 -3.94
C ARG A 1221 7.71 -24.76 -3.89
N VAL A 1222 9.00 -24.48 -3.98
CA VAL A 1222 10.00 -25.55 -3.93
C VAL A 1222 9.97 -26.25 -2.58
N THR A 1223 9.89 -25.48 -1.50
CA THR A 1223 9.89 -26.07 -0.17
C THR A 1223 8.69 -27.00 0.02
N SER A 1224 7.51 -26.56 -0.42
CA SER A 1224 6.32 -27.39 -0.28
C SER A 1224 6.45 -28.68 -1.08
N GLU A 1225 6.96 -28.58 -2.31
CA GLU A 1225 7.08 -29.77 -3.16
C GLU A 1225 8.03 -30.79 -2.55
N ARG A 1226 9.20 -30.34 -2.10
CA ARG A 1226 10.16 -31.27 -1.52
C ARG A 1226 9.63 -31.87 -0.23
N VAL A 1227 9.00 -31.05 0.61
CA VAL A 1227 8.47 -31.55 1.88
C VAL A 1227 7.43 -32.62 1.63
N GLU A 1228 6.52 -32.39 0.68
CA GLU A 1228 5.49 -33.37 0.39
C GLU A 1228 6.10 -34.69 -0.10
N ASN A 1229 7.07 -34.59 -1.02
CA ASN A 1229 7.73 -35.79 -1.52
C ASN A 1229 8.53 -36.48 -0.42
N MET A 1230 9.25 -35.69 0.38
CA MET A 1230 10.06 -36.26 1.46
C MET A 1230 9.18 -36.94 2.50
N SER A 1231 8.06 -36.30 2.87
CA SER A 1231 7.17 -36.88 3.87
C SER A 1231 6.63 -38.23 3.41
N MET A 1232 6.21 -38.31 2.15
CA MET A 1232 5.70 -39.58 1.62
C MET A 1232 6.79 -40.64 1.63
N ARG A 1233 8.01 -40.28 1.20
CA ARG A 1233 9.11 -41.23 1.21
C ARG A 1233 9.44 -41.69 2.62
N LEU A 1234 9.45 -40.75 3.58
CA LEU A 1234 9.74 -41.13 4.96
C LEU A 1234 8.68 -42.07 5.52
N GLU A 1235 7.40 -41.81 5.21
CA GLU A 1235 6.34 -42.66 5.71
C GLU A 1235 6.49 -44.09 5.19
N GLU A 1236 6.84 -44.23 3.90
CA GLU A 1236 7.03 -45.57 3.35
C GLU A 1236 8.18 -46.29 4.03
N VAL A 1237 9.28 -45.59 4.29
CA VAL A 1237 10.42 -46.21 4.97
C VAL A 1237 10.03 -46.66 6.37
N ASN A 1238 9.29 -45.81 7.10
CA ASN A 1238 8.87 -46.17 8.44
C ASN A 1238 7.98 -47.41 8.44
N GLU A 1239 7.02 -47.46 7.52
CA GLU A 1239 6.16 -48.63 7.42
C GLU A 1239 6.95 -49.87 7.02
N ARG A 1240 7.88 -49.72 6.07
CA ARG A 1240 8.69 -50.85 5.65
C ARG A 1240 9.65 -51.29 6.74
N GLU A 1241 10.05 -50.38 7.62
CA GLU A 1241 10.95 -50.72 8.71
C GLU A 1241 10.36 -51.75 9.67
N HIS A 1242 9.03 -51.91 9.68
CA HIS A 1242 8.41 -52.89 10.57
C HIS A 1242 8.86 -54.30 10.24
N SER A 1243 8.96 -54.62 8.94
CA SER A 1243 9.40 -55.95 8.55
C SER A 1243 10.80 -56.24 9.06
N MET A 1244 11.70 -55.26 9.00
CA MET A 1244 13.04 -55.45 9.52
C MET A 1244 13.02 -55.74 11.01
N LYS A 1245 12.17 -55.06 11.75
CA LYS A 1245 12.05 -55.28 13.19
C LYS A 1245 11.66 -56.73 13.47
N THR B 138 58.15 -21.91 -38.27
CA THR B 138 57.03 -20.99 -38.11
C THR B 138 55.71 -21.74 -38.31
N ASP B 139 54.78 -21.14 -39.04
CA ASP B 139 53.50 -21.77 -39.37
C ASP B 139 52.53 -21.64 -38.21
N ALA B 140 51.24 -21.82 -38.49
CA ALA B 140 50.20 -21.73 -37.47
C ALA B 140 50.22 -20.32 -36.90
N PHE B 141 50.18 -20.12 -35.58
CA PHE B 141 50.17 -18.79 -34.98
C PHE B 141 48.89 -18.04 -35.36
N GLY B 142 47.76 -18.67 -35.13
CA GLY B 142 46.48 -18.07 -35.45
C GLY B 142 45.43 -18.44 -34.41
N THR B 143 44.43 -17.56 -34.28
CA THR B 143 43.36 -17.73 -33.32
C THR B 143 42.08 -18.12 -34.05
N ILE B 144 41.40 -19.16 -33.57
CA ILE B 144 40.18 -19.67 -34.18
C ILE B 144 39.09 -19.69 -33.12
N GLU B 145 37.91 -19.17 -33.48
CA GLU B 145 36.76 -19.14 -32.57
C GLU B 145 35.82 -20.29 -32.95
N PHE B 146 35.50 -21.14 -31.98
CA PHE B 146 34.65 -22.31 -32.21
C PHE B 146 33.19 -21.86 -32.14
N GLN B 147 32.73 -21.26 -33.23
CA GLN B 147 31.35 -20.81 -33.32
C GLN B 147 30.43 -21.93 -33.78
N SER B 152 30.46 -18.70 -28.90
CA SER B 152 31.58 -18.69 -29.84
C SER B 152 32.85 -19.20 -29.17
N ASN B 153 33.11 -18.72 -27.96
CA ASN B 153 34.29 -19.12 -27.19
C ASN B 153 35.57 -18.81 -27.98
N LYS B 154 35.78 -17.53 -28.24
CA LYS B 154 36.98 -17.09 -28.93
C LYS B 154 38.22 -17.45 -28.14
N ALA B 155 39.26 -17.92 -28.83
CA ALA B 155 40.48 -18.36 -28.19
C ALA B 155 41.65 -18.19 -29.14
N MET B 156 42.85 -18.18 -28.55
CA MET B 156 44.08 -18.12 -29.32
C MET B 156 44.72 -19.50 -29.42
N TYR B 157 45.41 -19.74 -30.53
CA TYR B 157 46.02 -21.04 -30.78
C TYR B 157 47.42 -20.84 -31.36
N VAL B 158 48.36 -21.62 -30.86
CA VAL B 158 49.74 -21.60 -31.35
C VAL B 158 50.20 -23.05 -31.48
N ARG B 159 50.76 -23.39 -32.65
CA ARG B 159 51.24 -24.75 -32.91
C ARG B 159 52.75 -24.77 -32.66
N VAL B 160 53.11 -24.81 -31.39
CA VAL B 160 54.52 -24.86 -31.02
C VAL B 160 55.08 -26.25 -31.32
N SER B 161 56.41 -26.31 -31.39
CA SER B 161 57.09 -27.58 -31.65
C SER B 161 57.27 -28.36 -30.35
N PHE B 162 57.82 -29.57 -30.48
CA PHE B 162 58.06 -30.39 -29.31
C PHE B 162 59.01 -29.71 -28.34
N ASP B 163 60.08 -29.12 -28.86
CA ASP B 163 61.00 -28.33 -28.03
C ASP B 163 60.45 -26.92 -27.87
N THR B 164 60.40 -26.45 -26.62
CA THR B 164 59.83 -25.15 -26.31
C THR B 164 60.77 -24.40 -25.37
N LYS B 165 60.71 -23.07 -25.45
CA LYS B 165 61.50 -22.19 -24.61
C LYS B 165 60.59 -21.58 -23.55
N PRO B 166 60.85 -21.74 -22.26
CA PRO B 166 59.95 -21.15 -21.26
C PRO B 166 59.77 -19.65 -21.42
N ASP B 167 60.82 -18.94 -21.81
CA ASP B 167 60.71 -17.49 -21.98
C ASP B 167 59.72 -17.14 -23.09
N LEU B 168 59.77 -17.88 -24.21
CA LEU B 168 58.87 -17.59 -25.31
C LEU B 168 57.42 -17.77 -24.91
N LEU B 169 57.10 -18.90 -24.27
CA LEU B 169 55.72 -19.14 -23.85
C LEU B 169 55.28 -18.14 -22.80
N LEU B 170 56.16 -17.81 -21.85
CA LEU B 170 55.80 -16.83 -20.82
C LEU B 170 55.50 -15.47 -21.44
N HIS B 171 56.34 -15.03 -22.39
CA HIS B 171 56.10 -13.76 -23.05
C HIS B 171 54.80 -13.79 -23.86
N LEU B 172 54.56 -14.89 -24.56
CA LEU B 172 53.34 -15.00 -25.38
C LEU B 172 52.10 -14.93 -24.51
N MET B 173 52.10 -15.65 -23.39
CA MET B 173 50.92 -15.67 -22.53
C MET B 173 50.74 -14.34 -21.81
N THR B 174 51.81 -13.81 -21.23
CA THR B 174 51.70 -12.60 -20.42
C THR B 174 51.50 -11.36 -21.28
N LYS B 175 52.21 -11.29 -22.41
CA LYS B 175 52.22 -10.09 -23.24
C LYS B 175 51.46 -10.27 -24.55
N GLU B 176 51.81 -11.27 -25.35
CA GLU B 176 51.13 -11.45 -26.63
C GLU B 176 49.64 -11.73 -26.44
N TRP B 177 49.31 -12.58 -25.47
CA TRP B 177 47.91 -12.90 -25.19
C TRP B 177 47.28 -11.95 -24.19
N GLN B 178 48.05 -11.04 -23.60
CA GLN B 178 47.54 -10.09 -22.62
C GLN B 178 46.86 -10.82 -21.46
N LEU B 179 47.44 -11.95 -21.06
CA LEU B 179 46.91 -12.75 -19.97
C LEU B 179 47.62 -12.42 -18.67
N PRO B 182 48.99 -15.73 -12.85
CA PRO B 182 48.14 -16.08 -11.71
C PRO B 182 48.93 -16.42 -10.45
N LYS B 183 48.32 -16.21 -9.28
CA LYS B 183 48.97 -16.51 -8.01
C LYS B 183 49.12 -18.01 -7.79
N LEU B 184 48.19 -18.80 -8.33
CA LEU B 184 48.20 -20.25 -8.21
C LEU B 184 48.15 -20.87 -9.59
N LEU B 185 48.71 -22.07 -9.70
CA LEU B 185 48.75 -22.81 -10.97
C LEU B 185 48.21 -24.21 -10.75
N ILE B 186 47.39 -24.68 -11.69
CA ILE B 186 46.77 -26.00 -11.62
C ILE B 186 46.89 -26.67 -12.99
N SER B 187 47.24 -27.96 -12.97
CA SER B 187 47.34 -28.76 -14.19
C SER B 187 46.69 -30.11 -13.93
N VAL B 188 45.95 -30.60 -14.92
CA VAL B 188 45.19 -31.84 -14.80
C VAL B 188 45.71 -32.84 -15.82
N HIS B 189 46.00 -34.06 -15.36
CA HIS B 189 46.38 -35.17 -16.23
C HIS B 189 45.23 -36.16 -16.26
N GLY B 190 44.79 -36.51 -17.47
CA GLY B 190 43.70 -37.45 -17.64
C GLY B 190 43.85 -38.30 -18.89
N GLN B 203 29.33 -33.80 -10.60
CA GLN B 203 28.83 -32.56 -10.00
C GLN B 203 29.87 -31.96 -9.07
N VAL B 204 30.38 -32.77 -8.15
CA VAL B 204 31.39 -32.31 -7.21
C VAL B 204 32.66 -31.92 -7.96
N PHE B 205 33.06 -32.74 -8.94
CA PHE B 205 34.28 -32.44 -9.70
C PHE B 205 34.16 -31.08 -10.39
N GLY B 206 33.05 -30.84 -11.08
CA GLY B 206 32.87 -29.56 -11.73
C GLY B 206 32.76 -28.40 -10.75
N LYS B 207 31.98 -28.59 -9.68
CA LYS B 207 31.76 -27.52 -8.72
C LYS B 207 33.07 -27.14 -8.02
N GLY B 208 33.85 -28.14 -7.63
CA GLY B 208 35.09 -27.84 -6.92
C GLY B 208 36.09 -27.08 -7.77
N LEU B 209 36.30 -27.53 -9.01
CA LEU B 209 37.25 -26.86 -9.89
C LEU B 209 36.78 -25.45 -10.22
N ILE B 210 35.49 -25.28 -10.51
CA ILE B 210 34.97 -23.97 -10.89
C ILE B 210 35.17 -22.99 -9.74
N LYS B 211 34.82 -23.40 -8.52
CA LYS B 211 34.98 -22.53 -7.37
C LYS B 211 36.45 -22.21 -7.12
N ALA B 212 37.31 -23.24 -7.19
CA ALA B 212 38.73 -23.02 -6.94
C ALA B 212 39.34 -22.09 -7.98
N ALA B 213 39.03 -22.32 -9.26
CA ALA B 213 39.60 -21.49 -10.31
C ALA B 213 39.10 -20.06 -10.21
N MET B 214 37.80 -19.88 -9.95
CA MET B 214 37.24 -18.52 -9.88
C MET B 214 37.84 -17.76 -8.71
N THR B 215 37.92 -18.39 -7.53
CA THR B 215 38.46 -17.71 -6.36
C THR B 215 39.96 -17.46 -6.52
N THR B 216 40.70 -18.49 -6.93
CA THR B 216 42.15 -18.33 -7.09
C THR B 216 42.50 -17.57 -8.36
N GLY B 217 41.65 -17.61 -9.38
CA GLY B 217 41.98 -17.00 -10.65
C GLY B 217 43.22 -17.61 -11.25
N ALA B 218 43.28 -18.94 -11.23
CA ALA B 218 44.47 -19.69 -11.64
C ALA B 218 44.24 -20.33 -13.01
N TRP B 219 45.29 -20.33 -13.83
CA TRP B 219 45.23 -20.99 -15.12
C TRP B 219 45.15 -22.50 -14.93
N ILE B 220 44.37 -23.16 -15.77
CA ILE B 220 44.16 -24.60 -15.72
C ILE B 220 44.79 -25.23 -16.96
N PHE B 221 45.68 -26.19 -16.74
CA PHE B 221 46.30 -26.93 -17.84
C PHE B 221 45.58 -28.26 -17.99
N THR B 222 44.97 -28.47 -19.15
CA THR B 222 44.22 -29.68 -19.45
C THR B 222 44.46 -30.07 -20.90
N GLY B 223 44.23 -31.34 -21.21
CA GLY B 223 44.40 -31.82 -22.56
C GLY B 223 43.55 -31.04 -23.56
N GLY B 224 44.18 -30.59 -24.64
CA GLY B 224 43.44 -29.87 -25.66
C GLY B 224 42.44 -30.74 -26.40
N VAL B 225 42.76 -32.02 -26.59
CA VAL B 225 41.87 -32.93 -27.31
C VAL B 225 40.59 -33.10 -26.52
N ASN B 226 39.46 -32.95 -27.19
CA ASN B 226 38.15 -33.09 -26.56
C ASN B 226 37.97 -34.50 -26.01
N VAL B 229 38.82 -37.52 -20.44
CA VAL B 229 38.49 -36.75 -19.23
C VAL B 229 38.39 -35.27 -19.58
N ILE B 230 38.95 -34.88 -20.73
CA ILE B 230 38.91 -33.48 -21.13
C ILE B 230 37.47 -33.03 -21.34
N ARG B 231 36.66 -33.87 -21.99
CA ARG B 231 35.28 -33.53 -22.24
C ARG B 231 34.53 -33.25 -20.94
N HIS B 232 34.80 -34.04 -19.91
CA HIS B 232 34.14 -33.81 -18.62
C HIS B 232 34.46 -32.43 -18.08
N VAL B 233 35.74 -32.02 -18.15
CA VAL B 233 36.13 -30.69 -17.68
C VAL B 233 35.43 -29.61 -18.51
N GLY B 234 35.42 -29.78 -19.83
CA GLY B 234 34.77 -28.79 -20.68
C GLY B 234 33.30 -28.61 -20.33
N ASP B 235 32.61 -29.72 -20.06
CA ASP B 235 31.22 -29.64 -19.66
C ASP B 235 31.06 -28.86 -18.36
N ALA B 236 31.96 -29.10 -17.40
CA ALA B 236 31.91 -28.38 -16.14
C ALA B 236 32.11 -26.88 -16.36
N LEU B 237 33.04 -26.51 -17.25
CA LEU B 237 33.28 -25.10 -17.53
C LEU B 237 32.03 -24.45 -18.11
N LYS B 238 31.34 -25.15 -19.01
CA LYS B 238 30.11 -24.61 -19.60
C LYS B 238 29.08 -24.31 -18.51
N ASP B 239 29.06 -25.10 -17.45
CA ASP B 239 28.12 -24.90 -16.36
C ASP B 239 28.59 -23.75 -15.46
N LYS B 247 35.19 -16.02 -16.38
CA LYS B 247 36.14 -15.98 -17.48
C LYS B 247 37.47 -16.63 -17.07
N ILE B 248 37.39 -17.90 -16.67
CA ILE B 248 38.60 -18.61 -16.27
C ILE B 248 39.49 -18.82 -17.48
N CYS B 249 40.77 -18.47 -17.35
CA CYS B 249 41.72 -18.54 -18.45
C CYS B 249 42.41 -19.90 -18.44
N THR B 250 41.63 -20.92 -18.79
CA THR B 250 42.18 -22.27 -18.90
C THR B 250 43.09 -22.37 -20.13
N ILE B 251 44.11 -23.22 -20.03
CA ILE B 251 45.06 -23.45 -21.11
C ILE B 251 44.95 -24.90 -21.55
N GLY B 252 44.81 -25.11 -22.85
CA GLY B 252 44.69 -26.44 -23.43
C GLY B 252 45.97 -26.81 -24.18
N ILE B 253 46.49 -28.00 -23.87
CA ILE B 253 47.71 -28.51 -24.48
C ILE B 253 47.38 -29.83 -25.15
N ALA B 254 47.75 -29.97 -26.42
CA ALA B 254 47.50 -31.19 -27.18
C ALA B 254 48.53 -31.36 -28.27
N LEU B 287 41.34 -29.86 -29.22
CA LEU B 287 40.84 -28.58 -29.68
C LEU B 287 39.48 -28.28 -29.07
N ASN B 288 39.39 -28.36 -27.75
CA ASN B 288 38.13 -28.11 -27.07
C ASN B 288 37.73 -26.65 -27.20
N SER B 289 36.44 -26.41 -27.42
CA SER B 289 35.96 -25.04 -27.58
C SER B 289 36.13 -24.23 -26.29
N MET B 290 35.89 -24.86 -25.14
CA MET B 290 35.92 -24.14 -23.88
C MET B 290 37.30 -23.56 -23.60
N HIS B 291 38.35 -24.33 -23.83
CA HIS B 291 39.69 -23.89 -23.47
C HIS B 291 40.12 -22.70 -24.31
N SER B 292 40.98 -21.87 -23.73
CA SER B 292 41.49 -20.67 -24.37
C SER B 292 43.01 -20.68 -24.34
N HIS B 293 43.61 -19.89 -25.25
CA HIS B 293 45.06 -19.80 -25.35
C HIS B 293 45.68 -21.17 -25.65
N PHE B 294 45.21 -21.79 -26.73
CA PHE B 294 45.66 -23.13 -27.08
C PHE B 294 47.15 -23.14 -27.42
N ILE B 295 47.84 -24.17 -26.95
CA ILE B 295 49.23 -24.43 -27.30
C ILE B 295 49.34 -25.87 -27.78
N LEU B 296 49.98 -26.06 -28.92
CA LEU B 296 50.08 -27.36 -29.55
C LEU B 296 51.54 -27.80 -29.60
N ALA B 297 51.74 -29.08 -29.86
CA ALA B 297 53.07 -29.67 -29.97
C ALA B 297 53.20 -30.36 -31.32
N ASP B 298 54.35 -30.17 -31.96
CA ASP B 298 54.63 -30.75 -33.27
C ASP B 298 55.30 -32.10 -33.07
N ASN B 299 54.61 -33.18 -33.44
CA ASN B 299 55.16 -34.52 -33.31
C ASN B 299 55.01 -35.31 -34.61
N GLU B 308 57.22 -31.95 -26.29
CA GLU B 308 55.84 -31.71 -25.86
C GLU B 308 55.73 -31.75 -24.35
N VAL B 309 55.70 -32.96 -23.78
CA VAL B 309 55.57 -33.11 -22.33
C VAL B 309 56.78 -32.49 -21.63
N LYS B 310 57.98 -32.77 -22.14
CA LYS B 310 59.19 -32.23 -21.53
C LYS B 310 59.22 -30.71 -21.59
N LEU B 311 58.89 -30.16 -22.76
CA LEU B 311 58.85 -28.71 -22.90
C LEU B 311 57.78 -28.10 -22.01
N ARG B 312 56.63 -28.73 -21.93
CA ARG B 312 55.56 -28.24 -21.05
C ARG B 312 56.01 -28.22 -19.61
N ARG B 313 56.66 -29.29 -19.15
CA ARG B 313 57.12 -29.35 -17.77
C ARG B 313 58.20 -28.31 -17.51
N GLN B 314 59.10 -28.11 -18.47
CA GLN B 314 60.13 -27.08 -18.31
C GLN B 314 59.51 -25.70 -18.20
N LEU B 315 58.51 -25.41 -19.04
CA LEU B 315 57.83 -24.13 -18.97
C LEU B 315 57.12 -23.95 -17.64
N GLU B 316 56.45 -25.01 -17.16
CA GLU B 316 55.77 -24.91 -15.88
C GLU B 316 56.76 -24.68 -14.74
N LYS B 317 57.91 -25.36 -14.77
CA LYS B 317 58.92 -25.15 -13.75
C LYS B 317 59.46 -23.72 -13.78
N HIS B 318 59.70 -23.20 -14.99
CA HIS B 318 60.19 -21.83 -15.11
C HIS B 318 59.16 -20.84 -14.58
N ILE B 319 57.87 -21.06 -14.90
CA ILE B 319 56.82 -20.17 -14.40
C ILE B 319 56.76 -20.23 -12.88
N SER B 320 56.82 -21.44 -12.32
CA SER B 320 56.77 -21.57 -10.86
C SER B 320 57.96 -20.89 -10.20
N LEU B 321 59.13 -20.95 -10.85
CA LEU B 321 60.31 -20.29 -10.29
C LEU B 321 60.07 -18.80 -10.07
N GLN B 322 59.31 -18.15 -10.96
CA GLN B 322 59.00 -16.75 -10.79
C GLN B 322 58.12 -16.53 -9.57
N LYS B 323 58.37 -15.43 -8.86
CA LYS B 323 57.60 -15.12 -7.66
C LYS B 323 56.14 -14.82 -8.01
N VAL B 332 54.39 -18.96 -6.89
CA VAL B 332 53.23 -19.52 -7.58
C VAL B 332 53.16 -21.03 -7.34
N PRO B 333 52.52 -21.46 -6.25
CA PRO B 333 52.41 -22.90 -5.99
C PRO B 333 51.67 -23.61 -7.12
N VAL B 334 52.13 -24.81 -7.44
CA VAL B 334 51.57 -25.62 -8.52
C VAL B 334 51.07 -26.92 -7.91
N VAL B 335 49.79 -27.22 -8.14
CA VAL B 335 49.16 -28.46 -7.68
C VAL B 335 48.50 -29.12 -8.87
N ALA B 336 48.69 -30.43 -9.02
CA ALA B 336 48.14 -31.20 -10.12
C ALA B 336 47.15 -32.21 -9.57
N LEU B 337 45.92 -32.17 -10.08
CA LEU B 337 44.89 -33.15 -9.74
C LEU B 337 44.75 -34.14 -10.87
N ILE B 338 44.56 -35.41 -10.53
CA ILE B 338 44.54 -36.50 -11.50
C ILE B 338 43.30 -37.34 -11.25
N VAL B 339 42.57 -37.64 -12.33
CA VAL B 339 41.36 -38.46 -12.24
C VAL B 339 41.62 -39.82 -12.89
N PRO B 343 48.19 -46.72 -16.83
CA PRO B 343 49.55 -47.13 -16.46
C PRO B 343 50.52 -45.95 -16.38
N ASN B 344 50.56 -45.14 -17.44
CA ASN B 344 51.44 -43.97 -17.44
C ASN B 344 51.01 -42.93 -16.41
N VAL B 345 49.77 -43.01 -15.92
CA VAL B 345 49.30 -42.05 -14.92
C VAL B 345 50.15 -42.15 -13.67
N ILE B 346 50.40 -43.37 -13.19
CA ILE B 346 51.23 -43.54 -12.01
C ILE B 346 52.67 -43.11 -12.30
N SER B 347 53.14 -43.35 -13.51
CA SER B 347 54.49 -42.92 -13.87
C SER B 347 54.63 -41.42 -13.75
N ILE B 348 53.69 -40.66 -14.32
CA ILE B 348 53.76 -39.20 -14.23
C ILE B 348 53.55 -38.74 -12.79
N VAL B 349 52.69 -39.44 -12.05
CA VAL B 349 52.48 -39.10 -10.65
C VAL B 349 53.80 -39.17 -9.89
N LEU B 350 54.51 -40.29 -10.03
CA LEU B 350 55.77 -40.46 -9.31
C LEU B 350 56.82 -39.49 -9.82
N GLU B 351 56.86 -39.24 -11.12
CA GLU B 351 57.81 -38.28 -11.66
C GLU B 351 57.61 -36.91 -11.03
N TYR B 352 56.36 -36.45 -10.99
CA TYR B 352 56.07 -35.13 -10.40
C TYR B 352 56.39 -35.13 -8.91
N LEU B 353 56.03 -36.20 -8.19
CA LEU B 353 56.24 -36.22 -6.75
C LEU B 353 57.73 -36.21 -6.40
N ARG B 354 58.54 -36.99 -7.13
CA ARG B 354 59.95 -37.11 -6.80
C ARG B 354 60.77 -35.97 -7.39
N ASP B 355 60.76 -35.83 -8.72
CA ASP B 355 61.61 -34.84 -9.37
C ASP B 355 61.25 -33.43 -8.91
N THR B 356 59.95 -33.11 -8.85
CA THR B 356 59.50 -31.81 -8.41
C THR B 356 59.20 -31.85 -6.92
N PRO B 357 59.91 -31.09 -6.08
CA PRO B 357 59.62 -31.10 -4.64
C PRO B 357 58.17 -30.74 -4.38
N PRO B 358 57.62 -29.70 -5.04
CA PRO B 358 56.20 -29.40 -4.85
C PRO B 358 55.30 -30.19 -5.78
N VAL B 359 54.43 -31.02 -5.22
CA VAL B 359 53.48 -31.80 -6.00
C VAL B 359 52.38 -32.32 -5.10
N PRO B 360 51.53 -31.45 -4.53
CA PRO B 360 50.43 -31.95 -3.69
C PRO B 360 49.35 -32.66 -4.50
N VAL B 361 49.72 -33.74 -5.19
CA VAL B 361 48.78 -34.45 -6.02
C VAL B 361 47.70 -35.09 -5.16
N VAL B 362 46.45 -35.00 -5.60
CA VAL B 362 45.32 -35.57 -4.89
C VAL B 362 44.61 -36.56 -5.79
N VAL B 363 44.40 -37.78 -5.29
CA VAL B 363 43.67 -38.78 -6.07
C VAL B 363 42.19 -38.46 -6.06
N CYS B 364 41.49 -38.98 -7.07
CA CYS B 364 40.06 -38.77 -7.24
C CYS B 364 39.32 -40.10 -7.17
N ASP B 365 38.01 -40.01 -6.92
CA ASP B 365 37.20 -41.21 -6.78
C ASP B 365 37.14 -42.00 -8.09
N GLY B 366 37.45 -41.37 -9.22
CA GLY B 366 37.41 -42.04 -10.49
C GLY B 366 38.25 -43.29 -10.54
N SER B 367 37.69 -44.38 -11.06
CA SER B 367 38.39 -45.65 -11.12
C SER B 367 39.45 -45.63 -12.22
N GLY B 368 40.38 -46.60 -12.13
CA GLY B 368 41.47 -46.72 -13.09
C GLY B 368 42.82 -46.61 -12.39
N ARG B 369 43.73 -45.87 -13.01
CA ARG B 369 45.05 -45.65 -12.41
C ARG B 369 44.92 -44.90 -11.10
N ALA B 370 44.03 -43.90 -11.04
CA ALA B 370 43.84 -43.16 -9.81
C ALA B 370 43.35 -44.06 -8.68
N SER B 371 42.41 -44.96 -8.98
CA SER B 371 41.90 -45.86 -7.95
C SER B 371 43.00 -46.77 -7.42
N ASP B 372 43.82 -47.33 -8.32
CA ASP B 372 44.91 -48.19 -7.89
C ASP B 372 45.92 -47.42 -7.05
N ILE B 373 46.25 -46.20 -7.47
CA ILE B 373 47.21 -45.39 -6.72
C ILE B 373 46.66 -45.09 -5.32
N LEU B 374 45.39 -44.72 -5.24
CA LEU B 374 44.79 -44.42 -3.94
C LEU B 374 44.76 -45.66 -3.05
N ALA B 375 44.41 -46.81 -3.62
CA ALA B 375 44.39 -48.04 -2.83
C ALA B 375 45.78 -48.39 -2.32
N PHE B 376 46.80 -48.25 -3.17
CA PHE B 376 48.17 -48.53 -2.73
C PHE B 376 48.60 -47.57 -1.64
N GLY B 377 48.30 -46.28 -1.80
CA GLY B 377 48.71 -45.30 -0.80
C GLY B 377 48.02 -45.49 0.54
N HIS B 378 46.73 -45.84 0.50
CA HIS B 378 45.98 -45.99 1.75
C HIS B 378 46.56 -47.12 2.61
N LYS B 379 46.90 -48.23 1.98
CA LYS B 379 47.46 -49.37 2.70
C LYS B 379 48.98 -49.27 2.79
N SER B 390 50.95 -60.44 0.24
CA SER B 390 49.54 -60.42 0.57
C SER B 390 48.83 -59.27 -0.15
N LEU B 391 48.85 -58.09 0.47
CA LEU B 391 48.22 -56.93 -0.15
C LEU B 391 48.91 -56.56 -1.46
N ARG B 392 50.25 -56.61 -1.48
CA ARG B 392 50.98 -56.32 -2.71
C ARG B 392 50.64 -57.33 -3.80
N ASP B 393 50.54 -58.61 -3.44
CA ASP B 393 50.18 -59.63 -4.42
C ASP B 393 48.78 -59.39 -4.96
N GLN B 394 47.84 -59.02 -4.08
CA GLN B 394 46.48 -58.74 -4.52
C GLN B 394 46.45 -57.55 -5.47
N LEU B 395 47.21 -56.50 -5.15
CA LEU B 395 47.27 -55.33 -6.03
C LEU B 395 47.86 -55.69 -7.37
N LEU B 396 48.92 -56.49 -7.38
CA LEU B 396 49.54 -56.91 -8.64
C LEU B 396 48.57 -57.74 -9.47
N VAL B 397 47.83 -58.64 -8.83
CA VAL B 397 46.85 -59.45 -9.56
C VAL B 397 45.76 -58.55 -10.13
N THR B 398 45.28 -57.59 -9.34
CA THR B 398 44.26 -56.67 -9.85
C THR B 398 44.79 -55.83 -11.01
N ILE B 399 46.08 -55.52 -11.01
CA ILE B 399 46.66 -54.75 -12.11
C ILE B 399 46.51 -55.50 -13.42
N GLN B 400 46.78 -56.80 -13.42
CA GLN B 400 46.66 -57.61 -14.62
C GLN B 400 45.20 -57.74 -15.04
N THR B 408 55.31 -59.80 -14.72
CA THR B 408 56.59 -59.11 -14.80
C THR B 408 56.38 -57.59 -14.78
N GLN B 409 55.37 -57.13 -15.52
CA GLN B 409 55.10 -55.69 -15.55
C GLN B 409 54.71 -55.18 -14.17
N ALA B 410 53.88 -55.94 -13.45
CA ALA B 410 53.48 -55.51 -12.11
C ALA B 410 54.68 -55.43 -11.18
N GLN B 411 55.57 -56.43 -11.24
CA GLN B 411 56.76 -56.41 -10.38
C GLN B 411 57.64 -55.21 -10.69
N HIS B 412 57.84 -54.91 -11.97
CA HIS B 412 58.65 -53.75 -12.34
C HIS B 412 57.97 -52.45 -11.92
N LEU B 413 56.65 -52.38 -12.06
CA LEU B 413 55.92 -51.16 -11.73
C LEU B 413 55.87 -50.90 -10.22
N PHE B 414 55.97 -51.95 -9.40
CA PHE B 414 55.90 -51.77 -7.96
C PHE B 414 57.12 -51.06 -7.39
N ILE B 415 58.19 -50.89 -8.18
CA ILE B 415 59.35 -50.15 -7.70
C ILE B 415 58.96 -48.73 -7.33
N ILE B 416 58.17 -48.09 -8.20
CA ILE B 416 57.69 -46.73 -7.90
C ILE B 416 56.76 -46.75 -6.70
N LEU B 417 55.87 -47.75 -6.63
CA LEU B 417 54.93 -47.83 -5.51
C LEU B 417 55.66 -47.96 -4.18
N MET B 418 56.86 -48.54 -4.19
CA MET B 418 57.64 -48.61 -2.97
C MET B 418 57.97 -47.22 -2.45
N GLU B 419 58.32 -46.30 -3.36
CA GLU B 419 58.63 -44.94 -2.95
C GLU B 419 57.38 -44.15 -2.58
N CYS B 420 56.20 -44.63 -2.99
CA CYS B 420 54.97 -43.92 -2.66
C CYS B 420 54.75 -43.88 -1.16
N MET B 421 55.05 -44.98 -0.46
CA MET B 421 54.90 -44.98 0.99
C MET B 421 55.78 -43.93 1.64
N LYS B 422 57.03 -43.81 1.16
CA LYS B 422 57.92 -42.78 1.68
C LYS B 422 57.40 -41.38 1.34
N LYS B 423 56.77 -41.23 0.17
CA LYS B 423 56.22 -39.95 -0.26
C LYS B 423 54.85 -39.66 0.34
N LYS B 424 54.30 -40.59 1.13
CA LYS B 424 52.99 -40.36 1.74
C LYS B 424 53.04 -39.17 2.67
N GLU B 425 51.88 -38.55 2.88
CA GLU B 425 51.67 -37.35 3.69
C GLU B 425 52.09 -36.10 2.92
N LEU B 426 52.61 -36.24 1.70
CA LEU B 426 52.90 -35.11 0.83
C LEU B 426 51.84 -34.92 -0.25
N ILE B 427 51.37 -36.02 -0.84
CA ILE B 427 50.24 -36.01 -1.77
C ILE B 427 49.08 -36.69 -1.06
N THR B 428 48.02 -35.93 -0.78
CA THR B 428 46.90 -36.40 0.01
C THR B 428 45.73 -36.76 -0.90
N VAL B 429 45.21 -37.97 -0.73
CA VAL B 429 44.13 -38.46 -1.59
C VAL B 429 42.83 -37.75 -1.22
N PHE B 430 42.12 -37.26 -2.22
CA PHE B 430 40.82 -36.65 -1.99
C PHE B 430 39.82 -37.69 -1.52
N ARG B 431 38.95 -37.27 -0.60
CA ARG B 431 37.95 -38.15 -0.01
C ARG B 431 36.56 -37.61 -0.27
N MET B 432 35.62 -38.52 -0.50
CA MET B 432 34.23 -38.16 -0.75
C MET B 432 33.42 -38.20 0.53
N ILE B 440 35.41 -29.49 -3.27
CA ILE B 440 36.79 -29.83 -3.61
C ILE B 440 37.68 -28.59 -3.52
N ASP B 441 37.08 -27.41 -3.65
CA ASP B 441 37.84 -26.18 -3.55
C ASP B 441 38.49 -26.04 -2.18
N LEU B 442 37.74 -26.31 -1.12
CA LEU B 442 38.32 -26.29 0.22
C LEU B 442 39.39 -27.35 0.37
N ALA B 443 39.14 -28.55 -0.15
CA ALA B 443 40.14 -29.61 -0.08
C ALA B 443 41.39 -29.23 -0.88
N ILE B 444 41.20 -28.63 -2.06
CA ILE B 444 42.35 -28.21 -2.86
C ILE B 444 43.16 -27.15 -2.13
N LEU B 445 42.48 -26.19 -1.51
CA LEU B 445 43.18 -25.15 -0.76
C LEU B 445 43.95 -25.74 0.41
N THR B 446 43.33 -26.68 1.13
CA THR B 446 44.02 -27.33 2.24
C THR B 446 45.24 -28.10 1.77
N ALA B 447 45.11 -28.81 0.64
CA ALA B 447 46.25 -29.54 0.10
C ALA B 447 47.37 -28.60 -0.30
N LEU B 448 47.03 -27.47 -0.93
CA LEU B 448 48.05 -26.50 -1.31
C LEU B 448 48.74 -25.93 -0.07
N LEU B 449 47.97 -25.62 0.97
CA LEU B 449 48.56 -25.09 2.19
C LEU B 449 49.49 -26.12 2.83
N LYS B 450 49.08 -27.38 2.86
CA LYS B 450 49.94 -28.42 3.41
C LYS B 450 51.22 -28.57 2.59
N GLY B 451 51.10 -28.51 1.27
CA GLY B 451 52.28 -28.58 0.43
C GLY B 451 53.25 -27.42 0.66
N ALA B 452 52.70 -26.23 0.85
CA ALA B 452 53.54 -25.07 1.12
C ALA B 452 54.34 -25.25 2.40
N ASN B 453 53.69 -25.77 3.45
CA ASN B 453 54.37 -25.99 4.72
C ASN B 453 54.88 -24.68 5.30
N SER B 455 55.09 -22.34 10.26
CA SER B 455 55.41 -20.97 9.88
C SER B 455 54.14 -20.20 9.51
N ALA B 456 53.50 -19.60 10.51
CA ALA B 456 52.28 -18.85 10.25
C ALA B 456 52.50 -17.69 9.29
N PRO B 457 53.54 -16.87 9.42
CA PRO B 457 53.70 -15.75 8.48
C PRO B 457 53.79 -16.17 7.03
N ASP B 458 54.54 -17.23 6.74
CA ASP B 458 54.73 -17.66 5.35
C ASP B 458 53.41 -18.09 4.74
N GLN B 459 52.65 -18.94 5.45
CA GLN B 459 51.36 -19.39 4.93
C GLN B 459 50.38 -18.22 4.81
N LEU B 460 50.38 -17.32 5.80
CA LEU B 460 49.42 -16.22 5.80
C LEU B 460 49.69 -15.22 4.69
N SER B 461 50.97 -15.03 4.34
CA SER B 461 51.29 -14.12 3.23
C SER B 461 50.67 -14.61 1.93
N LEU B 462 50.74 -15.90 1.67
CA LEU B 462 50.11 -16.46 0.47
C LEU B 462 48.59 -16.48 0.61
N ALA B 463 48.08 -16.73 1.82
CA ALA B 463 46.64 -16.76 2.03
C ALA B 463 46.02 -15.40 1.72
N LEU B 464 46.68 -14.32 2.14
CA LEU B 464 46.16 -12.99 1.86
C LEU B 464 45.98 -12.76 0.37
N ALA B 465 46.87 -13.31 -0.45
CA ALA B 465 46.76 -13.15 -1.90
C ALA B 465 45.51 -13.83 -2.46
N TRP B 466 44.94 -14.80 -1.73
CA TRP B 466 43.77 -15.52 -2.21
C TRP B 466 42.46 -14.99 -1.64
N ASN B 467 42.51 -14.23 -0.55
CA ASN B 467 41.31 -13.66 0.06
C ASN B 467 40.34 -14.77 0.50
N ARG B 468 40.84 -15.63 1.38
CA ARG B 468 40.07 -16.75 1.93
C ARG B 468 40.20 -16.77 3.45
N VAL B 469 39.98 -15.61 4.08
CA VAL B 469 40.14 -15.52 5.52
C VAL B 469 39.16 -16.45 6.23
N ASP B 470 37.90 -16.48 5.78
CA ASP B 470 36.88 -17.27 6.45
C ASP B 470 37.28 -18.74 6.53
N ILE B 471 37.84 -19.28 5.44
CA ILE B 471 38.25 -20.67 5.42
C ILE B 471 39.66 -20.85 5.96
N ALA B 472 40.56 -19.92 5.65
CA ALA B 472 41.95 -20.04 6.07
C ALA B 472 42.15 -19.81 7.56
N ARG B 473 41.14 -19.29 8.27
CA ARG B 473 41.31 -19.03 9.69
C ARG B 473 41.59 -20.31 10.47
N SER B 474 40.86 -21.38 10.14
CA SER B 474 41.02 -22.63 10.90
C SER B 474 42.42 -23.20 10.76
N GLN B 475 43.00 -23.14 9.56
CA GLN B 475 44.27 -23.81 9.30
C GLN B 475 45.47 -22.90 9.55
N ILE B 476 45.45 -21.67 9.04
CA ILE B 476 46.62 -20.79 9.18
C ILE B 476 46.90 -20.50 10.64
N PHE B 477 45.87 -20.19 11.41
CA PHE B 477 46.00 -19.85 12.83
C PHE B 477 45.37 -20.95 13.66
N ILE B 478 46.21 -21.70 14.39
CA ILE B 478 45.75 -22.76 15.26
C ILE B 478 46.52 -22.69 16.57
N TYR B 479 45.95 -23.29 17.61
CA TYR B 479 46.60 -23.31 18.91
C TYR B 479 47.94 -24.02 18.83
N GLY B 480 48.95 -23.44 19.46
CA GLY B 480 50.28 -24.00 19.45
C GLY B 480 51.16 -23.56 18.29
N GLN B 481 50.75 -22.51 17.57
CA GLN B 481 51.56 -22.02 16.45
C GLN B 481 52.82 -21.35 16.97
N GLN B 482 53.65 -20.88 16.04
CA GLN B 482 54.91 -20.25 16.39
C GLN B 482 54.75 -18.73 16.55
N TRP B 483 54.15 -18.07 15.57
CA TRP B 483 53.95 -16.64 15.59
C TRP B 483 55.27 -15.91 15.84
N PRO B 484 56.17 -15.89 14.86
CA PRO B 484 57.43 -15.15 15.04
C PRO B 484 57.16 -13.67 15.31
N VAL B 485 57.99 -13.09 16.17
CA VAL B 485 57.83 -11.69 16.53
C VAL B 485 58.29 -10.80 15.38
N GLY B 486 57.44 -9.84 15.01
CA GLY B 486 57.73 -8.89 13.96
C GLY B 486 57.03 -9.18 12.65
N SER B 487 56.82 -10.46 12.31
CA SER B 487 56.12 -10.80 11.07
C SER B 487 54.66 -10.36 11.14
N LEU B 488 54.07 -10.38 12.34
CA LEU B 488 52.68 -9.98 12.49
C LEU B 488 52.49 -8.52 12.08
N GLU B 489 53.43 -7.65 12.43
CA GLU B 489 53.30 -6.24 12.05
C GLU B 489 53.33 -6.08 10.53
N GLN B 490 54.24 -6.79 9.86
CA GLN B 490 54.32 -6.71 8.41
C GLN B 490 53.04 -7.24 7.76
N ALA B 491 52.52 -8.36 8.27
CA ALA B 491 51.28 -8.90 7.73
C ALA B 491 50.12 -7.92 7.94
N MET B 492 50.07 -7.29 9.12
CA MET B 492 49.01 -6.32 9.38
C MET B 492 49.11 -5.15 8.43
N LEU B 493 50.33 -4.65 8.19
CA LEU B 493 50.50 -3.53 7.26
C LEU B 493 50.08 -3.92 5.85
N ASP B 494 50.48 -5.12 5.41
CA ASP B 494 50.11 -5.57 4.06
C ASP B 494 48.60 -5.70 3.93
N ALA B 495 47.94 -6.26 4.93
CA ALA B 495 46.49 -6.38 4.89
C ALA B 495 45.82 -5.01 4.89
N LEU B 496 46.35 -4.08 5.68
CA LEU B 496 45.76 -2.75 5.76
C LEU B 496 45.91 -1.99 4.45
N VAL B 497 47.01 -2.22 3.72
CA VAL B 497 47.19 -1.55 2.43
C VAL B 497 46.03 -1.90 1.50
N LEU B 498 45.65 -3.17 1.47
CA LEU B 498 44.53 -3.63 0.65
C LEU B 498 43.23 -3.56 1.46
N ASP B 499 42.12 -3.82 0.78
CA ASP B 499 40.79 -3.76 1.40
C ASP B 499 40.37 -5.17 1.79
N ARG B 500 40.85 -5.62 2.95
CA ARG B 500 40.51 -6.94 3.51
C ARG B 500 40.05 -6.72 4.95
N VAL B 501 38.77 -6.42 5.12
CA VAL B 501 38.23 -6.18 6.45
C VAL B 501 38.28 -7.45 7.30
N ASP B 502 37.96 -8.59 6.69
CA ASP B 502 37.92 -9.84 7.44
C ASP B 502 39.29 -10.17 8.03
N PHE B 503 40.36 -10.00 7.25
CA PHE B 503 41.69 -10.32 7.75
C PHE B 503 42.11 -9.37 8.86
N VAL B 504 41.78 -8.09 8.74
CA VAL B 504 42.10 -7.14 9.81
C VAL B 504 41.36 -7.52 11.09
N LYS B 505 40.08 -7.88 10.96
CA LYS B 505 39.30 -8.29 12.12
C LYS B 505 39.90 -9.55 12.75
N LEU B 506 40.32 -10.51 11.92
CA LEU B 506 40.93 -11.73 12.45
C LEU B 506 42.22 -11.41 13.19
N LEU B 507 43.05 -10.53 12.62
CA LEU B 507 44.30 -10.16 13.29
C LEU B 507 44.03 -9.44 14.61
N ILE B 508 43.02 -8.57 14.63
CA ILE B 508 42.65 -7.91 15.89
C ILE B 508 42.23 -8.94 16.92
N GLU B 509 41.42 -9.92 16.51
CA GLU B 509 41.05 -11.01 17.41
C GLU B 509 42.28 -11.76 17.90
N ASN B 510 43.28 -11.91 17.04
CA ASN B 510 44.51 -12.59 17.44
C ASN B 510 45.25 -11.82 18.54
N GLY B 511 45.08 -10.50 18.58
CA GLY B 511 45.72 -9.69 19.60
C GLY B 511 46.56 -8.57 19.04
N VAL B 512 46.27 -8.14 17.82
CA VAL B 512 46.99 -7.03 17.20
C VAL B 512 46.69 -5.76 17.98
N SER B 513 47.71 -5.20 18.64
CA SER B 513 47.54 -4.02 19.48
C SER B 513 47.74 -2.78 18.63
N MET B 514 46.65 -2.01 18.43
CA MET B 514 46.76 -0.79 17.65
C MET B 514 47.41 0.33 18.46
N HIS B 515 47.41 0.22 19.78
CA HIS B 515 48.10 1.24 20.59
C HIS B 515 49.58 1.29 20.26
N ARG B 516 50.21 0.13 20.12
CA ARG B 516 51.61 0.06 19.71
C ARG B 516 51.77 -0.08 18.20
N PHE B 517 50.74 -0.57 17.51
CA PHE B 517 50.83 -0.72 16.05
C PHE B 517 50.96 0.64 15.37
N LEU B 518 50.24 1.64 15.88
CA LEU B 518 50.28 2.96 15.27
C LEU B 518 51.71 3.48 15.23
N THR B 519 52.11 4.01 14.07
CA THR B 519 53.47 4.50 13.87
C THR B 519 53.44 5.63 12.86
N ILE B 520 54.28 6.65 13.09
CA ILE B 520 54.34 7.79 12.18
C ILE B 520 54.85 7.34 10.82
N SER B 521 55.95 6.57 10.80
CA SER B 521 56.51 6.12 9.54
C SER B 521 55.54 5.23 8.78
N ARG B 522 54.85 4.32 9.49
CA ARG B 522 53.90 3.44 8.83
C ARG B 522 52.76 4.24 8.22
N LEU B 523 52.25 5.24 8.96
CA LEU B 523 51.17 6.07 8.43
C LEU B 523 51.63 6.85 7.21
N GLU B 524 52.84 7.41 7.26
CA GLU B 524 53.36 8.15 6.11
C GLU B 524 53.50 7.24 4.90
N GLU B 525 54.03 6.04 5.09
CA GLU B 525 54.16 5.10 3.98
C GLU B 525 52.80 4.71 3.42
N LEU B 526 51.83 4.48 4.31
CA LEU B 526 50.49 4.11 3.88
C LEU B 526 49.86 5.22 3.05
N TYR B 527 50.03 6.48 3.48
CA TYR B 527 49.54 7.59 2.67
C TYR B 527 50.26 7.66 1.34
N ASN B 528 51.56 7.38 1.32
CA ASN B 528 52.34 7.50 0.09
C ASN B 528 51.86 6.51 -0.97
N THR B 529 51.59 5.26 -0.56
CA THR B 529 51.29 4.21 -1.54
C THR B 529 50.04 4.56 -2.33
N ARG B 530 50.09 4.27 -3.63
CA ARG B 530 48.96 4.48 -4.53
C ARG B 530 48.32 3.18 -5.00
N HIS B 531 48.77 2.04 -4.49
CA HIS B 531 48.22 0.76 -4.91
C HIS B 531 46.81 0.59 -4.37
N GLY B 532 46.06 -0.29 -5.02
CA GLY B 532 44.68 -0.57 -4.63
C GLY B 532 43.69 0.37 -5.28
N ASN B 535 42.62 6.69 -5.51
CA ASN B 535 42.30 7.79 -4.60
C ASN B 535 42.53 9.13 -5.26
N THR B 536 41.59 10.06 -5.06
CA THR B 536 41.71 11.39 -5.63
C THR B 536 42.54 12.34 -4.78
N LEU B 537 43.00 11.89 -3.61
CA LEU B 537 43.78 12.77 -2.73
C LEU B 537 44.95 13.40 -3.48
N TYR B 538 45.62 12.62 -4.33
CA TYR B 538 46.73 13.16 -5.12
C TYR B 538 46.31 14.43 -5.84
N HIS B 539 45.18 14.39 -6.55
CA HIS B 539 44.67 15.58 -7.20
C HIS B 539 44.45 16.70 -6.19
N LEU B 540 43.79 16.37 -5.07
CA LEU B 540 43.64 17.36 -4.01
C LEU B 540 44.99 17.88 -3.54
N VAL B 541 46.00 17.00 -3.51
CA VAL B 541 47.34 17.44 -3.16
C VAL B 541 47.80 18.54 -4.11
N ARG B 542 47.55 18.36 -5.40
CA ARG B 542 47.89 19.42 -6.36
C ARG B 542 47.20 20.72 -6.00
N ASP B 543 45.95 20.64 -5.54
CA ASP B 543 45.24 21.84 -5.09
C ASP B 543 45.83 22.35 -3.78
N VAL B 544 46.30 21.45 -2.92
CA VAL B 544 46.86 21.84 -1.63
C VAL B 544 48.17 22.59 -1.85
N TYR B 553 56.44 12.46 -5.35
CA TYR B 553 56.96 13.10 -4.15
C TYR B 553 56.36 12.45 -2.90
N ARG B 554 57.16 12.40 -1.84
CA ARG B 554 56.69 11.81 -0.59
C ARG B 554 55.57 12.65 0.01
N ILE B 555 54.66 11.97 0.70
CA ILE B 555 53.50 12.61 1.34
C ILE B 555 53.74 12.61 2.84
N SER B 556 53.64 13.79 3.45
CA SER B 556 53.88 13.96 4.88
C SER B 556 52.57 14.32 5.59
N LEU B 557 52.59 14.14 6.91
CA LEU B 557 51.42 14.46 7.71
C LEU B 557 51.04 15.92 7.61
N ILE B 558 52.03 16.80 7.39
CA ILE B 558 51.74 18.23 7.33
C ILE B 558 50.84 18.56 6.16
N ASP B 559 51.13 17.98 4.99
CA ASP B 559 50.29 18.25 3.81
C ASP B 559 48.88 17.69 4.00
N ILE B 560 48.77 16.51 4.61
CA ILE B 560 47.46 15.94 4.89
C ILE B 560 46.67 16.85 5.81
N GLY B 561 47.32 17.35 6.87
CA GLY B 561 46.64 18.28 7.76
C GLY B 561 46.22 19.55 7.05
N LEU B 562 47.08 20.08 6.18
CA LEU B 562 46.74 21.28 5.44
C LEU B 562 45.51 21.06 4.57
N VAL B 563 45.48 19.96 3.82
CA VAL B 563 44.35 19.71 2.92
C VAL B 563 43.08 19.43 3.74
N ILE B 564 43.22 18.76 4.88
CA ILE B 564 42.06 18.53 5.74
C ILE B 564 41.49 19.85 6.25
N GLU B 565 42.38 20.74 6.69
CA GLU B 565 41.93 22.05 7.17
C GLU B 565 41.24 22.82 6.05
N TYR B 566 41.79 22.76 4.83
CA TYR B 566 41.15 23.42 3.70
C TYR B 566 39.76 22.85 3.45
N LEU B 567 39.64 21.51 3.48
CA LEU B 567 38.35 20.88 3.23
C LEU B 567 37.32 21.25 4.29
N MET B 568 37.73 21.26 5.55
CA MET B 568 36.81 21.60 6.64
C MET B 568 36.45 23.08 6.57
N ASN B 632 56.21 8.25 20.05
CA ASN B 632 55.71 8.72 18.76
C ASN B 632 54.53 7.86 18.29
N HIS B 633 53.68 7.47 19.23
CA HIS B 633 52.51 6.66 18.95
C HIS B 633 51.25 7.48 19.20
N PHE B 634 50.32 7.42 18.26
CA PHE B 634 49.08 8.19 18.38
C PHE B 634 48.28 7.70 19.59
N PRO B 635 47.90 8.57 20.52
CA PRO B 635 47.08 8.12 21.65
C PRO B 635 45.73 7.56 21.22
N PHE B 636 45.15 8.10 20.16
CA PHE B 636 43.85 7.66 19.63
C PHE B 636 43.99 7.47 18.13
N PRO B 637 44.67 6.39 17.70
CA PRO B 637 44.94 6.24 16.26
C PRO B 637 43.69 6.06 15.42
N PHE B 638 42.58 5.66 16.02
CA PHE B 638 41.37 5.37 15.25
C PHE B 638 40.87 6.61 14.51
N HIS B 639 41.06 7.80 15.08
CA HIS B 639 40.71 9.02 14.36
C HIS B 639 41.46 9.10 13.04
N GLU B 640 42.79 8.93 13.08
CA GLU B 640 43.58 8.99 11.87
C GLU B 640 43.20 7.88 10.90
N LEU B 641 42.97 6.67 11.42
CA LEU B 641 42.59 5.56 10.56
C LEU B 641 41.29 5.85 9.82
N MET B 642 40.28 6.35 10.54
CA MET B 642 38.99 6.59 9.91
C MET B 642 39.06 7.75 8.93
N VAL B 643 39.77 8.82 9.28
CA VAL B 643 39.86 9.94 8.35
C VAL B 643 40.58 9.52 7.08
N TRP B 644 41.64 8.70 7.22
CA TRP B 644 42.31 8.17 6.03
C TRP B 644 41.36 7.31 5.21
N ALA B 645 40.64 6.40 5.87
CA ALA B 645 39.77 5.48 5.15
C ALA B 645 38.70 6.23 4.37
N VAL B 646 38.06 7.23 4.99
CA VAL B 646 37.04 7.99 4.30
C VAL B 646 37.67 8.84 3.20
N LEU B 647 38.87 9.37 3.43
CA LEU B 647 39.52 10.19 2.41
C LEU B 647 39.91 9.36 1.20
N MET B 648 40.16 8.07 1.38
CA MET B 648 40.52 7.19 0.28
C MET B 648 39.31 6.65 -0.47
N LYS B 649 38.09 7.01 -0.06
CA LYS B 649 36.86 6.63 -0.71
C LYS B 649 36.46 5.18 -0.42
N ARG B 650 36.98 4.59 0.64
CA ARG B 650 36.55 3.26 1.05
C ARG B 650 35.21 3.33 1.75
N GLN B 651 34.43 2.24 1.64
CA GLN B 651 33.10 2.18 2.22
C GLN B 651 32.95 1.09 3.27
N LYS B 652 34.00 0.31 3.55
CA LYS B 652 33.93 -0.77 4.53
C LYS B 652 34.87 -0.58 5.70
N MET B 653 36.14 -0.26 5.45
CA MET B 653 37.09 -0.10 6.55
C MET B 653 36.72 1.09 7.43
N ALA B 654 36.28 2.19 6.81
CA ALA B 654 35.92 3.37 7.59
C ALA B 654 34.78 3.07 8.55
N LEU B 655 33.77 2.33 8.09
CA LEU B 655 32.66 1.97 8.96
C LEU B 655 33.12 1.12 10.13
N PHE B 656 34.03 0.18 9.86
CA PHE B 656 34.57 -0.66 10.94
C PHE B 656 35.32 0.17 11.96
N PHE B 657 36.17 1.10 11.49
CA PHE B 657 36.90 1.96 12.41
C PHE B 657 35.95 2.84 13.22
N TRP B 658 34.88 3.32 12.58
CA TRP B 658 33.87 4.07 13.30
C TRP B 658 33.22 3.22 14.38
N GLN B 659 32.93 1.96 14.07
CA GLN B 659 32.35 1.05 15.07
C GLN B 659 33.28 0.89 16.26
N HIS B 660 34.56 0.63 16.00
CA HIS B 660 35.49 0.32 17.08
C HIS B 660 35.75 1.55 17.94
N GLY B 661 36.03 2.70 17.32
CA GLY B 661 36.43 3.86 18.07
C GLY B 661 35.30 4.42 18.92
N GLU B 662 35.70 5.12 19.98
CA GLU B 662 34.75 5.80 20.86
C GLU B 662 34.41 7.18 20.31
N GLU B 663 33.48 7.85 20.98
CA GLU B 663 33.00 9.17 20.56
C GLU B 663 32.55 9.13 19.10
N ALA B 664 31.58 8.25 18.84
CA ALA B 664 31.14 8.00 17.47
C ALA B 664 30.38 9.17 16.87
N MET B 665 29.71 9.98 17.68
CA MET B 665 28.89 11.05 17.14
C MET B 665 29.73 12.07 16.37
N ALA B 666 30.80 12.56 17.01
CA ALA B 666 31.64 13.57 16.36
C ALA B 666 32.31 13.00 15.12
N LYS B 667 32.81 11.76 15.20
CA LYS B 667 33.45 11.15 14.03
C LYS B 667 32.46 11.00 12.89
N ALA B 668 31.24 10.56 13.19
CA ALA B 668 30.23 10.41 12.14
C ALA B 668 29.89 11.75 11.51
N LEU B 669 29.74 12.80 12.32
CA LEU B 669 29.43 14.11 11.76
C LEU B 669 30.57 14.63 10.90
N VAL B 670 31.81 14.44 11.35
CA VAL B 670 32.96 14.88 10.56
C VAL B 670 33.01 14.14 9.23
N ALA B 671 32.77 12.81 9.26
CA ALA B 671 32.78 12.05 8.02
C ALA B 671 31.67 12.50 7.09
N CYS B 672 30.48 12.77 7.64
CA CYS B 672 29.37 13.24 6.82
C CYS B 672 29.71 14.57 6.15
N LYS B 673 30.32 15.49 6.91
CA LYS B 673 30.72 16.76 6.30
C LYS B 673 31.78 16.55 5.24
N LEU B 674 32.76 15.69 5.51
CA LEU B 674 33.86 15.51 4.58
C LEU B 674 33.39 14.87 3.28
N CYS B 675 32.43 13.95 3.36
CA CYS B 675 31.98 13.23 2.18
C CYS B 675 31.40 14.16 1.14
N LYS B 676 30.58 15.13 1.56
CA LYS B 676 29.94 16.02 0.60
C LYS B 676 30.97 16.84 -0.16
N ALA B 677 31.99 17.36 0.54
CA ALA B 677 33.01 18.17 -0.12
C ALA B 677 34.03 17.32 -0.87
N MET B 678 34.13 16.03 -0.54
CA MET B 678 35.08 15.17 -1.25
C MET B 678 34.73 15.06 -2.73
N ALA B 679 33.45 14.86 -3.04
CA ALA B 679 33.05 14.80 -4.44
C ALA B 679 33.25 16.14 -5.13
N HIS B 680 32.92 17.24 -4.46
CA HIS B 680 33.08 18.57 -5.01
C HIS B 680 34.54 19.02 -4.94
N LEU B 695 28.67 9.98 -3.16
CA LEU B 695 28.73 11.06 -2.20
C LEU B 695 27.43 11.15 -1.40
N ASN B 696 26.30 11.21 -2.12
CA ASN B 696 25.01 11.31 -1.46
C ASN B 696 24.74 10.09 -0.60
N HIS B 697 25.03 8.89 -1.12
CA HIS B 697 24.76 7.67 -0.36
C HIS B 697 25.60 7.62 0.91
N ASN B 698 26.91 7.86 0.79
CA ASN B 698 27.78 7.83 1.96
C ASN B 698 27.42 8.94 2.94
N SER B 699 27.15 10.14 2.43
CA SER B 699 26.79 11.24 3.32
C SER B 699 25.49 10.95 4.07
N ARG B 700 24.50 10.39 3.36
CA ARG B 700 23.24 10.04 4.01
C ARG B 700 23.47 8.97 5.07
N ASP B 701 24.32 7.98 4.78
CA ASP B 701 24.58 6.92 5.76
C ASP B 701 25.19 7.50 7.03
N PHE B 702 26.25 8.30 6.89
CA PHE B 702 26.88 8.89 8.06
C PHE B 702 25.90 9.77 8.84
N GLY B 703 25.12 10.57 8.12
CA GLY B 703 24.16 11.44 8.79
C GLY B 703 23.10 10.66 9.54
N GLN B 704 22.57 9.61 8.91
CA GLN B 704 21.53 8.82 9.57
C GLN B 704 22.08 8.04 10.75
N LEU B 705 23.32 7.57 10.67
CA LEU B 705 23.92 6.86 11.78
C LEU B 705 24.02 7.75 13.02
N ALA B 706 24.42 9.01 12.83
CA ALA B 706 24.47 9.94 13.94
C ALA B 706 23.09 10.19 14.52
N VAL B 707 22.09 10.37 13.65
CA VAL B 707 20.73 10.61 14.12
C VAL B 707 20.22 9.43 14.93
N GLU B 708 20.45 8.21 14.43
CA GLU B 708 20.00 7.03 15.16
C GLU B 708 20.70 6.91 16.50
N LEU B 709 22.00 7.23 16.54
CA LEU B 709 22.74 7.17 17.80
C LEU B 709 22.16 8.14 18.82
N LEU B 710 21.90 9.38 18.40
CA LEU B 710 21.32 10.36 19.32
C LEU B 710 19.93 9.94 19.76
N ASP B 711 19.12 9.42 18.84
CA ASP B 711 17.76 9.04 19.18
C ASP B 711 17.74 7.94 20.24
N GLN B 712 18.60 6.94 20.10
CA GLN B 712 18.69 5.90 21.11
C GLN B 712 19.16 6.47 22.45
N SER B 713 20.17 7.35 22.42
CA SER B 713 20.62 7.99 23.64
C SER B 713 19.53 8.87 24.23
N TYR B 714 18.75 9.54 23.39
CA TYR B 714 17.65 10.37 23.87
C TYR B 714 16.63 9.53 24.62
N LYS B 715 16.31 8.34 24.09
CA LYS B 715 15.37 7.46 24.79
C LYS B 715 15.93 6.99 26.12
N GLN B 716 17.21 6.62 26.15
CA GLN B 716 17.79 6.08 27.38
C GLN B 716 17.82 7.14 28.49
N ASP B 717 18.28 8.35 28.17
CA ASP B 717 18.34 9.41 29.16
C ASP B 717 18.48 10.76 28.48
N GLU B 718 17.59 11.70 28.79
CA GLU B 718 17.66 13.02 28.19
C GLU B 718 18.92 13.77 28.62
N GLN B 719 19.26 13.67 29.92
CA GLN B 719 20.43 14.38 30.41
C GLN B 719 21.70 13.87 29.75
N LEU B 720 21.81 12.55 29.58
CA LEU B 720 22.98 11.99 28.90
C LEU B 720 23.09 12.51 27.48
N ALA B 721 21.97 12.57 26.75
CA ALA B 721 22.00 13.10 25.39
C ALA B 721 22.41 14.56 25.38
N MET B 722 21.88 15.35 26.31
CA MET B 722 22.25 16.76 26.38
C MET B 722 23.75 16.93 26.62
N LYS B 723 24.29 16.14 27.56
CA LYS B 723 25.72 16.22 27.84
C LYS B 723 26.53 15.79 26.62
N LEU B 724 26.12 14.72 25.95
CA LEU B 724 26.85 14.25 24.77
C LEU B 724 26.79 15.25 23.63
N LEU B 725 25.72 16.04 23.56
CA LEU B 725 25.55 16.94 22.42
C LEU B 725 26.64 18.00 22.38
N THR B 726 26.92 18.65 23.51
CA THR B 726 27.80 19.82 23.56
C THR B 726 28.81 19.65 24.67
N TYR B 727 30.09 19.54 24.29
CA TYR B 727 31.19 19.58 25.23
C TYR B 727 32.48 19.70 24.44
N GLU B 728 33.35 20.61 24.88
CA GLU B 728 34.55 20.93 24.11
C GLU B 728 35.42 19.68 23.94
N LEU B 729 35.88 19.46 22.71
CA LEU B 729 36.75 18.34 22.38
C LEU B 729 38.12 18.87 22.01
N LYS B 730 39.13 18.52 22.81
CA LYS B 730 40.50 18.87 22.47
C LYS B 730 40.95 18.15 21.19
N ASN B 731 40.34 17.00 20.88
CA ASN B 731 40.71 16.28 19.67
C ASN B 731 40.32 17.05 18.42
N TRP B 732 39.17 17.71 18.44
CA TRP B 732 38.60 18.36 17.26
C TRP B 732 38.52 19.87 17.45
N SER B 733 39.58 20.46 18.00
CA SER B 733 39.70 21.92 18.13
C SER B 733 38.56 22.51 18.95
N ASN B 734 38.10 21.78 19.96
CA ASN B 734 37.07 22.27 20.88
C ASN B 734 35.82 22.74 20.12
N ALA B 735 35.27 21.83 19.31
CA ALA B 735 34.06 22.07 18.56
C ALA B 735 33.00 21.06 18.98
N THR B 736 31.82 21.57 19.36
CA THR B 736 30.74 20.72 19.80
C THR B 736 30.04 20.06 18.61
N CYS B 737 29.20 19.07 18.93
CA CYS B 737 28.52 18.32 17.87
C CYS B 737 27.56 19.22 17.10
N LEU B 738 26.87 20.12 17.79
CA LEU B 738 25.91 20.98 17.11
C LEU B 738 26.59 21.87 16.09
N GLN B 739 27.76 22.42 16.43
CA GLN B 739 28.47 23.27 15.49
C GLN B 739 28.89 22.48 14.25
N LEU B 740 29.37 21.26 14.44
CA LEU B 740 29.73 20.43 13.29
C LEU B 740 28.52 20.12 12.42
N ALA B 741 27.39 19.79 13.06
CA ALA B 741 26.19 19.49 12.30
C ALA B 741 25.72 20.69 11.50
N VAL B 742 25.74 21.88 12.11
CA VAL B 742 25.32 23.08 11.41
C VAL B 742 26.25 23.37 10.24
N ALA B 743 27.57 23.26 10.48
CA ALA B 743 28.52 23.49 9.40
C ALA B 743 28.39 22.42 8.32
N ALA B 744 28.05 21.19 8.70
CA ALA B 744 27.84 20.14 7.71
C ALA B 744 26.58 20.37 6.89
N LYS B 745 25.63 21.15 7.43
CA LYS B 745 24.36 21.41 6.76
C LYS B 745 23.54 20.13 6.64
N HIS B 746 23.59 19.30 7.69
CA HIS B 746 22.84 18.04 7.66
C HIS B 746 21.35 18.30 7.56
N ARG B 747 20.85 19.30 8.29
CA ARG B 747 19.48 19.78 8.12
C ARG B 747 18.46 18.84 8.76
N ASP B 748 18.93 17.77 9.41
CA ASP B 748 18.05 16.86 10.13
C ASP B 748 18.49 16.65 11.57
N PHE B 749 19.78 16.78 11.87
CA PHE B 749 20.25 16.66 13.24
C PHE B 749 19.76 17.83 14.09
N ILE B 750 19.70 19.02 13.49
CA ILE B 750 19.23 20.19 14.23
C ILE B 750 17.73 20.09 14.50
N ALA B 751 16.97 19.61 13.52
CA ALA B 751 15.52 19.58 13.64
C ALA B 751 15.01 18.61 14.70
N HIS B 752 15.87 17.75 15.23
CA HIS B 752 15.42 16.79 16.24
C HIS B 752 14.94 17.51 17.49
N THR B 753 14.01 16.88 18.20
CA THR B 753 13.33 17.54 19.31
C THR B 753 14.31 17.98 20.39
N CYS B 754 15.29 17.13 20.71
CA CYS B 754 16.24 17.46 21.76
C CYS B 754 17.03 18.72 21.42
N SER B 755 17.49 18.82 20.17
CA SER B 755 18.23 20.00 19.75
C SER B 755 17.35 21.25 19.83
N GLN B 756 16.08 21.14 19.43
CA GLN B 756 15.19 22.28 19.51
C GLN B 756 14.99 22.70 20.97
N MET B 757 14.86 21.74 21.87
CA MET B 757 14.72 22.06 23.29
C MET B 757 15.96 22.78 23.80
N LEU B 758 17.15 22.30 23.43
CA LEU B 758 18.37 22.98 23.86
C LEU B 758 18.43 24.40 23.30
N LEU B 759 18.04 24.57 22.04
CA LEU B 759 18.04 25.90 21.44
C LEU B 759 17.07 26.82 22.16
N THR B 760 15.89 26.33 22.52
CA THR B 760 14.94 27.15 23.27
C THR B 760 15.51 27.52 24.64
N ASP B 761 16.15 26.56 25.31
CA ASP B 761 16.73 26.85 26.61
C ASP B 761 17.79 27.94 26.51
N MET B 762 18.64 27.88 25.48
CA MET B 762 19.60 28.94 25.26
C MET B 762 18.91 30.25 24.89
N TRP B 763 17.78 30.17 24.18
CA TRP B 763 17.05 31.36 23.76
C TRP B 763 16.52 32.12 24.98
N MET B 764 16.02 31.39 25.97
CA MET B 764 15.54 32.02 27.19
C MET B 764 16.65 32.28 28.20
N GLY B 765 17.89 31.88 27.89
CA GLY B 765 19.00 32.17 28.77
C GLY B 765 18.83 31.58 30.15
N ARG B 766 19.27 32.33 31.17
CA ARG B 766 19.21 31.83 32.54
C ARG B 766 17.78 31.80 33.05
N LEU B 767 16.98 32.82 32.73
CA LEU B 767 15.60 32.90 33.21
C LEU B 767 14.75 31.90 32.41
N ARG B 768 14.80 30.65 32.86
CA ARG B 768 14.02 29.58 32.24
C ARG B 768 12.67 29.43 32.94
N MET B 769 11.95 30.54 33.00
CA MET B 769 10.64 30.57 33.64
C MET B 769 9.57 30.04 32.69
N GLY B 861 22.07 42.37 41.89
CA GLY B 861 23.30 42.65 41.18
C GLY B 861 23.47 41.82 39.93
N ARG B 862 23.53 40.51 40.09
CA ARG B 862 23.66 39.62 38.95
C ARG B 862 22.48 39.70 38.00
N LYS B 863 21.31 40.12 38.50
CA LYS B 863 20.14 40.24 37.64
C LYS B 863 20.39 41.27 36.54
N ILE B 864 21.00 42.40 36.87
CA ILE B 864 21.21 43.45 35.88
C ILE B 864 22.02 42.92 34.70
N TYR B 865 22.99 42.04 34.98
CA TYR B 865 23.88 41.56 33.92
C TYR B 865 23.25 40.39 33.17
N GLU B 866 22.70 39.40 33.89
CA GLU B 866 22.17 38.21 33.23
C GLU B 866 20.87 38.51 32.50
N PHE B 867 19.96 39.24 33.13
CA PHE B 867 18.66 39.50 32.52
C PHE B 867 18.79 40.31 31.24
N TYR B 868 19.63 41.35 31.26
CA TYR B 868 19.74 42.25 30.11
C TYR B 868 20.68 41.73 29.03
N ASN B 869 21.32 40.58 29.24
CA ASN B 869 22.13 39.95 28.21
C ASN B 869 21.44 38.75 27.58
N ALA B 870 20.26 38.37 28.07
CA ALA B 870 19.52 37.28 27.47
C ALA B 870 19.07 37.68 26.06
N PRO B 871 19.19 36.78 25.07
CA PRO B 871 18.84 37.18 23.70
C PRO B 871 17.42 37.69 23.52
N ILE B 872 16.46 37.11 24.25
CA ILE B 872 15.05 37.41 23.98
C ILE B 872 14.74 38.87 24.30
N VAL B 873 15.23 39.36 25.44
CA VAL B 873 14.95 40.75 25.81
C VAL B 873 15.64 41.71 24.85
N LYS B 874 16.85 41.37 24.39
CA LYS B 874 17.50 42.20 23.40
C LYS B 874 16.71 42.24 22.09
N PHE B 875 16.18 41.09 21.68
CA PHE B 875 15.33 41.05 20.50
C PHE B 875 14.12 41.96 20.65
N TRP B 876 13.46 41.89 21.81
CA TRP B 876 12.30 42.74 22.04
C TRP B 876 12.67 44.21 22.04
N PHE B 877 13.81 44.56 22.64
CA PHE B 877 14.25 45.95 22.64
C PHE B 877 14.50 46.44 21.21
N TYR B 878 15.17 45.63 20.40
CA TYR B 878 15.40 46.00 19.01
C TYR B 878 14.08 46.19 18.27
N THR B 879 13.13 45.28 18.49
CA THR B 879 11.84 45.40 17.83
C THR B 879 11.12 46.69 18.22
N LEU B 880 11.11 47.01 19.51
CA LEU B 880 10.44 48.22 19.96
C LEU B 880 11.11 49.46 19.38
N ALA B 881 12.44 49.48 19.36
CA ALA B 881 13.14 50.62 18.77
C ALA B 881 12.80 50.77 17.29
N TYR B 882 12.75 49.65 16.56
CA TYR B 882 12.40 49.71 15.15
C TYR B 882 10.99 50.25 14.96
N ILE B 883 10.05 49.81 15.79
CA ILE B 883 8.67 50.28 15.68
C ILE B 883 8.59 51.77 15.94
N GLY B 884 9.28 52.25 16.97
CA GLY B 884 9.27 53.68 17.25
C GLY B 884 9.87 54.50 16.12
N TYR B 885 10.99 54.02 15.57
CA TYR B 885 11.59 54.70 14.43
C TYR B 885 10.65 54.73 13.24
N LEU B 886 9.93 53.64 13.00
CA LEU B 886 8.96 53.61 11.90
C LEU B 886 7.84 54.62 12.13
N MET B 887 7.35 54.72 13.37
CA MET B 887 6.31 55.70 13.66
C MET B 887 6.81 57.11 13.40
N LEU B 888 8.03 57.41 13.82
CA LEU B 888 8.58 58.75 13.59
C LEU B 888 8.73 59.02 12.09
N PHE B 889 9.17 58.01 11.33
CA PHE B 889 9.30 58.20 9.89
C PHE B 889 7.95 58.50 9.26
N ASN B 890 6.90 57.77 9.65
CA ASN B 890 5.57 58.03 9.12
C ASN B 890 5.12 59.46 9.45
N TYR B 891 5.27 59.86 10.72
CA TYR B 891 4.87 61.20 11.11
C TYR B 891 5.63 62.25 10.30
N ILE B 892 6.92 62.02 10.05
CA ILE B 892 7.72 62.99 9.30
C ILE B 892 7.20 63.11 7.87
N VAL B 893 7.01 61.96 7.20
CA VAL B 893 6.64 62.02 5.78
C VAL B 893 5.24 62.63 5.62
N LEU B 894 4.31 62.25 6.48
CA LEU B 894 2.95 62.75 6.34
C LEU B 894 2.88 64.26 6.53
N VAL B 895 3.59 64.78 7.53
CA VAL B 895 3.52 66.19 7.88
C VAL B 895 4.48 67.00 7.01
N LYS B 896 4.17 68.28 6.83
CA LYS B 896 5.01 69.17 6.05
C LYS B 896 6.36 69.38 6.74
N MET B 897 7.36 69.72 5.92
CA MET B 897 8.72 69.96 6.39
C MET B 897 9.16 71.37 6.00
N GLU B 898 9.84 72.03 6.92
CA GLU B 898 10.36 73.38 6.68
C GLU B 898 11.73 73.27 6.02
N ARG B 899 12.43 74.40 5.92
CA ARG B 899 13.75 74.39 5.28
C ARG B 899 14.73 73.53 6.06
N TRP B 900 14.69 73.60 7.40
CA TRP B 900 15.59 72.84 8.24
C TRP B 900 14.85 71.69 8.91
N PRO B 901 15.52 70.56 9.14
CA PRO B 901 14.84 69.40 9.72
C PRO B 901 14.48 69.62 11.19
N SER B 902 13.49 68.86 11.64
CA SER B 902 13.07 68.88 13.04
C SER B 902 13.82 67.81 13.83
N THR B 903 13.48 67.68 15.11
CA THR B 903 14.17 66.72 15.96
C THR B 903 13.93 65.29 15.47
N GLN B 904 12.71 65.00 15.01
CA GLN B 904 12.38 63.65 14.57
C GLN B 904 13.26 63.23 13.41
N GLU B 905 13.49 64.12 12.45
CA GLU B 905 14.31 63.77 11.30
C GLU B 905 15.75 63.53 11.71
N TRP B 906 16.26 64.33 12.66
CA TRP B 906 17.60 64.08 13.18
C TRP B 906 17.69 62.70 13.83
N ILE B 907 16.67 62.34 14.62
CA ILE B 907 16.67 61.01 15.23
C ILE B 907 16.67 59.93 14.15
N VAL B 908 15.85 60.12 13.11
CA VAL B 908 15.74 59.11 12.06
C VAL B 908 17.08 58.94 11.34
N ILE B 909 17.72 60.04 10.95
CA ILE B 909 18.97 59.93 10.21
C ILE B 909 20.06 59.36 11.11
N SER B 910 20.05 59.71 12.39
CA SER B 910 21.00 59.09 13.32
C SER B 910 20.80 57.60 13.39
N TYR B 911 19.54 57.14 13.45
CA TYR B 911 19.27 55.71 13.43
C TYR B 911 19.82 55.07 12.18
N ILE B 912 19.58 55.68 11.02
CA ILE B 912 20.01 55.09 9.76
C ILE B 912 21.52 54.94 9.73
N PHE B 913 22.24 56.00 10.12
CA PHE B 913 23.69 55.95 10.04
C PHE B 913 24.30 55.06 11.11
N THR B 914 23.67 54.96 12.29
CA THR B 914 24.14 53.99 13.27
C THR B 914 23.93 52.57 12.77
N LEU B 915 22.83 52.32 12.06
CA LEU B 915 22.61 51.01 11.46
C LEU B 915 23.69 50.70 10.44
N GLY B 916 24.04 51.69 9.61
CA GLY B 916 25.12 51.48 8.66
C GLY B 916 26.45 51.19 9.33
N ILE B 917 26.75 51.93 10.39
CA ILE B 917 27.98 51.69 11.13
C ILE B 917 27.98 50.30 11.75
N GLU B 918 26.82 49.86 12.25
CA GLU B 918 26.72 48.51 12.81
C GLU B 918 26.98 47.46 11.74
N LYS B 919 26.44 47.67 10.53
CA LYS B 919 26.73 46.74 9.44
C LYS B 919 28.21 46.70 9.13
N MET B 920 28.86 47.87 9.10
CA MET B 920 30.29 47.90 8.84
C MET B 920 31.07 47.15 9.91
N ARG B 921 30.70 47.35 11.18
CA ARG B 921 31.37 46.64 12.27
C ARG B 921 31.16 45.14 12.14
N GLU B 922 29.93 44.72 11.79
CA GLU B 922 29.66 43.30 11.67
C GLU B 922 30.48 42.66 10.56
N ILE B 923 30.58 43.34 9.41
CA ILE B 923 31.37 42.78 8.32
C ILE B 923 32.85 42.77 8.69
N LEU B 924 33.31 43.78 9.43
CA LEU B 924 34.71 43.79 9.85
C LEU B 924 35.01 42.67 10.85
N MET B 925 34.02 42.25 11.61
CA MET B 925 34.22 41.21 12.63
C MET B 925 35.30 41.66 13.62
N LYS B 930 40.11 35.83 4.09
CA LYS B 930 40.46 37.20 3.73
C LYS B 930 39.20 38.06 3.62
N LEU B 931 39.40 39.33 3.25
CA LEU B 931 38.27 40.24 3.13
C LEU B 931 37.33 39.81 2.01
N LEU B 932 37.87 39.24 0.94
CA LEU B 932 37.02 38.79 -0.17
C LEU B 932 36.06 37.69 0.29
N GLN B 933 36.55 36.75 1.10
CA GLN B 933 35.67 35.70 1.62
C GLN B 933 34.58 36.28 2.50
N LYS B 934 34.94 37.25 3.36
CA LYS B 934 33.93 37.89 4.20
C LYS B 934 32.88 38.59 3.34
N VAL B 935 33.31 39.29 2.29
CA VAL B 935 32.37 39.99 1.42
C VAL B 935 31.45 38.98 0.73
N LYS B 936 31.99 37.87 0.26
CA LYS B 936 31.17 36.86 -0.41
C LYS B 936 30.14 36.29 0.55
N VAL B 937 30.56 35.96 1.77
CA VAL B 937 29.64 35.39 2.75
C VAL B 937 28.56 36.42 3.10
N TRP B 938 28.95 37.68 3.25
CA TRP B 938 27.99 38.73 3.56
C TRP B 938 26.96 38.87 2.44
N LEU B 939 27.43 38.86 1.19
CA LEU B 939 26.53 38.92 0.04
C LEU B 939 25.69 37.66 -0.11
N GLN B 940 26.07 36.56 0.55
CA GLN B 940 25.23 35.37 0.53
C GLN B 940 23.81 35.70 0.96
N GLU B 941 23.66 36.60 1.92
CA GLU B 941 22.34 37.06 2.35
C GLU B 941 21.90 38.25 1.51
N TYR B 942 20.60 38.31 1.21
CA TYR B 942 20.04 39.39 0.40
C TYR B 942 19.51 40.55 1.22
N TRP B 943 19.08 40.29 2.46
CA TRP B 943 18.55 41.38 3.28
C TRP B 943 19.59 42.45 3.50
N ASN B 944 20.85 42.06 3.73
CA ASN B 944 21.91 43.04 3.91
C ASN B 944 22.11 43.88 2.66
N VAL B 945 22.07 43.25 1.49
CA VAL B 945 22.22 43.99 0.23
C VAL B 945 21.11 45.01 0.09
N THR B 946 19.87 44.59 0.32
CA THR B 946 18.74 45.51 0.21
C THR B 946 18.86 46.64 1.22
N ASP B 947 19.29 46.33 2.44
CA ASP B 947 19.46 47.37 3.45
C ASP B 947 20.52 48.38 3.03
N LEU B 948 21.63 47.90 2.47
CA LEU B 948 22.67 48.81 2.00
C LEU B 948 22.14 49.71 0.89
N ILE B 949 21.40 49.14 -0.06
CA ILE B 949 20.85 49.94 -1.15
C ILE B 949 19.89 51.00 -0.59
N ALA B 950 19.03 50.60 0.35
CA ALA B 950 18.07 51.55 0.91
C ALA B 950 18.78 52.66 1.67
N ILE B 951 19.85 52.33 2.40
CA ILE B 951 20.59 53.34 3.13
C ILE B 951 21.24 54.32 2.16
N LEU B 952 21.81 53.81 1.06
CA LEU B 952 22.40 54.71 0.07
C LEU B 952 21.35 55.63 -0.54
N LEU B 953 20.17 55.09 -0.85
CA LEU B 953 19.10 55.92 -1.39
C LEU B 953 18.68 56.99 -0.39
N PHE B 954 18.59 56.61 0.89
CA PHE B 954 18.23 57.58 1.91
C PHE B 954 19.27 58.68 2.03
N SER B 955 20.56 58.32 1.93
CA SER B 955 21.60 59.34 1.96
C SER B 955 21.48 60.29 0.78
N VAL B 956 21.22 59.75 -0.42
CA VAL B 956 21.04 60.59 -1.59
C VAL B 956 19.87 61.56 -1.37
N GLY B 957 18.75 61.03 -0.86
CA GLY B 957 17.60 61.88 -0.59
C GLY B 957 17.91 62.97 0.42
N MET B 958 18.63 62.62 1.48
CA MET B 958 18.98 63.61 2.49
C MET B 958 19.87 64.70 1.91
N ILE B 959 20.84 64.33 1.08
CA ILE B 959 21.69 65.34 0.46
C ILE B 959 20.86 66.24 -0.44
N LEU B 960 19.95 65.66 -1.23
CA LEU B 960 19.14 66.47 -2.13
C LEU B 960 18.19 67.38 -1.36
N ARG B 961 17.72 66.95 -0.19
CA ARG B 961 16.70 67.72 0.52
C ARG B 961 17.22 69.09 0.94
N LEU B 962 18.46 69.17 1.39
CA LEU B 962 18.98 70.40 2.00
C LEU B 962 19.43 71.44 1.00
N GLN B 963 19.49 71.12 -0.30
CA GLN B 963 20.06 72.01 -1.30
C GLN B 963 18.93 72.77 -2.01
N ASP B 964 18.43 73.81 -1.34
CA ASP B 964 17.56 74.80 -1.96
C ASP B 964 16.19 74.24 -2.34
N GLN B 965 15.31 75.12 -2.83
CA GLN B 965 13.93 74.72 -3.11
C GLN B 965 13.83 73.68 -4.21
N PRO B 966 14.43 73.86 -5.38
CA PRO B 966 14.12 72.96 -6.50
C PRO B 966 14.46 71.50 -6.24
N PHE B 967 15.41 71.23 -5.34
CA PHE B 967 15.83 69.87 -5.07
C PHE B 967 15.13 69.26 -3.86
N ARG B 968 14.59 70.08 -2.97
CA ARG B 968 14.03 69.56 -1.72
C ARG B 968 12.80 68.68 -1.98
N SER B 969 11.97 69.07 -2.95
CA SER B 969 10.78 68.28 -3.24
C SER B 969 11.15 66.90 -3.78
N ASP B 970 12.30 66.79 -4.44
CA ASP B 970 12.75 65.48 -4.92
C ASP B 970 13.22 64.60 -3.78
N GLY B 971 13.95 65.19 -2.81
CA GLY B 971 14.34 64.43 -1.64
C GLY B 971 13.15 63.95 -0.84
N ARG B 972 12.12 64.80 -0.72
CA ARG B 972 10.91 64.37 -0.01
C ARG B 972 10.28 63.15 -0.66
N VAL B 973 10.17 63.17 -2.00
CA VAL B 973 9.61 62.02 -2.71
C VAL B 973 10.50 60.80 -2.53
N ILE B 974 11.82 61.01 -2.49
CA ILE B 974 12.74 59.90 -2.24
C ILE B 974 12.43 59.27 -0.87
N TYR B 975 12.25 60.11 0.14
CA TYR B 975 11.87 59.59 1.47
C TYR B 975 10.57 58.80 1.40
N CYS B 976 9.58 59.35 0.70
CA CYS B 976 8.27 58.71 0.64
C CYS B 976 8.35 57.35 -0.02
N VAL B 977 9.15 57.24 -1.09
CA VAL B 977 9.29 55.95 -1.77
C VAL B 977 10.16 55.01 -0.96
N ASN B 978 11.10 55.54 -0.18
CA ASN B 978 12.00 54.68 0.60
C ASN B 978 11.29 54.04 1.78
N ILE B 979 10.36 54.76 2.41
CA ILE B 979 9.72 54.22 3.61
C ILE B 979 9.07 52.87 3.36
N ILE B 980 8.75 52.55 2.11
CA ILE B 980 8.05 51.30 1.80
C ILE B 980 8.93 50.10 2.13
N TYR B 981 10.23 50.17 1.82
CA TYR B 981 11.12 49.06 2.13
C TYR B 981 11.19 48.79 3.63
N TRP B 982 11.28 49.86 4.42
CA TRP B 982 11.30 49.68 5.87
C TRP B 982 9.98 49.12 6.36
N TYR B 983 8.87 49.54 5.75
CA TYR B 983 7.58 48.96 6.10
C TYR B 983 7.55 47.46 5.84
N ILE B 984 8.08 47.04 4.69
CA ILE B 984 8.06 45.62 4.32
C ILE B 984 9.07 44.81 5.09
N ARG B 985 10.13 45.42 5.63
CA ARG B 985 11.18 44.69 6.33
C ARG B 985 10.69 44.05 7.63
N LEU B 986 9.44 44.27 8.02
CA LEU B 986 8.91 43.63 9.22
C LEU B 986 8.79 42.12 9.07
N LEU B 987 8.88 41.60 7.85
CA LEU B 987 8.84 40.15 7.66
C LEU B 987 10.04 39.48 8.31
N ASP B 988 11.21 40.13 8.26
CA ASP B 988 12.38 39.60 8.95
C ASP B 988 12.12 39.49 10.45
N ILE B 989 11.47 40.50 11.03
CA ILE B 989 11.10 40.43 12.45
C ILE B 989 10.14 39.29 12.69
N PHE B 990 9.14 39.15 11.82
CA PHE B 990 8.15 38.07 11.97
C PHE B 990 8.76 36.69 11.78
N GLY B 991 9.94 36.61 11.17
CA GLY B 991 10.53 35.30 10.89
C GLY B 991 10.72 34.45 12.14
N VAL B 992 10.88 35.09 13.30
CA VAL B 992 11.11 34.34 14.53
C VAL B 992 9.90 33.49 14.89
N ASN B 993 8.69 33.99 14.62
CA ASN B 993 7.48 33.32 15.06
C ASN B 993 7.38 31.92 14.47
N LYS B 994 6.83 31.00 15.27
CA LYS B 994 6.74 29.60 14.85
C LYS B 994 5.75 29.42 13.71
N TYR B 995 4.56 30.01 13.83
CA TYR B 995 3.48 29.79 12.87
C TYR B 995 3.52 30.76 11.70
N LEU B 996 4.40 31.76 11.71
CA LEU B 996 4.35 32.84 10.73
C LEU B 996 5.55 32.88 9.80
N GLY B 997 6.67 32.29 10.18
CA GLY B 997 7.86 32.29 9.34
C GLY B 997 7.68 31.55 8.03
N PRO B 998 7.12 30.34 8.09
CA PRO B 998 6.94 29.57 6.85
C PRO B 998 6.07 30.26 5.81
N TYR B 999 5.13 31.11 6.25
CA TYR B 999 4.29 31.85 5.32
C TYR B 999 5.15 32.67 4.35
N VAL B 1000 6.17 33.36 4.89
CA VAL B 1000 7.01 34.21 4.06
C VAL B 1000 7.75 33.39 3.03
N MET B 1001 8.30 32.26 3.44
CA MET B 1001 9.02 31.39 2.50
C MET B 1001 8.09 30.88 1.42
N MET B 1002 6.86 30.51 1.81
CA MET B 1002 5.89 30.05 0.81
C MET B 1002 5.59 31.14 -0.20
N ILE B 1003 5.40 32.37 0.26
CA ILE B 1003 5.15 33.49 -0.65
C ILE B 1003 6.33 33.66 -1.61
N GLY B 1004 7.55 33.62 -1.05
CA GLY B 1004 8.74 33.77 -1.89
C GLY B 1004 8.82 32.70 -2.95
N LYS B 1005 8.43 31.47 -2.62
CA LYS B 1005 8.46 30.39 -3.61
C LYS B 1005 7.36 30.55 -4.65
N MET B 1006 6.19 31.07 -4.26
CA MET B 1006 5.10 31.25 -5.22
C MET B 1006 5.34 32.43 -6.17
N MET B 1007 6.24 33.35 -5.80
CA MET B 1007 6.52 34.47 -6.69
C MET B 1007 6.95 34.03 -8.08
N ILE B 1008 7.59 32.86 -8.19
CA ILE B 1008 8.06 32.39 -9.50
C ILE B 1008 6.89 32.07 -10.41
N ASP B 1009 5.91 31.32 -9.90
CA ASP B 1009 4.70 31.07 -10.66
C ASP B 1009 3.97 32.37 -10.98
N MET B 1010 3.99 33.31 -10.05
CA MET B 1010 3.42 34.63 -10.33
C MET B 1010 4.07 35.24 -11.56
N MET B 1011 5.41 35.19 -11.64
CA MET B 1011 6.12 35.77 -12.78
C MET B 1011 5.77 35.05 -14.08
N TYR B 1012 5.70 33.71 -14.04
CA TYR B 1012 5.37 32.96 -15.24
C TYR B 1012 3.98 33.32 -15.74
N PHE B 1013 3.02 33.48 -14.82
CA PHE B 1013 1.69 33.97 -15.22
C PHE B 1013 1.78 35.37 -15.81
N VAL B 1014 2.61 36.22 -15.19
CA VAL B 1014 2.71 37.62 -15.60
C VAL B 1014 3.15 37.73 -17.04
N ILE B 1015 4.08 36.89 -17.48
CA ILE B 1015 4.59 37.02 -18.84
C ILE B 1015 3.45 36.88 -19.86
N ILE B 1016 2.67 35.81 -19.74
CA ILE B 1016 1.59 35.57 -20.71
C ILE B 1016 0.50 36.62 -20.56
N MET B 1017 0.20 37.03 -19.32
CA MET B 1017 -0.77 38.08 -19.13
C MET B 1017 -0.33 39.35 -19.87
N LEU B 1018 0.96 39.67 -19.79
CA LEU B 1018 1.49 40.84 -20.48
C LEU B 1018 1.36 40.70 -21.98
N VAL B 1019 1.66 39.53 -22.52
CA VAL B 1019 1.54 39.35 -23.97
C VAL B 1019 0.11 39.64 -24.42
N VAL B 1020 -0.87 39.02 -23.76
CA VAL B 1020 -2.26 39.21 -24.16
C VAL B 1020 -2.66 40.66 -23.97
N LEU B 1021 -2.26 41.26 -22.85
CA LEU B 1021 -2.57 42.66 -22.56
C LEU B 1021 -2.08 43.57 -23.68
N MET B 1022 -0.82 43.39 -24.08
CA MET B 1022 -0.26 44.24 -25.13
C MET B 1022 -0.99 44.04 -26.45
N SER B 1023 -1.31 42.79 -26.80
CA SER B 1023 -2.04 42.56 -28.04
C SER B 1023 -3.36 43.32 -28.05
N PHE B 1024 -4.14 43.17 -26.98
CA PHE B 1024 -5.45 43.83 -26.93
C PHE B 1024 -5.29 45.35 -26.95
N GLY B 1025 -4.34 45.88 -26.18
CA GLY B 1025 -4.16 47.32 -26.13
C GLY B 1025 -3.78 47.91 -27.47
N VAL B 1026 -2.85 47.26 -28.17
CA VAL B 1026 -2.44 47.75 -29.48
C VAL B 1026 -3.61 47.70 -30.45
N ALA B 1027 -4.37 46.60 -30.43
CA ALA B 1027 -5.51 46.52 -31.33
C ALA B 1027 -6.50 47.65 -31.07
N ARG B 1028 -6.84 47.87 -29.80
CA ARG B 1028 -7.81 48.92 -29.47
C ARG B 1028 -7.29 50.29 -29.90
N GLN B 1029 -6.02 50.58 -29.59
CA GLN B 1029 -5.48 51.90 -29.92
C GLN B 1029 -5.45 52.13 -31.42
N ALA B 1030 -5.08 51.10 -32.19
CA ALA B 1030 -4.99 51.27 -33.63
C ALA B 1030 -6.36 51.41 -34.28
N ILE B 1031 -7.35 50.64 -33.82
CA ILE B 1031 -8.67 50.72 -34.42
C ILE B 1031 -9.24 52.13 -34.26
N LEU B 1032 -9.14 52.69 -33.06
CA LEU B 1032 -9.48 54.08 -32.85
C LEU B 1032 -8.29 54.97 -33.18
N PHE B 1033 -8.53 56.29 -33.12
CA PHE B 1033 -7.52 57.31 -33.39
C PHE B 1033 -6.74 56.95 -34.67
N PRO B 1034 -7.42 56.85 -35.82
CA PRO B 1034 -6.69 56.42 -37.03
C PRO B 1034 -5.54 57.35 -37.40
N ASN B 1035 -5.68 58.65 -37.15
CA ASN B 1035 -4.65 59.64 -37.48
C ASN B 1035 -4.13 60.25 -36.19
N GLU B 1036 -2.82 60.13 -35.98
CA GLU B 1036 -2.18 60.71 -34.81
C GLU B 1036 -0.67 60.69 -34.96
N GLU B 1037 -0.02 61.84 -34.73
CA GLU B 1037 1.42 61.93 -34.88
C GLU B 1037 2.12 61.15 -33.77
N PRO B 1038 3.36 60.73 -34.00
CA PRO B 1038 4.06 59.94 -32.98
C PRO B 1038 4.23 60.72 -31.67
N SER B 1039 4.13 59.98 -30.57
CA SER B 1039 4.29 60.56 -29.24
C SER B 1039 4.35 59.40 -28.24
N TRP B 1040 4.68 59.74 -26.99
CA TRP B 1040 4.81 58.74 -25.95
C TRP B 1040 3.49 58.37 -25.29
N LYS B 1041 2.41 59.11 -25.56
CA LYS B 1041 1.12 58.77 -24.96
C LYS B 1041 0.61 57.43 -25.44
N LEU B 1042 1.04 56.98 -26.63
CA LEU B 1042 0.55 55.72 -27.17
C LEU B 1042 0.95 54.55 -26.27
N ALA B 1043 2.19 54.53 -25.80
CA ALA B 1043 2.64 53.45 -24.93
C ALA B 1043 1.82 53.41 -23.64
N LYS B 1044 1.56 54.58 -23.05
CA LYS B 1044 0.75 54.62 -21.85
C LYS B 1044 -0.67 54.13 -22.11
N ASN B 1045 -1.25 54.54 -23.24
CA ASN B 1045 -2.62 54.14 -23.57
C ASN B 1045 -2.72 52.65 -23.84
N ILE B 1046 -1.66 52.05 -24.37
CA ILE B 1046 -1.66 50.61 -24.61
C ILE B 1046 -1.93 49.85 -23.30
N PHE B 1047 -1.32 50.31 -22.21
CA PHE B 1047 -1.37 49.58 -20.95
C PHE B 1047 -2.48 50.05 -20.01
N TYR B 1048 -2.94 51.30 -20.14
CA TYR B 1048 -3.77 51.88 -19.09
C TYR B 1048 -5.04 51.09 -18.82
N MET B 1049 -6.00 51.12 -19.76
CA MET B 1049 -7.31 50.53 -19.47
C MET B 1049 -7.23 49.01 -19.30
N PRO B 1050 -6.59 48.25 -20.18
CA PRO B 1050 -6.66 46.79 -20.08
C PRO B 1050 -6.15 46.25 -18.76
N TYR B 1051 -5.15 46.87 -18.15
CA TYR B 1051 -4.66 46.39 -16.86
C TYR B 1051 -5.72 46.53 -15.78
N TRP B 1052 -6.42 47.67 -15.76
CA TRP B 1052 -7.48 47.85 -14.77
C TRP B 1052 -8.71 47.00 -15.09
N MET B 1053 -8.86 46.58 -16.34
CA MET B 1053 -9.98 45.69 -16.67
C MET B 1053 -9.91 44.38 -15.91
N ILE B 1054 -8.72 44.00 -15.43
CA ILE B 1054 -8.57 42.72 -14.73
C ILE B 1054 -9.30 42.76 -13.39
N TYR B 1055 -9.26 43.91 -12.71
CA TYR B 1055 -9.68 44.00 -11.31
C TYR B 1055 -11.08 44.57 -11.15
N GLY B 1056 -11.93 44.47 -12.16
CA GLY B 1056 -13.34 44.77 -12.03
C GLY B 1056 -13.80 46.10 -12.57
N GLU B 1057 -12.93 46.88 -13.23
CA GLU B 1057 -13.30 48.15 -13.83
C GLU B 1057 -13.25 47.99 -15.34
N VAL B 1058 -14.41 47.94 -15.98
CA VAL B 1058 -14.52 47.68 -17.41
C VAL B 1058 -14.78 48.93 -18.22
N PHE B 1059 -14.97 50.09 -17.58
CA PHE B 1059 -15.23 51.34 -18.27
C PHE B 1059 -16.45 51.21 -19.19
N ALA B 1060 -17.60 50.99 -18.55
CA ALA B 1060 -18.82 50.76 -19.32
C ALA B 1060 -19.15 51.94 -20.23
N ASP B 1061 -18.77 53.15 -19.85
CA ASP B 1061 -19.10 54.31 -20.66
C ASP B 1061 -18.42 54.25 -22.03
N GLN B 1062 -17.18 53.77 -22.07
CA GLN B 1062 -16.35 53.84 -23.26
C GLN B 1062 -16.33 52.55 -24.07
N ILE B 1063 -17.18 51.58 -23.73
CA ILE B 1063 -17.19 50.32 -24.46
C ILE B 1063 -17.65 50.54 -25.90
N ASP B 1064 -18.77 51.23 -26.08
CA ASP B 1064 -19.33 51.44 -27.41
C ASP B 1064 -20.21 52.68 -27.42
N PRO B 1065 -19.65 53.87 -27.56
CA PRO B 1065 -20.46 55.08 -27.60
C PRO B 1065 -21.34 55.12 -28.84
N PRO B 1066 -22.46 55.86 -28.80
CA PRO B 1066 -23.35 55.88 -29.96
C PRO B 1066 -22.69 56.36 -31.24
N CYS B 1067 -21.71 57.26 -31.13
CA CYS B 1067 -21.01 57.83 -32.28
C CYS B 1067 -22.05 58.55 -33.13
N GLY B 1068 -22.17 58.24 -34.42
CA GLY B 1068 -22.96 59.07 -35.32
C GLY B 1068 -24.44 58.80 -35.20
N GLN B 1069 -25.22 59.87 -35.12
CA GLN B 1069 -26.67 59.78 -35.07
C GLN B 1069 -27.21 61.21 -35.00
N ASN B 1070 -28.54 61.33 -35.08
CA ASN B 1070 -29.21 62.62 -34.96
C ASN B 1070 -29.82 62.68 -33.55
N GLU B 1071 -29.06 63.26 -32.62
CA GLU B 1071 -29.46 63.35 -31.22
C GLU B 1071 -29.77 64.80 -30.89
N THR B 1072 -31.00 65.06 -30.43
CA THR B 1072 -31.39 66.40 -30.03
C THR B 1072 -30.89 66.77 -28.66
N ARG B 1073 -30.44 65.79 -27.86
CA ARG B 1073 -29.94 66.04 -26.51
C ARG B 1073 -31.08 66.41 -25.58
N GLU B 1074 -30.76 66.81 -24.35
CA GLU B 1074 -31.76 67.20 -23.38
C GLU B 1074 -31.26 68.42 -22.61
N ASP B 1075 -32.18 69.35 -22.34
CA ASP B 1075 -31.88 70.56 -21.57
C ASP B 1075 -30.70 71.32 -22.18
N GLY B 1076 -30.68 71.40 -23.51
CA GLY B 1076 -29.62 72.13 -24.20
C GLY B 1076 -29.82 72.02 -25.70
N LYS B 1077 -29.03 72.83 -26.40
CA LYS B 1077 -29.08 72.81 -27.86
C LYS B 1077 -28.60 71.47 -28.40
N THR B 1078 -29.21 71.04 -29.50
CA THR B 1078 -28.84 69.78 -30.12
C THR B 1078 -27.36 69.77 -30.47
N ILE B 1079 -26.67 68.68 -30.12
CA ILE B 1079 -25.25 68.52 -30.36
C ILE B 1079 -25.09 67.50 -31.49
N GLN B 1080 -24.53 67.94 -32.60
CA GLN B 1080 -24.31 67.03 -33.73
C GLN B 1080 -23.29 65.98 -33.35
N LEU B 1081 -23.62 64.72 -33.63
CA LEU B 1081 -22.75 63.62 -33.22
C LEU B 1081 -21.60 63.43 -34.21
N PRO B 1082 -20.48 62.88 -33.75
CA PRO B 1082 -19.33 62.69 -34.64
C PRO B 1082 -19.66 61.69 -35.75
N PRO B 1083 -18.75 61.50 -36.71
CA PRO B 1083 -19.00 60.58 -37.82
C PRO B 1083 -18.58 59.14 -37.59
N CYS B 1084 -18.26 58.75 -36.36
CA CYS B 1084 -17.87 57.39 -36.05
C CYS B 1084 -16.55 57.03 -36.72
N LYS B 1085 -16.23 55.74 -36.76
CA LYS B 1085 -15.02 55.24 -37.40
C LYS B 1085 -15.39 54.08 -38.31
N THR B 1086 -14.41 53.64 -39.12
CA THR B 1086 -14.69 52.58 -40.09
C THR B 1086 -15.11 51.30 -39.40
N GLY B 1087 -14.45 50.94 -38.30
CA GLY B 1087 -14.81 49.74 -37.56
C GLY B 1087 -14.63 49.92 -36.06
N ALA B 1088 -15.67 49.67 -35.29
CA ALA B 1088 -15.62 49.78 -33.83
C ALA B 1088 -16.14 48.55 -33.12
N TRP B 1089 -17.17 47.88 -33.66
CA TRP B 1089 -17.73 46.69 -33.03
C TRP B 1089 -16.66 45.63 -32.76
N ILE B 1090 -15.63 45.59 -33.61
CA ILE B 1090 -14.51 44.70 -33.38
C ILE B 1090 -13.90 44.96 -32.00
N VAL B 1091 -13.93 46.21 -31.54
CA VAL B 1091 -13.39 46.52 -30.23
C VAL B 1091 -14.17 45.83 -29.11
N PRO B 1092 -15.50 45.94 -29.04
CA PRO B 1092 -16.23 45.14 -28.05
C PRO B 1092 -16.01 43.63 -28.20
N ALA B 1093 -15.93 43.13 -29.44
CA ALA B 1093 -15.71 41.69 -29.60
C ALA B 1093 -14.37 41.28 -28.98
N ILE B 1094 -13.31 42.02 -29.31
CA ILE B 1094 -11.99 41.69 -28.77
C ILE B 1094 -11.97 41.88 -27.26
N MET B 1095 -12.69 42.89 -26.75
CA MET B 1095 -12.75 43.09 -25.31
C MET B 1095 -13.37 41.88 -24.63
N ALA B 1096 -14.47 41.37 -25.18
CA ALA B 1096 -15.13 40.20 -24.60
C ALA B 1096 -14.19 39.00 -24.61
N CYS B 1097 -13.53 38.77 -25.75
CA CYS B 1097 -12.62 37.62 -25.84
C CYS B 1097 -11.47 37.76 -24.85
N TYR B 1098 -10.89 38.96 -24.75
CA TYR B 1098 -9.77 39.19 -23.85
C TYR B 1098 -10.16 39.00 -22.40
N LEU B 1099 -11.33 39.52 -22.01
CA LEU B 1099 -11.78 39.33 -20.63
C LEU B 1099 -12.03 37.85 -20.34
N LEU B 1100 -12.64 37.13 -21.29
CA LEU B 1100 -12.86 35.71 -21.09
C LEU B 1100 -11.54 34.97 -20.90
N VAL B 1101 -10.53 35.30 -21.71
CA VAL B 1101 -9.25 34.62 -21.60
C VAL B 1101 -8.56 34.96 -20.28
N ALA B 1102 -8.61 36.22 -19.86
CA ALA B 1102 -7.82 36.66 -18.73
C ALA B 1102 -8.48 36.34 -17.39
N ASN B 1103 -9.69 36.86 -17.17
CA ASN B 1103 -10.26 36.84 -15.83
C ASN B 1103 -10.66 35.44 -15.37
N ILE B 1104 -10.68 34.46 -16.26
CA ILE B 1104 -11.16 33.11 -15.94
C ILE B 1104 -10.05 32.07 -16.08
N LEU B 1105 -9.47 31.93 -17.27
CA LEU B 1105 -8.58 30.82 -17.54
C LEU B 1105 -7.28 30.91 -16.73
N LEU B 1106 -6.52 31.98 -16.94
CA LEU B 1106 -5.18 32.06 -16.38
C LEU B 1106 -5.21 32.10 -14.85
N VAL B 1107 -6.15 32.85 -14.28
CA VAL B 1107 -6.19 32.98 -12.82
C VAL B 1107 -6.51 31.64 -12.17
N ASN B 1108 -7.48 30.91 -12.72
CA ASN B 1108 -7.81 29.60 -12.18
C ASN B 1108 -6.66 28.61 -12.38
N LEU B 1109 -5.95 28.71 -13.50
CA LEU B 1109 -4.77 27.87 -13.69
C LEU B 1109 -3.73 28.15 -12.61
N LEU B 1110 -3.53 29.43 -12.29
CA LEU B 1110 -2.60 29.78 -11.21
C LEU B 1110 -3.08 29.23 -9.88
N ILE B 1111 -4.38 29.28 -9.63
CA ILE B 1111 -4.94 28.72 -8.40
C ILE B 1111 -4.62 27.22 -8.32
N ALA B 1112 -4.80 26.51 -9.43
CA ALA B 1112 -4.48 25.08 -9.45
C ALA B 1112 -3.00 24.85 -9.19
N VAL B 1113 -2.14 25.67 -9.79
CA VAL B 1113 -0.70 25.52 -9.57
C VAL B 1113 -0.37 25.68 -8.09
N PHE B 1114 -0.94 26.72 -7.47
CA PHE B 1114 -0.68 26.95 -6.05
C PHE B 1114 -1.18 25.77 -5.21
N ASN B 1115 -2.37 25.26 -5.52
CA ASN B 1115 -2.90 24.14 -4.77
C ASN B 1115 -1.98 22.93 -4.87
N ASN B 1116 -1.47 22.66 -6.07
CA ASN B 1116 -0.58 21.51 -6.25
C ASN B 1116 0.73 21.70 -5.49
N THR B 1117 1.30 22.91 -5.53
CA THR B 1117 2.64 23.13 -4.99
C THR B 1117 2.64 23.38 -3.48
N PHE B 1118 1.49 23.67 -2.88
CA PHE B 1118 1.44 24.05 -1.47
C PHE B 1118 1.99 22.95 -0.57
N PHE B 1119 1.49 21.72 -0.74
CA PHE B 1119 1.90 20.63 0.13
C PHE B 1119 3.40 20.35 -0.01
N GLU B 1120 3.90 20.37 -1.24
CA GLU B 1120 5.33 20.13 -1.45
C GLU B 1120 6.16 21.19 -0.76
N VAL B 1121 5.72 22.46 -0.81
CA VAL B 1121 6.54 23.53 -0.25
C VAL B 1121 6.46 23.58 1.27
N LYS B 1122 5.33 23.16 1.85
CA LYS B 1122 5.09 23.42 3.27
C LYS B 1122 6.14 22.75 4.16
N SER B 1123 6.35 21.45 3.99
CA SER B 1123 7.25 20.72 4.86
C SER B 1123 8.69 21.21 4.71
N ILE B 1124 9.10 21.47 3.47
CA ILE B 1124 10.45 21.96 3.24
C ILE B 1124 10.65 23.30 3.93
N SER B 1125 9.65 24.19 3.83
CA SER B 1125 9.75 25.49 4.49
C SER B 1125 9.87 25.32 6.00
N ASN B 1126 9.06 24.43 6.57
CA ASN B 1126 9.11 24.22 8.02
C ASN B 1126 10.49 23.73 8.46
N GLN B 1127 11.03 22.75 7.75
CA GLN B 1127 12.34 22.21 8.10
C GLN B 1127 13.43 23.28 7.97
N VAL B 1128 13.37 24.06 6.89
CA VAL B 1128 14.38 25.09 6.67
C VAL B 1128 14.31 26.14 7.78
N TRP B 1129 13.10 26.53 8.20
CA TRP B 1129 12.98 27.49 9.29
C TRP B 1129 13.55 26.91 10.58
N LYS B 1130 13.24 25.64 10.87
CA LYS B 1130 13.80 25.01 12.06
C LYS B 1130 15.32 25.02 12.02
N PHE B 1131 15.91 24.89 10.82
CA PHE B 1131 17.37 24.94 10.72
C PHE B 1131 17.89 26.37 10.95
N GLN B 1132 17.25 27.36 10.33
CA GLN B 1132 17.70 28.75 10.46
C GLN B 1132 17.54 29.27 11.89
N ARG B 1133 16.70 28.62 12.69
CA ARG B 1133 16.48 29.06 14.06
C ARG B 1133 17.79 29.15 14.83
N TYR B 1134 18.70 28.20 14.61
CA TYR B 1134 19.96 28.20 15.35
C TYR B 1134 20.78 29.45 15.04
N GLN B 1135 20.93 29.78 13.76
CA GLN B 1135 21.69 30.97 13.40
C GLN B 1135 21.01 32.22 13.93
N LEU B 1136 19.68 32.26 13.91
CA LEU B 1136 18.98 33.40 14.48
C LEU B 1136 19.33 33.56 15.96
N ILE B 1137 19.27 32.46 16.71
CA ILE B 1137 19.52 32.53 18.15
C ILE B 1137 20.95 32.99 18.41
N MET B 1138 21.91 32.42 17.67
CA MET B 1138 23.31 32.80 17.90
C MET B 1138 23.55 34.26 17.52
N THR B 1139 22.94 34.73 16.43
CA THR B 1139 23.11 36.13 16.05
C THR B 1139 22.61 37.06 17.13
N PHE B 1140 21.44 36.74 17.71
CA PHE B 1140 20.93 37.59 18.78
C PHE B 1140 21.72 37.39 20.08
N HIS B 1141 22.40 36.25 20.23
CA HIS B 1141 23.24 36.02 21.39
C HIS B 1141 24.51 36.87 21.33
N GLU B 1142 25.05 37.10 20.13
CA GLU B 1142 26.30 37.83 20.00
C GLU B 1142 26.13 39.35 20.01
N ARG B 1143 24.93 39.85 19.73
CA ARG B 1143 24.74 41.28 19.57
C ARG B 1143 24.88 42.02 20.90
N PRO B 1144 25.16 43.32 20.85
CA PRO B 1144 25.20 44.11 22.08
C PRO B 1144 23.82 44.26 22.71
N VAL B 1145 23.81 44.70 23.96
CA VAL B 1145 22.55 44.81 24.70
C VAL B 1145 21.70 45.96 24.15
N LEU B 1146 22.33 47.10 23.85
CA LEU B 1146 21.55 48.28 23.50
C LEU B 1146 21.07 48.21 22.04
N PRO B 1147 19.98 48.91 21.71
CA PRO B 1147 19.51 48.93 20.32
C PRO B 1147 20.28 49.93 19.48
N PRO B 1148 20.01 49.98 18.17
CA PRO B 1148 20.87 50.76 17.26
C PRO B 1148 20.96 52.24 17.64
N PRO B 1149 19.86 52.86 18.07
CA PRO B 1149 19.95 54.30 18.39
C PRO B 1149 20.98 54.64 19.43
N LEU B 1150 21.22 53.75 20.40
CA LEU B 1150 22.04 54.04 21.56
C LEU B 1150 23.34 53.25 21.60
N ILE B 1151 23.62 52.42 20.59
CA ILE B 1151 24.83 51.61 20.61
C ILE B 1151 26.06 52.37 20.15
N ILE B 1152 25.94 53.68 19.88
CA ILE B 1152 27.13 54.47 19.61
C ILE B 1152 28.07 54.44 20.80
N PHE B 1153 27.50 54.53 22.01
CA PHE B 1153 28.31 54.35 23.22
C PHE B 1153 28.89 52.95 23.28
N SER B 1154 28.12 51.95 22.84
CA SER B 1154 28.64 50.59 22.78
C SER B 1154 29.83 50.49 21.82
N HIS B 1155 29.73 51.16 20.67
CA HIS B 1155 30.86 51.17 19.74
C HIS B 1155 32.07 51.86 20.35
N MET B 1156 31.85 52.97 21.05
CA MET B 1156 32.95 53.66 21.70
C MET B 1156 33.62 52.77 22.74
N THR B 1157 32.83 52.03 23.51
CA THR B 1157 33.40 51.10 24.47
C THR B 1157 34.17 49.98 23.75
N MET B 1158 33.62 49.47 22.65
CA MET B 1158 34.27 48.37 21.94
C MET B 1158 35.62 48.78 21.38
N ILE B 1159 35.68 49.98 20.77
CA ILE B 1159 36.95 50.43 20.20
C ILE B 1159 37.98 50.65 21.31
N PHE B 1160 37.53 51.13 22.47
CA PHE B 1160 38.42 51.35 23.60
C PHE B 1160 39.00 50.03 24.10
N THR B 1186 34.13 16.83 34.36
CA THR B 1186 35.21 16.08 34.98
C THR B 1186 35.60 14.88 34.12
N ASP B 1187 36.77 14.31 34.42
CA ASP B 1187 37.21 13.12 33.69
C ASP B 1187 36.26 11.95 33.91
N ASP B 1188 35.76 11.80 35.15
CA ASP B 1188 34.82 10.72 35.43
C ASP B 1188 33.53 10.89 34.62
N GLU B 1189 33.05 12.14 34.50
CA GLU B 1189 31.85 12.39 33.70
C GLU B 1189 32.09 12.03 32.24
N LEU B 1190 33.25 12.40 31.70
CA LEU B 1190 33.56 12.07 30.31
C LEU B 1190 33.64 10.56 30.12
N LYS B 1191 34.25 9.84 31.08
CA LYS B 1191 34.31 8.40 30.98
C LYS B 1191 32.92 7.78 31.02
N LYS B 1192 32.04 8.31 31.89
CA LYS B 1192 30.67 7.82 31.95
C LYS B 1192 29.94 8.06 30.64
N VAL B 1193 30.13 9.24 30.04
CA VAL B 1193 29.48 9.54 28.77
C VAL B 1193 29.99 8.59 27.68
N HIS B 1194 31.30 8.33 27.65
CA HIS B 1194 31.85 7.42 26.66
C HIS B 1194 31.30 6.00 26.85
N ASP B 1195 31.20 5.55 28.10
CA ASP B 1195 30.63 4.23 28.36
C ASP B 1195 29.17 4.17 27.91
N PHE B 1196 28.41 5.23 28.19
CA PHE B 1196 27.02 5.29 27.74
C PHE B 1196 26.94 5.19 26.22
N GLU B 1197 27.81 5.93 25.52
CA GLU B 1197 27.80 5.91 24.07
C GLU B 1197 28.16 4.53 23.53
N GLU B 1198 29.17 3.88 24.12
CA GLU B 1198 29.55 2.54 23.69
C GLU B 1198 28.41 1.55 23.91
N GLN B 1199 27.75 1.63 25.07
CA GLN B 1199 26.61 0.77 25.34
C GLN B 1199 25.50 1.01 24.33
N CYS B 1200 25.23 2.28 24.01
CA CYS B 1200 24.19 2.58 23.03
C CYS B 1200 24.54 2.01 21.66
N ILE B 1201 25.81 2.14 21.26
CA ILE B 1201 26.23 1.60 19.97
C ILE B 1201 26.03 0.09 19.94
N GLU B 1202 26.48 -0.59 21.00
CA GLU B 1202 26.35 -2.04 21.04
C GLU B 1202 24.89 -2.47 21.00
N GLU B 1203 24.03 -1.79 21.78
CA GLU B 1203 22.62 -2.14 21.81
C GLU B 1203 21.98 -1.89 20.45
N TYR B 1204 22.31 -0.78 19.79
CA TYR B 1204 21.73 -0.48 18.49
C TYR B 1204 22.15 -1.52 17.45
N PHE B 1205 23.44 -1.89 17.44
CA PHE B 1205 23.88 -2.90 16.47
C PHE B 1205 23.23 -4.25 16.74
N ARG B 1206 23.13 -4.63 18.02
CA ARG B 1206 22.48 -5.91 18.33
C ARG B 1206 21.01 -5.90 17.93
N GLU B 1207 20.32 -4.78 18.17
CA GLU B 1207 18.93 -4.68 17.76
C GLU B 1207 18.78 -4.75 16.25
N LYS B 1208 19.68 -4.09 15.52
CA LYS B 1208 19.62 -4.15 14.07
C LYS B 1208 19.84 -5.57 13.56
N ASP B 1209 20.81 -6.28 14.14
CA ASP B 1209 21.06 -7.66 13.74
C ASP B 1209 19.85 -8.54 14.04
N ASP B 1210 19.26 -8.37 15.23
CA ASP B 1210 18.09 -9.17 15.60
C ASP B 1210 16.91 -8.88 14.67
N ARG B 1211 16.70 -7.61 14.33
CA ARG B 1211 15.62 -7.25 13.41
C ARG B 1211 15.85 -7.86 12.03
N PHE B 1212 17.09 -7.82 11.55
CA PHE B 1212 17.38 -8.43 10.25
C PHE B 1212 17.15 -9.93 10.29
N ASN B 1213 17.56 -10.59 11.37
CA ASN B 1213 17.36 -12.04 11.47
C ASN B 1213 15.88 -12.39 11.58
N SER B 1214 15.09 -11.53 12.22
CA SER B 1214 13.66 -11.78 12.37
C SER B 1214 12.90 -11.62 11.08
N SER B 1215 13.52 -11.04 10.05
CA SER B 1215 12.84 -10.86 8.77
C SER B 1215 12.40 -12.21 8.22
N ASN B 1216 11.18 -12.25 7.67
CA ASN B 1216 10.67 -13.50 7.13
C ASN B 1216 11.53 -14.03 6.01
N ASP B 1217 12.19 -13.14 5.27
CA ASP B 1217 13.06 -13.58 4.18
C ASP B 1217 14.20 -14.45 4.70
N GLU B 1218 14.81 -14.07 5.82
CA GLU B 1218 15.89 -14.86 6.40
C GLU B 1218 15.39 -16.23 6.82
N ARG B 1219 14.22 -16.28 7.48
CA ARG B 1219 13.68 -17.56 7.91
C ARG B 1219 13.34 -18.44 6.71
N ILE B 1220 12.73 -17.87 5.67
CA ILE B 1220 12.38 -18.65 4.49
C ILE B 1220 13.63 -19.22 3.83
N ARG B 1221 14.66 -18.39 3.69
CA ARG B 1221 15.89 -18.86 3.05
C ARG B 1221 16.53 -19.99 3.84
N VAL B 1222 16.60 -19.83 5.16
CA VAL B 1222 17.21 -20.87 6.00
C VAL B 1222 16.39 -22.16 5.91
N THR B 1223 15.07 -22.04 5.99
CA THR B 1223 14.22 -23.23 5.95
C THR B 1223 14.40 -23.98 4.64
N SER B 1224 14.42 -23.26 3.51
CA SER B 1224 14.58 -23.92 2.23
C SER B 1224 15.94 -24.63 2.14
N GLU B 1225 17.00 -23.98 2.61
CA GLU B 1225 18.33 -24.57 2.51
C GLU B 1225 18.42 -25.85 3.33
N ARG B 1226 17.95 -25.82 4.58
CA ARG B 1226 18.02 -27.02 5.42
C ARG B 1226 17.14 -28.13 4.86
N VAL B 1227 15.94 -27.79 4.37
CA VAL B 1227 15.05 -28.81 3.84
C VAL B 1227 15.67 -29.49 2.63
N GLU B 1228 16.28 -28.69 1.73
CA GLU B 1228 16.92 -29.28 0.56
C GLU B 1228 18.05 -30.21 0.95
N ASN B 1229 18.90 -29.77 1.88
CA ASN B 1229 20.00 -30.62 2.34
C ASN B 1229 19.48 -31.84 3.07
N MET B 1230 18.48 -31.66 3.94
CA MET B 1230 17.93 -32.79 4.69
C MET B 1230 17.27 -33.79 3.76
N SER B 1231 16.52 -33.32 2.76
CA SER B 1231 15.85 -34.22 1.85
C SER B 1231 16.86 -35.09 1.09
N MET B 1232 17.94 -34.48 0.61
CA MET B 1232 18.97 -35.24 -0.09
C MET B 1232 19.61 -36.27 0.83
N ARG B 1233 19.93 -35.86 2.06
CA ARG B 1233 20.52 -36.80 3.02
C ARG B 1233 19.56 -37.95 3.33
N LEU B 1234 18.28 -37.64 3.52
CA LEU B 1234 17.31 -38.69 3.81
C LEU B 1234 17.18 -39.66 2.63
N GLU B 1235 17.18 -39.15 1.40
CA GLU B 1235 17.07 -40.02 0.24
C GLU B 1235 18.24 -40.98 0.17
N GLU B 1236 19.45 -40.49 0.44
CA GLU B 1236 20.62 -41.36 0.42
C GLU B 1236 20.51 -42.45 1.46
N VAL B 1237 20.05 -42.10 2.67
CA VAL B 1237 19.91 -43.10 3.73
C VAL B 1237 18.88 -44.15 3.32
N ASN B 1238 17.76 -43.72 2.76
CA ASN B 1238 16.74 -44.68 2.34
C ASN B 1238 17.27 -45.63 1.28
N GLU B 1239 17.98 -45.11 0.29
CA GLU B 1239 18.55 -45.97 -0.74
C GLU B 1239 19.60 -46.90 -0.16
N ARG B 1240 20.44 -46.39 0.74
CA ARG B 1240 21.46 -47.22 1.37
C ARG B 1240 20.84 -48.26 2.30
N GLU B 1241 19.66 -47.97 2.86
CA GLU B 1241 19.01 -48.92 3.74
C GLU B 1241 18.62 -50.21 3.04
N HIS B 1242 18.56 -50.22 1.71
CA HIS B 1242 18.20 -51.44 0.99
C HIS B 1242 19.25 -52.52 1.21
N SER B 1243 20.54 -52.15 1.21
CA SER B 1243 21.59 -53.14 1.43
C SER B 1243 21.44 -53.80 2.79
N MET B 1244 21.10 -53.02 3.82
CA MET B 1244 20.90 -53.59 5.15
C MET B 1244 19.75 -54.60 5.14
N LYS B 1245 18.68 -54.29 4.42
CA LYS B 1245 17.54 -55.20 4.32
C LYS B 1245 17.98 -56.56 3.74
N THR C 138 50.09 -5.43 52.80
CA THR C 138 49.37 -4.61 51.83
C THR C 138 49.78 -5.01 50.41
N ASP C 139 50.00 -4.02 49.55
CA ASP C 139 50.46 -4.25 48.19
C ASP C 139 49.30 -4.63 47.28
N ALA C 140 49.48 -4.51 45.97
CA ALA C 140 48.45 -4.84 45.00
C ALA C 140 47.26 -3.92 45.25
N PHE C 141 46.03 -4.42 45.29
CA PHE C 141 44.84 -3.59 45.49
C PHE C 141 44.66 -2.62 44.33
N GLY C 142 44.65 -3.16 43.12
CA GLY C 142 44.49 -2.34 41.93
C GLY C 142 43.67 -3.07 40.89
N THR C 143 43.01 -2.29 40.03
CA THR C 143 42.15 -2.80 38.98
C THR C 143 42.84 -2.63 37.63
N ILE C 144 42.87 -3.69 36.83
CA ILE C 144 43.52 -3.68 35.52
C ILE C 144 42.50 -4.12 34.48
N GLU C 145 42.42 -3.38 33.38
CA GLU C 145 41.51 -3.69 32.28
C GLU C 145 42.31 -4.38 31.17
N PHE C 146 41.86 -5.56 30.76
CA PHE C 146 42.55 -6.35 29.75
C PHE C 146 42.11 -5.85 28.37
N GLN C 147 42.70 -4.73 27.96
CA GLN C 147 42.40 -4.15 26.66
C GLN C 147 43.26 -4.78 25.57
N SER C 152 37.45 -4.51 26.26
CA SER C 152 38.37 -4.14 27.33
C SER C 152 38.20 -5.05 28.54
N ASN C 153 36.94 -5.28 28.91
CA ASN C 153 36.61 -6.15 30.05
C ASN C 153 37.27 -5.62 31.33
N LYS C 154 36.87 -4.41 31.71
CA LYS C 154 37.38 -3.81 32.93
C LYS C 154 37.01 -4.66 34.14
N ALA C 155 37.95 -4.81 35.07
CA ALA C 155 37.74 -5.65 36.23
C ALA C 155 38.61 -5.15 37.38
N MET C 156 38.23 -5.56 38.59
CA MET C 156 38.99 -5.25 39.79
C MET C 156 39.83 -6.45 40.21
N TYR C 157 40.98 -6.16 40.82
CA TYR C 157 41.91 -7.21 41.23
C TYR C 157 42.46 -6.89 42.61
N VAL C 158 42.52 -7.91 43.45
CA VAL C 158 43.08 -7.80 44.80
C VAL C 158 43.97 -9.01 45.04
N ARG C 159 45.19 -8.77 45.50
CA ARG C 159 46.16 -9.84 45.76
C ARG C 159 46.11 -10.15 47.26
N VAL C 160 45.07 -10.87 47.66
CA VAL C 160 44.94 -11.25 49.06
C VAL C 160 45.95 -12.35 49.40
N SER C 161 46.18 -12.51 50.70
CA SER C 161 47.11 -13.53 51.18
C SER C 161 46.41 -14.88 51.29
N PHE C 162 47.18 -15.90 51.65
CA PHE C 162 46.60 -17.23 51.81
C PHE C 162 45.54 -17.24 52.89
N ASP C 163 45.80 -16.58 54.01
CA ASP C 163 44.80 -16.43 55.07
C ASP C 163 43.89 -15.25 54.74
N THR C 164 42.58 -15.48 54.80
CA THR C 164 41.60 -14.47 54.45
C THR C 164 40.52 -14.40 55.52
N LYS C 165 39.92 -13.22 55.65
CA LYS C 165 38.84 -12.99 56.59
C LYS C 165 37.53 -12.90 55.83
N PRO C 166 36.52 -13.72 56.11
CA PRO C 166 35.27 -13.64 55.34
C PRO C 166 34.65 -12.25 55.38
N ASP C 167 34.74 -11.56 56.51
CA ASP C 167 34.15 -10.22 56.61
C ASP C 167 34.82 -9.26 55.63
N LEU C 168 36.16 -9.32 55.54
CA LEU C 168 36.87 -8.42 54.64
C LEU C 168 36.45 -8.62 53.19
N LEU C 169 36.43 -9.88 52.74
CA LEU C 169 36.04 -10.15 51.36
C LEU C 169 34.59 -9.78 51.11
N LEU C 170 33.71 -10.08 52.06
CA LEU C 170 32.29 -9.72 51.90
C LEU C 170 32.12 -8.21 51.77
N HIS C 171 32.80 -7.45 52.63
CA HIS C 171 32.71 -6.00 52.55
C HIS C 171 33.29 -5.48 51.23
N LEU C 172 34.41 -6.04 50.80
CA LEU C 172 35.04 -5.58 49.56
C LEU C 172 34.12 -5.83 48.37
N MET C 173 33.52 -7.01 48.31
CA MET C 173 32.66 -7.35 47.17
C MET C 173 31.36 -6.56 47.22
N THR C 174 30.71 -6.51 48.38
CA THR C 174 29.40 -5.88 48.47
C THR C 174 29.50 -4.37 48.43
N LYS C 175 30.51 -3.80 49.10
CA LYS C 175 30.63 -2.35 49.24
C LYS C 175 31.76 -1.76 48.42
N GLU C 176 32.99 -2.25 48.59
CA GLU C 176 34.10 -1.69 47.84
C GLU C 176 33.92 -1.86 46.33
N TRP C 177 33.48 -3.03 45.91
CA TRP C 177 33.24 -3.31 44.50
C TRP C 177 31.84 -2.94 44.05
N GLN C 178 30.96 -2.53 44.97
CA GLN C 178 29.59 -2.17 44.64
C GLN C 178 28.89 -3.31 43.91
N LEU C 179 29.17 -4.54 44.34
CA LEU C 179 28.57 -5.72 43.73
C LEU C 179 27.36 -6.19 44.53
N PRO C 182 24.16 -12.13 45.63
CA PRO C 182 23.26 -12.91 44.79
C PRO C 182 22.44 -13.93 45.56
N LYS C 183 21.26 -14.27 45.03
CA LYS C 183 20.39 -15.24 45.69
C LYS C 183 20.96 -16.66 45.61
N LEU C 184 21.73 -16.96 44.56
CA LEU C 184 22.33 -18.26 44.36
C LEU C 184 23.84 -18.08 44.17
N LEU C 185 24.59 -19.10 44.54
CA LEU C 185 26.05 -19.10 44.43
C LEU C 185 26.50 -20.35 43.69
N ILE C 186 27.47 -20.18 42.78
CA ILE C 186 27.99 -21.28 41.98
C ILE C 186 29.51 -21.17 41.95
N SER C 187 30.18 -22.31 42.10
CA SER C 187 31.63 -22.39 42.04
C SER C 187 32.02 -23.60 41.21
N VAL C 188 33.03 -23.45 40.36
CA VAL C 188 33.47 -24.48 39.44
C VAL C 188 34.90 -24.87 39.76
N HIS C 189 35.15 -26.17 39.89
CA HIS C 189 36.48 -26.72 40.07
C HIS C 189 36.89 -27.43 38.79
N GLY C 190 38.06 -27.07 38.26
CA GLY C 190 38.55 -27.67 37.04
C GLY C 190 40.07 -27.78 37.01
N GLN C 203 29.13 -26.60 23.63
CA GLN C 203 27.95 -25.79 23.35
C GLN C 203 26.96 -25.86 24.50
N VAL C 204 26.63 -27.08 24.91
CA VAL C 204 25.70 -27.27 26.02
C VAL C 204 26.28 -26.70 27.31
N PHE C 205 27.57 -26.94 27.55
CA PHE C 205 28.20 -26.42 28.75
C PHE C 205 28.12 -24.90 28.82
N GLY C 206 28.46 -24.22 27.73
CA GLY C 206 28.37 -22.77 27.71
C GLY C 206 26.94 -22.28 27.81
N LYS C 207 26.03 -22.90 27.05
CA LYS C 207 24.65 -22.46 27.03
C LYS C 207 24.00 -22.62 28.40
N GLY C 208 24.23 -23.76 29.06
CA GLY C 208 23.61 -24.00 30.34
C GLY C 208 24.07 -23.02 31.41
N LEU C 209 25.38 -22.80 31.50
CA LEU C 209 25.90 -21.88 32.50
C LEU C 209 25.44 -20.45 32.24
N ILE C 210 25.46 -20.03 30.97
CA ILE C 210 25.08 -18.66 30.64
C ILE C 210 23.62 -18.43 31.01
N LYS C 211 22.75 -19.36 30.66
CA LYS C 211 21.34 -19.22 31.00
C LYS C 211 21.12 -19.23 32.50
N ALA C 212 21.78 -20.16 33.20
CA ALA C 212 21.61 -20.26 34.65
C ALA C 212 22.11 -19.00 35.34
N ALA C 213 23.29 -18.52 34.96
CA ALA C 213 23.84 -17.33 35.60
C ALA C 213 22.98 -16.10 35.32
N MET C 214 22.53 -15.94 34.07
CA MET C 214 21.74 -14.76 33.72
C MET C 214 20.41 -14.77 34.47
N THR C 215 19.73 -15.92 34.50
CA THR C 215 18.44 -15.99 35.18
C THR C 215 18.61 -15.86 36.69
N THR C 216 19.56 -16.60 37.26
CA THR C 216 19.78 -16.55 38.69
C THR C 216 20.52 -15.28 39.12
N GLY C 217 21.33 -14.71 38.23
CA GLY C 217 22.15 -13.57 38.60
C GLY C 217 23.11 -13.92 39.71
N ALA C 218 23.76 -15.07 39.58
CA ALA C 218 24.61 -15.63 40.62
C ALA C 218 26.08 -15.46 40.25
N TRP C 219 26.90 -15.15 41.26
CA TRP C 219 28.33 -15.05 41.05
C TRP C 219 28.92 -16.43 40.77
N ILE C 220 29.89 -16.49 39.86
CA ILE C 220 30.54 -17.72 39.45
C ILE C 220 31.98 -17.69 39.93
N PHE C 221 32.37 -18.71 40.67
CA PHE C 221 33.75 -18.86 41.14
C PHE C 221 34.47 -19.84 40.22
N THR C 222 35.51 -19.36 39.55
CA THR C 222 36.29 -20.16 38.62
C THR C 222 37.75 -19.78 38.74
N GLY C 223 38.63 -20.69 38.31
CA GLY C 223 40.05 -20.42 38.35
C GLY C 223 40.43 -19.16 37.60
N GLY C 224 41.20 -18.29 38.25
CA GLY C 224 41.64 -17.08 37.58
C GLY C 224 42.60 -17.34 36.44
N VAL C 225 43.43 -18.37 36.56
CA VAL C 225 44.41 -18.69 35.52
C VAL C 225 43.68 -19.09 34.26
N ASN C 226 44.07 -18.50 33.13
CA ASN C 226 43.45 -18.81 31.85
C ASN C 226 43.67 -20.27 31.48
N VAL C 229 40.47 -25.78 32.09
CA VAL C 229 39.02 -25.70 31.92
C VAL C 229 38.56 -24.25 32.03
N ILE C 230 39.42 -23.39 32.60
CA ILE C 230 39.06 -21.98 32.75
C ILE C 230 38.86 -21.34 31.38
N ARG C 231 39.75 -21.65 30.44
CA ARG C 231 39.65 -21.08 29.10
C ARG C 231 38.30 -21.42 28.46
N HIS C 232 37.84 -22.65 28.64
CA HIS C 232 36.55 -23.04 28.07
C HIS C 232 35.43 -22.16 28.62
N VAL C 233 35.43 -21.92 29.94
CA VAL C 233 34.40 -21.06 30.54
C VAL C 233 34.50 -19.65 29.97
N GLY C 234 35.72 -19.11 29.89
CA GLY C 234 35.88 -17.77 29.36
C GLY C 234 35.34 -17.64 27.95
N ASP C 235 35.59 -18.65 27.11
CA ASP C 235 35.05 -18.64 25.75
C ASP C 235 33.53 -18.61 25.78
N ALA C 236 32.92 -19.41 26.66
CA ALA C 236 31.47 -19.42 26.77
C ALA C 236 30.93 -18.05 27.18
N LEU C 237 31.61 -17.39 28.12
CA LEU C 237 31.18 -16.06 28.54
C LEU C 237 31.21 -15.07 27.38
N LYS C 238 32.27 -15.15 26.56
CA LYS C 238 32.36 -14.25 25.41
C LYS C 238 31.18 -14.44 24.47
N ASP C 239 30.65 -15.65 24.38
CA ASP C 239 29.51 -15.93 23.53
C ASP C 239 28.21 -15.47 24.19
N LYS C 247 25.85 -9.10 31.80
CA LYS C 247 26.88 -8.61 32.71
C LYS C 247 27.00 -9.51 33.94
N ILE C 248 27.28 -10.79 33.70
CA ILE C 248 27.42 -11.73 34.81
C ILE C 248 28.67 -11.38 35.61
N CYS C 249 28.51 -11.29 36.92
CA CYS C 249 29.60 -10.89 37.81
C CYS C 249 30.35 -12.13 38.30
N THR C 250 31.07 -12.75 37.37
CA THR C 250 31.90 -13.89 37.71
C THR C 250 33.10 -13.45 38.54
N ILE C 251 33.55 -14.34 39.42
CA ILE C 251 34.69 -14.09 40.29
C ILE C 251 35.78 -15.09 39.96
N GLY C 252 36.99 -14.59 39.74
CA GLY C 252 38.14 -15.42 39.41
C GLY C 252 39.11 -15.49 40.58
N ILE C 253 39.49 -16.72 40.94
CA ILE C 253 40.40 -16.98 42.05
C ILE C 253 41.60 -17.73 41.50
N ALA C 254 42.80 -17.23 41.79
CA ALA C 254 44.03 -17.87 41.34
C ALA C 254 45.17 -17.56 42.29
N LEU C 287 44.47 -15.04 35.37
CA LEU C 287 44.17 -13.66 35.05
C LEU C 287 43.35 -13.56 33.76
N ASN C 288 42.24 -14.30 33.70
CA ASN C 288 41.40 -14.30 32.53
C ASN C 288 40.74 -12.93 32.35
N SER C 289 40.67 -12.48 31.10
CA SER C 289 40.07 -11.18 30.82
C SER C 289 38.58 -11.16 31.16
N MET C 290 37.88 -12.26 30.87
CA MET C 290 36.43 -12.28 31.05
C MET C 290 36.05 -12.09 32.51
N HIS C 291 36.75 -12.73 33.43
CA HIS C 291 36.37 -12.69 34.83
C HIS C 291 36.54 -11.29 35.40
N SER C 292 35.71 -10.97 36.40
CA SER C 292 35.72 -9.67 37.05
C SER C 292 35.87 -9.86 38.55
N HIS C 293 36.32 -8.79 39.23
CA HIS C 293 36.52 -8.81 40.67
C HIS C 293 37.53 -9.90 41.06
N PHE C 294 38.72 -9.82 40.47
CA PHE C 294 39.73 -10.84 40.71
C PHE C 294 40.19 -10.83 42.16
N ILE C 295 40.37 -12.02 42.71
CA ILE C 295 40.94 -12.22 44.03
C ILE C 295 42.09 -13.21 43.91
N LEU C 296 43.24 -12.86 44.47
CA LEU C 296 44.45 -13.67 44.36
C LEU C 296 44.87 -14.17 45.74
N ALA C 297 45.75 -15.17 45.74
CA ALA C 297 46.29 -15.75 46.96
C ALA C 297 47.80 -15.65 46.94
N ASP C 298 48.37 -15.30 48.08
CA ASP C 298 49.83 -15.16 48.22
C ASP C 298 50.39 -16.48 48.69
N ASN C 299 51.18 -17.13 47.84
CA ASN C 299 51.79 -18.41 48.18
C ASN C 299 53.29 -18.40 47.87
N GLU C 308 44.69 -20.01 50.87
CA GLU C 308 44.07 -19.87 49.56
C GLU C 308 42.77 -20.66 49.50
N VAL C 309 42.88 -21.98 49.32
CA VAL C 309 41.70 -22.83 49.22
C VAL C 309 40.91 -22.80 50.54
N LYS C 310 41.62 -22.90 51.67
CA LYS C 310 40.95 -22.89 52.96
C LYS C 310 40.26 -21.55 53.21
N LEU C 311 40.95 -20.45 52.92
CA LEU C 311 40.34 -19.14 53.09
C LEU C 311 39.15 -18.96 52.16
N ARG C 312 39.28 -19.41 50.92
CA ARG C 312 38.16 -19.33 49.97
C ARG C 312 36.96 -20.09 50.48
N ARG C 313 37.17 -21.31 50.99
CA ARG C 313 36.07 -22.11 51.48
C ARG C 313 35.44 -21.48 52.71
N GLN C 314 36.26 -20.91 53.60
CA GLN C 314 35.72 -20.22 54.77
C GLN C 314 34.86 -19.04 54.35
N LEU C 315 35.34 -18.25 53.38
CA LEU C 315 34.57 -17.11 52.90
C LEU C 315 33.26 -17.57 52.27
N GLU C 316 33.30 -18.64 51.48
CA GLU C 316 32.07 -19.14 50.87
C GLU C 316 31.09 -19.62 51.93
N LYS C 317 31.58 -20.31 52.96
CA LYS C 317 30.70 -20.77 54.03
C LYS C 317 30.08 -19.58 54.76
N HIS C 318 30.88 -18.55 55.04
CA HIS C 318 30.35 -17.37 55.72
C HIS C 318 29.29 -16.68 54.86
N ILE C 319 29.54 -16.57 53.55
CA ILE C 319 28.55 -15.96 52.67
C ILE C 319 27.27 -16.77 52.65
N SER C 320 27.39 -18.10 52.55
CA SER C 320 26.20 -18.95 52.53
C SER C 320 25.42 -18.83 53.84
N LEU C 321 26.14 -18.67 54.96
CA LEU C 321 25.45 -18.52 56.25
C LEU C 321 24.49 -17.34 56.24
N GLN C 322 24.85 -16.25 55.55
CA GLN C 322 23.97 -15.10 55.46
C GLN C 322 22.73 -15.45 54.67
N LYS C 323 21.59 -14.90 55.10
CA LYS C 323 20.32 -15.15 54.43
C LYS C 323 20.31 -14.57 53.02
N VAL C 332 21.23 -18.49 50.72
CA VAL C 332 21.97 -18.49 49.46
C VAL C 332 22.52 -19.89 49.18
N PRO C 333 21.72 -20.74 48.53
CA PRO C 333 22.20 -22.10 48.23
C PRO C 333 23.45 -22.05 47.35
N VAL C 334 24.38 -22.96 47.61
CA VAL C 334 25.65 -23.04 46.90
C VAL C 334 25.73 -24.41 46.23
N VAL C 335 25.93 -24.41 44.91
CA VAL C 335 26.09 -25.64 44.14
C VAL C 335 27.37 -25.53 43.34
N ALA C 336 28.17 -26.60 43.33
CA ALA C 336 29.45 -26.63 42.63
C ALA C 336 29.37 -27.67 41.52
N LEU C 337 29.65 -27.25 40.29
CA LEU C 337 29.73 -28.14 39.15
C LEU C 337 31.20 -28.40 38.82
N ILE C 338 31.52 -29.64 38.46
CA ILE C 338 32.89 -30.07 38.24
C ILE C 338 32.96 -30.79 36.90
N VAL C 339 33.95 -30.41 36.10
CA VAL C 339 34.16 -31.03 34.79
C VAL C 339 35.43 -31.89 34.82
N PRO C 343 42.97 -36.47 40.14
CA PRO C 343 43.00 -37.16 41.45
C PRO C 343 42.44 -36.29 42.58
N ASN C 344 42.96 -35.07 42.70
CA ASN C 344 42.46 -34.17 43.74
C ASN C 344 41.02 -33.75 43.51
N VAL C 345 40.50 -33.94 42.29
CA VAL C 345 39.11 -33.57 42.00
C VAL C 345 38.17 -34.39 42.87
N ILE C 346 38.40 -35.70 42.96
CA ILE C 346 37.57 -36.54 43.80
C ILE C 346 37.74 -36.18 45.26
N SER C 347 38.96 -35.81 45.66
CA SER C 347 39.20 -35.41 47.04
C SER C 347 38.36 -34.20 47.41
N ILE C 348 38.38 -33.16 46.57
CA ILE C 348 37.58 -31.97 46.85
C ILE C 348 36.09 -32.29 46.77
N VAL C 349 35.70 -33.17 45.85
CA VAL C 349 34.31 -33.57 45.75
C VAL C 349 33.83 -34.16 47.07
N LEU C 350 34.59 -35.12 47.60
CA LEU C 350 34.19 -35.77 48.84
C LEU C 350 34.25 -34.79 50.01
N GLU C 351 35.26 -33.91 50.03
CA GLU C 351 35.34 -32.92 51.09
C GLU C 351 34.09 -32.05 51.12
N TYR C 352 33.69 -31.54 49.95
CA TYR C 352 32.50 -30.69 49.88
C TYR C 352 31.25 -31.48 50.25
N LEU C 353 31.13 -32.72 49.77
CA LEU C 353 29.92 -33.50 50.03
C LEU C 353 29.78 -33.82 51.52
N ARG C 354 30.88 -34.20 52.17
CA ARG C 354 30.81 -34.62 53.56
C ARG C 354 30.83 -33.44 54.52
N ASP C 355 31.91 -32.64 54.48
CA ASP C 355 32.06 -31.55 55.44
C ASP C 355 30.92 -30.55 55.30
N THR C 356 30.57 -30.17 54.07
CA THR C 356 29.50 -29.23 53.84
C THR C 356 28.20 -29.99 53.59
N PRO C 357 27.18 -29.85 54.43
CA PRO C 357 25.91 -30.55 54.20
C PRO C 357 25.35 -30.23 52.82
N PRO C 358 25.35 -28.95 52.42
CA PRO C 358 24.88 -28.63 51.06
C PRO C 358 25.98 -28.74 50.03
N VAL C 359 25.82 -29.64 49.06
CA VAL C 359 26.78 -29.80 47.98
C VAL C 359 26.14 -30.59 46.84
N PRO C 360 25.13 -30.05 46.15
CA PRO C 360 24.54 -30.79 45.03
C PRO C 360 25.47 -30.87 43.83
N VAL C 361 26.64 -31.47 44.01
CA VAL C 361 27.61 -31.56 42.94
C VAL C 361 27.07 -32.44 41.82
N VAL C 362 27.28 -32.00 40.58
CA VAL C 362 26.81 -32.73 39.40
C VAL C 362 28.02 -33.04 38.52
N VAL C 363 28.17 -34.31 38.16
CA VAL C 363 29.26 -34.69 37.26
C VAL C 363 28.94 -34.27 35.83
N CYS C 364 29.99 -34.12 35.03
CA CYS C 364 29.87 -33.70 33.64
C CYS C 364 30.40 -34.79 32.72
N ASP C 365 30.00 -34.70 31.45
CA ASP C 365 30.40 -35.71 30.48
C ASP C 365 31.91 -35.72 30.26
N GLY C 366 32.59 -34.63 30.61
CA GLY C 366 34.03 -34.55 30.42
C GLY C 366 34.78 -35.68 31.07
N SER C 367 35.71 -36.29 30.33
CA SER C 367 36.47 -37.42 30.84
C SER C 367 37.52 -36.96 31.85
N GLY C 368 38.02 -37.93 32.63
CA GLY C 368 39.02 -37.66 33.65
C GLY C 368 38.51 -38.07 35.02
N ARG C 369 38.78 -37.21 36.01
CA ARG C 369 38.30 -37.47 37.36
C ARG C 369 36.77 -37.49 37.40
N ALA C 370 36.14 -36.57 36.67
CA ALA C 370 34.68 -36.54 36.64
C ALA C 370 34.11 -37.84 36.07
N SER C 371 34.71 -38.35 35.00
CA SER C 371 34.23 -39.59 34.40
C SER C 371 34.34 -40.75 35.37
N ASP C 372 35.48 -40.86 36.06
CA ASP C 372 35.66 -41.93 37.03
C ASP C 372 34.66 -41.81 38.17
N ILE C 373 34.44 -40.59 38.66
CA ILE C 373 33.50 -40.39 39.76
C ILE C 373 32.09 -40.77 39.32
N LEU C 374 31.70 -40.37 38.12
CA LEU C 374 30.37 -40.71 37.61
C LEU C 374 30.22 -42.21 37.45
N ALA C 375 31.24 -42.88 36.90
CA ALA C 375 31.18 -44.32 36.74
C ALA C 375 31.06 -45.03 38.08
N PHE C 376 31.83 -44.59 39.08
CA PHE C 376 31.74 -45.20 40.40
C PHE C 376 30.37 -44.97 41.02
N GLY C 377 29.83 -43.76 40.90
CA GLY C 377 28.53 -43.48 41.49
C GLY C 377 27.40 -44.25 40.82
N HIS C 378 27.46 -44.39 39.50
CA HIS C 378 26.39 -45.07 38.79
C HIS C 378 26.27 -46.54 39.23
N LYS C 379 27.41 -47.20 39.38
CA LYS C 379 27.41 -48.61 39.79
C LYS C 379 27.45 -48.73 41.31
N SER C 390 35.44 -57.18 41.53
CA SER C 390 34.98 -57.18 40.14
C SER C 390 34.95 -55.75 39.59
N LEU C 391 33.83 -55.06 39.80
CA LEU C 391 33.72 -53.69 39.33
C LEU C 391 34.74 -52.78 40.02
N ARG C 392 34.93 -52.96 41.32
CA ARG C 392 35.91 -52.16 42.04
C ARG C 392 37.32 -52.43 41.52
N ASP C 393 37.64 -53.70 41.25
CA ASP C 393 38.95 -54.03 40.70
C ASP C 393 39.14 -53.40 39.33
N GLN C 394 38.11 -53.44 38.49
CA GLN C 394 38.20 -52.83 37.17
C GLN C 394 38.41 -51.32 37.28
N LEU C 395 37.69 -50.67 38.19
CA LEU C 395 37.87 -49.23 38.39
C LEU C 395 39.28 -48.91 38.87
N LEU C 396 39.80 -49.71 39.81
CA LEU C 396 41.15 -49.49 40.31
C LEU C 396 42.18 -49.67 39.19
N VAL C 397 42.00 -50.69 38.36
CA VAL C 397 42.92 -50.90 37.24
C VAL C 397 42.85 -49.73 36.27
N THR C 398 41.64 -49.25 35.96
CA THR C 398 41.50 -48.11 35.07
C THR C 398 42.15 -46.86 35.67
N ILE C 399 42.13 -46.73 37.00
CA ILE C 399 42.75 -45.58 37.63
C ILE C 399 44.24 -45.52 37.33
N GLN C 400 44.91 -46.67 37.41
CA GLN C 400 46.34 -46.74 37.12
C GLN C 400 46.61 -46.48 35.65
N THR C 408 48.45 -49.48 45.35
CA THR C 408 48.31 -48.98 46.72
C THR C 408 47.51 -47.68 46.73
N GLN C 409 47.81 -46.79 45.78
CA GLN C 409 47.09 -45.53 45.71
C GLN C 409 45.60 -45.75 45.45
N ALA C 410 45.27 -46.68 44.55
CA ALA C 410 43.86 -46.95 44.27
C ALA C 410 43.15 -47.49 45.50
N GLN C 411 43.79 -48.40 46.24
CA GLN C 411 43.17 -48.95 47.44
C GLN C 411 42.94 -47.86 48.48
N HIS C 412 43.91 -46.97 48.67
CA HIS C 412 43.74 -45.88 49.63
C HIS C 412 42.65 -44.91 49.17
N LEU C 413 42.60 -44.64 47.86
CA LEU C 413 41.62 -43.69 47.34
C LEU C 413 40.20 -44.23 47.38
N PHE C 414 40.02 -45.55 47.36
CA PHE C 414 38.69 -46.13 47.37
C PHE C 414 37.98 -45.93 48.71
N ILE C 415 38.68 -45.50 49.75
CA ILE C 415 38.03 -45.24 51.03
C ILE C 415 36.96 -44.17 50.86
N ILE C 416 37.30 -43.10 50.15
CA ILE C 416 36.32 -42.04 49.88
C ILE C 416 35.19 -42.57 49.00
N LEU C 417 35.53 -43.36 47.98
CA LEU C 417 34.51 -43.90 47.09
C LEU C 417 33.51 -44.77 47.84
N MET C 418 33.94 -45.39 48.94
CA MET C 418 33.00 -46.16 49.76
C MET C 418 31.89 -45.26 50.30
N GLU C 419 32.26 -44.06 50.74
CA GLU C 419 31.26 -43.13 51.27
C GLU C 419 30.42 -42.52 50.16
N CYS C 420 30.88 -42.59 48.91
CA CYS C 420 30.12 -42.02 47.80
C CYS C 420 28.78 -42.72 47.65
N MET C 421 28.75 -44.05 47.81
CA MET C 421 27.49 -44.78 47.71
C MET C 421 26.51 -44.31 48.77
N LYS C 422 26.99 -44.09 50.01
CA LYS C 422 26.12 -43.57 51.05
C LYS C 422 25.67 -42.14 50.73
N LYS C 423 26.53 -41.36 50.09
CA LYS C 423 26.19 -39.99 49.71
C LYS C 423 25.40 -39.91 48.42
N LYS C 424 25.11 -41.03 47.77
CA LYS C 424 24.34 -41.00 46.54
C LYS C 424 22.95 -40.47 46.80
N GLU C 425 22.34 -39.92 45.75
CA GLU C 425 21.02 -39.29 45.75
C GLU C 425 21.10 -37.87 46.32
N LEU C 426 22.28 -37.43 46.76
CA LEU C 426 22.49 -36.05 47.18
C LEU C 426 23.21 -35.23 46.12
N ILE C 427 24.21 -35.81 45.47
CA ILE C 427 24.89 -35.21 44.32
C ILE C 427 24.49 -36.04 43.09
N THR C 428 23.76 -35.41 42.18
CA THR C 428 23.20 -36.10 41.03
C THR C 428 24.03 -35.82 39.79
N VAL C 429 24.44 -36.88 39.10
CA VAL C 429 25.30 -36.75 37.93
C VAL C 429 24.49 -36.19 36.76
N PHE C 430 25.04 -35.19 36.08
CA PHE C 430 24.39 -34.64 34.91
C PHE C 430 24.39 -35.67 33.79
N ARG C 431 23.30 -35.68 33.03
CA ARG C 431 23.13 -36.63 31.93
C ARG C 431 22.94 -35.88 30.62
N MET C 432 23.48 -36.45 29.55
CA MET C 432 23.38 -35.86 28.22
C MET C 432 22.21 -36.45 27.46
N ILE C 440 21.33 -27.30 30.56
CA ILE C 440 21.94 -27.56 31.86
C ILE C 440 21.33 -26.65 32.92
N ASP C 441 20.80 -25.51 32.50
CA ASP C 441 20.18 -24.58 33.43
C ASP C 441 19.00 -25.24 34.15
N LEU C 442 18.15 -25.93 33.41
CA LEU C 442 17.04 -26.65 34.03
C LEU C 442 17.56 -27.74 34.95
N ALA C 443 18.58 -28.48 34.50
CA ALA C 443 19.15 -29.53 35.35
C ALA C 443 19.79 -28.93 36.60
N ILE C 444 20.48 -27.80 36.46
CA ILE C 444 21.08 -27.15 37.62
C ILE C 444 20.02 -26.70 38.61
N LEU C 445 18.93 -26.13 38.10
CA LEU C 445 17.84 -25.70 38.98
C LEU C 445 17.22 -26.88 39.69
N THR C 446 17.00 -27.99 38.97
CA THR C 446 16.44 -29.18 39.60
C THR C 446 17.36 -29.73 40.67
N ALA C 447 18.67 -29.74 40.40
CA ALA C 447 19.62 -30.21 41.40
C ALA C 447 19.62 -29.32 42.63
N LEU C 448 19.56 -28.00 42.43
CA LEU C 448 19.51 -27.09 43.57
C LEU C 448 18.24 -27.31 44.38
N LEU C 449 17.10 -27.49 43.70
CA LEU C 449 15.85 -27.73 44.41
C LEU C 449 15.92 -29.03 45.21
N LYS C 450 16.48 -30.08 44.62
CA LYS C 450 16.62 -31.34 45.33
C LYS C 450 17.53 -31.18 46.54
N GLY C 451 18.62 -30.45 46.39
CA GLY C 451 19.51 -30.21 47.51
C GLY C 451 18.83 -29.44 48.64
N ALA C 452 18.02 -28.45 48.29
CA ALA C 452 17.30 -27.69 49.30
C ALA C 452 16.38 -28.58 50.11
N ASN C 453 15.66 -29.49 49.44
CA ASN C 453 14.75 -30.40 50.12
C ASN C 453 13.65 -29.63 50.84
N SER C 455 8.24 -30.18 51.57
CA SER C 455 7.92 -28.85 52.08
C SER C 455 7.72 -27.86 50.93
N ALA C 456 6.50 -27.80 50.42
CA ALA C 456 6.21 -26.89 49.32
C ALA C 456 6.48 -25.43 49.66
N PRO C 457 6.07 -24.91 50.82
CA PRO C 457 6.34 -23.49 51.10
C PRO C 457 7.81 -23.13 51.08
N ASP C 458 8.67 -23.97 51.65
CA ASP C 458 10.08 -23.65 51.71
C ASP C 458 10.69 -23.56 50.33
N GLN C 459 10.42 -24.56 49.48
CA GLN C 459 10.96 -24.54 48.12
C GLN C 459 10.36 -23.39 47.32
N LEU C 460 9.07 -23.12 47.48
CA LEU C 460 8.42 -22.08 46.70
C LEU C 460 8.90 -20.69 47.08
N SER C 461 9.25 -20.48 48.35
CA SER C 461 9.77 -19.18 48.75
C SER C 461 11.07 -18.86 48.02
N LEU C 462 11.96 -19.84 47.90
CA LEU C 462 13.19 -19.64 47.14
C LEU C 462 12.92 -19.57 45.64
N ALA C 463 11.95 -20.34 45.15
CA ALA C 463 11.63 -20.32 43.73
C ALA C 463 11.14 -18.94 43.29
N LEU C 464 10.32 -18.30 44.13
CA LEU C 464 9.84 -16.96 43.80
C LEU C 464 10.99 -15.99 43.60
N ALA C 465 12.07 -16.14 44.37
CA ALA C 465 13.22 -15.25 44.22
C ALA C 465 13.90 -15.41 42.87
N TRP C 466 13.70 -16.55 42.19
CA TRP C 466 14.34 -16.81 40.91
C TRP C 466 13.45 -16.49 39.71
N ASN C 467 12.14 -16.41 39.91
CA ASN C 467 11.19 -16.11 38.83
C ASN C 467 11.27 -17.17 37.73
N ARG C 468 11.00 -18.42 38.13
CA ARG C 468 11.00 -19.57 37.23
C ARG C 468 9.72 -20.37 37.42
N VAL C 469 8.58 -19.68 37.39
CA VAL C 469 7.30 -20.36 37.61
C VAL C 469 7.05 -21.40 36.54
N ASP C 470 7.33 -21.06 35.27
CA ASP C 470 7.03 -21.97 34.18
C ASP C 470 7.74 -23.30 34.36
N ILE C 471 9.01 -23.27 34.79
CA ILE C 471 9.76 -24.50 34.99
C ILE C 471 9.54 -25.07 36.38
N ALA C 472 9.44 -24.22 37.40
CA ALA C 472 9.29 -24.68 38.76
C ALA C 472 7.91 -25.26 39.05
N ARG C 473 6.93 -25.08 38.16
CA ARG C 473 5.60 -25.59 38.43
C ARG C 473 5.60 -27.11 38.54
N SER C 474 6.34 -27.79 37.66
CA SER C 474 6.33 -29.25 37.65
C SER C 474 6.88 -29.82 38.95
N GLN C 475 7.95 -29.22 39.48
CA GLN C 475 8.64 -29.79 40.64
C GLN C 475 8.09 -29.28 41.96
N ILE C 476 7.92 -27.96 42.10
CA ILE C 476 7.49 -27.40 43.39
C ILE C 476 6.12 -27.93 43.77
N PHE C 477 5.19 -27.95 42.82
CA PHE C 477 3.81 -28.39 43.06
C PHE C 477 3.58 -29.69 42.30
N ILE C 478 3.42 -30.79 43.05
CA ILE C 478 3.15 -32.09 42.47
C ILE C 478 2.07 -32.77 43.30
N TYR C 479 1.42 -33.75 42.69
CA TYR C 479 0.38 -34.51 43.38
C TYR C 479 0.95 -35.21 44.60
N GLY C 480 0.22 -35.15 45.71
CA GLY C 480 0.66 -35.76 46.94
C GLY C 480 1.52 -34.89 47.82
N GLN C 481 1.58 -33.58 47.55
CA GLN C 481 2.39 -32.68 48.37
C GLN C 481 1.74 -32.52 49.74
N GLN C 482 2.39 -31.72 50.59
CA GLN C 482 1.91 -31.49 51.95
C GLN C 482 1.00 -30.27 52.02
N TRP C 483 1.45 -29.14 51.47
CA TRP C 483 0.69 -27.90 51.49
C TRP C 483 0.25 -27.55 52.91
N PRO C 484 1.18 -27.13 53.77
CA PRO C 484 0.80 -26.72 55.13
C PRO C 484 -0.20 -25.57 55.09
N VAL C 485 -1.15 -25.60 56.03
CA VAL C 485 -2.17 -24.57 56.09
C VAL C 485 -1.57 -23.27 56.62
N GLY C 486 -1.82 -22.17 55.92
CA GLY C 486 -1.36 -20.86 56.29
C GLY C 486 -0.17 -20.36 55.51
N SER C 487 0.74 -21.26 55.11
CA SER C 487 1.89 -20.85 54.32
C SER C 487 1.46 -20.35 52.95
N LEU C 488 0.38 -20.92 52.41
CA LEU C 488 -0.10 -20.50 51.10
C LEU C 488 -0.50 -19.02 51.10
N GLU C 489 -1.14 -18.56 52.17
CA GLU C 489 -1.52 -17.14 52.24
C GLU C 489 -0.29 -16.24 52.23
N GLN C 490 0.74 -16.60 53.01
CA GLN C 490 1.96 -15.81 53.03
C GLN C 490 2.63 -15.79 51.67
N ALA C 491 2.70 -16.96 51.01
CA ALA C 491 3.30 -17.00 49.68
C ALA C 491 2.51 -16.16 48.70
N MET C 492 1.18 -16.21 48.77
CA MET C 492 0.35 -15.40 47.88
C MET C 492 0.60 -13.92 48.12
N LEU C 493 0.68 -13.50 49.38
CA LEU C 493 0.94 -12.10 49.68
C LEU C 493 2.30 -11.67 49.15
N ASP C 494 3.32 -12.51 49.36
CA ASP C 494 4.66 -12.17 48.89
C ASP C 494 4.69 -12.05 47.36
N ALA C 495 4.03 -12.97 46.67
CA ALA C 495 3.98 -12.90 45.21
C ALA C 495 3.22 -11.65 44.75
N LEU C 496 2.12 -11.32 45.44
CA LEU C 496 1.33 -10.16 45.05
C LEU C 496 2.09 -8.86 45.26
N VAL C 497 2.95 -8.80 46.29
CA VAL C 497 3.75 -7.59 46.51
C VAL C 497 4.60 -7.29 45.28
N LEU C 498 5.22 -8.32 44.71
CA LEU C 498 6.02 -8.18 43.50
C LEU C 498 5.16 -8.40 42.27
N ASP C 499 5.76 -8.15 41.10
CA ASP C 499 5.05 -8.27 39.83
C ASP C 499 5.38 -9.63 39.22
N ARG C 500 4.65 -10.66 39.67
CA ARG C 500 4.79 -12.03 39.16
C ARG C 500 3.40 -12.53 38.80
N VAL C 501 2.97 -12.22 37.58
CA VAL C 501 1.64 -12.64 37.14
C VAL C 501 1.55 -14.16 37.03
N ASP C 502 2.61 -14.79 36.53
CA ASP C 502 2.58 -16.24 36.33
C ASP C 502 2.39 -16.97 37.66
N PHE C 503 3.09 -16.54 38.71
CA PHE C 503 2.96 -17.21 40.00
C PHE C 503 1.57 -17.01 40.59
N VAL C 504 1.01 -15.81 40.45
CA VAL C 504 -0.35 -15.58 40.95
C VAL C 504 -1.34 -16.47 40.21
N LYS C 505 -1.19 -16.58 38.89
CA LYS C 505 -2.06 -17.44 38.10
C LYS C 505 -1.91 -18.90 38.53
N LEU C 506 -0.68 -19.35 38.77
CA LEU C 506 -0.46 -20.72 39.22
C LEU C 506 -1.11 -20.97 40.58
N LEU C 507 -0.98 -20.01 41.50
CA LEU C 507 -1.60 -20.17 42.82
C LEU C 507 -3.12 -20.20 42.71
N ILE C 508 -3.68 -19.36 41.83
CA ILE C 508 -5.13 -19.39 41.61
C ILE C 508 -5.55 -20.76 41.08
N GLU C 509 -4.79 -21.30 40.13
CA GLU C 509 -5.07 -22.64 39.64
C GLU C 509 -4.98 -23.66 40.76
N ASN C 510 -4.06 -23.46 41.70
CA ASN C 510 -3.93 -24.38 42.83
C ASN C 510 -5.17 -24.36 43.71
N GLY C 511 -5.89 -23.23 43.74
CA GLY C 511 -7.11 -23.13 44.52
C GLY C 511 -7.10 -21.98 45.50
N VAL C 512 -6.29 -20.96 45.24
CA VAL C 512 -6.23 -19.77 46.08
C VAL C 512 -7.58 -19.06 46.00
N SER C 513 -8.30 -19.01 47.11
CA SER C 513 -9.64 -18.42 47.15
C SER C 513 -9.51 -16.94 47.50
N MET C 514 -9.83 -16.07 46.53
CA MET C 514 -9.77 -14.64 46.79
C MET C 514 -10.94 -14.17 47.63
N HIS C 515 -12.03 -14.94 47.66
CA HIS C 515 -13.15 -14.56 48.52
C HIS C 515 -12.74 -14.50 49.98
N ARG C 516 -11.98 -15.49 50.43
CA ARG C 516 -11.43 -15.48 51.78
C ARG C 516 -10.05 -14.86 51.86
N PHE C 517 -9.32 -14.81 50.75
CA PHE C 517 -7.99 -14.21 50.76
C PHE C 517 -8.07 -12.71 51.06
N LEU C 518 -9.07 -12.04 50.50
CA LEU C 518 -9.21 -10.60 50.72
C LEU C 518 -9.28 -10.29 52.21
N THR C 519 -8.51 -9.30 52.64
CA THR C 519 -8.44 -8.92 54.05
C THR C 519 -8.13 -7.44 54.15
N ILE C 520 -8.75 -6.78 55.13
CA ILE C 520 -8.52 -5.35 55.32
C ILE C 520 -7.08 -5.09 55.71
N SER C 521 -6.56 -5.86 56.68
CA SER C 521 -5.19 -5.66 57.12
C SER C 521 -4.19 -5.93 56.00
N ARG C 522 -4.43 -6.99 55.22
CA ARG C 522 -3.52 -7.30 54.12
C ARG C 522 -3.52 -6.19 53.09
N LEU C 523 -4.71 -5.66 52.76
CA LEU C 523 -4.79 -4.57 51.79
C LEU C 523 -4.08 -3.33 52.32
N GLU C 524 -4.26 -3.00 53.59
CA GLU C 524 -3.59 -1.84 54.17
C GLU C 524 -2.08 -2.02 54.13
N GLU C 525 -1.58 -3.19 54.48
CA GLU C 525 -0.15 -3.44 54.44
C GLU C 525 0.38 -3.35 53.01
N LEU C 526 -0.38 -3.90 52.05
CA LEU C 526 0.04 -3.85 50.66
C LEU C 526 0.12 -2.41 50.16
N TYR C 527 -0.85 -1.58 50.54
CA TYR C 527 -0.77 -0.16 50.19
C TYR C 527 0.42 0.50 50.85
N ASN C 528 0.71 0.13 52.10
CA ASN C 528 1.80 0.77 52.84
C ASN C 528 3.15 0.52 52.18
N THR C 529 3.40 -0.72 51.74
CA THR C 529 4.72 -1.09 51.26
C THR C 529 5.10 -0.25 50.04
N ARG C 530 6.37 0.16 50.00
CA ARG C 530 6.91 0.91 48.88
C ARG C 530 7.90 0.11 48.04
N HIS C 531 8.07 -1.17 48.34
CA HIS C 531 9.02 -1.99 47.59
C HIS C 531 8.48 -2.26 46.18
N GLY C 532 9.41 -2.60 45.29
CA GLY C 532 9.06 -2.90 43.91
C GLY C 532 9.05 -1.66 43.04
N ASN C 535 5.97 3.97 42.90
CA ASN C 535 4.61 4.48 42.77
C ASN C 535 4.52 5.94 43.18
N THR C 536 3.80 6.73 42.39
CA THR C 536 3.63 8.15 42.68
C THR C 536 2.52 8.43 43.67
N LEU C 537 1.78 7.41 44.11
CA LEU C 537 0.68 7.62 45.04
C LEU C 537 1.13 8.42 46.26
N TYR C 538 2.33 8.12 46.78
CA TYR C 538 2.85 8.86 47.92
C TYR C 538 2.79 10.36 47.67
N HIS C 539 3.30 10.80 46.52
CA HIS C 539 3.21 12.21 46.16
C HIS C 539 1.76 12.68 46.15
N LEU C 540 0.89 11.90 45.49
CA LEU C 540 -0.53 12.21 45.53
C LEU C 540 -1.05 12.28 46.95
N VAL C 541 -0.53 11.40 47.82
CA VAL C 541 -0.91 11.46 49.24
C VAL C 541 -0.59 12.83 49.81
N ARG C 542 0.58 13.36 49.48
CA ARG C 542 0.92 14.71 49.94
C ARG C 542 -0.11 15.72 49.46
N ASP C 543 -0.61 15.55 48.23
CA ASP C 543 -1.66 16.42 47.72
C ASP C 543 -2.98 16.13 48.43
N VAL C 544 -3.22 14.87 48.79
CA VAL C 544 -4.47 14.49 49.46
C VAL C 544 -4.51 15.10 50.85
N TYR C 553 4.45 7.35 57.41
CA TYR C 553 3.15 7.22 58.07
C TYR C 553 2.33 6.10 57.43
N ARG C 554 1.53 5.43 58.25
CA ARG C 554 0.70 4.35 57.74
C ARG C 554 -0.35 4.87 56.78
N ILE C 555 -0.71 4.04 55.80
CA ILE C 555 -1.70 4.38 54.79
C ILE C 555 -2.97 3.59 55.08
N SER C 556 -4.09 4.30 55.17
CA SER C 556 -5.37 3.69 55.49
C SER C 556 -6.31 3.78 54.28
N LEU C 557 -7.35 2.95 54.32
CA LEU C 557 -8.33 2.94 53.24
C LEU C 557 -9.01 4.28 53.08
N ILE C 558 -9.15 5.04 54.17
CA ILE C 558 -9.85 6.32 54.10
C ILE C 558 -9.10 7.30 53.21
N ASP C 559 -7.77 7.37 53.36
CA ASP C 559 -6.98 8.27 52.53
C ASP C 559 -7.03 7.86 51.06
N ILE C 560 -6.97 6.55 50.80
CA ILE C 560 -7.06 6.06 49.43
C ILE C 560 -8.40 6.45 48.81
N GLY C 561 -9.48 6.27 49.57
CA GLY C 561 -10.79 6.69 49.08
C GLY C 561 -10.86 8.18 48.82
N LEU C 562 -10.28 8.98 49.71
CA LEU C 562 -10.28 10.42 49.52
C LEU C 562 -9.56 10.81 48.24
N VAL C 563 -8.37 10.26 48.02
CA VAL C 563 -7.59 10.61 46.83
C VAL C 563 -8.29 10.10 45.57
N ILE C 564 -8.92 8.93 45.66
CA ILE C 564 -9.67 8.42 44.51
C ILE C 564 -10.82 9.34 44.16
N GLU C 565 -11.55 9.79 45.19
CA GLU C 565 -12.66 10.71 44.95
C GLU C 565 -12.16 12.01 44.34
N TYR C 566 -11.03 12.52 44.83
CA TYR C 566 -10.45 13.73 44.24
C TYR C 566 -10.10 13.51 42.78
N LEU C 567 -9.48 12.37 42.47
CA LEU C 567 -9.08 12.10 41.09
C LEU C 567 -10.29 11.98 40.17
N MET C 568 -11.34 11.31 40.62
CA MET C 568 -12.54 11.14 39.81
C MET C 568 -13.25 12.48 39.66
N ASN C 632 -15.32 -9.16 57.54
CA ASN C 632 -14.50 -8.04 57.06
C ASN C 632 -13.79 -8.41 55.76
N HIS C 633 -14.50 -9.14 54.89
CA HIS C 633 -13.98 -9.56 53.61
C HIS C 633 -14.74 -8.86 52.49
N PHE C 634 -14.01 -8.32 51.53
CA PHE C 634 -14.62 -7.60 50.42
C PHE C 634 -15.50 -8.55 49.61
N PRO C 635 -16.78 -8.24 49.40
CA PRO C 635 -17.61 -9.12 48.56
C PRO C 635 -17.11 -9.22 47.13
N PHE C 636 -16.53 -8.16 46.59
CA PHE C 636 -15.99 -8.13 45.23
C PHE C 636 -14.58 -7.54 45.27
N PRO C 637 -13.62 -8.32 45.78
CA PRO C 637 -12.27 -7.75 45.96
C PRO C 637 -11.59 -7.33 44.66
N PHE C 638 -12.04 -7.87 43.52
CA PHE C 638 -11.35 -7.59 42.27
C PHE C 638 -11.38 -6.10 41.93
N HIS C 639 -12.45 -5.39 42.31
CA HIS C 639 -12.47 -3.95 42.11
C HIS C 639 -11.30 -3.29 42.82
N GLU C 640 -11.11 -3.59 44.10
CA GLU C 640 -10.01 -3.01 44.86
C GLU C 640 -8.67 -3.43 44.27
N LEU C 641 -8.54 -4.70 43.89
CA LEU C 641 -7.28 -5.17 43.32
C LEU C 641 -6.93 -4.41 42.05
N MET C 642 -7.91 -4.24 41.15
CA MET C 642 -7.63 -3.58 39.88
C MET C 642 -7.35 -2.10 40.09
N VAL C 643 -8.11 -1.43 40.96
CA VAL C 643 -7.86 -0.01 41.18
C VAL C 643 -6.48 0.20 41.78
N TRP C 644 -6.08 -0.69 42.71
CA TRP C 644 -4.72 -0.60 43.25
C TRP C 644 -3.68 -0.82 42.15
N ALA C 645 -3.88 -1.86 41.33
CA ALA C 645 -2.89 -2.18 40.31
C ALA C 645 -2.71 -1.03 39.33
N VAL C 646 -3.81 -0.43 38.87
CA VAL C 646 -3.71 0.69 37.94
C VAL C 646 -3.12 1.90 38.65
N LEU C 647 -3.45 2.11 39.93
CA LEU C 647 -2.91 3.26 40.65
C LEU C 647 -1.42 3.13 40.87
N MET C 648 -0.90 1.91 40.93
CA MET C 648 0.52 1.67 41.12
C MET C 648 1.31 1.73 39.82
N LYS C 649 0.64 1.95 38.68
CA LYS C 649 1.26 2.09 37.37
C LYS C 649 1.68 0.75 36.78
N ARG C 650 1.13 -0.35 37.25
CA ARG C 650 1.40 -1.65 36.64
C ARG C 650 0.61 -1.80 35.36
N GLN C 651 1.17 -2.59 34.43
CA GLN C 651 0.56 -2.80 33.13
C GLN C 651 0.18 -4.25 32.85
N LYS C 652 0.44 -5.17 33.79
CA LYS C 652 0.13 -6.58 33.60
C LYS C 652 -0.87 -7.12 34.60
N MET C 653 -0.68 -6.85 35.89
CA MET C 653 -1.60 -7.38 36.90
C MET C 653 -2.99 -6.77 36.74
N ALA C 654 -3.05 -5.47 36.45
CA ALA C 654 -4.35 -4.81 36.29
C ALA C 654 -5.14 -5.44 35.15
N LEU C 655 -4.49 -5.73 34.03
CA LEU C 655 -5.18 -6.36 32.91
C LEU C 655 -5.71 -7.73 33.29
N PHE C 656 -4.92 -8.50 34.05
CA PHE C 656 -5.37 -9.82 34.49
C PHE C 656 -6.58 -9.71 35.40
N PHE C 657 -6.55 -8.77 36.35
CA PHE C 657 -7.69 -8.58 37.24
C PHE C 657 -8.92 -8.14 36.46
N TRP C 658 -8.73 -7.29 35.45
CA TRP C 658 -9.83 -6.90 34.58
C TRP C 658 -10.41 -8.12 33.87
N GLN C 659 -9.54 -9.00 33.38
CA GLN C 659 -10.01 -10.22 32.71
C GLN C 659 -10.85 -11.07 33.66
N HIS C 660 -10.36 -11.29 34.87
CA HIS C 660 -11.04 -12.21 35.78
C HIS C 660 -12.37 -11.62 36.26
N GLY C 661 -12.37 -10.36 36.67
CA GLY C 661 -13.55 -9.79 37.27
C GLY C 661 -14.69 -9.62 36.27
N GLU C 662 -15.91 -9.60 36.81
CA GLU C 662 -17.09 -9.37 36.00
C GLU C 662 -17.36 -7.87 35.85
N GLU C 663 -18.36 -7.54 35.05
CA GLU C 663 -18.71 -6.15 34.75
C GLU C 663 -17.49 -5.39 34.25
N ALA C 664 -16.93 -5.92 33.16
CA ALA C 664 -15.67 -5.39 32.63
C ALA C 664 -15.82 -4.00 32.02
N MET C 665 -16.99 -3.65 31.50
CA MET C 665 -17.15 -2.36 30.83
C MET C 665 -16.91 -1.20 31.79
N ALA C 666 -17.59 -1.22 32.94
CA ALA C 666 -17.44 -0.12 33.89
C ALA C 666 -16.02 -0.04 34.42
N LYS C 667 -15.41 -1.19 34.74
CA LYS C 667 -14.04 -1.19 35.23
C LYS C 667 -13.09 -0.63 34.19
N ALA C 668 -13.26 -1.02 32.93
CA ALA C 668 -12.39 -0.51 31.87
C ALA C 668 -12.55 0.99 31.70
N LEU C 669 -13.78 1.49 31.75
CA LEU C 669 -13.99 2.92 31.61
C LEU C 669 -13.39 3.69 32.78
N VAL C 670 -13.55 3.17 34.00
CA VAL C 670 -12.96 3.82 35.16
C VAL C 670 -11.45 3.85 35.05
N ALA C 671 -10.84 2.73 34.63
CA ALA C 671 -9.40 2.70 34.47
C ALA C 671 -8.94 3.69 33.41
N CYS C 672 -9.67 3.77 32.29
CA CYS C 672 -9.32 4.71 31.24
C CYS C 672 -9.37 6.14 31.74
N LYS C 673 -10.41 6.48 32.50
CA LYS C 673 -10.48 7.83 33.06
C LYS C 673 -9.36 8.08 34.04
N LEU C 674 -9.06 7.10 34.89
CA LEU C 674 -8.04 7.29 35.92
C LEU C 674 -6.65 7.47 35.31
N CYS C 675 -6.37 6.74 34.22
CA CYS C 675 -5.04 6.78 33.63
C CYS C 675 -4.68 8.17 33.16
N LYS C 676 -5.61 8.87 32.50
CA LYS C 676 -5.30 10.18 31.96
C LYS C 676 -4.94 11.16 33.07
N ALA C 677 -5.69 11.14 34.18
CA ALA C 677 -5.42 12.06 35.28
C ALA C 677 -4.24 11.61 36.14
N MET C 678 -3.87 10.33 36.06
CA MET C 678 -2.73 9.85 36.85
C MET C 678 -1.45 10.55 36.43
N ALA C 679 -1.21 10.67 35.12
CA ALA C 679 -0.02 11.37 34.66
C ALA C 679 -0.07 12.85 35.03
N HIS C 680 -1.24 13.48 34.89
CA HIS C 680 -1.41 14.89 35.22
C HIS C 680 -1.53 15.07 36.73
N LEU C 695 0.82 7.07 29.68
CA LEU C 695 -0.54 7.50 29.94
C LEU C 695 -1.41 7.32 28.69
N ASN C 696 -0.94 7.85 27.56
CA ASN C 696 -1.70 7.74 26.33
C ASN C 696 -1.86 6.28 25.90
N HIS C 697 -0.79 5.50 26.00
CA HIS C 697 -0.86 4.09 25.58
C HIS C 697 -1.84 3.32 26.46
N ASN C 698 -1.71 3.45 27.78
CA ASN C 698 -2.61 2.73 28.68
C ASN C 698 -4.04 3.21 28.53
N SER C 699 -4.24 4.53 28.42
CA SER C 699 -5.59 5.05 28.26
C SER C 699 -6.22 4.56 26.96
N ARG C 700 -5.44 4.55 25.87
CA ARG C 700 -5.97 4.05 24.60
C ARG C 700 -6.32 2.58 24.70
N ASP C 701 -5.49 1.79 25.39
CA ASP C 701 -5.77 0.36 25.53
C ASP C 701 -7.08 0.14 26.27
N PHE C 702 -7.25 0.79 27.42
CA PHE C 702 -8.49 0.62 28.18
C PHE C 702 -9.69 1.08 27.37
N GLY C 703 -9.57 2.22 26.70
CA GLY C 703 -10.67 2.72 25.90
C GLY C 703 -11.04 1.78 24.77
N GLN C 704 -10.04 1.26 24.06
CA GLN C 704 -10.32 0.36 22.94
C GLN C 704 -10.89 -0.96 23.42
N LEU C 705 -10.45 -1.46 24.57
CA LEU C 705 -10.99 -2.69 25.11
C LEU C 705 -12.48 -2.57 25.38
N ALA C 706 -12.90 -1.44 25.95
CA ALA C 706 -14.32 -1.21 26.18
C ALA C 706 -15.09 -1.15 24.88
N VAL C 707 -14.54 -0.45 23.88
CA VAL C 707 -15.21 -0.33 22.58
C VAL C 707 -15.37 -1.71 21.94
N GLU C 708 -14.31 -2.51 21.96
CA GLU C 708 -14.40 -3.85 21.38
C GLU C 708 -15.42 -4.71 22.11
N LEU C 709 -15.47 -4.59 23.44
CA LEU C 709 -16.44 -5.37 24.22
C LEU C 709 -17.87 -4.99 23.83
N LEU C 710 -18.16 -3.69 23.73
CA LEU C 710 -19.50 -3.26 23.34
C LEU C 710 -19.81 -3.70 21.91
N ASP C 711 -18.85 -3.58 21.00
CA ASP C 711 -19.10 -3.94 19.62
C ASP C 711 -19.47 -5.40 19.48
N GLN C 712 -18.75 -6.29 20.18
CA GLN C 712 -19.09 -7.70 20.16
C GLN C 712 -20.48 -7.95 20.75
N SER C 713 -20.78 -7.28 21.88
CA SER C 713 -22.10 -7.41 22.46
C SER C 713 -23.17 -6.84 21.54
N TYR C 714 -22.86 -5.75 20.84
CA TYR C 714 -23.81 -5.18 19.88
C TYR C 714 -24.14 -6.17 18.78
N LYS C 715 -23.14 -6.88 18.27
CA LYS C 715 -23.39 -7.88 17.24
C LYS C 715 -24.24 -9.03 17.77
N GLN C 716 -23.94 -9.50 18.99
CA GLN C 716 -24.67 -10.64 19.53
C GLN C 716 -26.14 -10.31 19.75
N ASP C 717 -26.43 -9.16 20.38
CA ASP C 717 -27.80 -8.76 20.63
C ASP C 717 -27.88 -7.28 20.94
N GLU C 718 -28.71 -6.54 20.21
CA GLU C 718 -28.83 -5.11 20.44
C GLU C 718 -29.45 -4.83 21.82
N GLN C 719 -30.48 -5.61 22.19
CA GLN C 719 -31.14 -5.38 23.47
C GLN C 719 -30.17 -5.62 24.63
N LEU C 720 -29.35 -6.67 24.53
CA LEU C 720 -28.37 -6.93 25.58
C LEU C 720 -27.39 -5.76 25.72
N ALA C 721 -26.92 -5.23 24.59
CA ALA C 721 -26.01 -4.08 24.64
C ALA C 721 -26.69 -2.87 25.26
N MET C 722 -27.93 -2.61 24.88
CA MET C 722 -28.66 -1.48 25.46
C MET C 722 -28.79 -1.63 26.98
N LYS C 723 -29.15 -2.84 27.43
CA LYS C 723 -29.27 -3.06 28.87
C LYS C 723 -27.92 -2.89 29.57
N LEU C 724 -26.86 -3.42 28.97
CA LEU C 724 -25.53 -3.31 29.58
C LEU C 724 -25.05 -1.86 29.63
N LEU C 725 -25.50 -1.03 28.68
CA LEU C 725 -24.99 0.33 28.60
C LEU C 725 -25.37 1.14 29.84
N THR C 726 -26.64 1.09 30.24
CA THR C 726 -27.17 1.97 31.29
C THR C 726 -27.93 1.15 32.31
N TYR C 727 -27.41 1.11 33.54
CA TYR C 727 -28.12 0.55 34.67
C TYR C 727 -27.36 0.92 35.93
N GLU C 728 -28.10 1.38 36.94
CA GLU C 728 -27.47 1.90 38.14
C GLU C 728 -26.61 0.85 38.81
N LEU C 729 -25.39 1.23 39.19
CA LEU C 729 -24.45 0.35 39.87
C LEU C 729 -24.25 0.84 41.29
N LYS C 730 -24.67 0.03 42.27
CA LYS C 730 -24.39 0.36 43.66
C LYS C 730 -22.89 0.35 43.95
N ASN C 731 -22.11 -0.41 43.17
CA ASN C 731 -20.67 -0.45 43.38
C ASN C 731 -20.02 0.88 43.06
N TRP C 732 -20.49 1.57 42.02
CA TRP C 732 -19.86 2.78 41.50
C TRP C 732 -20.79 3.98 41.65
N SER C 733 -21.44 4.09 42.81
CA SER C 733 -22.27 5.25 43.14
C SER C 733 -23.39 5.46 42.14
N ASN C 734 -23.94 4.38 41.62
CA ASN C 734 -25.09 4.44 40.70
C ASN C 734 -24.80 5.36 39.51
N ALA C 735 -23.71 5.05 38.80
CA ALA C 735 -23.32 5.77 37.61
C ALA C 735 -23.29 4.80 36.43
N THR C 736 -23.99 5.17 35.36
CA THR C 736 -24.07 4.33 34.18
C THR C 736 -22.80 4.46 33.34
N CYS C 737 -22.66 3.53 32.39
CA CYS C 737 -21.45 3.51 31.56
C CYS C 737 -21.34 4.77 30.71
N LEU C 738 -22.46 5.26 30.19
CA LEU C 738 -22.40 6.45 29.34
C LEU C 738 -21.90 7.66 30.10
N GLN C 739 -22.34 7.82 31.35
CA GLN C 739 -21.88 8.95 32.15
C GLN C 739 -20.37 8.87 32.39
N LEU C 740 -19.87 7.67 32.70
CA LEU C 740 -18.43 7.51 32.89
C LEU C 740 -17.67 7.82 31.62
N ALA C 741 -18.17 7.34 30.47
CA ALA C 741 -17.50 7.59 29.20
C ALA C 741 -17.45 9.07 28.89
N VAL C 742 -18.57 9.77 29.11
CA VAL C 742 -18.61 11.21 28.85
C VAL C 742 -17.66 11.95 29.77
N ALA C 743 -17.66 11.59 31.06
CA ALA C 743 -16.75 12.23 31.99
C ALA C 743 -15.30 11.89 31.67
N ALA C 744 -15.05 10.68 31.16
CA ALA C 744 -13.69 10.31 30.77
C ALA C 744 -13.24 11.06 29.52
N LYS C 745 -14.19 11.54 28.72
CA LYS C 745 -13.88 12.25 27.48
C LYS C 745 -13.23 11.30 26.47
N HIS C 746 -13.71 10.05 26.44
CA HIS C 746 -13.14 9.07 25.52
C HIS C 746 -13.34 9.51 24.07
N ARG C 747 -14.53 10.04 23.75
CA ARG C 747 -14.77 10.68 22.46
C ARG C 747 -14.96 9.66 21.34
N ASP C 748 -14.93 8.37 21.67
CA ASP C 748 -15.18 7.32 20.70
C ASP C 748 -16.27 6.36 21.15
N PHE C 749 -16.45 6.18 22.47
CA PHE C 749 -17.53 5.33 22.97
C PHE C 749 -18.89 5.95 22.68
N ILE C 750 -18.98 7.28 22.78
CA ILE C 750 -20.24 7.95 22.51
C ILE C 750 -20.59 7.88 21.03
N ALA C 751 -19.60 8.05 20.16
CA ALA C 751 -19.84 8.13 18.73
C ALA C 751 -20.32 6.81 18.13
N HIS C 752 -20.25 5.72 18.87
CA HIS C 752 -20.69 4.43 18.33
C HIS C 752 -22.17 4.46 18.00
N THR C 753 -22.57 3.65 17.02
CA THR C 753 -23.93 3.74 16.49
C THR C 753 -24.97 3.45 17.56
N CYS C 754 -24.71 2.46 18.42
CA CYS C 754 -25.69 2.10 19.45
C CYS C 754 -25.93 3.27 20.40
N SER C 755 -24.86 3.94 20.82
CA SER C 755 -25.01 5.08 21.70
C SER C 755 -25.79 6.20 21.03
N GLN C 756 -25.53 6.45 19.74
CA GLN C 756 -26.27 7.48 19.03
C GLN C 756 -27.75 7.12 18.94
N MET C 757 -28.06 5.84 18.72
CA MET C 757 -29.46 5.42 18.68
C MET C 757 -30.13 5.64 20.03
N LEU C 758 -29.44 5.29 21.12
CA LEU C 758 -30.02 5.52 22.44
C LEU C 758 -30.24 7.01 22.68
N LEU C 759 -29.28 7.83 22.28
CA LEU C 759 -29.42 9.28 22.45
C LEU C 759 -30.61 9.81 21.66
N THR C 760 -30.80 9.33 20.43
CA THR C 760 -31.96 9.75 19.64
C THR C 760 -33.26 9.31 20.31
N ASP C 761 -33.29 8.07 20.82
CA ASP C 761 -34.49 7.60 21.49
C ASP C 761 -34.83 8.46 22.69
N MET C 762 -33.82 8.85 23.48
CA MET C 762 -34.06 9.77 24.58
C MET C 762 -34.47 11.15 24.08
N TRP C 763 -33.93 11.56 22.92
CA TRP C 763 -34.25 12.86 22.36
C TRP C 763 -35.73 12.95 21.99
N MET C 764 -36.28 11.88 21.43
CA MET C 764 -37.70 11.85 21.09
C MET C 764 -38.58 11.44 22.27
N GLY C 765 -37.98 11.12 23.42
CA GLY C 765 -38.75 10.80 24.60
C GLY C 765 -39.66 9.61 24.39
N ARG C 766 -40.87 9.69 24.98
CA ARG C 766 -41.80 8.57 24.90
C ARG C 766 -42.38 8.44 23.50
N LEU C 767 -42.71 9.56 22.85
CA LEU C 767 -43.30 9.53 21.51
C LEU C 767 -42.21 9.17 20.50
N ARG C 768 -41.96 7.87 20.38
CA ARG C 768 -40.98 7.36 19.43
C ARG C 768 -41.65 7.02 18.09
N MET C 769 -42.34 8.01 17.55
CA MET C 769 -43.05 7.86 16.29
C MET C 769 -42.08 8.00 15.11
N GLY C 861 -54.80 12.51 29.63
CA GLY C 861 -54.20 12.97 30.86
C GLY C 861 -52.69 12.89 30.86
N ARG C 862 -52.16 11.68 30.73
CA ARG C 862 -50.72 11.49 30.69
C ARG C 862 -50.08 12.16 29.50
N LYS C 863 -50.85 12.39 28.43
CA LYS C 863 -50.29 13.06 27.25
C LYS C 863 -49.82 14.47 27.60
N ILE C 864 -50.61 15.20 28.38
CA ILE C 864 -50.26 16.59 28.71
C ILE C 864 -48.89 16.64 29.39
N TYR C 865 -48.59 15.65 30.23
CA TYR C 865 -47.35 15.68 30.99
C TYR C 865 -46.19 15.13 30.17
N GLU C 866 -46.37 13.98 29.51
CA GLU C 866 -45.27 13.35 28.79
C GLU C 866 -44.92 14.12 27.52
N PHE C 867 -45.93 14.52 26.75
CA PHE C 867 -45.67 15.19 25.48
C PHE C 867 -44.97 16.52 25.68
N TYR C 868 -45.41 17.31 26.66
CA TYR C 868 -44.87 18.65 26.87
C TYR C 868 -43.57 18.66 27.67
N ASN C 869 -43.11 17.50 28.14
CA ASN C 869 -41.82 17.40 28.81
C ASN C 869 -40.75 16.77 27.92
N ALA C 870 -41.12 16.32 26.72
CA ALA C 870 -40.13 15.77 25.81
C ALA C 870 -39.17 16.88 25.37
N PRO C 871 -37.86 16.61 25.32
CA PRO C 871 -36.92 17.68 24.99
C PRO C 871 -37.18 18.35 23.65
N ILE C 872 -37.60 17.60 22.64
CA ILE C 872 -37.68 18.14 21.28
C ILE C 872 -38.72 19.26 21.20
N VAL C 873 -39.89 19.04 21.80
CA VAL C 873 -40.93 20.07 21.74
C VAL C 873 -40.51 21.30 22.52
N LYS C 874 -39.81 21.12 23.65
CA LYS C 874 -39.31 22.27 24.39
C LYS C 874 -38.29 23.05 23.56
N PHE C 875 -37.41 22.33 22.84
CA PHE C 875 -36.47 22.99 21.95
C PHE C 875 -37.18 23.82 20.90
N TRP C 876 -38.22 23.24 20.28
CA TRP C 876 -38.96 23.97 19.26
C TRP C 876 -39.66 25.19 19.84
N PHE C 877 -40.23 25.06 21.05
CA PHE C 877 -40.87 26.20 21.69
C PHE C 877 -39.86 27.32 21.95
N TYR C 878 -38.69 26.97 22.46
CA TYR C 878 -37.65 27.97 22.69
C TYR C 878 -37.25 28.64 21.38
N THR C 879 -37.09 27.86 20.32
CA THR C 879 -36.71 28.43 19.03
C THR C 879 -37.77 29.41 18.53
N LEU C 880 -39.05 29.03 18.61
CA LEU C 880 -40.11 29.91 18.15
C LEU C 880 -40.16 31.19 18.97
N ALA C 881 -40.01 31.08 20.28
CA ALA C 881 -40.00 32.28 21.12
C ALA C 881 -38.84 33.20 20.75
N TYR C 882 -37.65 32.61 20.51
CA TYR C 882 -36.51 33.42 20.12
C TYR C 882 -36.77 34.13 18.79
N ILE C 883 -37.36 33.42 17.83
CA ILE C 883 -37.64 34.03 16.53
C ILE C 883 -38.62 35.19 16.68
N GLY C 884 -39.68 34.99 17.48
CA GLY C 884 -40.63 36.08 17.69
C GLY C 884 -40.00 37.29 18.35
N TYR C 885 -39.17 37.04 19.37
CA TYR C 885 -38.47 38.14 20.02
C TYR C 885 -37.56 38.87 19.05
N LEU C 886 -36.89 38.13 18.17
CA LEU C 886 -36.03 38.78 17.16
C LEU C 886 -36.85 39.64 16.22
N MET C 887 -38.02 39.14 15.79
CA MET C 887 -38.88 39.94 14.92
C MET C 887 -39.30 41.22 15.61
N LEU C 888 -39.67 41.15 16.88
CA LEU C 888 -40.08 42.34 17.60
C LEU C 888 -38.91 43.32 17.74
N PHE C 889 -37.71 42.80 18.00
CA PHE C 889 -36.55 43.68 18.09
C PHE C 889 -36.31 44.41 16.77
N ASN C 890 -36.40 43.69 15.65
CA ASN C 890 -36.21 44.33 14.35
C ASN C 890 -37.26 45.42 14.13
N TYR C 891 -38.53 45.10 14.39
CA TYR C 891 -39.59 46.10 14.21
C TYR C 891 -39.32 47.32 15.07
N ILE C 892 -38.86 47.11 16.31
CA ILE C 892 -38.60 48.24 17.21
C ILE C 892 -37.49 49.12 16.66
N VAL C 893 -36.37 48.51 16.28
CA VAL C 893 -35.22 49.32 15.86
C VAL C 893 -35.53 50.07 14.58
N LEU C 894 -36.18 49.41 13.62
CA LEU C 894 -36.46 50.06 12.35
C LEU C 894 -37.38 51.26 12.51
N VAL C 895 -38.43 51.11 13.33
CA VAL C 895 -39.43 52.15 13.47
C VAL C 895 -38.99 53.18 14.51
N LYS C 896 -39.52 54.39 14.39
CA LYS C 896 -39.19 55.46 15.31
C LYS C 896 -39.73 55.15 16.71
N MET C 897 -39.10 55.74 17.71
CA MET C 897 -39.48 55.57 19.10
C MET C 897 -39.80 56.92 19.73
N GLU C 898 -40.85 56.95 20.54
CA GLU C 898 -41.26 58.16 21.24
C GLU C 898 -40.49 58.26 22.56
N ARG C 899 -40.89 59.21 23.41
CA ARG C 899 -40.20 59.38 24.69
C ARG C 899 -40.33 58.14 25.56
N TRP C 900 -41.52 57.53 25.58
CA TRP C 900 -41.76 56.35 26.39
C TRP C 900 -41.84 55.11 25.52
N PRO C 901 -41.41 53.95 26.02
CA PRO C 901 -41.41 52.74 25.20
C PRO C 901 -42.81 52.22 24.94
N SER C 902 -42.93 51.45 23.87
CA SER C 902 -44.19 50.80 23.50
C SER C 902 -44.24 49.41 24.13
N THR C 903 -45.33 48.68 23.82
CA THR C 903 -45.50 47.35 24.39
C THR C 903 -44.39 46.40 23.92
N GLN C 904 -43.99 46.52 22.66
CA GLN C 904 -42.97 45.62 22.12
C GLN C 904 -41.67 45.76 22.88
N GLU C 905 -41.26 46.99 23.20
CA GLU C 905 -40.00 47.19 23.91
C GLU C 905 -40.09 46.62 25.32
N TRP C 906 -41.25 46.76 25.98
CA TRP C 906 -41.43 46.14 27.28
C TRP C 906 -41.29 44.62 27.20
N ILE C 907 -41.89 44.02 26.17
CA ILE C 907 -41.76 42.58 25.99
C ILE C 907 -40.29 42.20 25.79
N VAL C 908 -39.58 42.99 24.97
CA VAL C 908 -38.19 42.67 24.69
C VAL C 908 -37.33 42.74 25.95
N ILE C 909 -37.48 43.82 26.73
CA ILE C 909 -36.65 43.97 27.92
C ILE C 909 -37.02 42.90 28.94
N SER C 910 -38.30 42.55 29.04
CA SER C 910 -38.70 41.45 29.92
C SER C 910 -38.03 40.16 29.50
N TYR C 911 -37.98 39.87 28.20
CA TYR C 911 -37.29 38.69 27.72
C TYR C 911 -35.83 38.72 28.12
N ILE C 912 -35.17 39.85 27.93
CA ILE C 912 -33.74 39.94 28.22
C ILE C 912 -33.48 39.68 29.69
N PHE C 913 -34.26 40.30 30.57
CA PHE C 913 -34.02 40.15 32.00
C PHE C 913 -34.42 38.77 32.51
N THR C 914 -35.46 38.16 31.93
CA THR C 914 -35.77 36.78 32.27
C THR C 914 -34.65 35.84 31.84
N LEU C 915 -34.04 36.11 30.69
CA LEU C 915 -32.89 35.32 30.25
C LEU C 915 -31.74 35.46 31.25
N GLY C 916 -31.48 36.69 31.70
CA GLY C 916 -30.44 36.88 32.70
C GLY C 916 -30.73 36.15 34.00
N ILE C 917 -31.98 36.21 34.44
CA ILE C 917 -32.37 35.50 35.66
C ILE C 917 -32.21 33.99 35.47
N GLU C 918 -32.54 33.49 34.29
CA GLU C 918 -32.36 32.07 34.02
C GLU C 918 -30.88 31.68 34.07
N LYS C 919 -30.02 32.54 33.53
CA LYS C 919 -28.58 32.26 33.62
C LYS C 919 -28.13 32.23 35.08
N MET C 920 -28.62 33.17 35.89
CA MET C 920 -28.26 33.18 37.30
C MET C 920 -28.72 31.91 37.99
N ARG C 921 -29.95 31.48 37.71
CA ARG C 921 -30.46 30.24 38.31
C ARG C 921 -29.62 29.05 37.88
N GLU C 922 -29.25 29.00 36.59
CA GLU C 922 -28.46 27.88 36.10
C GLU C 922 -27.10 27.81 36.78
N ILE C 923 -26.44 28.96 36.93
CA ILE C 923 -25.14 28.96 37.59
C ILE C 923 -25.29 28.60 39.07
N LEU C 924 -26.39 29.04 39.70
CA LEU C 924 -26.60 28.69 41.10
C LEU C 924 -26.87 27.19 41.27
N MET C 925 -27.42 26.54 40.25
CA MET C 925 -27.76 25.12 40.34
C MET C 925 -28.71 24.88 41.51
N LYS C 930 -17.09 24.24 45.05
CA LYS C 930 -17.43 25.55 45.58
C LYS C 930 -17.90 26.48 44.46
N LEU C 931 -18.19 27.73 44.82
CA LEU C 931 -18.67 28.70 43.84
C LEU C 931 -17.60 29.00 42.79
N LEU C 932 -16.33 28.99 43.21
CA LEU C 932 -15.24 29.25 42.27
C LEU C 932 -15.19 28.19 41.18
N GLN C 933 -15.36 26.93 41.55
CA GLN C 933 -15.38 25.86 40.54
C GLN C 933 -16.55 26.03 39.59
N LYS C 934 -17.73 26.38 40.12
CA LYS C 934 -18.88 26.61 39.25
C LYS C 934 -18.61 27.75 38.28
N VAL C 935 -18.01 28.84 38.77
CA VAL C 935 -17.70 29.98 37.91
C VAL C 935 -16.71 29.57 36.82
N LYS C 936 -15.69 28.80 37.18
CA LYS C 936 -14.70 28.37 36.19
C LYS C 936 -15.35 27.50 35.13
N VAL C 937 -16.19 26.55 35.54
CA VAL C 937 -16.85 25.67 34.59
C VAL C 937 -17.78 26.48 33.68
N TRP C 938 -18.49 27.44 34.26
CA TRP C 938 -19.39 28.29 33.48
C TRP C 938 -18.61 29.08 32.43
N LEU C 939 -17.47 29.66 32.84
CA LEU C 939 -16.62 30.39 31.92
C LEU C 939 -15.95 29.48 30.90
N GLN C 940 -15.92 28.16 31.14
CA GLN C 940 -15.40 27.25 30.14
C GLN C 940 -16.09 27.46 28.80
N GLU C 941 -17.38 27.76 28.82
CA GLU C 941 -18.12 28.07 27.60
C GLU C 941 -18.04 29.56 27.30
N TYR C 942 -17.95 29.90 26.02
CA TYR C 942 -17.85 31.29 25.59
C TYR C 942 -19.19 31.94 25.27
N TRP C 943 -20.18 31.13 24.85
CA TRP C 943 -21.48 31.69 24.52
C TRP C 943 -22.10 32.39 25.72
N ASN C 944 -21.96 31.80 26.91
CA ASN C 944 -22.49 32.43 28.11
C ASN C 944 -21.81 33.77 28.38
N VAL C 945 -20.50 33.83 28.20
CA VAL C 945 -19.77 35.08 28.41
C VAL C 945 -20.28 36.15 27.46
N THR C 946 -20.40 35.80 26.18
CA THR C 946 -20.89 36.76 25.20
C THR C 946 -22.31 37.20 25.51
N ASP C 947 -23.15 36.27 25.94
CA ASP C 947 -24.52 36.63 26.30
C ASP C 947 -24.55 37.59 27.48
N LEU C 948 -23.71 37.35 28.48
CA LEU C 948 -23.65 38.25 29.63
C LEU C 948 -23.21 39.65 29.20
N ILE C 949 -22.18 39.72 28.35
CA ILE C 949 -21.70 41.01 27.87
C ILE C 949 -22.81 41.73 27.10
N ALA C 950 -23.51 41.01 26.23
CA ALA C 950 -24.57 41.63 25.44
C ALA C 950 -25.70 42.12 26.34
N ILE C 951 -26.05 41.36 27.37
CA ILE C 951 -27.11 41.77 28.28
C ILE C 951 -26.69 43.03 29.03
N LEU C 952 -25.43 43.09 29.47
CA LEU C 952 -24.96 44.30 30.15
C LEU C 952 -25.01 45.51 29.23
N LEU C 953 -24.59 45.33 27.97
CA LEU C 953 -24.67 46.43 27.02
C LEU C 953 -26.11 46.88 26.79
N PHE C 954 -27.03 45.92 26.69
CA PHE C 954 -28.43 46.26 26.52
C PHE C 954 -28.97 47.03 27.72
N SER C 955 -28.56 46.64 28.93
CA SER C 955 -28.98 47.38 30.11
C SER C 955 -28.45 48.80 30.09
N VAL C 956 -27.19 48.98 29.70
CA VAL C 956 -26.62 50.32 29.60
C VAL C 956 -27.41 51.15 28.60
N GLY C 957 -27.71 50.56 27.44
CA GLY C 957 -28.49 51.27 26.44
C GLY C 957 -29.87 51.66 26.93
N MET C 958 -30.53 50.74 27.64
CA MET C 958 -31.86 51.03 28.17
C MET C 958 -31.80 52.17 29.18
N ILE C 959 -30.80 52.17 30.06
CA ILE C 959 -30.68 53.26 31.02
C ILE C 959 -30.44 54.57 30.30
N LEU C 960 -29.58 54.58 29.29
CA LEU C 960 -29.29 55.81 28.57
C LEU C 960 -30.51 56.30 27.79
N ARG C 961 -31.36 55.39 27.31
CA ARG C 961 -32.45 55.79 26.44
C ARG C 961 -33.45 56.69 27.17
N LEU C 962 -33.74 56.40 28.43
CA LEU C 962 -34.82 57.08 29.14
C LEU C 962 -34.43 58.43 29.70
N GLN C 963 -33.15 58.81 29.66
CA GLN C 963 -32.68 60.03 30.32
C GLN C 963 -32.56 61.16 29.29
N ASP C 964 -33.71 61.76 28.97
CA ASP C 964 -33.77 63.01 28.24
C ASP C 964 -33.32 62.87 26.79
N GLN C 965 -33.42 63.97 26.02
CA GLN C 965 -33.13 63.91 24.59
C GLN C 965 -31.67 63.60 24.29
N PRO C 966 -30.69 64.28 24.87
CA PRO C 966 -29.30 64.12 24.40
C PRO C 966 -28.77 62.70 24.52
N PHE C 967 -29.31 61.91 25.46
CA PHE C 967 -28.81 60.56 25.68
C PHE C 967 -29.62 59.50 24.94
N ARG C 968 -30.86 59.81 24.57
CA ARG C 968 -31.73 58.79 23.98
C ARG C 968 -31.20 58.30 22.63
N SER C 969 -30.65 59.21 21.83
CA SER C 969 -30.14 58.82 20.53
C SER C 969 -28.95 57.87 20.67
N ASP C 970 -28.19 58.00 21.77
CA ASP C 970 -27.08 57.07 21.99
C ASP C 970 -27.58 55.69 22.38
N GLY C 971 -28.62 55.62 23.22
CA GLY C 971 -29.21 54.33 23.55
C GLY C 971 -29.79 53.64 22.33
N ARG C 972 -30.42 54.42 21.43
CA ARG C 972 -30.95 53.82 20.21
C ARG C 972 -29.84 53.18 19.38
N VAL C 973 -28.72 53.88 19.22
CA VAL C 973 -27.59 53.32 18.47
C VAL C 973 -27.04 52.10 19.18
N ILE C 974 -27.04 52.11 20.52
CA ILE C 974 -26.61 50.94 21.27
C ILE C 974 -27.50 49.74 20.93
N TYR C 975 -28.81 49.96 20.91
CA TYR C 975 -29.73 48.88 20.52
C TYR C 975 -29.42 48.38 19.11
N CYS C 976 -29.20 49.32 18.19
CA CYS C 976 -28.97 48.94 16.79
C CYS C 976 -27.71 48.10 16.65
N VAL C 977 -26.65 48.47 17.38
CA VAL C 977 -25.41 47.70 17.30
C VAL C 977 -25.54 46.39 18.06
N ASN C 978 -26.38 46.34 19.09
CA ASN C 978 -26.52 45.12 19.89
C ASN C 978 -27.28 44.05 19.14
N ILE C 979 -28.29 44.43 18.35
CA ILE C 979 -29.12 43.44 17.68
C ILE C 979 -28.30 42.47 16.83
N ILE C 980 -27.10 42.88 16.42
CA ILE C 980 -26.29 42.04 15.54
C ILE C 980 -25.88 40.75 16.25
N TYR C 981 -25.51 40.83 17.52
CA TYR C 981 -25.12 39.63 18.25
C TYR C 981 -26.27 38.63 18.34
N TRP C 982 -27.49 39.13 18.63
CA TRP C 982 -28.63 38.24 18.67
C TRP C 982 -28.91 37.65 17.30
N TYR C 983 -28.72 38.44 16.24
CA TYR C 983 -28.87 37.90 14.89
C TYR C 983 -27.90 36.76 14.63
N ILE C 984 -26.64 36.93 15.06
CA ILE C 984 -25.62 35.91 14.81
C ILE C 984 -25.77 34.71 15.73
N ARG C 985 -26.42 34.85 16.88
CA ARG C 985 -26.55 33.75 17.83
C ARG C 985 -27.39 32.60 17.31
N LEU C 986 -27.98 32.72 16.12
CA LEU C 986 -28.75 31.62 15.55
C LEU C 986 -27.88 30.42 15.20
N LEU C 987 -26.56 30.59 15.17
CA LEU C 987 -25.68 29.45 14.91
C LEU C 987 -25.78 28.42 16.02
N ASP C 988 -25.93 28.88 17.27
CA ASP C 988 -26.13 27.94 18.37
C ASP C 988 -27.40 27.12 18.16
N ILE C 989 -28.47 27.75 17.69
CA ILE C 989 -29.69 27.01 17.37
C ILE C 989 -29.43 26.01 16.26
N PHE C 990 -28.72 26.44 15.22
CA PHE C 990 -28.42 25.55 14.10
C PHE C 990 -27.50 24.40 14.48
N GLY C 991 -26.81 24.52 15.62
CA GLY C 991 -25.85 23.48 16.00
C GLY C 991 -26.48 22.10 16.11
N VAL C 992 -27.78 22.04 16.40
CA VAL C 992 -28.44 20.75 16.57
C VAL C 992 -28.46 19.97 15.26
N ASN C 993 -28.60 20.66 14.13
CA ASN C 993 -28.78 19.99 12.85
C ASN C 993 -27.58 19.11 12.52
N LYS C 994 -27.87 17.98 11.88
CA LYS C 994 -26.82 17.00 11.56
C LYS C 994 -25.85 17.54 10.52
N TYR C 995 -26.39 18.10 9.43
CA TYR C 995 -25.57 18.52 8.30
C TYR C 995 -25.03 19.94 8.43
N LEU C 996 -25.46 20.70 9.45
CA LEU C 996 -25.15 22.12 9.52
C LEU C 996 -24.24 22.50 10.68
N GLY C 997 -24.15 21.68 11.71
CA GLY C 997 -23.31 21.98 12.85
C GLY C 997 -21.83 22.04 12.52
N PRO C 998 -21.33 21.03 11.79
CA PRO C 998 -19.90 21.02 11.45
C PRO C 998 -19.45 22.24 10.66
N TYR C 999 -20.35 22.84 9.87
CA TYR C 999 -20.01 24.04 9.11
C TYR C 999 -19.50 25.14 10.04
N VAL C 1000 -20.19 25.35 11.17
CA VAL C 1000 -19.82 26.40 12.09
C VAL C 1000 -18.44 26.15 12.67
N MET C 1001 -18.17 24.91 13.06
CA MET C 1001 -16.85 24.58 13.61
C MET C 1001 -15.76 24.79 12.57
N MET C 1002 -16.05 24.41 11.32
CA MET C 1002 -15.07 24.63 10.25
C MET C 1002 -14.77 26.10 10.08
N ILE C 1003 -15.82 26.95 10.09
CA ILE C 1003 -15.60 28.38 9.97
C ILE C 1003 -14.74 28.89 11.12
N GLY C 1004 -15.06 28.45 12.34
CA GLY C 1004 -14.29 28.87 13.50
C GLY C 1004 -12.84 28.49 13.39
N LYS C 1005 -12.55 27.31 12.84
CA LYS C 1005 -11.16 26.89 12.67
C LYS C 1005 -10.45 27.68 11.57
N MET C 1006 -11.18 28.05 10.50
CA MET C 1006 -10.56 28.81 9.41
C MET C 1006 -10.32 30.27 9.79
N MET C 1007 -10.98 30.77 10.82
CA MET C 1007 -10.76 32.15 11.24
C MET C 1007 -9.29 32.43 11.54
N ILE C 1008 -8.54 31.42 12.00
CA ILE C 1008 -7.14 31.64 12.35
C ILE C 1008 -6.32 31.96 11.10
N ASP C 1009 -6.49 31.16 10.04
CA ASP C 1009 -5.84 31.46 8.78
C ASP C 1009 -6.29 32.81 8.24
N MET C 1010 -7.56 33.15 8.44
CA MET C 1010 -8.04 34.47 8.05
C MET C 1010 -7.21 35.55 8.74
N MET C 1011 -6.98 35.40 10.05
CA MET C 1011 -6.21 36.40 10.79
C MET C 1011 -4.77 36.49 10.29
N TYR C 1012 -4.15 35.33 10.03
CA TYR C 1012 -2.77 35.34 9.54
C TYR C 1012 -2.67 36.04 8.20
N PHE C 1013 -3.64 35.83 7.32
CA PHE C 1013 -3.69 36.58 6.06
C PHE C 1013 -3.88 38.06 6.34
N VAL C 1014 -4.73 38.39 7.30
CA VAL C 1014 -5.08 39.78 7.60
C VAL C 1014 -3.84 40.57 7.97
N ILE C 1015 -2.94 39.97 8.76
CA ILE C 1015 -1.78 40.72 9.23
C ILE C 1015 -0.95 41.24 8.05
N ILE C 1016 -0.62 40.35 7.12
CA ILE C 1016 0.22 40.75 5.98
C ILE C 1016 -0.54 41.69 5.07
N MET C 1017 -1.85 41.44 4.87
CA MET C 1017 -2.64 42.35 4.07
C MET C 1017 -2.60 43.76 4.67
N LEU C 1018 -2.68 43.85 6.00
CA LEU C 1018 -2.63 45.15 6.67
C LEU C 1018 -1.27 45.81 6.46
N VAL C 1019 -0.19 45.05 6.56
CA VAL C 1019 1.14 45.65 6.36
C VAL C 1019 1.22 46.28 4.97
N VAL C 1020 0.86 45.51 3.94
CA VAL C 1020 0.96 46.03 2.58
C VAL C 1020 0.03 47.21 2.40
N LEU C 1021 -1.19 47.11 2.92
CA LEU C 1021 -2.17 48.19 2.83
C LEU C 1021 -1.61 49.49 3.41
N MET C 1022 -1.04 49.42 4.61
CA MET C 1022 -0.50 50.61 5.25
C MET C 1022 0.66 51.19 4.45
N SER C 1023 1.54 50.33 3.93
CA SER C 1023 2.64 50.84 3.14
C SER C 1023 2.14 51.63 1.94
N PHE C 1024 1.20 51.04 1.19
CA PHE C 1024 0.69 51.72 0.00
C PHE C 1024 -0.04 53.02 0.37
N GLY C 1025 -0.85 52.97 1.43
CA GLY C 1025 -1.60 54.16 1.81
C GLY C 1025 -0.70 55.30 2.22
N VAL C 1026 0.32 55.00 3.02
CA VAL C 1026 1.25 56.05 3.44
C VAL C 1026 1.99 56.63 2.24
N ALA C 1027 2.43 55.76 1.33
CA ALA C 1027 3.13 56.27 0.15
C ALA C 1027 2.23 57.21 -0.64
N ARG C 1028 0.99 56.79 -0.91
CA ARG C 1028 0.08 57.62 -1.69
C ARG C 1028 -0.17 58.95 -0.99
N GLN C 1029 -0.45 58.91 0.31
CA GLN C 1029 -0.77 60.14 1.02
C GLN C 1029 0.41 61.09 1.03
N ALA C 1030 1.63 60.57 1.21
CA ALA C 1030 2.79 61.44 1.28
C ALA C 1030 3.13 62.04 -0.08
N ILE C 1031 3.01 61.25 -1.15
CA ILE C 1031 3.35 61.77 -2.47
C ILE C 1031 2.45 62.95 -2.82
N LEU C 1032 1.15 62.81 -2.59
CA LEU C 1032 0.23 63.92 -2.72
C LEU C 1032 0.20 64.73 -1.43
N PHE C 1033 -0.53 65.85 -1.46
CA PHE C 1033 -0.70 66.75 -0.33
C PHE C 1033 0.66 67.01 0.34
N PRO C 1034 1.63 67.58 -0.39
CA PRO C 1034 2.96 67.77 0.22
C PRO C 1034 2.93 68.61 1.48
N ASN C 1035 2.06 69.61 1.54
CA ASN C 1035 1.96 70.51 2.69
C ASN C 1035 0.60 70.32 3.35
N GLU C 1036 0.62 69.97 4.63
CA GLU C 1036 -0.61 69.81 5.39
C GLU C 1036 -0.31 69.70 6.88
N GLU C 1037 -1.00 70.50 7.69
CA GLU C 1037 -0.77 70.50 9.13
C GLU C 1037 -1.26 69.19 9.74
N PRO C 1038 -0.72 68.82 10.90
CA PRO C 1038 -1.12 67.55 11.52
C PRO C 1038 -2.62 67.53 11.84
N SER C 1039 -3.22 66.35 11.69
CA SER C 1039 -4.63 66.15 11.98
C SER C 1039 -4.90 64.65 11.91
N TRP C 1040 -6.11 64.28 12.33
CA TRP C 1040 -6.49 62.87 12.36
C TRP C 1040 -7.02 62.36 11.02
N LYS C 1041 -7.27 63.24 10.05
CA LYS C 1041 -7.75 62.78 8.75
C LYS C 1041 -6.73 61.93 8.03
N LEU C 1042 -5.44 62.11 8.35
CA LEU C 1042 -4.39 61.36 7.66
C LEU C 1042 -4.53 59.86 7.91
N ALA C 1043 -4.80 59.48 9.15
CA ALA C 1043 -4.96 58.07 9.47
C ALA C 1043 -6.14 57.46 8.71
N LYS C 1044 -7.26 58.19 8.65
CA LYS C 1044 -8.40 57.70 7.89
C LYS C 1044 -8.08 57.56 6.41
N ASN C 1045 -7.38 58.54 5.85
CA ASN C 1045 -7.04 58.51 4.43
C ASN C 1045 -6.07 57.39 4.10
N ILE C 1046 -5.20 57.04 5.04
CA ILE C 1046 -4.28 55.93 4.82
C ILE C 1046 -5.05 54.65 4.50
N PHE C 1047 -6.16 54.41 5.20
CA PHE C 1047 -6.88 53.15 5.10
C PHE C 1047 -8.04 53.20 4.11
N TYR C 1048 -8.60 54.38 3.83
CA TYR C 1048 -9.89 54.43 3.14
C TYR C 1048 -9.87 53.77 1.77
N MET C 1049 -9.17 54.36 0.79
CA MET C 1049 -9.26 53.85 -0.58
C MET C 1049 -8.65 52.46 -0.72
N PRO C 1050 -7.44 52.20 -0.23
CA PRO C 1050 -6.81 50.89 -0.51
C PRO C 1050 -7.61 49.70 -0.03
N TYR C 1051 -8.35 49.82 1.08
CA TYR C 1051 -9.16 48.70 1.54
C TYR C 1051 -10.27 48.39 0.54
N TRP C 1052 -10.94 49.42 0.03
CA TRP C 1052 -11.99 49.19 -0.95
C TRP C 1052 -11.43 48.76 -2.30
N MET C 1053 -10.15 49.04 -2.57
CA MET C 1053 -9.54 48.57 -3.82
C MET C 1053 -9.53 47.06 -3.91
N ILE C 1054 -9.63 46.36 -2.78
CA ILE C 1054 -9.58 44.90 -2.79
C ILE C 1054 -10.83 44.33 -3.44
N TYR C 1055 -11.98 44.96 -3.21
CA TYR C 1055 -13.27 44.37 -3.56
C TYR C 1055 -13.85 44.92 -4.86
N GLY C 1056 -13.02 45.45 -5.75
CA GLY C 1056 -13.44 45.78 -7.09
C GLY C 1056 -13.69 47.24 -7.37
N GLU C 1057 -13.41 48.15 -6.43
CA GLU C 1057 -13.58 49.58 -6.63
C GLU C 1057 -12.19 50.21 -6.66
N VAL C 1058 -11.74 50.63 -7.84
CA VAL C 1058 -10.39 51.14 -8.04
C VAL C 1058 -10.34 52.65 -8.15
N PHE C 1059 -11.50 53.32 -8.14
CA PHE C 1059 -11.55 54.78 -8.24
C PHE C 1059 -10.83 55.26 -9.49
N ALA C 1060 -11.39 54.87 -10.65
CA ALA C 1060 -10.75 55.20 -11.92
C ALA C 1060 -10.58 56.70 -12.11
N ASP C 1061 -11.48 57.50 -11.54
CA ASP C 1061 -11.39 58.94 -11.72
C ASP C 1061 -10.12 59.52 -11.11
N GLN C 1062 -9.71 58.99 -9.96
CA GLN C 1062 -8.63 59.57 -9.18
C GLN C 1062 -7.29 58.88 -9.38
N ILE C 1063 -7.19 57.96 -10.35
CA ILE C 1063 -5.93 57.26 -10.57
C ILE C 1063 -4.85 58.23 -11.05
N ASP C 1064 -5.17 59.03 -12.05
CA ASP C 1064 -4.19 59.95 -12.63
C ASP C 1064 -4.89 61.11 -13.33
N PRO C 1065 -5.30 62.14 -12.60
CA PRO C 1065 -5.97 63.28 -13.23
C PRO C 1065 -5.01 64.04 -14.13
N PRO C 1066 -5.53 64.76 -15.14
CA PRO C 1066 -4.64 65.47 -16.06
C PRO C 1066 -3.71 66.46 -15.38
N CYS C 1067 -4.14 67.07 -14.28
CA CYS C 1067 -3.37 68.07 -13.54
C CYS C 1067 -3.10 69.22 -14.50
N GLY C 1068 -1.85 69.63 -14.71
CA GLY C 1068 -1.58 70.88 -15.41
C GLY C 1068 -1.70 70.74 -16.90
N GLN C 1069 -2.40 71.70 -17.52
CA GLN C 1069 -2.55 71.76 -18.97
C GLN C 1069 -3.38 73.00 -19.29
N ASN C 1070 -3.52 73.28 -20.58
CA ASN C 1070 -4.34 74.39 -21.06
C ASN C 1070 -5.64 73.81 -21.59
N GLU C 1071 -6.65 73.73 -20.72
CA GLU C 1071 -7.94 73.14 -21.05
C GLU C 1071 -8.98 74.25 -21.13
N THR C 1072 -9.63 74.36 -22.29
CA THR C 1072 -10.69 75.35 -22.47
C THR C 1072 -12.01 74.91 -21.86
N ARG C 1073 -12.15 73.62 -21.53
CA ARG C 1073 -13.38 73.09 -20.95
C ARG C 1073 -14.49 73.06 -21.99
N GLU C 1074 -15.71 72.74 -21.56
CA GLU C 1074 -16.85 72.69 -22.46
C GLU C 1074 -18.07 73.28 -21.76
N ASP C 1075 -18.87 74.04 -22.52
CA ASP C 1075 -20.10 74.64 -22.00
C ASP C 1075 -19.82 75.48 -20.76
N GLY C 1076 -18.72 76.22 -20.78
CA GLY C 1076 -18.38 77.08 -19.66
C GLY C 1076 -17.06 77.77 -19.91
N LYS C 1077 -16.76 78.74 -19.05
CA LYS C 1077 -15.51 79.47 -19.16
C LYS C 1077 -14.33 78.55 -18.91
N THR C 1078 -13.23 78.82 -19.60
CA THR C 1078 -12.03 78.00 -19.45
C THR C 1078 -11.56 78.02 -18.00
N ILE C 1079 -11.25 76.84 -17.47
CA ILE C 1079 -10.81 76.67 -16.10
C ILE C 1079 -9.31 76.36 -16.14
N GLN C 1080 -8.51 77.24 -15.56
CA GLN C 1080 -7.07 77.01 -15.52
C GLN C 1080 -6.77 75.81 -14.64
N LEU C 1081 -5.92 74.92 -15.16
CA LEU C 1081 -5.64 73.68 -14.46
C LEU C 1081 -4.57 73.89 -13.39
N PRO C 1082 -4.57 73.07 -12.34
CA PRO C 1082 -3.57 73.24 -11.26
C PRO C 1082 -2.17 72.99 -11.78
N PRO C 1083 -1.16 73.21 -10.94
CA PRO C 1083 0.24 73.03 -11.37
C PRO C 1083 0.80 71.63 -11.16
N CYS C 1084 -0.03 70.63 -10.85
CA CYS C 1084 0.44 69.27 -10.65
C CYS C 1084 1.33 69.17 -9.42
N LYS C 1085 2.05 68.05 -9.30
CA LYS C 1085 2.97 67.82 -8.20
C LYS C 1085 4.30 67.34 -8.77
N THR C 1086 5.31 67.27 -7.90
CA THR C 1086 6.64 66.88 -8.36
C THR C 1086 6.64 65.48 -8.95
N GLY C 1087 5.96 64.54 -8.30
CA GLY C 1087 5.87 63.18 -8.80
C GLY C 1087 4.52 62.55 -8.54
N ALA C 1088 3.87 62.06 -9.58
CA ALA C 1088 2.56 61.41 -9.46
C ALA C 1088 2.51 60.05 -10.12
N TRP C 1089 3.20 59.86 -11.25
CA TRP C 1089 3.19 58.59 -11.96
C TRP C 1089 3.60 57.43 -11.05
N ILE C 1090 4.46 57.72 -10.07
CA ILE C 1090 4.83 56.72 -9.08
C ILE C 1090 3.58 56.18 -8.39
N VAL C 1091 2.56 57.01 -8.22
CA VAL C 1091 1.33 56.55 -7.59
C VAL C 1091 0.63 55.48 -8.42
N PRO C 1092 0.37 55.67 -9.71
CA PRO C 1092 -0.15 54.56 -10.51
C PRO C 1092 0.75 53.33 -10.52
N ALA C 1093 2.07 53.52 -10.57
CA ALA C 1093 2.96 52.35 -10.56
C ALA C 1093 2.77 51.54 -9.28
N ILE C 1094 2.80 52.23 -8.13
CA ILE C 1094 2.64 51.54 -6.85
C ILE C 1094 1.25 50.92 -6.74
N MET C 1095 0.23 51.60 -7.29
CA MET C 1095 -1.11 51.04 -7.27
C MET C 1095 -1.16 49.73 -8.03
N ALA C 1096 -0.56 49.70 -9.22
CA ALA C 1096 -0.54 48.47 -10.01
C ALA C 1096 0.17 47.35 -9.26
N CYS C 1097 1.34 47.66 -8.69
CA CYS C 1097 2.08 46.63 -7.96
C CYS C 1097 1.28 46.13 -6.77
N TYR C 1098 0.66 47.04 -6.01
CA TYR C 1098 -0.10 46.66 -4.84
C TYR C 1098 -1.30 45.79 -5.20
N LEU C 1099 -2.03 46.16 -6.26
CA LEU C 1099 -3.16 45.35 -6.69
C LEU C 1099 -2.70 43.97 -7.13
N LEU C 1100 -1.59 43.90 -7.87
CA LEU C 1100 -1.07 42.61 -8.30
C LEU C 1100 -0.72 41.74 -7.09
N VAL C 1101 -0.08 42.32 -6.08
CA VAL C 1101 0.30 41.55 -4.91
C VAL C 1101 -0.93 41.10 -4.13
N ALA C 1102 -1.92 41.97 -3.98
CA ALA C 1102 -3.04 41.68 -3.09
C ALA C 1102 -4.09 40.79 -3.73
N ASN C 1103 -4.68 41.26 -4.84
CA ASN C 1103 -5.88 40.61 -5.36
C ASN C 1103 -5.62 39.23 -5.94
N ILE C 1104 -4.36 38.85 -6.14
CA ILE C 1104 -4.02 37.58 -6.79
C ILE C 1104 -3.26 36.65 -5.85
N LEU C 1105 -2.11 37.08 -5.35
CA LEU C 1105 -1.21 36.17 -4.64
C LEU C 1105 -1.83 35.69 -3.32
N LEU C 1106 -2.09 36.63 -2.41
CA LEU C 1106 -2.48 36.27 -1.05
C LEU C 1106 -3.81 35.53 -1.02
N VAL C 1107 -4.79 35.98 -1.81
CA VAL C 1107 -6.11 35.35 -1.78
C VAL C 1107 -6.03 33.92 -2.27
N ASN C 1108 -5.29 33.67 -3.36
CA ASN C 1108 -5.14 32.31 -3.86
C ASN C 1108 -4.35 31.45 -2.88
N LEU C 1109 -3.37 32.03 -2.19
CA LEU C 1109 -2.66 31.28 -1.16
C LEU C 1109 -3.61 30.86 -0.05
N LEU C 1110 -4.51 31.77 0.35
CA LEU C 1110 -5.51 31.42 1.36
C LEU C 1110 -6.43 30.32 0.85
N ILE C 1111 -6.80 30.38 -0.42
CA ILE C 1111 -7.64 29.33 -1.00
C ILE C 1111 -6.93 27.98 -0.90
N ALA C 1112 -5.64 27.96 -1.23
CA ALA C 1112 -4.88 26.72 -1.12
C ALA C 1112 -4.83 26.22 0.32
N VAL C 1113 -4.62 27.14 1.27
CA VAL C 1113 -4.59 26.75 2.68
C VAL C 1113 -5.91 26.10 3.08
N PHE C 1114 -7.02 26.72 2.70
CA PHE C 1114 -8.33 26.17 3.04
C PHE C 1114 -8.51 24.79 2.41
N ASN C 1115 -8.12 24.64 1.14
CA ASN C 1115 -8.26 23.35 0.49
C ASN C 1115 -7.47 22.27 1.21
N ASN C 1116 -6.25 22.60 1.63
CA ASN C 1116 -5.43 21.61 2.33
C ASN C 1116 -6.04 21.25 3.69
N THR C 1117 -6.55 22.24 4.42
CA THR C 1117 -6.98 22.02 5.80
C THR C 1117 -8.40 21.46 5.90
N PHE C 1118 -9.18 21.53 4.82
CA PHE C 1118 -10.59 21.14 4.89
C PHE C 1118 -10.75 19.67 5.30
N PHE C 1119 -10.04 18.76 4.63
CA PHE C 1119 -10.21 17.35 4.91
C PHE C 1119 -9.79 17.02 6.34
N GLU C 1120 -8.68 17.61 6.79
CA GLU C 1120 -8.24 17.36 8.16
C GLU C 1120 -9.27 17.83 9.17
N VAL C 1121 -9.90 18.98 8.91
CA VAL C 1121 -10.83 19.53 9.90
C VAL C 1121 -12.17 18.80 9.89
N LYS C 1122 -12.58 18.27 8.73
CA LYS C 1122 -13.95 17.80 8.59
C LYS C 1122 -14.27 16.66 9.56
N SER C 1123 -13.46 15.61 9.57
CA SER C 1123 -13.75 14.44 10.39
C SER C 1123 -13.70 14.79 11.88
N ILE C 1124 -12.73 15.60 12.28
CA ILE C 1124 -12.63 15.99 13.67
C ILE C 1124 -13.87 16.77 14.09
N SER C 1125 -14.33 17.68 13.23
CA SER C 1125 -15.54 18.44 13.55
C SER C 1125 -16.74 17.51 13.69
N ASN C 1126 -16.87 16.55 12.79
CA ASN C 1126 -18.01 15.63 12.86
C ASN C 1126 -18.00 14.84 14.17
N GLN C 1127 -16.83 14.31 14.53
CA GLN C 1127 -16.73 13.53 15.77
C GLN C 1127 -17.03 14.40 16.99
N VAL C 1128 -16.50 15.62 17.00
CA VAL C 1128 -16.72 16.50 18.15
C VAL C 1128 -18.21 16.84 18.27
N TRP C 1129 -18.88 17.09 17.15
CA TRP C 1129 -20.32 17.36 17.21
C TRP C 1129 -21.07 16.16 17.74
N LYS C 1130 -20.72 14.96 17.26
CA LYS C 1130 -21.37 13.75 17.77
C LYS C 1130 -21.18 13.62 19.27
N PHE C 1131 -20.02 14.05 19.79
CA PHE C 1131 -19.80 13.99 21.23
C PHE C 1131 -20.65 15.04 21.96
N GLN C 1132 -20.69 16.27 21.45
CA GLN C 1132 -21.44 17.34 22.10
C GLN C 1132 -22.94 17.07 22.08
N ARG C 1133 -23.40 16.20 21.18
CA ARG C 1133 -24.82 15.90 21.08
C ARG C 1133 -25.39 15.45 22.43
N TYR C 1134 -24.63 14.65 23.18
CA TYR C 1134 -25.13 14.14 24.45
C TYR C 1134 -25.40 15.28 25.43
N GLN C 1135 -24.45 16.20 25.58
CA GLN C 1135 -24.65 17.32 26.49
C GLN C 1135 -25.80 18.19 26.02
N LEU C 1136 -25.95 18.37 24.71
CA LEU C 1136 -27.09 19.13 24.21
C LEU C 1136 -28.40 18.47 24.64
N ILE C 1137 -28.50 17.16 24.44
CA ILE C 1137 -29.75 16.46 24.76
C ILE C 1137 -30.04 16.57 26.25
N MET C 1138 -29.03 16.36 27.08
CA MET C 1138 -29.26 16.42 28.53
C MET C 1138 -29.64 17.83 28.97
N THR C 1139 -29.00 18.85 28.39
CA THR C 1139 -29.35 20.22 28.75
C THR C 1139 -30.80 20.52 28.43
N PHE C 1140 -31.27 20.08 27.26
CA PHE C 1140 -32.67 20.31 26.92
C PHE C 1140 -33.60 19.39 27.72
N HIS C 1141 -33.08 18.28 28.22
CA HIS C 1141 -33.87 17.40 29.07
C HIS C 1141 -34.11 18.02 30.45
N GLU C 1142 -33.14 18.76 30.96
CA GLU C 1142 -33.25 19.32 32.31
C GLU C 1142 -34.04 20.63 32.36
N ARG C 1143 -34.18 21.33 31.23
CA ARG C 1143 -34.78 22.66 31.25
C ARG C 1143 -36.27 22.59 31.55
N PRO C 1144 -36.85 23.70 32.02
CA PRO C 1144 -38.30 23.75 32.22
C PRO C 1144 -39.06 23.70 30.90
N VAL C 1145 -40.35 23.44 31.00
CA VAL C 1145 -41.18 23.29 29.81
C VAL C 1145 -41.38 24.64 29.11
N LEU C 1146 -41.62 25.71 29.88
CA LEU C 1146 -41.99 26.97 29.27
C LEU C 1146 -40.76 27.71 28.73
N PRO C 1147 -40.94 28.59 27.75
CA PRO C 1147 -39.80 29.36 27.22
C PRO C 1147 -39.50 30.56 28.10
N PRO C 1148 -38.43 31.30 27.81
CA PRO C 1148 -37.94 32.34 28.73
C PRO C 1148 -38.99 33.40 29.05
N PRO C 1149 -39.80 33.83 28.07
CA PRO C 1149 -40.77 34.89 28.37
C PRO C 1149 -41.73 34.53 29.49
N LEU C 1150 -42.09 33.26 29.63
CA LEU C 1150 -43.15 32.83 30.53
C LEU C 1150 -42.65 31.99 31.70
N ILE C 1151 -41.33 31.77 31.81
CA ILE C 1151 -40.81 30.94 32.90
C ILE C 1151 -40.67 31.69 34.21
N ILE C 1152 -41.10 32.96 34.27
CA ILE C 1152 -41.14 33.65 35.54
C ILE C 1152 -42.05 32.91 36.52
N PHE C 1153 -43.19 32.44 36.01
CA PHE C 1153 -44.06 31.58 36.83
C PHE C 1153 -43.34 30.29 37.21
N SER C 1154 -42.55 29.75 36.28
CA SER C 1154 -41.76 28.56 36.60
C SER C 1154 -40.76 28.84 37.71
N HIS C 1155 -40.11 30.00 37.67
CA HIS C 1155 -39.20 30.37 38.75
C HIS C 1155 -39.94 30.52 40.08
N MET C 1156 -41.12 31.13 40.05
CA MET C 1156 -41.91 31.27 41.27
C MET C 1156 -42.28 29.91 41.84
N THR C 1157 -42.66 28.97 40.97
CA THR C 1157 -42.95 27.61 41.44
C THR C 1157 -41.70 26.95 42.00
N MET C 1158 -40.56 27.13 41.35
CA MET C 1158 -39.33 26.49 41.80
C MET C 1158 -38.90 26.98 43.18
N ILE C 1159 -38.97 28.30 43.39
CA ILE C 1159 -38.57 28.85 44.68
C ILE C 1159 -39.53 28.37 45.78
N PHE C 1160 -40.81 28.22 45.45
CA PHE C 1160 -41.80 27.75 46.41
C PHE C 1160 -41.51 26.30 46.80
N THR C 1186 -34.28 -6.76 37.52
CA THR C 1186 -34.32 -7.83 38.50
C THR C 1186 -32.94 -8.46 38.68
N ASP C 1187 -32.79 -9.23 39.77
CA ASP C 1187 -31.52 -9.92 40.00
C ASP C 1187 -31.23 -10.93 38.90
N ASP C 1188 -32.27 -11.63 38.42
CA ASP C 1188 -32.07 -12.59 37.35
C ASP C 1188 -31.61 -11.90 36.07
N GLU C 1189 -32.17 -10.72 35.77
CA GLU C 1189 -31.74 -9.97 34.60
C GLU C 1189 -30.28 -9.56 34.72
N LEU C 1190 -29.88 -9.09 35.90
CA LEU C 1190 -28.49 -8.70 36.11
C LEU C 1190 -27.56 -9.90 35.95
N LYS C 1191 -27.96 -11.07 36.49
CA LYS C 1191 -27.15 -12.26 36.34
C LYS C 1191 -27.02 -12.66 34.87
N LYS C 1192 -28.13 -12.55 34.11
CA LYS C 1192 -28.08 -12.86 32.69
C LYS C 1192 -27.15 -11.91 31.96
N VAL C 1193 -27.21 -10.62 32.30
CA VAL C 1193 -26.33 -9.64 31.65
C VAL C 1193 -24.87 -9.96 31.97
N HIS C 1194 -24.58 -10.30 33.22
CA HIS C 1194 -23.21 -10.64 33.60
C HIS C 1194 -22.72 -11.89 32.85
N ASP C 1195 -23.58 -12.90 32.74
CA ASP C 1195 -23.21 -14.09 31.99
C ASP C 1195 -22.95 -13.76 30.52
N PHE C 1196 -23.80 -12.91 29.93
CA PHE C 1196 -23.59 -12.49 28.55
C PHE C 1196 -22.24 -11.79 28.40
N GLU C 1197 -21.92 -10.90 29.34
CA GLU C 1197 -20.66 -10.17 29.27
C GLU C 1197 -19.47 -11.12 29.41
N GLU C 1198 -19.55 -12.08 30.33
CA GLU C 1198 -18.46 -13.04 30.49
C GLU C 1198 -18.28 -13.87 29.23
N GLN C 1199 -19.40 -14.33 28.64
CA GLN C 1199 -19.32 -15.08 27.39
C GLN C 1199 -18.69 -14.24 26.29
N CYS C 1200 -19.08 -12.97 26.19
CA CYS C 1200 -18.49 -12.10 25.18
C CYS C 1200 -16.99 -11.93 25.39
N ILE C 1201 -16.57 -11.75 26.64
CA ILE C 1201 -15.15 -11.60 26.93
C ILE C 1201 -14.39 -12.85 26.51
N GLU C 1202 -14.91 -14.02 26.89
CA GLU C 1202 -14.24 -15.27 26.56
C GLU C 1202 -14.15 -15.45 25.05
N GLU C 1203 -15.25 -15.18 24.33
CA GLU C 1203 -15.26 -15.34 22.88
C GLU C 1203 -14.28 -14.37 22.23
N TYR C 1204 -14.24 -13.12 22.70
CA TYR C 1204 -13.32 -12.14 22.12
C TYR C 1204 -11.87 -12.54 22.35
N PHE C 1205 -11.54 -13.00 23.56
CA PHE C 1205 -10.15 -13.41 23.81
C PHE C 1205 -9.78 -14.63 22.99
N ARG C 1206 -10.70 -15.59 22.88
CA ARG C 1206 -10.40 -16.78 22.07
C ARG C 1206 -10.21 -16.40 20.60
N GLU C 1207 -11.06 -15.50 20.08
CA GLU C 1207 -10.92 -15.05 18.70
C GLU C 1207 -9.59 -14.34 18.49
N LYS C 1208 -9.19 -13.49 19.45
CA LYS C 1208 -7.92 -12.80 19.33
C LYS C 1208 -6.76 -13.77 19.31
N ASP C 1209 -6.79 -14.78 20.19
CA ASP C 1209 -5.73 -15.78 20.22
C ASP C 1209 -5.68 -16.56 18.92
N ASP C 1210 -6.85 -16.96 18.40
CA ASP C 1210 -6.90 -17.69 17.14
C ASP C 1210 -6.36 -16.85 15.98
N ARG C 1211 -6.74 -15.58 15.94
CA ARG C 1211 -6.23 -14.69 14.89
C ARG C 1211 -4.72 -14.53 14.98
N PHE C 1212 -4.19 -14.38 16.20
CA PHE C 1212 -2.75 -14.27 16.34
C PHE C 1212 -2.05 -15.55 15.90
N ASN C 1213 -2.61 -16.71 16.25
CA ASN C 1213 -1.99 -17.97 15.84
C ASN C 1213 -2.07 -18.17 14.33
N SER C 1214 -3.14 -17.69 13.69
CA SER C 1214 -3.30 -17.82 12.25
C SER C 1214 -2.34 -16.94 11.47
N SER C 1215 -1.68 -15.99 12.13
CA SER C 1215 -0.74 -15.11 11.44
C SER C 1215 0.36 -15.94 10.79
N ASN C 1216 0.72 -15.56 9.56
CA ASN C 1216 1.76 -16.30 8.83
C ASN C 1216 3.08 -16.27 9.57
N ASP C 1217 3.33 -15.21 10.34
CA ASP C 1217 4.59 -15.12 11.09
C ASP C 1217 4.69 -16.25 12.10
N GLU C 1218 3.60 -16.56 12.80
CA GLU C 1218 3.62 -17.64 13.77
C GLU C 1218 3.89 -18.98 13.10
N ARG C 1219 3.23 -19.23 11.96
CA ARG C 1219 3.43 -20.48 11.25
C ARG C 1219 4.87 -20.59 10.74
N ILE C 1220 5.41 -19.51 10.19
CA ILE C 1220 6.78 -19.54 9.68
C ILE C 1220 7.76 -19.82 10.81
N ARG C 1221 7.58 -19.15 11.94
CA ARG C 1221 8.50 -19.35 13.07
C ARG C 1221 8.45 -20.79 13.57
N VAL C 1222 7.24 -21.34 13.71
CA VAL C 1222 7.11 -22.71 14.19
C VAL C 1222 7.74 -23.69 13.19
N THR C 1223 7.47 -23.48 11.90
CA THR C 1223 8.00 -24.39 10.89
C THR C 1223 9.52 -24.38 10.90
N SER C 1224 10.13 -23.20 10.98
CA SER C 1224 11.59 -23.12 11.00
C SER C 1224 12.17 -23.82 12.23
N GLU C 1225 11.55 -23.62 13.39
CA GLU C 1225 12.07 -24.22 14.62
C GLU C 1225 12.02 -25.74 14.55
N ARG C 1226 10.87 -26.30 14.14
CA ARG C 1226 10.76 -27.75 14.06
C ARG C 1226 11.70 -28.32 13.01
N VAL C 1227 11.82 -27.66 11.86
CA VAL C 1227 12.69 -28.16 10.80
C VAL C 1227 14.14 -28.20 11.28
N GLU C 1228 14.58 -27.13 11.96
CA GLU C 1228 15.95 -27.10 12.46
C GLU C 1228 16.20 -28.21 13.46
N ASN C 1229 15.27 -28.40 14.40
CA ASN C 1229 15.42 -29.48 15.38
C ASN C 1229 15.34 -30.84 14.71
N MET C 1230 14.39 -31.02 13.78
CA MET C 1230 14.25 -32.30 13.10
C MET C 1230 15.48 -32.62 12.27
N SER C 1231 16.03 -31.62 11.56
CA SER C 1231 17.19 -31.86 10.73
C SER C 1231 18.39 -32.32 11.57
N MET C 1232 18.61 -31.66 12.71
CA MET C 1232 19.70 -32.07 13.59
C MET C 1232 19.49 -33.49 14.12
N ARG C 1233 18.26 -33.80 14.53
CA ARG C 1233 17.97 -35.15 15.01
C ARG C 1233 18.18 -36.19 13.91
N LEU C 1234 17.72 -35.89 12.69
CA LEU C 1234 17.90 -36.83 11.59
C LEU C 1234 19.37 -37.04 11.28
N GLU C 1235 20.18 -35.98 11.30
CA GLU C 1235 21.60 -36.12 11.02
C GLU C 1235 22.27 -37.03 12.04
N GLU C 1236 21.92 -36.88 13.32
CA GLU C 1236 22.50 -37.74 14.35
C GLU C 1236 22.13 -39.19 14.12
N VAL C 1237 20.87 -39.46 13.76
CA VAL C 1237 20.44 -40.83 13.51
C VAL C 1237 21.21 -41.42 12.33
N ASN C 1238 21.36 -40.64 11.26
CA ASN C 1238 22.09 -41.14 10.09
C ASN C 1238 23.53 -41.46 10.44
N GLU C 1239 24.19 -40.59 11.19
CA GLU C 1239 25.57 -40.86 11.58
C GLU C 1239 25.65 -42.07 12.50
N ARG C 1240 24.71 -42.18 13.44
CA ARG C 1240 24.70 -43.32 14.35
C ARG C 1240 24.35 -44.61 13.63
N GLU C 1241 23.59 -44.52 12.52
CA GLU C 1241 23.25 -45.71 11.77
C GLU C 1241 24.45 -46.42 11.18
N HIS C 1242 25.59 -45.74 11.06
CA HIS C 1242 26.78 -46.37 10.50
C HIS C 1242 27.24 -47.53 11.39
N SER C 1243 27.19 -47.35 12.72
CA SER C 1243 27.61 -48.42 13.62
C SER C 1243 26.75 -49.66 13.42
N MET C 1244 25.44 -49.48 13.24
CA MET C 1244 24.56 -50.62 13.01
C MET C 1244 24.96 -51.36 11.73
N LYS C 1245 25.29 -50.62 10.68
CA LYS C 1245 25.72 -51.22 9.42
C LYS C 1245 26.93 -52.12 9.63
N THR D 138 -37.31 -36.86 50.74
CA THR D 138 -36.97 -35.59 50.12
C THR D 138 -35.50 -35.25 50.41
N ASP D 139 -35.23 -33.99 50.75
CA ASP D 139 -33.89 -33.55 51.11
C ASP D 139 -33.05 -33.28 49.88
N ALA D 140 -31.96 -32.53 50.03
CA ALA D 140 -31.07 -32.21 48.92
C ALA D 140 -31.87 -31.43 47.89
N PHE D 141 -31.79 -31.74 46.59
CA PHE D 141 -32.51 -31.01 45.55
C PHE D 141 -32.01 -29.57 45.47
N GLY D 142 -30.71 -29.41 45.34
CA GLY D 142 -30.11 -28.09 45.25
C GLY D 142 -28.93 -28.10 44.29
N THR D 143 -28.66 -26.92 43.72
CA THR D 143 -27.59 -26.73 42.76
C THR D 143 -26.45 -25.97 43.42
N ILE D 144 -25.23 -26.47 43.26
CA ILE D 144 -24.03 -25.87 43.84
C ILE D 144 -23.03 -25.61 42.73
N GLU D 145 -22.46 -24.40 42.72
CA GLU D 145 -21.45 -24.02 41.74
C GLU D 145 -20.08 -24.12 42.39
N PHE D 146 -19.18 -24.87 41.75
CA PHE D 146 -17.84 -25.11 42.28
C PHE D 146 -16.95 -23.93 41.86
N GLN D 147 -17.10 -22.83 42.59
CA GLN D 147 -16.30 -21.64 42.33
C GLN D 147 -14.95 -21.71 43.05
N SER D 152 -16.31 -21.21 37.37
CA SER D 152 -17.31 -21.54 38.38
C SER D 152 -17.91 -22.91 38.12
N ASN D 153 -18.26 -23.17 36.86
CA ASN D 153 -18.84 -24.45 36.44
C ASN D 153 -20.14 -24.73 37.22
N LYS D 154 -21.11 -23.85 37.02
CA LYS D 154 -22.41 -24.01 37.66
C LYS D 154 -23.06 -25.31 37.21
N ALA D 155 -23.68 -26.01 38.16
CA ALA D 155 -24.28 -27.30 37.88
C ALA D 155 -25.43 -27.54 38.85
N MET D 156 -26.31 -28.48 38.47
CA MET D 156 -27.41 -28.90 39.30
C MET D 156 -27.08 -30.23 39.98
N TYR D 157 -27.62 -30.41 41.18
CA TYR D 157 -27.36 -31.61 41.96
C TYR D 157 -28.64 -32.11 42.60
N VAL D 158 -28.85 -33.41 42.55
CA VAL D 158 -30.00 -34.06 43.17
C VAL D 158 -29.50 -35.31 43.87
N ARG D 159 -29.89 -35.47 45.14
CA ARG D 159 -29.48 -36.63 45.95
C ARG D 159 -30.62 -37.64 45.91
N VAL D 160 -30.70 -38.36 44.79
CA VAL D 160 -31.74 -39.38 44.66
C VAL D 160 -31.38 -40.60 45.51
N SER D 161 -32.39 -41.42 45.77
CA SER D 161 -32.20 -42.63 46.56
C SER D 161 -31.69 -43.77 45.67
N PHE D 162 -31.41 -44.91 46.30
CA PHE D 162 -30.95 -46.06 45.54
C PHE D 162 -31.98 -46.51 44.53
N ASP D 163 -33.25 -46.55 44.93
CA ASP D 163 -34.34 -46.85 44.00
C ASP D 163 -34.74 -45.58 43.26
N THR D 164 -34.82 -45.66 41.93
CA THR D 164 -35.13 -44.52 41.10
C THR D 164 -36.20 -44.89 40.08
N LYS D 165 -36.96 -43.88 39.67
CA LYS D 165 -38.01 -44.04 38.67
C LYS D 165 -37.54 -43.44 37.36
N PRO D 166 -37.48 -44.18 36.25
CA PRO D 166 -36.99 -43.59 35.00
C PRO D 166 -37.78 -42.35 34.59
N ASP D 167 -39.09 -42.34 34.82
CA ASP D 167 -39.90 -41.19 34.44
C ASP D 167 -39.48 -39.94 35.21
N LEU D 168 -39.22 -40.09 36.51
CA LEU D 168 -38.83 -38.94 37.32
C LEU D 168 -37.51 -38.33 36.81
N LEU D 169 -36.51 -39.17 36.60
CA LEU D 169 -35.22 -38.66 36.11
C LEU D 169 -35.35 -38.06 34.73
N LEU D 170 -36.12 -38.71 33.85
CA LEU D 170 -36.30 -38.17 32.50
C LEU D 170 -36.97 -36.80 32.54
N HIS D 171 -38.01 -36.66 33.36
CA HIS D 171 -38.68 -35.36 33.47
C HIS D 171 -37.75 -34.31 34.07
N LEU D 172 -36.97 -34.69 35.09
CA LEU D 172 -36.06 -33.73 35.73
C LEU D 172 -35.02 -33.25 34.74
N MET D 173 -34.44 -34.16 33.96
CA MET D 173 -33.38 -33.78 33.03
C MET D 173 -33.96 -32.98 31.85
N THR D 174 -35.04 -33.46 31.25
CA THR D 174 -35.59 -32.84 30.06
C THR D 174 -36.29 -31.53 30.38
N LYS D 175 -37.04 -31.49 31.49
CA LYS D 175 -37.88 -30.35 31.83
C LYS D 175 -37.35 -29.54 33.00
N GLU D 176 -37.11 -30.18 34.15
CA GLU D 176 -36.63 -29.44 35.31
C GLU D 176 -35.27 -28.79 35.04
N TRP D 177 -34.37 -29.53 34.42
CA TRP D 177 -33.04 -29.03 34.09
C TRP D 177 -32.99 -28.33 32.74
N GLN D 178 -34.08 -28.36 31.97
CA GLN D 178 -34.13 -27.74 30.65
C GLN D 178 -33.00 -28.26 29.76
N LEU D 179 -32.73 -29.56 29.87
CA LEU D 179 -31.68 -30.20 29.09
C LEU D 179 -32.26 -30.87 27.85
N PRO D 182 -30.59 -36.17 23.87
CA PRO D 182 -29.57 -36.31 22.83
C PRO D 182 -29.82 -37.48 21.89
N LYS D 183 -29.31 -37.38 20.66
CA LYS D 183 -29.49 -38.45 19.68
C LYS D 183 -28.66 -39.68 20.04
N LEU D 184 -27.52 -39.49 20.71
CA LEU D 184 -26.64 -40.56 21.12
C LEU D 184 -26.40 -40.47 22.62
N LEU D 185 -26.12 -41.61 23.23
CA LEU D 185 -25.87 -41.71 24.67
C LEU D 185 -24.57 -42.45 24.90
N ILE D 186 -23.76 -41.94 25.84
CA ILE D 186 -22.47 -42.53 26.17
C ILE D 186 -22.34 -42.58 27.69
N SER D 187 -21.82 -43.71 28.19
CA SER D 187 -21.58 -43.89 29.61
C SER D 187 -20.22 -44.55 29.78
N VAL D 188 -19.46 -44.10 30.78
CA VAL D 188 -18.10 -44.56 31.02
C VAL D 188 -18.03 -45.21 32.39
N HIS D 189 -17.46 -46.41 32.45
CA HIS D 189 -17.20 -47.11 33.70
C HIS D 189 -15.70 -47.11 33.94
N GLY D 190 -15.30 -46.65 35.13
CA GLY D 190 -13.90 -46.60 35.48
C GLY D 190 -13.66 -46.84 36.97
N GLN D 203 -3.91 -37.85 25.81
CA GLN D 203 -4.20 -36.89 24.75
C GLN D 203 -5.26 -37.44 23.81
N VAL D 204 -5.04 -38.65 23.32
CA VAL D 204 -6.00 -39.28 22.42
C VAL D 204 -7.34 -39.51 23.13
N PHE D 205 -7.28 -39.97 24.37
CA PHE D 205 -8.51 -40.21 25.13
C PHE D 205 -9.33 -38.94 25.26
N GLY D 206 -8.69 -37.84 25.66
CA GLY D 206 -9.42 -36.59 25.78
C GLY D 206 -9.90 -36.06 24.44
N LYS D 207 -9.03 -36.11 23.42
CA LYS D 207 -9.39 -35.57 22.12
C LYS D 207 -10.56 -36.34 21.50
N GLY D 208 -10.52 -37.67 21.59
CA GLY D 208 -11.57 -38.46 21.00
C GLY D 208 -12.93 -38.22 21.63
N LEU D 209 -12.98 -38.22 22.97
CA LEU D 209 -14.25 -37.99 23.66
C LEU D 209 -14.78 -36.59 23.40
N ILE D 210 -13.90 -35.59 23.43
CA ILE D 210 -14.34 -34.21 23.24
C ILE D 210 -14.94 -34.05 21.84
N LYS D 211 -14.26 -34.57 20.83
CA LYS D 211 -14.77 -34.47 19.47
C LYS D 211 -16.08 -35.23 19.31
N ALA D 212 -16.14 -36.45 19.85
CA ALA D 212 -17.36 -37.25 19.73
C ALA D 212 -18.53 -36.58 20.44
N ALA D 213 -18.32 -36.10 21.66
CA ALA D 213 -19.40 -35.47 22.40
C ALA D 213 -19.86 -34.19 21.72
N MET D 214 -18.92 -33.37 21.25
CA MET D 214 -19.29 -32.09 20.63
C MET D 214 -20.08 -32.34 19.34
N THR D 215 -19.60 -33.26 18.49
CA THR D 215 -20.29 -33.53 17.24
C THR D 215 -21.64 -34.21 17.49
N THR D 216 -21.65 -35.23 18.34
CA THR D 216 -22.90 -35.94 18.61
C THR D 216 -23.81 -35.16 19.55
N GLY D 217 -23.24 -34.30 20.40
CA GLY D 217 -24.04 -33.60 21.39
C GLY D 217 -24.71 -34.57 22.33
N ALA D 218 -23.96 -35.56 22.80
CA ALA D 218 -24.49 -36.66 23.61
C ALA D 218 -24.09 -36.48 25.06
N TRP D 219 -25.03 -36.82 25.96
CA TRP D 219 -24.74 -36.78 27.38
C TRP D 219 -23.75 -37.87 27.75
N ILE D 220 -22.84 -37.56 28.67
CA ILE D 220 -21.79 -38.47 29.10
C ILE D 220 -22.07 -38.85 30.56
N PHE D 221 -22.15 -40.15 30.83
CA PHE D 221 -22.33 -40.65 32.19
C PHE D 221 -20.98 -41.10 32.72
N THR D 222 -20.53 -40.46 33.79
CA THR D 222 -19.25 -40.75 34.41
C THR D 222 -19.39 -40.64 35.91
N GLY D 223 -18.47 -41.29 36.63
CA GLY D 223 -18.49 -41.24 38.07
C GLY D 223 -18.43 -39.82 38.61
N GLY D 224 -19.33 -39.49 39.52
CA GLY D 224 -19.32 -38.16 40.11
C GLY D 224 -18.10 -37.90 40.97
N VAL D 225 -17.60 -38.94 41.65
CA VAL D 225 -16.45 -38.78 42.53
C VAL D 225 -15.24 -38.41 41.70
N ASN D 226 -14.52 -37.37 42.13
CA ASN D 226 -13.33 -36.91 41.42
C ASN D 226 -12.26 -38.00 41.41
N VAL D 229 -10.38 -42.67 37.47
CA VAL D 229 -10.44 -42.37 36.03
C VAL D 229 -11.30 -41.13 35.80
N ILE D 230 -12.12 -40.78 36.79
CA ILE D 230 -12.99 -39.62 36.65
C ILE D 230 -12.16 -38.35 36.50
N ARG D 231 -11.10 -38.22 37.29
CA ARG D 231 -10.24 -37.04 37.23
C ARG D 231 -9.66 -36.87 35.82
N HIS D 232 -9.26 -37.96 35.19
CA HIS D 232 -8.72 -37.87 33.84
C HIS D 232 -9.74 -37.28 32.88
N VAL D 233 -11.00 -37.74 32.96
CA VAL D 233 -12.05 -37.21 32.10
C VAL D 233 -12.26 -35.72 32.38
N GLY D 234 -12.32 -35.35 33.66
CA GLY D 234 -12.52 -33.95 34.00
C GLY D 234 -11.43 -33.06 33.42
N ASP D 235 -10.19 -33.52 33.49
CA ASP D 235 -9.08 -32.77 32.91
C ASP D 235 -9.27 -32.59 31.40
N ALA D 236 -9.70 -33.66 30.73
CA ALA D 236 -9.95 -33.57 29.29
C ALA D 236 -11.04 -32.55 28.98
N LEU D 237 -12.10 -32.53 29.78
CA LEU D 237 -13.18 -31.58 29.57
C LEU D 237 -12.67 -30.14 29.70
N LYS D 238 -11.82 -29.90 30.70
CA LYS D 238 -11.26 -28.56 30.88
C LYS D 238 -10.49 -28.12 29.65
N ASP D 239 -9.86 -29.05 28.95
CA ASP D 239 -9.11 -28.73 27.74
C ASP D 239 -10.05 -28.53 26.55
N LYS D 247 -20.03 -26.72 25.45
CA LYS D 247 -20.95 -26.87 26.57
C LYS D 247 -21.54 -28.28 26.60
N ILE D 248 -20.66 -29.28 26.69
CA ILE D 248 -21.12 -30.67 26.73
C ILE D 248 -21.86 -30.91 28.04
N CYS D 249 -23.05 -31.48 27.95
CA CYS D 249 -23.90 -31.71 29.12
C CYS D 249 -23.62 -33.10 29.70
N THR D 250 -22.43 -33.22 30.28
CA THR D 250 -22.06 -34.47 30.95
C THR D 250 -22.87 -34.64 32.24
N ILE D 251 -23.14 -35.90 32.58
CA ILE D 251 -23.89 -36.24 33.79
C ILE D 251 -22.98 -37.05 34.70
N GLY D 252 -22.91 -36.64 35.96
CA GLY D 252 -22.09 -37.30 36.96
C GLY D 252 -22.96 -38.06 37.95
N ILE D 253 -22.62 -39.33 38.16
CA ILE D 253 -23.34 -40.22 39.07
C ILE D 253 -22.37 -40.71 40.13
N ALA D 254 -22.74 -40.56 41.40
CA ALA D 254 -21.90 -41.00 42.50
C ALA D 254 -22.75 -41.35 43.71
N LEU D 287 -18.13 -35.59 43.11
CA LEU D 287 -18.57 -34.22 43.02
C LEU D 287 -17.61 -33.39 42.17
N ASN D 288 -17.31 -33.88 40.96
CA ASN D 288 -16.39 -33.19 40.09
C ASN D 288 -16.99 -31.86 39.63
N SER D 289 -16.14 -30.83 39.57
CA SER D 289 -16.62 -29.52 39.16
C SER D 289 -17.08 -29.51 37.71
N MET D 290 -16.36 -30.23 36.84
CA MET D 290 -16.65 -30.19 35.41
C MET D 290 -18.05 -30.72 35.12
N HIS D 291 -18.44 -31.82 35.75
CA HIS D 291 -19.71 -32.45 35.43
C HIS D 291 -20.88 -31.56 35.83
N SER D 292 -21.99 -31.71 35.10
CA SER D 292 -23.20 -30.93 35.32
C SER D 292 -24.38 -31.88 35.51
N HIS D 293 -25.44 -31.35 36.13
CA HIS D 293 -26.65 -32.13 36.38
C HIS D 293 -26.34 -33.36 37.23
N PHE D 294 -25.74 -33.12 38.39
CA PHE D 294 -25.33 -34.22 39.25
C PHE D 294 -26.53 -35.00 39.77
N ILE D 295 -26.39 -36.32 39.79
CA ILE D 295 -27.36 -37.22 40.38
C ILE D 295 -26.64 -38.13 41.37
N LEU D 296 -27.18 -38.24 42.58
CA LEU D 296 -26.55 -39.00 43.64
C LEU D 296 -27.45 -40.17 44.04
N ALA D 297 -26.85 -41.12 44.76
CA ALA D 297 -27.55 -42.30 45.25
C ALA D 297 -27.42 -42.37 46.77
N ASP D 298 -28.51 -42.70 47.43
CA ASP D 298 -28.54 -42.81 48.89
C ASP D 298 -28.23 -44.24 49.28
N ASN D 299 -27.08 -44.45 49.93
CA ASN D 299 -26.68 -45.78 50.35
C ASN D 299 -26.26 -45.77 51.83
N GLU D 308 -28.95 -47.76 43.21
CA GLU D 308 -27.96 -46.90 42.56
C GLU D 308 -27.66 -47.41 41.15
N VAL D 309 -26.83 -48.45 41.07
CA VAL D 309 -26.45 -49.01 39.77
C VAL D 309 -27.68 -49.56 39.05
N LYS D 310 -28.53 -50.30 39.78
CA LYS D 310 -29.72 -50.88 39.17
C LYS D 310 -30.67 -49.79 38.69
N LEU D 311 -30.90 -48.77 39.52
CA LEU D 311 -31.77 -47.67 39.12
C LEU D 311 -31.18 -46.92 37.93
N ARG D 312 -29.88 -46.69 37.94
CA ARG D 312 -29.23 -46.02 36.82
C ARG D 312 -29.40 -46.80 35.53
N ARG D 313 -29.21 -48.12 35.59
CA ARG D 313 -29.35 -48.94 34.40
C ARG D 313 -30.80 -48.96 33.91
N GLN D 314 -31.76 -49.01 34.85
CA GLN D 314 -33.16 -48.97 34.46
C GLN D 314 -33.50 -47.65 33.78
N LEU D 315 -33.00 -46.53 34.31
CA LEU D 315 -33.23 -45.23 33.70
C LEU D 315 -32.61 -45.16 32.32
N GLU D 316 -31.38 -45.68 32.17
CA GLU D 316 -30.74 -45.67 30.86
C GLU D 316 -31.52 -46.51 29.86
N LYS D 317 -32.01 -47.68 30.28
CA LYS D 317 -32.80 -48.52 29.39
C LYS D 317 -34.09 -47.82 28.97
N HIS D 318 -34.75 -47.16 29.93
CA HIS D 318 -35.98 -46.44 29.60
C HIS D 318 -35.70 -45.30 28.62
N ILE D 319 -34.60 -44.57 28.83
CA ILE D 319 -34.26 -43.49 27.92
C ILE D 319 -33.97 -44.03 26.53
N SER D 320 -33.21 -45.13 26.45
CA SER D 320 -32.90 -45.72 25.15
C SER D 320 -34.17 -46.21 24.45
N LEU D 321 -35.14 -46.71 25.22
CA LEU D 321 -36.39 -47.17 24.61
C LEU D 321 -37.07 -46.05 23.84
N GLN D 322 -36.99 -44.81 24.33
CA GLN D 322 -37.57 -43.69 23.62
C GLN D 322 -36.85 -43.45 22.31
N LYS D 323 -37.62 -43.08 21.28
CA LYS D 323 -37.06 -42.82 19.97
C LYS D 323 -36.14 -41.60 19.99
N VAL D 332 -32.11 -43.87 20.23
CA VAL D 332 -30.95 -43.32 20.92
C VAL D 332 -29.94 -44.43 21.24
N PRO D 333 -29.05 -44.74 20.30
CA PRO D 333 -28.05 -45.80 20.57
C PRO D 333 -27.19 -45.44 21.78
N VAL D 334 -26.86 -46.45 22.57
CA VAL D 334 -26.07 -46.29 23.79
C VAL D 334 -24.81 -47.13 23.63
N VAL D 335 -23.66 -46.49 23.79
CA VAL D 335 -22.35 -47.15 23.74
C VAL D 335 -21.58 -46.78 24.99
N ALA D 336 -20.96 -47.78 25.62
CA ALA D 336 -20.20 -47.58 26.85
C ALA D 336 -18.74 -47.90 26.58
N LEU D 337 -17.86 -46.95 26.87
CA LEU D 337 -16.43 -47.14 26.78
C LEU D 337 -15.85 -47.34 28.18
N ILE D 338 -14.89 -48.25 28.30
CA ILE D 338 -14.34 -48.66 29.58
C ILE D 338 -12.82 -48.59 29.50
N VAL D 339 -12.21 -47.97 30.50
CA VAL D 339 -10.76 -47.85 30.57
C VAL D 339 -10.22 -48.74 31.69
N PRO D 343 -11.70 -56.18 38.68
CA PRO D 343 -12.47 -57.42 38.66
C PRO D 343 -13.94 -57.20 38.28
N ASN D 344 -14.61 -56.27 38.97
CA ASN D 344 -16.00 -55.98 38.66
C ASN D 344 -16.15 -55.35 37.27
N VAL D 345 -15.07 -54.83 36.69
CA VAL D 345 -15.16 -54.22 35.36
C VAL D 345 -15.60 -55.27 34.35
N ILE D 346 -15.00 -56.45 34.39
CA ILE D 346 -15.39 -57.51 33.46
C ILE D 346 -16.82 -57.97 33.75
N SER D 347 -17.20 -57.99 35.03
CA SER D 347 -18.57 -58.37 35.38
C SER D 347 -19.58 -57.44 34.74
N ILE D 348 -19.37 -56.13 34.87
CA ILE D 348 -20.29 -55.16 34.27
C ILE D 348 -20.22 -55.24 32.75
N VAL D 349 -19.03 -55.48 32.20
CA VAL D 349 -18.90 -55.62 30.76
C VAL D 349 -19.79 -56.75 30.25
N LEU D 350 -19.69 -57.92 30.88
CA LEU D 350 -20.47 -59.06 30.44
C LEU D 350 -21.96 -58.83 30.69
N GLU D 351 -22.31 -58.20 31.81
CA GLU D 351 -23.70 -57.90 32.08
C GLU D 351 -24.29 -57.03 30.97
N TYR D 352 -23.59 -55.96 30.61
CA TYR D 352 -24.08 -55.07 29.56
C TYR D 352 -24.14 -55.80 28.21
N LEU D 353 -23.12 -56.60 27.90
CA LEU D 353 -23.09 -57.27 26.60
C LEU D 353 -24.22 -58.29 26.47
N ARG D 354 -24.47 -59.06 27.53
CA ARG D 354 -25.47 -60.13 27.45
C ARG D 354 -26.88 -59.60 27.68
N ASP D 355 -27.12 -59.02 28.86
CA ASP D 355 -28.48 -58.59 29.21
C ASP D 355 -28.98 -57.54 28.22
N THR D 356 -28.15 -56.56 27.89
CA THR D 356 -28.54 -55.52 26.95
C THR D 356 -28.08 -55.90 25.55
N PRO D 357 -28.99 -56.10 24.60
CA PRO D 357 -28.57 -56.45 23.23
C PRO D 357 -27.61 -55.42 22.66
N PRO D 358 -27.90 -54.11 22.84
CA PRO D 358 -26.94 -53.10 22.37
C PRO D 358 -25.88 -52.79 23.40
N VAL D 359 -24.62 -53.05 23.07
CA VAL D 359 -23.51 -52.74 23.95
C VAL D 359 -22.20 -52.77 23.17
N PRO D 360 -21.99 -51.84 22.22
CA PRO D 360 -20.71 -51.84 21.48
C PRO D 360 -19.54 -51.39 22.35
N VAL D 361 -19.28 -52.13 23.42
CA VAL D 361 -18.20 -51.76 24.33
C VAL D 361 -16.86 -51.88 23.62
N VAL D 362 -15.99 -50.90 23.84
CA VAL D 362 -14.67 -50.87 23.24
C VAL D 362 -13.62 -50.81 24.35
N VAL D 363 -12.66 -51.73 24.30
CA VAL D 363 -11.58 -51.72 25.28
C VAL D 363 -10.60 -50.59 24.97
N CYS D 364 -9.87 -50.17 26.00
CA CYS D 364 -8.90 -49.09 25.89
C CYS D 364 -7.51 -49.61 26.21
N ASP D 365 -6.50 -48.85 25.79
CA ASP D 365 -5.12 -49.26 25.99
C ASP D 365 -4.76 -49.31 27.47
N GLY D 366 -5.53 -48.64 28.33
CA GLY D 366 -5.26 -48.63 29.75
C GLY D 366 -5.17 -50.01 30.35
N SER D 367 -4.13 -50.25 31.15
CA SER D 367 -3.93 -51.55 31.76
C SER D 367 -4.91 -51.78 32.90
N GLY D 368 -5.04 -53.06 33.29
CA GLY D 368 -5.94 -53.45 34.35
C GLY D 368 -6.98 -54.45 33.85
N ARG D 369 -8.22 -54.25 34.27
CA ARG D 369 -9.31 -55.11 33.81
C ARG D 369 -9.50 -54.98 32.30
N ALA D 370 -9.40 -53.76 31.78
CA ALA D 370 -9.54 -53.56 30.34
C ALA D 370 -8.46 -54.32 29.57
N SER D 371 -7.23 -54.27 30.05
CA SER D 371 -6.14 -54.98 29.36
C SER D 371 -6.39 -56.47 29.35
N ASP D 372 -6.81 -57.04 30.48
CA ASP D 372 -7.08 -58.47 30.53
C ASP D 372 -8.23 -58.83 29.61
N ILE D 373 -9.30 -58.02 29.60
CA ILE D 373 -10.43 -58.31 28.73
C ILE D 373 -10.01 -58.26 27.27
N LEU D 374 -9.22 -57.26 26.89
CA LEU D 374 -8.77 -57.16 25.50
C LEU D 374 -7.89 -58.34 25.14
N ALA D 375 -6.99 -58.74 26.02
CA ALA D 375 -6.12 -59.88 25.75
C ALA D 375 -6.93 -61.16 25.58
N PHE D 376 -7.93 -61.37 26.44
CA PHE D 376 -8.77 -62.56 26.32
C PHE D 376 -9.56 -62.53 25.02
N GLY D 377 -10.12 -61.38 24.66
CA GLY D 377 -10.91 -61.30 23.44
C GLY D 377 -10.08 -61.50 22.18
N HIS D 378 -8.86 -60.95 22.17
CA HIS D 378 -8.02 -61.06 20.98
C HIS D 378 -7.68 -62.52 20.67
N LYS D 379 -7.35 -63.29 21.70
CA LYS D 379 -7.01 -64.70 21.51
C LYS D 379 -8.25 -65.57 21.60
N SER D 390 -3.36 -73.76 28.26
CA SER D 390 -2.22 -73.00 27.75
C SER D 390 -2.46 -71.50 27.91
N LEU D 391 -3.11 -70.90 26.92
CA LEU D 391 -3.40 -69.47 26.99
C LEU D 391 -4.33 -69.15 28.16
N ARG D 392 -5.35 -70.00 28.37
CA ARG D 392 -6.26 -69.78 29.48
C ARG D 392 -5.53 -69.90 30.82
N ASP D 393 -4.63 -70.88 30.93
CA ASP D 393 -3.85 -71.02 32.16
C ASP D 393 -2.96 -69.80 32.39
N GLN D 394 -2.33 -69.30 31.33
CA GLN D 394 -1.49 -68.12 31.46
C GLN D 394 -2.32 -66.91 31.89
N LEU D 395 -3.50 -66.74 31.31
CA LEU D 395 -4.37 -65.63 31.71
C LEU D 395 -4.79 -65.75 33.17
N LEU D 396 -5.14 -66.97 33.59
CA LEU D 396 -5.54 -67.18 34.98
C LEU D 396 -4.38 -66.87 35.93
N VAL D 397 -3.17 -67.30 35.57
CA VAL D 397 -2.00 -67.01 36.41
C VAL D 397 -1.77 -65.50 36.47
N THR D 398 -1.87 -64.82 35.34
CA THR D 398 -1.69 -63.37 35.34
C THR D 398 -2.76 -62.68 36.17
N ILE D 399 -3.97 -63.24 36.23
CA ILE D 399 -5.02 -62.64 37.04
C ILE D 399 -4.63 -62.60 38.50
N GLN D 400 -4.05 -63.70 39.00
CA GLN D 400 -3.62 -63.76 40.39
C GLN D 400 -2.45 -62.82 40.64
N THR D 408 -9.09 -70.51 42.39
CA THR D 408 -10.54 -70.77 42.38
C THR D 408 -11.28 -69.58 41.78
N GLN D 409 -10.87 -68.37 42.17
CA GLN D 409 -11.52 -67.17 41.64
C GLN D 409 -11.35 -67.08 40.13
N ALA D 410 -10.15 -67.37 39.63
CA ALA D 410 -9.92 -67.32 38.19
C ALA D 410 -10.79 -68.32 37.45
N GLN D 411 -10.90 -69.55 37.98
CA GLN D 411 -11.72 -70.56 37.34
C GLN D 411 -13.19 -70.13 37.31
N HIS D 412 -13.69 -69.58 38.41
CA HIS D 412 -15.08 -69.12 38.43
C HIS D 412 -15.28 -67.94 37.48
N LEU D 413 -14.30 -67.03 37.42
CA LEU D 413 -14.43 -65.85 36.57
C LEU D 413 -14.35 -66.18 35.08
N PHE D 414 -13.69 -67.28 34.72
CA PHE D 414 -13.56 -67.64 33.31
C PHE D 414 -14.88 -68.08 32.69
N ILE D 415 -15.92 -68.32 33.49
CA ILE D 415 -17.22 -68.68 32.93
C ILE D 415 -17.72 -67.56 32.02
N ILE D 416 -17.60 -66.32 32.49
CA ILE D 416 -18.00 -65.17 31.67
C ILE D 416 -17.11 -65.06 30.44
N LEU D 417 -15.80 -65.25 30.63
CA LEU D 417 -14.87 -65.15 29.50
C LEU D 417 -15.19 -66.16 28.42
N MET D 418 -15.78 -67.30 28.79
CA MET D 418 -16.20 -68.27 27.78
C MET D 418 -17.24 -67.67 26.84
N GLU D 419 -18.18 -66.90 27.39
CA GLU D 419 -19.20 -66.27 26.56
C GLU D 419 -18.64 -65.09 25.78
N CYS D 420 -17.48 -64.56 26.17
CA CYS D 420 -16.90 -63.44 25.46
C CYS D 420 -16.56 -63.82 24.03
N MET D 421 -16.04 -65.03 23.82
CA MET D 421 -15.72 -65.47 22.46
C MET D 421 -16.98 -65.50 21.60
N LYS D 422 -18.08 -66.00 22.15
CA LYS D 422 -19.35 -65.99 21.41
C LYS D 422 -19.83 -64.56 21.16
N LYS D 423 -19.58 -63.65 22.10
CA LYS D 423 -19.97 -62.26 21.95
C LYS D 423 -18.99 -61.44 21.13
N LYS D 424 -17.90 -62.04 20.66
CA LYS D 424 -16.93 -61.32 19.85
C LYS D 424 -17.58 -60.84 18.56
N GLU D 425 -17.01 -59.77 18.00
CA GLU D 425 -17.48 -59.09 16.79
C GLU D 425 -18.66 -58.18 17.10
N LEU D 426 -19.14 -58.15 18.34
CA LEU D 426 -20.16 -57.21 18.78
C LEU D 426 -19.58 -56.04 19.56
N ILE D 427 -18.62 -56.32 20.44
CA ILE D 427 -17.86 -55.29 21.15
C ILE D 427 -16.45 -55.33 20.59
N THR D 428 -16.04 -54.25 19.92
CA THR D 428 -14.77 -54.19 19.22
C THR D 428 -13.76 -53.41 20.04
N VAL D 429 -12.59 -54.01 20.26
CA VAL D 429 -11.56 -53.39 21.09
C VAL D 429 -10.92 -52.24 20.32
N PHE D 430 -10.78 -51.10 20.98
CA PHE D 430 -10.11 -49.96 20.38
C PHE D 430 -8.63 -50.26 20.19
N ARG D 431 -8.09 -49.78 19.08
CA ARG D 431 -6.69 -50.00 18.73
C ARG D 431 -5.96 -48.68 18.59
N MET D 432 -4.69 -48.67 19.01
CA MET D 432 -3.86 -47.48 18.94
C MET D 432 -3.03 -47.48 17.67
N ILE D 440 -10.37 -41.15 18.26
CA ILE D 440 -11.28 -42.10 18.88
C ILE D 440 -12.71 -41.80 18.46
N ASP D 441 -12.98 -40.55 18.08
CA ASP D 441 -14.31 -40.17 17.64
C ASP D 441 -14.73 -40.97 16.41
N LEU D 442 -13.84 -41.09 15.43
CA LEU D 442 -14.13 -41.91 14.25
C LEU D 442 -14.32 -43.36 14.64
N ALA D 443 -13.46 -43.88 15.53
CA ALA D 443 -13.60 -45.26 15.97
C ALA D 443 -14.91 -45.45 16.73
N ILE D 444 -15.28 -44.49 17.58
CA ILE D 444 -16.54 -44.59 18.32
C ILE D 444 -17.72 -44.60 17.36
N LEU D 445 -17.68 -43.73 16.35
CA LEU D 445 -18.77 -43.69 15.38
C LEU D 445 -18.86 -45.00 14.61
N THR D 446 -17.72 -45.56 14.21
CA THR D 446 -17.72 -46.83 13.50
C THR D 446 -18.27 -47.95 14.38
N ALA D 447 -17.89 -47.96 15.66
CA ALA D 447 -18.41 -48.97 16.57
C ALA D 447 -19.91 -48.84 16.74
N LEU D 448 -20.41 -47.60 16.87
CA LEU D 448 -21.84 -47.40 17.00
C LEU D 448 -22.58 -47.86 15.74
N LEU D 449 -22.02 -47.55 14.57
CA LEU D 449 -22.65 -47.98 13.32
C LEU D 449 -22.68 -49.51 13.22
N LYS D 450 -21.58 -50.16 13.60
CA LYS D 450 -21.55 -51.62 13.58
C LYS D 450 -22.58 -52.20 14.55
N GLY D 451 -22.70 -51.61 15.74
CA GLY D 451 -23.68 -52.07 16.70
C GLY D 451 -25.11 -51.92 16.18
N ALA D 452 -25.38 -50.80 15.51
CA ALA D 452 -26.71 -50.59 14.95
C ALA D 452 -27.07 -51.67 13.93
N ASN D 453 -26.11 -52.02 13.07
CA ASN D 453 -26.34 -53.05 12.06
C ASN D 453 -27.46 -52.65 11.12
N SER D 455 -28.40 -52.91 5.72
CA SER D 455 -29.54 -52.00 5.61
C SER D 455 -29.06 -50.55 5.51
N ALA D 456 -28.79 -50.11 4.29
CA ALA D 456 -28.32 -48.74 4.10
C ALA D 456 -29.31 -47.70 4.59
N PRO D 457 -30.61 -47.80 4.31
CA PRO D 457 -31.53 -46.76 4.79
C PRO D 457 -31.54 -46.59 6.30
N ASP D 458 -31.52 -47.69 7.05
CA ASP D 458 -31.58 -47.60 8.50
C ASP D 458 -30.36 -46.88 9.06
N GLN D 459 -29.17 -47.28 8.61
CA GLN D 459 -27.95 -46.63 9.09
C GLN D 459 -27.90 -45.17 8.64
N LEU D 460 -28.32 -44.89 7.41
CA LEU D 460 -28.23 -43.53 6.89
C LEU D 460 -29.20 -42.59 7.58
N SER D 461 -30.36 -43.09 8.00
CA SER D 461 -31.30 -42.24 8.74
C SER D 461 -30.69 -41.74 10.03
N LEU D 462 -30.00 -42.61 10.76
CA LEU D 462 -29.32 -42.18 11.98
C LEU D 462 -28.09 -41.33 11.66
N ALA D 463 -27.39 -41.63 10.57
CA ALA D 463 -26.21 -40.86 10.20
C ALA D 463 -26.57 -39.41 9.91
N LEU D 464 -27.70 -39.20 9.22
CA LEU D 464 -28.14 -37.83 8.93
C LEU D 464 -28.33 -37.02 10.20
N ALA D 465 -28.80 -37.66 11.27
CA ALA D 465 -29.00 -36.95 12.54
C ALA D 465 -27.67 -36.47 13.14
N TRP D 466 -26.55 -37.08 12.75
CA TRP D 466 -25.24 -36.71 13.29
C TRP D 466 -24.47 -35.74 12.41
N ASN D 467 -24.83 -35.63 11.13
CA ASN D 467 -24.15 -34.72 10.20
C ASN D 467 -22.67 -35.07 10.08
N ARG D 468 -22.41 -36.31 9.64
CA ARG D 468 -21.07 -36.84 9.44
C ARG D 468 -20.96 -37.48 8.07
N VAL D 469 -21.41 -36.76 7.04
CA VAL D 469 -21.39 -37.31 5.69
C VAL D 469 -19.98 -37.63 5.25
N ASP D 470 -19.04 -36.73 5.53
CA ASP D 470 -17.67 -36.91 5.05
C ASP D 470 -17.08 -38.22 5.56
N ILE D 471 -17.33 -38.55 6.83
CA ILE D 471 -16.81 -39.78 7.41
C ILE D 471 -17.74 -40.95 7.16
N ALA D 472 -19.05 -40.73 7.23
CA ALA D 472 -20.02 -41.81 7.06
C ALA D 472 -20.12 -42.30 5.63
N ARG D 473 -19.55 -41.58 4.65
CA ARG D 473 -19.67 -42.02 3.27
C ARG D 473 -19.00 -43.37 3.05
N SER D 474 -17.83 -43.58 3.65
CA SER D 474 -17.10 -44.83 3.42
C SER D 474 -17.87 -46.03 3.94
N GLN D 475 -18.51 -45.90 5.10
CA GLN D 475 -19.15 -47.05 5.75
C GLN D 475 -20.60 -47.23 5.34
N ILE D 476 -21.40 -46.16 5.36
CA ILE D 476 -22.83 -46.29 5.07
C ILE D 476 -23.04 -46.79 3.65
N PHE D 477 -22.31 -46.23 2.69
CA PHE D 477 -22.45 -46.57 1.27
C PHE D 477 -21.17 -47.28 0.83
N ILE D 478 -21.28 -48.58 0.53
CA ILE D 478 -20.16 -49.38 0.06
C ILE D 478 -20.65 -50.26 -1.08
N TYR D 479 -19.71 -50.71 -1.90
CA TYR D 479 -20.04 -51.59 -3.01
C TYR D 479 -20.67 -52.88 -2.50
N GLY D 480 -21.74 -53.31 -3.17
CA GLY D 480 -22.45 -54.51 -2.78
C GLY D 480 -23.55 -54.31 -1.76
N GLN D 481 -23.95 -53.06 -1.52
CA GLN D 481 -25.03 -52.79 -0.57
C GLN D 481 -26.36 -53.28 -1.12
N GLN D 482 -27.41 -53.10 -0.34
CA GLN D 482 -28.74 -53.55 -0.72
C GLN D 482 -29.51 -52.44 -1.44
N TRP D 483 -29.56 -51.25 -0.85
CA TRP D 483 -30.28 -50.12 -1.42
C TRP D 483 -31.72 -50.49 -1.75
N PRO D 484 -32.56 -50.67 -0.73
CA PRO D 484 -33.98 -50.97 -1.00
C PRO D 484 -34.63 -49.86 -1.82
N VAL D 485 -35.53 -50.27 -2.72
CA VAL D 485 -36.20 -49.31 -3.58
C VAL D 485 -37.24 -48.54 -2.78
N GLY D 486 -37.21 -47.21 -2.89
CA GLY D 486 -38.14 -46.33 -2.23
C GLY D 486 -37.59 -45.63 -1.01
N SER D 487 -36.70 -46.29 -0.26
CA SER D 487 -36.10 -45.66 0.91
C SER D 487 -35.21 -44.49 0.50
N LEU D 488 -34.58 -44.59 -0.67
CA LEU D 488 -33.72 -43.51 -1.13
C LEU D 488 -34.50 -42.21 -1.31
N GLU D 489 -35.72 -42.29 -1.83
CA GLU D 489 -36.52 -41.07 -2.00
C GLU D 489 -36.84 -40.43 -0.65
N GLN D 490 -37.21 -41.24 0.34
CA GLN D 490 -37.50 -40.71 1.66
C GLN D 490 -36.27 -40.07 2.28
N ALA D 491 -35.11 -40.74 2.15
CA ALA D 491 -33.88 -40.17 2.68
C ALA D 491 -33.54 -38.86 1.99
N MET D 492 -33.72 -38.80 0.67
CA MET D 492 -33.45 -37.57 -0.07
C MET D 492 -34.36 -36.45 0.40
N LEU D 493 -35.65 -36.75 0.60
CA LEU D 493 -36.58 -35.72 1.07
C LEU D 493 -36.19 -35.24 2.46
N ASP D 494 -35.84 -36.17 3.35
CA ASP D 494 -35.46 -35.78 4.71
C ASP D 494 -34.21 -34.90 4.69
N ALA D 495 -33.22 -35.27 3.88
CA ALA D 495 -32.01 -34.46 3.78
C ALA D 495 -32.33 -33.08 3.21
N LEU D 496 -33.20 -33.03 2.19
CA LEU D 496 -33.53 -31.75 1.56
C LEU D 496 -34.27 -30.83 2.52
N VAL D 497 -35.09 -31.40 3.41
CA VAL D 497 -35.80 -30.56 4.39
C VAL D 497 -34.80 -29.77 5.23
N LEU D 498 -33.74 -30.43 5.67
CA LEU D 498 -32.68 -29.78 6.44
C LEU D 498 -31.60 -29.24 5.50
N ASP D 499 -30.66 -28.50 6.08
CA ASP D 499 -29.57 -27.88 5.31
C ASP D 499 -28.34 -28.77 5.42
N ARG D 500 -28.29 -29.80 4.57
CA ARG D 500 -27.16 -30.72 4.48
C ARG D 500 -26.74 -30.82 3.02
N VAL D 501 -25.90 -29.89 2.59
CA VAL D 501 -25.45 -29.88 1.20
C VAL D 501 -24.60 -31.11 0.89
N ASP D 502 -23.75 -31.51 1.82
CA ASP D 502 -22.86 -32.64 1.58
C ASP D 502 -23.65 -33.92 1.33
N PHE D 503 -24.70 -34.16 2.12
CA PHE D 503 -25.49 -35.38 1.95
C PHE D 503 -26.24 -35.36 0.63
N VAL D 504 -26.78 -34.21 0.24
CA VAL D 504 -27.47 -34.12 -1.05
C VAL D 504 -26.49 -34.40 -2.19
N LYS D 505 -25.29 -33.83 -2.10
CA LYS D 505 -24.28 -34.08 -3.12
C LYS D 505 -23.90 -35.56 -3.17
N LEU D 506 -23.76 -36.19 -2.01
CA LEU D 506 -23.43 -37.61 -1.98
C LEU D 506 -24.55 -38.45 -2.61
N LEU D 507 -25.80 -38.11 -2.30
CA LEU D 507 -26.92 -38.85 -2.88
C LEU D 507 -26.98 -38.66 -4.39
N ILE D 508 -26.70 -37.44 -4.87
CA ILE D 508 -26.65 -37.20 -6.31
C ILE D 508 -25.56 -38.05 -6.94
N GLU D 509 -24.39 -38.11 -6.31
CA GLU D 509 -23.33 -38.98 -6.80
C GLU D 509 -23.77 -40.43 -6.82
N ASN D 510 -24.59 -40.84 -5.85
CA ASN D 510 -25.08 -42.21 -5.81
C ASN D 510 -25.98 -42.51 -6.99
N GLY D 511 -26.64 -41.48 -7.54
CA GLY D 511 -27.50 -41.67 -8.69
C GLY D 511 -28.92 -41.18 -8.48
N VAL D 512 -29.11 -40.26 -7.54
CA VAL D 512 -30.42 -39.68 -7.28
C VAL D 512 -30.85 -38.88 -8.51
N SER D 513 -31.91 -39.34 -9.18
CA SER D 513 -32.39 -38.71 -10.41
C SER D 513 -33.41 -37.64 -10.06
N MET D 514 -33.04 -36.37 -10.28
CA MET D 514 -33.97 -35.29 -9.99
C MET D 514 -35.06 -35.18 -11.06
N HIS D 515 -34.82 -35.74 -12.24
CA HIS D 515 -35.86 -35.73 -13.27
C HIS D 515 -37.11 -36.47 -12.79
N ARG D 516 -36.92 -37.62 -12.16
CA ARG D 516 -38.03 -38.37 -11.57
C ARG D 516 -38.26 -38.02 -10.11
N PHE D 517 -37.24 -37.49 -9.42
CA PHE D 517 -37.41 -37.13 -8.02
C PHE D 517 -38.42 -35.99 -7.87
N LEU D 518 -38.40 -35.03 -8.79
CA LEU D 518 -39.31 -33.90 -8.70
C LEU D 518 -40.75 -34.38 -8.67
N THR D 519 -41.54 -33.83 -7.74
CA THR D 519 -42.93 -34.23 -7.56
C THR D 519 -43.72 -33.05 -7.04
N ILE D 520 -44.96 -32.92 -7.51
CA ILE D 520 -45.82 -31.82 -7.08
C ILE D 520 -46.12 -31.95 -5.59
N SER D 521 -46.52 -33.16 -5.16
CA SER D 521 -46.85 -33.36 -3.76
C SER D 521 -45.64 -33.13 -2.86
N ARG D 522 -44.47 -33.61 -3.27
CA ARG D 522 -43.27 -33.41 -2.46
C ARG D 522 -42.94 -31.94 -2.34
N LEU D 523 -43.05 -31.20 -3.45
CA LEU D 523 -42.76 -29.77 -3.40
C LEU D 523 -43.77 -29.04 -2.50
N GLU D 524 -45.04 -29.39 -2.59
CA GLU D 524 -46.04 -28.77 -1.73
C GLU D 524 -45.76 -29.06 -0.27
N GLU D 525 -45.43 -30.30 0.07
CA GLU D 525 -45.11 -30.64 1.44
C GLU D 525 -43.87 -29.89 1.92
N LEU D 526 -42.85 -29.79 1.06
CA LEU D 526 -41.63 -29.09 1.43
C LEU D 526 -41.92 -27.61 1.70
N TYR D 527 -42.76 -26.98 0.87
CA TYR D 527 -43.16 -25.61 1.15
C TYR D 527 -43.93 -25.51 2.45
N ASN D 528 -44.79 -26.49 2.73
CA ASN D 528 -45.63 -26.43 3.93
C ASN D 528 -44.79 -26.46 5.20
N THR D 529 -43.77 -27.32 5.24
CA THR D 529 -43.03 -27.53 6.48
C THR D 529 -42.36 -26.24 6.93
N ARG D 530 -42.38 -26.00 8.24
CA ARG D 530 -41.75 -24.84 8.85
C ARG D 530 -40.51 -25.21 9.67
N HIS D 531 -40.11 -26.47 9.67
CA HIS D 531 -38.96 -26.89 10.45
C HIS D 531 -37.67 -26.35 9.83
N GLY D 532 -36.63 -26.28 10.66
CA GLY D 532 -35.34 -25.80 10.22
C GLY D 532 -35.21 -24.29 10.36
N ASN D 535 -38.23 -19.08 8.14
CA ASN D 535 -38.52 -18.45 6.86
C ASN D 535 -39.61 -17.39 7.01
N THR D 536 -39.40 -16.24 6.37
CA THR D 536 -40.37 -15.15 6.43
C THR D 536 -41.49 -15.30 5.41
N LEU D 537 -41.43 -16.32 4.54
CA LEU D 537 -42.46 -16.49 3.52
C LEU D 537 -43.86 -16.48 4.13
N TYR D 538 -44.03 -17.12 5.29
CA TYR D 538 -45.32 -17.13 5.96
C TYR D 538 -45.86 -15.72 6.12
N HIS D 539 -45.03 -14.81 6.63
CA HIS D 539 -45.45 -13.41 6.74
C HIS D 539 -45.82 -12.85 5.37
N LEU D 540 -44.96 -13.09 4.37
CA LEU D 540 -45.30 -12.69 3.02
C LEU D 540 -46.61 -13.31 2.57
N VAL D 541 -46.87 -14.55 2.98
CA VAL D 541 -48.15 -15.18 2.68
C VAL D 541 -49.30 -14.34 3.21
N ARG D 542 -49.16 -13.84 4.44
CA ARG D 542 -50.19 -12.96 4.98
C ARG D 542 -50.39 -11.75 4.09
N ASP D 543 -49.29 -11.21 3.53
CA ASP D 543 -49.41 -10.10 2.60
C ASP D 543 -50.01 -10.57 1.28
N VAL D 544 -49.72 -11.79 0.87
CA VAL D 544 -50.24 -12.33 -0.39
C VAL D 544 -51.75 -12.51 -0.29
N TYR D 553 -52.55 -23.43 7.68
CA TYR D 553 -53.19 -23.73 6.41
C TYR D 553 -52.17 -24.27 5.41
N ARG D 554 -52.63 -25.18 4.55
CA ARG D 554 -51.75 -25.76 3.55
C ARG D 554 -51.30 -24.71 2.55
N ILE D 555 -50.07 -24.88 2.04
CA ILE D 555 -49.48 -23.97 1.07
C ILE D 555 -49.47 -24.65 -0.29
N SER D 556 -50.02 -23.98 -1.29
CA SER D 556 -50.13 -24.52 -2.63
C SER D 556 -49.24 -23.74 -3.59
N LEU D 557 -48.97 -24.35 -4.74
CA LEU D 557 -48.14 -23.71 -5.75
C LEU D 557 -48.75 -22.40 -6.23
N ILE D 558 -50.08 -22.30 -6.22
CA ILE D 558 -50.73 -21.09 -6.72
C ILE D 558 -50.37 -19.88 -5.88
N ASP D 559 -50.40 -20.05 -4.55
CA ASP D 559 -50.05 -18.93 -3.67
C ASP D 559 -48.58 -18.53 -3.83
N ILE D 560 -47.70 -19.53 -3.97
CA ILE D 560 -46.29 -19.24 -4.19
C ILE D 560 -46.10 -18.45 -5.48
N GLY D 561 -46.78 -18.87 -6.55
CA GLY D 561 -46.70 -18.12 -7.80
C GLY D 561 -47.22 -16.71 -7.66
N LEU D 562 -48.33 -16.54 -6.93
CA LEU D 562 -48.89 -15.21 -6.73
C LEU D 562 -47.90 -14.31 -6.00
N VAL D 563 -47.31 -14.80 -4.92
CA VAL D 563 -46.38 -13.97 -4.14
C VAL D 563 -45.12 -13.69 -4.96
N ILE D 564 -44.67 -14.67 -5.76
CA ILE D 564 -43.51 -14.44 -6.61
C ILE D 564 -43.80 -13.35 -7.63
N GLU D 565 -44.98 -13.41 -8.25
CA GLU D 565 -45.36 -12.39 -9.22
C GLU D 565 -45.43 -11.02 -8.56
N TYR D 566 -45.98 -10.96 -7.34
CA TYR D 566 -46.02 -9.68 -6.62
C TYR D 566 -44.61 -9.16 -6.36
N LEU D 567 -43.71 -10.04 -5.92
CA LEU D 567 -42.35 -9.62 -5.62
C LEU D 567 -41.63 -9.12 -6.87
N MET D 568 -41.79 -9.81 -7.99
CA MET D 568 -41.14 -9.41 -9.23
C MET D 568 -41.75 -8.12 -9.74
N ASN D 632 -46.55 -35.48 -14.26
CA ASN D 632 -46.61 -34.37 -13.31
C ASN D 632 -45.23 -34.10 -12.72
N HIS D 633 -44.20 -34.21 -13.56
CA HIS D 633 -42.82 -33.97 -13.16
C HIS D 633 -42.30 -32.72 -13.84
N PHE D 634 -41.66 -31.85 -13.08
CA PHE D 634 -41.13 -30.60 -13.62
C PHE D 634 -40.06 -30.90 -14.67
N PRO D 635 -40.17 -30.39 -15.89
CA PRO D 635 -39.10 -30.63 -16.87
C PRO D 635 -37.76 -30.05 -16.44
N PHE D 636 -37.77 -28.92 -15.74
CA PHE D 636 -36.55 -28.26 -15.26
C PHE D 636 -36.73 -27.94 -13.78
N PRO D 637 -36.67 -28.95 -12.91
CA PRO D 637 -36.97 -28.71 -11.49
C PRO D 637 -35.99 -27.77 -10.81
N PHE D 638 -34.80 -27.59 -11.37
CA PHE D 638 -33.78 -26.79 -10.70
C PHE D 638 -34.23 -25.34 -10.53
N HIS D 639 -35.03 -24.82 -11.47
CA HIS D 639 -35.58 -23.48 -11.29
C HIS D 639 -36.39 -23.40 -10.00
N GLU D 640 -37.32 -24.34 -9.81
CA GLU D 640 -38.14 -24.34 -8.61
C GLU D 640 -37.29 -24.54 -7.36
N LEU D 641 -36.31 -25.45 -7.44
CA LEU D 641 -35.45 -25.69 -6.28
C LEU D 641 -34.69 -24.43 -5.88
N MET D 642 -34.12 -23.73 -6.85
CA MET D 642 -33.33 -22.55 -6.53
C MET D 642 -34.21 -21.42 -6.03
N VAL D 643 -35.38 -21.21 -6.65
CA VAL D 643 -36.25 -20.14 -6.19
C VAL D 643 -36.72 -20.41 -4.77
N TRP D 644 -37.03 -21.68 -4.46
CA TRP D 644 -37.40 -22.03 -3.09
C TRP D 644 -36.23 -21.77 -2.14
N ALA D 645 -35.03 -22.21 -2.52
CA ALA D 645 -33.89 -22.07 -1.63
C ALA D 645 -33.59 -20.62 -1.32
N VAL D 646 -33.62 -19.75 -2.33
CA VAL D 646 -33.37 -18.33 -2.10
C VAL D 646 -34.52 -17.72 -1.31
N LEU D 647 -35.76 -18.16 -1.56
CA LEU D 647 -36.89 -17.59 -0.84
C LEU D 647 -36.85 -17.98 0.63
N MET D 648 -36.24 -19.11 0.96
CA MET D 648 -36.14 -19.56 2.35
C MET D 648 -34.96 -18.93 3.08
N LYS D 649 -34.17 -18.09 2.41
CA LYS D 649 -33.05 -17.38 3.00
C LYS D 649 -31.82 -18.26 3.19
N ARG D 650 -31.73 -19.39 2.50
CA ARG D 650 -30.53 -20.21 2.56
C ARG D 650 -29.44 -19.61 1.70
N GLN D 651 -28.19 -19.87 2.09
CA GLN D 651 -27.03 -19.32 1.42
C GLN D 651 -26.11 -20.38 0.82
N LYS D 652 -26.43 -21.67 0.98
CA LYS D 652 -25.59 -22.74 0.46
C LYS D 652 -26.30 -23.60 -0.57
N MET D 653 -27.52 -24.05 -0.29
CA MET D 653 -28.22 -24.92 -1.24
C MET D 653 -28.54 -24.17 -2.53
N ALA D 654 -28.94 -22.90 -2.41
CA ALA D 654 -29.27 -22.12 -3.61
C ALA D 654 -28.07 -21.99 -4.53
N LEU D 655 -26.89 -21.74 -3.96
CA LEU D 655 -25.69 -21.63 -4.78
C LEU D 655 -25.38 -22.94 -5.49
N PHE D 656 -25.56 -24.07 -4.80
CA PHE D 656 -25.34 -25.38 -5.41
C PHE D 656 -26.30 -25.62 -6.56
N PHE D 657 -27.59 -25.30 -6.36
CA PHE D 657 -28.57 -25.47 -7.42
C PHE D 657 -28.24 -24.56 -8.60
N TRP D 658 -27.78 -23.34 -8.33
CA TRP D 658 -27.34 -22.45 -9.40
C TRP D 658 -26.19 -23.06 -10.17
N GLN D 659 -25.24 -23.67 -9.46
CA GLN D 659 -24.10 -24.32 -10.13
C GLN D 659 -24.58 -25.43 -11.05
N HIS D 660 -25.46 -26.29 -10.55
CA HIS D 660 -25.86 -27.47 -11.32
C HIS D 660 -26.70 -27.07 -12.53
N GLY D 661 -27.69 -26.21 -12.33
CA GLY D 661 -28.61 -25.89 -13.40
C GLY D 661 -27.96 -25.12 -14.53
N GLU D 662 -28.56 -25.24 -15.71
CA GLU D 662 -28.11 -24.51 -16.88
C GLU D 662 -28.76 -23.13 -16.93
N GLU D 663 -28.35 -22.33 -17.90
CA GLU D 663 -28.82 -20.95 -18.06
C GLU D 663 -28.64 -20.18 -16.75
N ALA D 664 -27.38 -20.13 -16.32
CA ALA D 664 -27.05 -19.54 -15.02
C ALA D 664 -27.24 -18.03 -14.99
N MET D 665 -27.10 -17.34 -16.11
CA MET D 665 -27.18 -15.89 -16.11
C MET D 665 -28.55 -15.41 -15.67
N ALA D 666 -29.60 -15.93 -16.29
CA ALA D 666 -30.96 -15.50 -15.95
C ALA D 666 -31.30 -15.85 -14.52
N LYS D 667 -30.93 -17.06 -14.07
CA LYS D 667 -31.21 -17.46 -12.70
C LYS D 667 -30.49 -16.55 -11.71
N ALA D 668 -29.23 -16.23 -11.98
CA ALA D 668 -28.48 -15.34 -11.10
C ALA D 668 -29.10 -13.96 -11.04
N LEU D 669 -29.52 -13.42 -12.18
CA LEU D 669 -30.14 -12.10 -12.19
C LEU D 669 -31.47 -12.11 -11.44
N VAL D 670 -32.27 -13.16 -11.62
CA VAL D 670 -33.53 -13.26 -10.90
C VAL D 670 -33.29 -13.33 -9.41
N ALA D 671 -32.30 -14.14 -8.98
CA ALA D 671 -32.00 -14.24 -7.56
C ALA D 671 -31.53 -12.90 -7.01
N CYS D 672 -30.69 -12.19 -7.76
CA CYS D 672 -30.21 -10.89 -7.32
C CYS D 672 -31.36 -9.92 -7.14
N LYS D 673 -32.30 -9.90 -8.09
CA LYS D 673 -33.46 -9.02 -7.94
C LYS D 673 -34.31 -9.43 -6.75
N LEU D 674 -34.52 -10.73 -6.57
CA LEU D 674 -35.39 -11.20 -5.50
C LEU D 674 -34.80 -10.89 -4.12
N CYS D 675 -33.47 -10.98 -4.00
CA CYS D 675 -32.84 -10.80 -2.70
C CYS D 675 -33.09 -9.41 -2.15
N LYS D 676 -32.97 -8.37 -3.00
CA LYS D 676 -33.14 -7.01 -2.52
C LYS D 676 -34.54 -6.78 -1.97
N ALA D 677 -35.56 -7.28 -2.68
CA ALA D 677 -36.93 -7.10 -2.23
C ALA D 677 -37.32 -8.03 -1.10
N MET D 678 -36.58 -9.13 -0.92
CA MET D 678 -36.90 -10.06 0.16
C MET D 678 -36.75 -9.38 1.51
N ALA D 679 -35.65 -8.64 1.72
CA ALA D 679 -35.48 -7.93 2.98
C ALA D 679 -36.55 -6.85 3.16
N HIS D 680 -36.86 -6.12 2.09
CA HIS D 680 -37.87 -5.07 2.15
C HIS D 680 -39.28 -5.66 2.11
N LEU D 695 -28.96 -9.16 2.98
CA LEU D 695 -29.54 -8.78 1.70
C LEU D 695 -28.47 -8.22 0.78
N ASN D 696 -27.72 -7.23 1.28
CA ASN D 696 -26.68 -6.61 0.46
C ASN D 696 -25.61 -7.62 0.08
N HIS D 697 -25.19 -8.46 1.03
CA HIS D 697 -24.13 -9.44 0.73
C HIS D 697 -24.60 -10.44 -0.31
N ASN D 698 -25.79 -11.02 -0.12
CA ASN D 698 -26.30 -11.99 -1.07
C ASN D 698 -26.57 -11.35 -2.43
N SER D 699 -27.15 -10.15 -2.43
CA SER D 699 -27.42 -9.47 -3.70
C SER D 699 -26.13 -9.17 -4.45
N ARG D 700 -25.10 -8.70 -3.72
CA ARG D 700 -23.82 -8.43 -4.36
C ARG D 700 -23.21 -9.70 -4.92
N ASP D 701 -23.31 -10.82 -4.18
CA ASP D 701 -22.75 -12.07 -4.67
C ASP D 701 -23.42 -12.50 -5.97
N PHE D 702 -24.74 -12.52 -5.99
CA PHE D 702 -25.45 -12.92 -7.21
C PHE D 702 -25.12 -11.98 -8.37
N GLY D 703 -25.09 -10.68 -8.10
CA GLY D 703 -24.77 -9.73 -9.16
C GLY D 703 -23.37 -9.91 -9.70
N GLN D 704 -22.39 -10.10 -8.82
CA GLN D 704 -21.01 -10.27 -9.26
C GLN D 704 -20.83 -11.58 -10.00
N LEU D 705 -21.53 -12.64 -9.59
CA LEU D 705 -21.43 -13.91 -10.29
C LEU D 705 -21.88 -13.78 -11.74
N ALA D 706 -22.99 -13.07 -11.97
CA ALA D 706 -23.45 -12.84 -13.32
C ALA D 706 -22.44 -12.03 -14.13
N VAL D 707 -21.88 -10.99 -13.51
CA VAL D 707 -20.89 -10.16 -14.21
C VAL D 707 -19.67 -10.99 -14.60
N GLU D 708 -19.17 -11.80 -13.67
CA GLU D 708 -18.01 -12.64 -13.97
C GLU D 708 -18.32 -13.63 -15.08
N LEU D 709 -19.53 -14.21 -15.06
CA LEU D 709 -19.91 -15.16 -16.10
C LEU D 709 -19.91 -14.49 -17.47
N LEU D 710 -20.51 -13.29 -17.57
CA LEU D 710 -20.53 -12.59 -18.85
C LEU D 710 -19.12 -12.20 -19.28
N ASP D 711 -18.30 -11.74 -18.35
CA ASP D 711 -16.95 -11.32 -18.70
C ASP D 711 -16.14 -12.46 -19.28
N GLN D 712 -16.23 -13.64 -18.67
CA GLN D 712 -15.53 -14.80 -19.23
C GLN D 712 -16.08 -15.17 -20.61
N SER D 713 -17.41 -15.15 -20.76
CA SER D 713 -17.99 -15.41 -22.07
C SER D 713 -17.59 -14.34 -23.08
N TYR D 714 -17.50 -13.09 -22.64
CA TYR D 714 -17.07 -12.01 -23.53
C TYR D 714 -15.66 -12.26 -24.04
N LYS D 715 -14.76 -12.71 -23.17
CA LYS D 715 -13.40 -13.02 -23.61
C LYS D 715 -13.38 -14.17 -24.60
N GLN D 716 -14.16 -15.23 -24.33
CA GLN D 716 -14.13 -16.40 -25.19
C GLN D 716 -14.65 -16.07 -26.58
N ASP D 717 -15.79 -15.38 -26.68
CA ASP D 717 -16.35 -15.02 -27.97
C ASP D 717 -17.37 -13.91 -27.82
N GLU D 718 -17.19 -12.82 -28.55
CA GLU D 718 -18.13 -11.70 -28.46
C GLU D 718 -19.51 -12.09 -28.98
N GLN D 719 -19.56 -12.83 -30.10
CA GLN D 719 -20.85 -13.23 -30.66
C GLN D 719 -21.61 -14.12 -29.70
N LEU D 720 -20.92 -15.05 -29.04
CA LEU D 720 -21.59 -15.92 -28.07
C LEU D 720 -22.18 -15.09 -26.93
N ALA D 721 -21.43 -14.11 -26.42
CA ALA D 721 -21.94 -13.27 -25.36
C ALA D 721 -23.15 -12.47 -25.83
N MET D 722 -23.09 -11.92 -27.03
CA MET D 722 -24.23 -11.17 -27.56
C MET D 722 -25.47 -12.06 -27.67
N LYS D 723 -25.30 -13.28 -28.17
CA LYS D 723 -26.44 -14.19 -28.27
C LYS D 723 -26.98 -14.55 -26.89
N LEU D 724 -26.09 -14.81 -25.93
CA LEU D 724 -26.53 -15.16 -24.58
C LEU D 724 -27.24 -14.00 -23.89
N LEU D 725 -26.88 -12.76 -24.25
CA LEU D 725 -27.44 -11.61 -23.55
C LEU D 725 -28.95 -11.51 -23.77
N THR D 726 -29.41 -11.62 -25.01
CA THR D 726 -30.80 -11.35 -25.36
C THR D 726 -31.36 -12.49 -26.20
N TYR D 727 -32.34 -13.21 -25.64
CA TYR D 727 -33.11 -14.18 -26.38
C TYR D 727 -34.30 -14.59 -25.53
N GLU D 728 -35.47 -14.63 -26.15
CA GLU D 728 -36.70 -14.87 -25.40
C GLU D 728 -36.66 -16.20 -24.68
N LEU D 729 -37.04 -16.19 -23.41
CA LEU D 729 -37.09 -17.39 -22.58
C LEU D 729 -38.53 -17.72 -22.26
N LYS D 730 -39.01 -18.86 -22.75
CA LYS D 730 -40.34 -19.32 -22.37
C LYS D 730 -40.42 -19.64 -20.88
N ASN D 731 -39.29 -19.97 -20.25
CA ASN D 731 -39.30 -20.27 -18.83
C ASN D 731 -39.62 -19.04 -18.00
N TRP D 732 -39.11 -17.87 -18.41
CA TRP D 732 -39.21 -16.64 -17.63
C TRP D 732 -40.03 -15.59 -18.36
N SER D 733 -41.15 -16.02 -18.95
CA SER D 733 -42.12 -15.11 -19.57
C SER D 733 -41.47 -14.29 -20.70
N ASN D 734 -40.54 -14.90 -21.42
CA ASN D 734 -39.91 -14.26 -22.58
C ASN D 734 -39.31 -12.90 -22.21
N ALA D 735 -38.43 -12.91 -21.21
CA ALA D 735 -37.73 -11.73 -20.75
C ALA D 735 -36.22 -11.96 -20.92
N THR D 736 -35.56 -11.02 -21.60
CA THR D 736 -34.14 -11.13 -21.84
C THR D 736 -33.34 -10.74 -20.60
N CYS D 737 -32.04 -11.05 -20.63
CA CYS D 737 -31.19 -10.79 -19.47
C CYS D 737 -31.08 -9.29 -19.21
N LEU D 738 -31.00 -8.48 -20.26
CA LEU D 738 -30.85 -7.04 -20.07
C LEU D 738 -32.06 -6.45 -19.36
N GLN D 739 -33.26 -6.90 -19.73
CA GLN D 739 -34.46 -6.39 -19.07
C GLN D 739 -34.47 -6.75 -17.59
N LEU D 740 -34.08 -7.98 -17.26
CA LEU D 740 -34.01 -8.37 -15.86
C LEU D 740 -32.99 -7.53 -15.11
N ALA D 741 -31.81 -7.31 -15.71
CA ALA D 741 -30.78 -6.52 -15.06
C ALA D 741 -31.25 -5.10 -14.81
N VAL D 742 -31.90 -4.49 -15.80
CA VAL D 742 -32.40 -3.13 -15.65
C VAL D 742 -33.46 -3.07 -14.56
N ALA D 743 -34.39 -4.03 -14.56
CA ALA D 743 -35.42 -4.06 -13.53
C ALA D 743 -34.81 -4.34 -12.16
N ALA D 744 -33.74 -5.14 -12.11
CA ALA D 744 -33.07 -5.40 -10.84
C ALA D 744 -32.32 -4.17 -10.34
N LYS D 745 -31.98 -3.25 -11.24
CA LYS D 745 -31.23 -2.05 -10.87
C LYS D 745 -29.82 -2.41 -10.40
N HIS D 746 -29.23 -3.41 -11.06
CA HIS D 746 -27.88 -3.84 -10.68
C HIS D 746 -26.88 -2.71 -10.87
N ARG D 747 -26.99 -1.97 -11.97
CA ARG D 747 -26.23 -0.74 -12.17
C ARG D 747 -24.78 -1.02 -12.55
N ASP D 748 -24.42 -2.29 -12.69
CA ASP D 748 -23.08 -2.67 -13.14
C ASP D 748 -23.11 -3.61 -14.34
N PHE D 749 -24.17 -4.40 -14.49
CA PHE D 749 -24.29 -5.27 -15.66
C PHE D 749 -24.50 -4.46 -16.93
N ILE D 750 -25.26 -3.36 -16.82
CA ILE D 750 -25.50 -2.51 -17.98
C ILE D 750 -24.23 -1.78 -18.39
N ALA D 751 -23.47 -1.30 -17.41
CA ALA D 751 -22.29 -0.48 -17.70
C ALA D 751 -21.17 -1.25 -18.39
N HIS D 752 -21.25 -2.57 -18.45
CA HIS D 752 -20.19 -3.34 -19.09
C HIS D 752 -20.09 -2.99 -20.57
N THR D 753 -18.88 -3.14 -21.12
CA THR D 753 -18.61 -2.66 -22.47
C THR D 753 -19.50 -3.33 -23.50
N CYS D 754 -19.72 -4.64 -23.36
CA CYS D 754 -20.53 -5.37 -24.34
C CYS D 754 -21.95 -4.83 -24.37
N SER D 755 -22.54 -4.58 -23.19
CA SER D 755 -23.89 -4.04 -23.14
C SER D 755 -23.95 -2.66 -23.78
N GLN D 756 -22.94 -1.82 -23.53
CA GLN D 756 -22.91 -0.50 -24.14
C GLN D 756 -22.82 -0.61 -25.66
N MET D 757 -22.03 -1.55 -26.16
CA MET D 757 -21.93 -1.74 -27.61
C MET D 757 -23.27 -2.17 -28.18
N LEU D 758 -23.96 -3.09 -27.51
CA LEU D 758 -25.28 -3.51 -28.00
C LEU D 758 -26.25 -2.34 -27.99
N LEU D 759 -26.21 -1.53 -26.94
CA LEU D 759 -27.09 -0.36 -26.86
C LEU D 759 -26.81 0.61 -27.98
N THR D 760 -25.53 0.85 -28.29
CA THR D 760 -25.19 1.73 -29.40
C THR D 760 -25.68 1.16 -30.73
N ASP D 761 -25.51 -0.16 -30.92
CA ASP D 761 -25.98 -0.78 -32.15
C ASP D 761 -27.48 -0.61 -32.32
N MET D 762 -28.24 -0.79 -31.23
CA MET D 762 -29.67 -0.54 -31.29
C MET D 762 -29.97 0.94 -31.52
N TRP D 763 -29.13 1.82 -30.97
CA TRP D 763 -29.33 3.25 -31.11
C TRP D 763 -29.21 3.68 -32.58
N MET D 764 -28.26 3.10 -33.30
CA MET D 764 -28.10 3.40 -34.72
C MET D 764 -29.00 2.55 -35.60
N GLY D 765 -29.76 1.62 -35.02
CA GLY D 765 -30.70 0.83 -35.78
C GLY D 765 -30.03 0.02 -36.86
N ARG D 766 -30.70 -0.08 -38.02
CA ARG D 766 -30.18 -0.90 -39.10
C ARG D 766 -28.97 -0.24 -39.75
N LEU D 767 -29.00 1.08 -39.94
CA LEU D 767 -27.91 1.80 -40.58
C LEU D 767 -26.74 1.90 -39.59
N ARG D 768 -25.96 0.82 -39.54
CA ARG D 768 -24.78 0.76 -38.68
C ARG D 768 -23.54 1.22 -39.44
N MET D 769 -23.64 2.42 -40.00
CA MET D 769 -22.55 3.00 -40.77
C MET D 769 -21.51 3.62 -39.84
N GLY D 861 -37.60 1.44 -51.19
CA GLY D 861 -38.84 1.15 -50.48
C GLY D 861 -38.63 0.92 -49.00
N ARG D 862 -37.86 -0.11 -48.67
CA ARG D 862 -37.57 -0.41 -47.27
C ARG D 862 -36.82 0.71 -46.58
N LYS D 863 -36.09 1.53 -47.35
CA LYS D 863 -35.35 2.64 -46.75
C LYS D 863 -36.31 3.62 -46.07
N ILE D 864 -37.43 3.93 -46.70
CA ILE D 864 -38.36 4.91 -46.15
C ILE D 864 -38.83 4.46 -44.76
N TYR D 865 -39.02 3.16 -44.58
CA TYR D 865 -39.56 2.66 -43.31
C TYR D 865 -38.45 2.49 -42.28
N GLU D 866 -37.33 1.86 -42.66
CA GLU D 866 -36.28 1.57 -41.68
C GLU D 866 -35.54 2.84 -41.27
N PHE D 867 -35.19 3.68 -42.25
CA PHE D 867 -34.39 4.87 -41.94
C PHE D 867 -35.16 5.83 -41.04
N TYR D 868 -36.44 6.05 -41.32
CA TYR D 868 -37.23 7.03 -40.59
C TYR D 868 -37.78 6.50 -39.27
N ASN D 869 -37.56 5.21 -38.97
CA ASN D 869 -37.95 4.66 -37.68
C ASN D 869 -36.76 4.45 -36.75
N ALA D 870 -35.54 4.72 -37.22
CA ALA D 870 -34.38 4.61 -36.37
C ALA D 870 -34.45 5.67 -35.27
N PRO D 871 -34.13 5.33 -34.02
CA PRO D 871 -34.28 6.31 -32.94
C PRO D 871 -33.49 7.60 -33.14
N ILE D 872 -32.29 7.51 -33.72
CA ILE D 872 -31.40 8.68 -33.77
C ILE D 872 -32.00 9.78 -34.64
N VAL D 873 -32.53 9.42 -35.80
CA VAL D 873 -33.11 10.44 -36.68
C VAL D 873 -34.35 11.05 -36.06
N LYS D 874 -35.15 10.24 -35.35
CA LYS D 874 -36.31 10.79 -34.66
C LYS D 874 -35.87 11.77 -33.57
N PHE D 875 -34.80 11.43 -32.83
CA PHE D 875 -34.27 12.34 -31.84
C PHE D 875 -33.85 13.67 -32.47
N TRP D 876 -33.15 13.60 -33.60
CA TRP D 876 -32.71 14.82 -34.26
C TRP D 876 -33.89 15.64 -34.75
N PHE D 877 -34.93 14.98 -35.29
CA PHE D 877 -36.12 15.70 -35.73
C PHE D 877 -36.79 16.41 -34.56
N TYR D 878 -36.93 15.72 -33.43
CA TYR D 878 -37.51 16.35 -32.25
C TYR D 878 -36.69 17.55 -31.81
N THR D 879 -35.36 17.40 -31.81
CA THR D 879 -34.50 18.51 -31.40
C THR D 879 -34.67 19.71 -32.32
N LEU D 880 -34.69 19.48 -33.64
CA LEU D 880 -34.85 20.58 -34.57
C LEU D 880 -36.20 21.26 -34.40
N ALA D 881 -37.25 20.49 -34.22
CA ALA D 881 -38.57 21.08 -34.00
C ALA D 881 -38.58 21.93 -32.74
N TYR D 882 -37.96 21.43 -31.66
CA TYR D 882 -37.90 22.20 -30.42
C TYR D 882 -37.15 23.50 -30.63
N ILE D 883 -36.03 23.45 -31.35
CA ILE D 883 -35.25 24.66 -31.59
C ILE D 883 -36.06 25.68 -32.38
N GLY D 884 -36.76 25.22 -33.43
CA GLY D 884 -37.57 26.14 -34.20
C GLY D 884 -38.69 26.77 -33.37
N TYR D 885 -39.35 25.95 -32.55
CA TYR D 885 -40.38 26.48 -31.67
C TYR D 885 -39.82 27.51 -30.70
N LEU D 886 -38.62 27.25 -30.18
CA LEU D 886 -37.98 28.22 -29.28
C LEU D 886 -37.69 29.52 -30.00
N MET D 887 -37.20 29.45 -31.24
CA MET D 887 -36.95 30.66 -32.01
C MET D 887 -38.22 31.45 -32.21
N LEU D 888 -39.31 30.78 -32.55
CA LEU D 888 -40.58 31.48 -32.75
C LEU D 888 -41.05 32.12 -31.44
N PHE D 889 -40.89 31.42 -30.32
CA PHE D 889 -41.28 31.99 -29.04
C PHE D 889 -40.48 33.26 -28.74
N ASN D 890 -39.18 33.23 -28.98
CA ASN D 890 -38.35 34.41 -28.75
C ASN D 890 -38.83 35.57 -29.64
N TYR D 891 -39.02 35.30 -30.93
CA TYR D 891 -39.48 36.35 -31.84
C TYR D 891 -40.81 36.94 -31.36
N ILE D 892 -41.72 36.08 -30.89
CA ILE D 892 -43.02 36.55 -30.44
C ILE D 892 -42.87 37.47 -29.23
N VAL D 893 -42.12 37.02 -28.22
CA VAL D 893 -42.04 37.80 -26.98
C VAL D 893 -41.33 39.13 -27.23
N LEU D 894 -40.26 39.12 -28.01
CA LEU D 894 -39.52 40.35 -28.23
C LEU D 894 -40.36 41.39 -28.96
N VAL D 895 -41.10 40.97 -29.99
CA VAL D 895 -41.85 41.89 -30.83
C VAL D 895 -43.20 42.19 -30.20
N LYS D 896 -43.77 43.34 -30.55
CA LYS D 896 -45.06 43.75 -30.03
C LYS D 896 -46.16 42.84 -30.57
N MET D 897 -47.25 42.76 -29.81
CA MET D 897 -48.40 41.95 -30.15
C MET D 897 -49.65 42.81 -30.25
N GLU D 898 -50.47 42.54 -31.25
CA GLU D 898 -51.72 43.26 -31.45
C GLU D 898 -52.83 42.59 -30.63
N ARG D 899 -54.07 43.01 -30.86
CA ARG D 899 -55.19 42.43 -30.09
C ARG D 899 -55.33 40.95 -30.37
N TRP D 900 -55.17 40.54 -31.64
CA TRP D 900 -55.31 39.14 -32.02
C TRP D 900 -53.94 38.54 -32.31
N PRO D 901 -53.75 37.25 -32.03
CA PRO D 901 -52.44 36.63 -32.24
C PRO D 901 -52.11 36.47 -33.72
N SER D 902 -50.81 36.37 -33.99
CA SER D 902 -50.31 36.13 -35.34
C SER D 902 -50.16 34.63 -35.58
N THR D 903 -49.64 34.28 -36.76
CA THR D 903 -49.49 32.88 -37.11
C THR D 903 -48.50 32.18 -36.17
N GLN D 904 -47.43 32.89 -35.80
CA GLN D 904 -46.41 32.29 -34.95
C GLN D 904 -46.99 31.88 -33.61
N GLU D 905 -47.83 32.72 -33.01
CA GLU D 905 -48.41 32.39 -31.72
C GLU D 905 -49.35 31.20 -31.83
N TRP D 906 -50.11 31.11 -32.93
CA TRP D 906 -50.94 29.93 -33.15
C TRP D 906 -50.09 28.67 -33.24
N ILE D 907 -48.97 28.74 -33.96
CA ILE D 907 -48.09 27.59 -34.05
C ILE D 907 -47.57 27.21 -32.66
N VAL D 908 -47.18 28.22 -31.87
CA VAL D 908 -46.62 27.95 -30.55
C VAL D 908 -47.65 27.28 -29.65
N ILE D 909 -48.88 27.81 -29.61
CA ILE D 909 -49.89 27.24 -28.72
C ILE D 909 -50.28 25.86 -29.20
N SER D 910 -50.32 25.64 -30.51
CA SER D 910 -50.57 24.29 -31.03
C SER D 910 -49.49 23.32 -30.57
N TYR D 911 -48.23 23.75 -30.62
CA TYR D 911 -47.15 22.90 -30.13
C TYR D 911 -47.36 22.57 -28.67
N ILE D 912 -47.69 23.57 -27.85
CA ILE D 912 -47.83 23.35 -26.42
C ILE D 912 -48.93 22.34 -26.14
N PHE D 913 -50.08 22.51 -26.79
CA PHE D 913 -51.21 21.63 -26.51
C PHE D 913 -51.00 20.24 -27.10
N THR D 914 -50.31 20.12 -28.24
CA THR D 914 -49.95 18.80 -28.73
C THR D 914 -48.99 18.10 -27.78
N LEU D 915 -48.07 18.85 -27.18
CA LEU D 915 -47.18 18.27 -26.17
C LEU D 915 -47.98 17.77 -24.98
N GLY D 916 -48.95 18.55 -24.53
CA GLY D 916 -49.80 18.10 -23.43
C GLY D 916 -50.57 16.84 -23.78
N ILE D 917 -51.12 16.80 -24.99
CA ILE D 917 -51.85 15.61 -25.43
C ILE D 917 -50.93 14.40 -25.49
N GLU D 918 -49.69 14.62 -25.95
CA GLU D 918 -48.73 13.52 -25.99
C GLU D 918 -48.42 13.01 -24.58
N LYS D 919 -48.30 13.92 -23.62
CA LYS D 919 -48.08 13.49 -22.24
C LYS D 919 -49.27 12.67 -21.74
N MET D 920 -50.49 13.12 -22.05
CA MET D 920 -51.67 12.36 -21.64
C MET D 920 -51.68 10.97 -22.26
N ARG D 921 -51.36 10.88 -23.55
CA ARG D 921 -51.31 9.58 -24.21
C ARG D 921 -50.25 8.69 -23.57
N GLU D 922 -49.08 9.26 -23.26
CA GLU D 922 -48.01 8.46 -22.67
C GLU D 922 -48.42 7.92 -21.30
N ILE D 923 -49.05 8.75 -20.47
CA ILE D 923 -49.48 8.28 -19.16
C ILE D 923 -50.58 7.24 -19.31
N LEU D 924 -51.47 7.40 -20.30
CA LEU D 924 -52.51 6.42 -20.52
C LEU D 924 -51.95 5.08 -20.99
N MET D 925 -50.81 5.10 -21.67
CA MET D 925 -50.21 3.87 -22.21
C MET D 925 -51.20 3.17 -23.14
N LYS D 930 -52.67 -0.41 -11.61
CA LYS D 930 -53.82 0.48 -11.74
C LYS D 930 -53.37 1.89 -12.11
N LEU D 931 -54.34 2.81 -12.19
CA LEU D 931 -54.03 4.18 -12.56
C LEU D 931 -53.16 4.85 -11.50
N LEU D 932 -53.38 4.50 -10.23
CA LEU D 932 -52.58 5.09 -9.15
C LEU D 932 -51.11 4.74 -9.31
N GLN D 933 -50.82 3.48 -9.64
CA GLN D 933 -49.42 3.09 -9.86
C GLN D 933 -48.81 3.84 -11.02
N LYS D 934 -49.56 4.00 -12.12
CA LYS D 934 -49.06 4.76 -13.25
C LYS D 934 -48.77 6.20 -12.86
N VAL D 935 -49.66 6.81 -12.09
CA VAL D 935 -49.46 8.19 -11.65
C VAL D 935 -48.21 8.29 -10.77
N LYS D 936 -48.03 7.35 -9.86
CA LYS D 936 -46.86 7.37 -8.99
C LYS D 936 -45.58 7.24 -9.79
N VAL D 937 -45.55 6.31 -10.74
CA VAL D 937 -44.36 6.11 -11.56
C VAL D 937 -44.09 7.36 -12.40
N TRP D 938 -45.14 7.96 -12.95
CA TRP D 938 -44.99 9.18 -13.73
C TRP D 938 -44.40 10.31 -12.89
N LEU D 939 -44.93 10.48 -11.67
CA LEU D 939 -44.40 11.48 -10.75
C LEU D 939 -43.00 11.15 -10.26
N GLN D 940 -42.54 9.90 -10.42
CA GLN D 940 -41.17 9.57 -10.07
C GLN D 940 -40.19 10.50 -10.78
N GLU D 941 -40.51 10.89 -12.01
CA GLU D 941 -39.69 11.86 -12.74
C GLU D 941 -40.17 13.27 -12.45
N TYR D 942 -39.23 14.21 -12.37
CA TYR D 942 -39.54 15.60 -12.07
C TYR D 942 -39.73 16.46 -13.32
N TRP D 943 -39.07 16.09 -14.43
CA TRP D 943 -39.21 16.87 -15.65
C TRP D 943 -40.65 16.92 -16.11
N ASN D 944 -41.37 15.80 -16.02
CA ASN D 944 -42.77 15.78 -16.41
C ASN D 944 -43.60 16.72 -15.53
N VAL D 945 -43.34 16.72 -14.22
CA VAL D 945 -44.07 17.60 -13.32
C VAL D 945 -43.83 19.06 -13.69
N THR D 946 -42.57 19.42 -13.92
CA THR D 946 -42.26 20.80 -14.29
C THR D 946 -42.90 21.16 -15.62
N ASP D 947 -42.90 20.24 -16.57
CA ASP D 947 -43.53 20.51 -17.87
C ASP D 947 -45.03 20.73 -17.71
N LEU D 948 -45.68 19.92 -16.87
CA LEU D 948 -47.11 20.11 -16.64
C LEU D 948 -47.39 21.47 -16.02
N ILE D 949 -46.58 21.86 -15.02
CA ILE D 949 -46.77 23.15 -14.37
C ILE D 949 -46.59 24.28 -15.40
N ALA D 950 -45.55 24.18 -16.23
CA ALA D 950 -45.30 25.22 -17.21
C ALA D 950 -46.44 25.31 -18.23
N ILE D 951 -46.98 24.16 -18.64
CA ILE D 951 -48.08 24.16 -19.59
C ILE D 951 -49.31 24.82 -18.96
N LEU D 952 -49.58 24.51 -17.69
CA LEU D 952 -50.72 25.15 -17.03
C LEU D 952 -50.53 26.65 -16.94
N LEU D 953 -49.32 27.10 -16.60
CA LEU D 953 -49.06 28.53 -16.54
C LEU D 953 -49.24 29.18 -17.92
N PHE D 954 -48.77 28.51 -18.97
CA PHE D 954 -48.94 29.03 -20.31
C PHE D 954 -50.42 29.14 -20.68
N SER D 955 -51.22 28.15 -20.29
CA SER D 955 -52.65 28.23 -20.55
C SER D 955 -53.29 29.40 -19.82
N VAL D 956 -52.91 29.61 -18.56
CA VAL D 956 -53.43 30.74 -17.81
C VAL D 956 -53.06 32.04 -18.51
N GLY D 957 -51.81 32.17 -18.93
CA GLY D 957 -51.38 33.37 -19.64
C GLY D 957 -52.15 33.59 -20.93
N MET D 958 -52.38 32.52 -21.69
CA MET D 958 -53.12 32.64 -22.93
C MET D 958 -54.55 33.09 -22.67
N ILE D 959 -55.19 32.53 -21.65
CA ILE D 959 -56.56 32.96 -21.33
C ILE D 959 -56.57 34.43 -20.94
N LEU D 960 -55.60 34.86 -20.12
CA LEU D 960 -55.57 36.25 -19.68
C LEU D 960 -55.28 37.19 -20.85
N ARG D 961 -54.50 36.75 -21.84
CA ARG D 961 -54.07 37.65 -22.89
C ARG D 961 -55.25 38.16 -23.72
N LEU D 962 -56.22 37.30 -24.00
CA LEU D 962 -57.29 37.63 -24.94
C LEU D 962 -58.40 38.46 -24.33
N GLN D 963 -58.42 38.66 -23.02
CA GLN D 963 -59.54 39.32 -22.34
C GLN D 963 -59.21 40.80 -22.11
N ASP D 964 -59.36 41.59 -23.17
CA ASP D 964 -59.36 43.04 -23.07
C ASP D 964 -57.99 43.61 -22.70
N GLN D 965 -57.89 44.95 -22.67
CA GLN D 965 -56.60 45.60 -22.44
C GLN D 965 -56.03 45.33 -21.06
N PRO D 966 -56.77 45.51 -19.97
CA PRO D 966 -56.12 45.47 -18.65
C PRO D 966 -55.47 44.14 -18.32
N PHE D 967 -55.94 43.04 -18.93
CA PHE D 967 -55.40 41.73 -18.63
C PHE D 967 -54.33 41.28 -19.61
N ARG D 968 -54.29 41.86 -20.81
CA ARG D 968 -53.38 41.38 -21.84
C ARG D 968 -51.91 41.60 -21.44
N SER D 969 -51.62 42.73 -20.79
CA SER D 969 -50.25 43.00 -20.39
C SER D 969 -49.77 41.99 -19.34
N ASP D 970 -50.69 41.46 -18.55
CA ASP D 970 -50.31 40.44 -17.57
C ASP D 970 -50.00 39.11 -18.25
N GLY D 971 -50.80 38.73 -19.25
CA GLY D 971 -50.50 37.53 -20.01
C GLY D 971 -49.18 37.62 -20.73
N ARG D 972 -48.86 38.81 -21.28
CA ARG D 972 -47.57 38.98 -21.93
C ARG D 972 -46.42 38.74 -20.96
N VAL D 973 -46.51 39.29 -19.76
CA VAL D 973 -45.46 39.08 -18.76
C VAL D 973 -45.40 37.61 -18.37
N ILE D 974 -46.56 36.94 -18.31
CA ILE D 974 -46.58 35.52 -18.03
C ILE D 974 -45.78 34.76 -19.10
N TYR D 975 -46.00 35.09 -20.37
CA TYR D 975 -45.24 34.48 -21.44
C TYR D 975 -43.75 34.73 -21.26
N CYS D 976 -43.39 35.97 -20.94
CA CYS D 976 -41.98 36.34 -20.83
C CYS D 976 -41.30 35.56 -19.71
N VAL D 977 -42.00 35.39 -18.58
CA VAL D 977 -41.42 34.64 -17.47
C VAL D 977 -41.42 33.15 -17.76
N ASN D 978 -42.38 32.67 -18.55
CA ASN D 978 -42.47 31.24 -18.84
C ASN D 978 -41.37 30.79 -19.79
N ILE D 979 -41.00 31.62 -20.75
CA ILE D 979 -40.02 31.20 -21.75
C ILE D 979 -38.72 30.72 -21.11
N ILE D 980 -38.43 31.15 -19.88
CA ILE D 980 -37.17 30.80 -19.23
C ILE D 980 -37.09 29.28 -18.99
N TYR D 981 -38.19 28.67 -18.57
CA TYR D 981 -38.17 27.23 -18.33
C TYR D 981 -37.88 26.46 -19.61
N TRP D 982 -38.50 26.87 -20.71
CA TRP D 982 -38.21 26.20 -21.98
C TRP D 982 -36.77 26.43 -22.40
N TYR D 983 -36.24 27.62 -22.13
CA TYR D 983 -34.83 27.87 -22.41
C TYR D 983 -33.93 26.92 -21.63
N ILE D 984 -34.24 26.72 -20.35
CA ILE D 984 -33.41 25.86 -19.50
C ILE D 984 -33.62 24.38 -19.79
N ARG D 985 -34.75 23.99 -20.37
CA ARG D 985 -35.03 22.58 -20.61
C ARG D 985 -34.10 21.95 -21.64
N LEU D 986 -33.20 22.72 -22.25
CA LEU D 986 -32.24 22.16 -23.19
C LEU D 986 -31.25 21.21 -22.52
N LEU D 987 -31.17 21.23 -21.19
CA LEU D 987 -30.28 20.30 -20.50
C LEU D 987 -30.73 18.86 -20.70
N ASP D 988 -32.05 18.63 -20.75
CA ASP D 988 -32.56 17.30 -21.03
C ASP D 988 -32.09 16.84 -22.41
N ILE D 989 -32.12 17.73 -23.40
CA ILE D 989 -31.61 17.39 -24.73
C ILE D 989 -30.13 17.08 -24.66
N PHE D 990 -29.37 17.90 -23.94
CA PHE D 990 -27.93 17.68 -23.81
C PHE D 990 -27.59 16.40 -23.05
N GLY D 991 -28.55 15.85 -22.31
CA GLY D 991 -28.26 14.67 -21.50
C GLY D 991 -27.73 13.50 -22.32
N VAL D 992 -28.09 13.44 -23.60
CA VAL D 992 -27.66 12.32 -24.44
C VAL D 992 -26.15 12.32 -24.62
N ASN D 993 -25.53 13.50 -24.71
CA ASN D 993 -24.12 13.60 -25.03
C ASN D 993 -23.27 12.89 -23.99
N LYS D 994 -22.18 12.28 -24.46
CA LYS D 994 -21.31 11.49 -23.58
C LYS D 994 -20.57 12.38 -22.58
N TYR D 995 -19.98 13.47 -23.07
CA TYR D 995 -19.13 14.32 -22.24
C TYR D 995 -19.89 15.40 -21.50
N LEU D 996 -21.19 15.58 -21.77
CA LEU D 996 -21.93 16.73 -21.25
C LEU D 996 -23.02 16.37 -20.25
N GLY D 997 -23.50 15.13 -20.24
CA GLY D 997 -24.53 14.72 -19.33
C GLY D 997 -24.11 14.78 -17.87
N PRO D 998 -22.93 14.23 -17.56
CA PRO D 998 -22.48 14.25 -16.16
C PRO D 998 -22.35 15.64 -15.56
N TYR D 999 -22.08 16.66 -16.39
CA TYR D 999 -21.98 18.03 -15.91
C TYR D 999 -23.28 18.44 -15.21
N VAL D 1000 -24.42 18.11 -15.82
CA VAL D 1000 -25.71 18.51 -15.26
C VAL D 1000 -25.93 17.85 -13.92
N MET D 1001 -25.62 16.57 -13.81
CA MET D 1001 -25.78 15.86 -12.54
C MET D 1001 -24.88 16.45 -11.47
N MET D 1002 -23.64 16.79 -11.85
CA MET D 1002 -22.73 17.42 -10.90
C MET D 1002 -23.28 18.74 -10.39
N ILE D 1003 -23.82 19.55 -11.30
CA ILE D 1003 -24.42 20.83 -10.88
C ILE D 1003 -25.57 20.58 -9.91
N GLY D 1004 -26.43 19.62 -10.25
CA GLY D 1004 -27.56 19.31 -9.38
C GLY D 1004 -27.11 18.88 -8.00
N LYS D 1005 -26.02 18.13 -7.91
CA LYS D 1005 -25.52 17.71 -6.61
C LYS D 1005 -24.88 18.86 -5.84
N MET D 1006 -24.23 19.79 -6.53
CA MET D 1006 -23.61 20.94 -5.86
C MET D 1006 -24.63 21.97 -5.39
N MET D 1007 -25.84 21.94 -5.93
CA MET D 1007 -26.87 22.89 -5.50
C MET D 1007 -27.11 22.82 -3.99
N ILE D 1008 -26.92 21.64 -3.38
CA ILE D 1008 -27.17 21.50 -1.94
C ILE D 1008 -26.18 22.31 -1.14
N ASP D 1009 -24.89 22.19 -1.47
CA ASP D 1009 -23.88 23.02 -0.83
C ASP D 1009 -24.14 24.50 -1.10
N MET D 1010 -24.61 24.81 -2.29
CA MET D 1010 -24.99 26.19 -2.59
C MET D 1010 -26.03 26.69 -1.59
N MET D 1011 -27.06 25.87 -1.33
CA MET D 1011 -28.12 26.25 -0.39
C MET D 1011 -27.57 26.43 1.02
N TYR D 1012 -26.70 25.52 1.46
CA TYR D 1012 -26.14 25.62 2.80
C TYR D 1012 -25.33 26.89 2.96
N PHE D 1013 -24.56 27.26 1.92
CA PHE D 1013 -23.87 28.55 1.94
C PHE D 1013 -24.87 29.70 1.98
N VAL D 1014 -25.95 29.57 1.22
CA VAL D 1014 -26.93 30.65 1.09
C VAL D 1014 -27.52 31.00 2.45
N ILE D 1015 -27.80 29.99 3.28
CA ILE D 1015 -28.45 30.27 4.55
C ILE D 1015 -27.61 31.23 5.40
N ILE D 1016 -26.33 30.90 5.57
CA ILE D 1016 -25.46 31.74 6.41
C ILE D 1016 -25.23 33.09 5.76
N MET D 1017 -25.07 33.11 4.43
CA MET D 1017 -24.93 34.38 3.74
C MET D 1017 -26.13 35.27 4.02
N LEU D 1018 -27.33 34.68 4.00
CA LEU D 1018 -28.55 35.44 4.27
C LEU D 1018 -28.56 35.97 5.70
N VAL D 1019 -28.15 35.15 6.66
CA VAL D 1019 -28.13 35.63 8.05
C VAL D 1019 -27.24 36.86 8.18
N VAL D 1020 -26.01 36.77 7.67
CA VAL D 1020 -25.09 37.90 7.79
C VAL D 1020 -25.62 39.10 7.03
N LEU D 1021 -26.16 38.87 5.83
CA LEU D 1021 -26.72 39.95 5.02
C LEU D 1021 -27.81 40.70 5.78
N MET D 1022 -28.74 39.96 6.38
CA MET D 1022 -29.83 40.60 7.11
C MET D 1022 -29.31 41.38 8.31
N SER D 1023 -28.34 40.82 9.05
CA SER D 1023 -27.80 41.54 10.18
C SER D 1023 -27.21 42.88 9.74
N PHE D 1024 -26.37 42.86 8.71
CA PHE D 1024 -25.75 44.10 8.25
C PHE D 1024 -26.79 45.10 7.74
N GLY D 1025 -27.75 44.61 6.96
CA GLY D 1025 -28.76 45.51 6.42
C GLY D 1025 -29.59 46.18 7.49
N VAL D 1026 -30.02 45.40 8.49
CA VAL D 1026 -30.81 45.98 9.57
C VAL D 1026 -29.98 47.01 10.34
N ALA D 1027 -28.72 46.69 10.62
CA ALA D 1027 -27.88 47.65 11.34
C ALA D 1027 -27.76 48.95 10.55
N ARG D 1028 -27.46 48.86 9.26
CA ARG D 1028 -27.30 50.06 8.45
C ARG D 1028 -28.59 50.88 8.42
N GLN D 1029 -29.72 50.20 8.19
CA GLN D 1029 -30.98 50.93 8.08
C GLN D 1029 -31.34 51.61 9.39
N ALA D 1030 -31.10 50.94 10.52
CA ALA D 1030 -31.47 51.52 11.80
C ALA D 1030 -30.56 52.69 12.16
N ILE D 1031 -29.26 52.58 11.90
CA ILE D 1031 -28.35 53.66 12.25
C ILE D 1031 -28.73 54.94 11.52
N LEU D 1032 -29.00 54.84 10.23
CA LEU D 1032 -29.54 55.96 9.48
C LEU D 1032 -31.06 55.99 9.62
N PHE D 1033 -31.67 57.04 9.06
CA PHE D 1033 -33.11 57.26 9.06
C PHE D 1033 -33.66 56.99 10.47
N PRO D 1034 -33.22 57.74 11.49
CA PRO D 1034 -33.69 57.44 12.85
C PRO D 1034 -35.20 57.53 12.99
N ASN D 1035 -35.84 58.45 12.28
CA ASN D 1035 -37.29 58.65 12.36
C ASN D 1035 -37.91 58.29 11.01
N GLU D 1036 -38.84 57.34 11.03
CA GLU D 1036 -39.55 56.94 9.82
C GLU D 1036 -40.74 56.06 10.17
N GLU D 1037 -41.91 56.41 9.62
CA GLU D 1037 -43.12 55.65 9.91
C GLU D 1037 -43.05 54.27 9.26
N PRO D 1038 -43.80 53.30 9.78
CA PRO D 1038 -43.75 51.95 9.22
C PRO D 1038 -44.17 51.93 7.75
N SER D 1039 -43.52 51.06 6.98
CA SER D 1039 -43.81 50.89 5.57
C SER D 1039 -43.04 49.67 5.08
N TRP D 1040 -43.33 49.26 3.85
CA TRP D 1040 -42.70 48.10 3.26
C TRP D 1040 -41.35 48.40 2.61
N LYS D 1041 -40.99 49.66 2.46
CA LYS D 1041 -39.70 49.99 1.86
C LYS D 1041 -38.54 49.53 2.73
N LEU D 1042 -38.76 49.38 4.03
CA LEU D 1042 -37.68 48.98 4.94
C LEU D 1042 -37.17 47.58 4.59
N ALA D 1043 -38.07 46.65 4.31
CA ALA D 1043 -37.66 45.30 3.97
C ALA D 1043 -36.83 45.30 2.68
N LYS D 1044 -37.26 46.07 1.68
CA LYS D 1044 -36.49 46.15 0.45
C LYS D 1044 -35.11 46.76 0.69
N ASN D 1045 -35.04 47.81 1.50
CA ASN D 1045 -33.77 48.47 1.78
C ASN D 1045 -32.83 47.58 2.56
N ILE D 1046 -33.36 46.70 3.40
CA ILE D 1046 -32.52 45.77 4.14
C ILE D 1046 -31.68 44.92 3.18
N PHE D 1047 -32.30 44.48 2.08
CA PHE D 1047 -31.65 43.53 1.17
C PHE D 1047 -30.95 44.20 -0.01
N TYR D 1048 -31.36 45.41 -0.40
CA TYR D 1048 -30.93 45.94 -1.69
C TYR D 1048 -29.41 46.06 -1.81
N MET D 1049 -28.80 47.00 -1.08
CA MET D 1049 -27.38 47.27 -1.30
C MET D 1049 -26.50 46.09 -0.90
N PRO D 1050 -26.65 45.48 0.28
CA PRO D 1050 -25.70 44.45 0.70
C PRO D 1050 -25.60 43.28 -0.25
N TYR D 1051 -26.69 42.89 -0.92
CA TYR D 1051 -26.61 41.79 -1.86
C TYR D 1051 -25.73 42.14 -3.04
N TRP D 1052 -25.86 43.35 -3.57
CA TRP D 1052 -25.02 43.78 -4.69
C TRP D 1052 -23.59 44.03 -4.25
N MET D 1053 -23.36 44.28 -2.95
CA MET D 1053 -21.99 44.44 -2.47
C MET D 1053 -21.15 43.20 -2.69
N ILE D 1054 -21.79 42.03 -2.84
CA ILE D 1054 -21.05 40.79 -3.00
C ILE D 1054 -20.33 40.77 -4.35
N TYR D 1055 -20.96 41.31 -5.39
CA TYR D 1055 -20.51 41.12 -6.76
C TYR D 1055 -19.73 42.31 -7.30
N GLY D 1056 -19.14 43.13 -6.44
CA GLY D 1056 -18.20 44.14 -6.85
C GLY D 1056 -18.71 45.56 -6.90
N GLU D 1057 -19.94 45.83 -6.47
CA GLU D 1057 -20.51 47.17 -6.42
C GLU D 1057 -20.65 47.57 -4.95
N VAL D 1058 -19.79 48.47 -4.50
CA VAL D 1058 -19.73 48.88 -3.10
C VAL D 1058 -20.38 50.22 -2.83
N PHE D 1059 -20.85 50.91 -3.87
CA PHE D 1059 -21.51 52.21 -3.71
C PHE D 1059 -20.59 53.19 -2.98
N ALA D 1060 -19.46 53.50 -3.64
CA ALA D 1060 -18.46 54.36 -3.01
C ALA D 1060 -19.03 55.72 -2.63
N ASP D 1061 -20.02 56.21 -3.37
CA ASP D 1061 -20.56 57.52 -3.09
C ASP D 1061 -21.24 57.57 -1.72
N GLN D 1062 -21.92 56.49 -1.35
CA GLN D 1062 -22.77 56.47 -0.17
C GLN D 1062 -22.11 55.84 1.05
N ILE D 1063 -20.81 55.54 0.98
CA ILE D 1063 -20.13 54.92 2.11
C ILE D 1063 -20.09 55.88 3.30
N ASP D 1064 -19.65 57.11 3.08
CA ASP D 1064 -19.51 58.08 4.15
C ASP D 1064 -19.57 59.49 3.60
N PRO D 1065 -20.75 60.05 3.37
CA PRO D 1065 -20.85 61.42 2.86
C PRO D 1065 -20.35 62.42 3.88
N PRO D 1066 -19.90 63.61 3.43
CA PRO D 1066 -19.37 64.59 4.38
C PRO D 1066 -20.35 64.99 5.47
N CYS D 1067 -21.64 65.00 5.17
CA CYS D 1067 -22.69 65.39 6.12
C CYS D 1067 -22.42 66.83 6.51
N GLY D 1068 -22.31 67.16 7.79
CA GLY D 1068 -22.30 68.55 8.22
C GLY D 1068 -20.96 69.21 8.01
N GLN D 1069 -20.98 70.41 7.45
CA GLN D 1069 -19.78 71.22 7.25
C GLN D 1069 -20.22 72.53 6.60
N ASN D 1070 -19.26 73.44 6.46
CA ASN D 1070 -19.49 74.72 5.79
C ASN D 1070 -18.88 74.62 4.40
N GLU D 1071 -19.70 74.23 3.42
CA GLU D 1071 -19.26 74.03 2.05
C GLU D 1071 -19.85 75.13 1.18
N THR D 1072 -18.98 75.89 0.50
CA THR D 1072 -19.44 76.93 -0.40
C THR D 1072 -19.88 76.39 -1.75
N ARG D 1073 -19.53 75.13 -2.07
CA ARG D 1073 -19.91 74.52 -3.34
C ARG D 1073 -19.12 75.14 -4.48
N GLU D 1074 -19.45 74.78 -5.72
CA GLU D 1074 -18.78 75.31 -6.88
C GLU D 1074 -19.81 75.59 -7.97
N ASP D 1075 -19.62 76.71 -8.68
CA ASP D 1075 -20.49 77.10 -9.78
C ASP D 1075 -21.95 77.15 -9.35
N GLY D 1076 -22.19 77.68 -8.15
CA GLY D 1076 -23.55 77.80 -7.64
C GLY D 1076 -23.52 78.38 -6.24
N LYS D 1077 -24.73 78.74 -5.78
CA LYS D 1077 -24.86 79.28 -4.44
C LYS D 1077 -24.49 78.24 -3.39
N THR D 1078 -23.91 78.71 -2.29
CA THR D 1078 -23.50 77.80 -1.22
C THR D 1078 -24.71 77.03 -0.70
N ILE D 1079 -24.54 75.72 -0.55
CA ILE D 1079 -25.59 74.83 -0.08
C ILE D 1079 -25.24 74.42 1.35
N GLN D 1080 -26.09 74.80 2.29
CA GLN D 1080 -25.86 74.43 3.69
C GLN D 1080 -25.98 72.92 3.84
N LEU D 1081 -25.00 72.34 4.53
CA LEU D 1081 -24.95 70.89 4.66
C LEU D 1081 -25.86 70.41 5.78
N PRO D 1082 -26.36 69.17 5.71
CA PRO D 1082 -27.26 68.66 6.76
C PRO D 1082 -26.54 68.57 8.09
N PRO D 1083 -27.26 68.22 9.15
CA PRO D 1083 -26.65 68.13 10.49
C PRO D 1083 -26.07 66.77 10.85
N CYS D 1084 -25.93 65.85 9.89
CA CYS D 1084 -25.37 64.54 10.16
C CYS D 1084 -26.28 63.73 11.08
N LYS D 1085 -25.75 62.64 11.62
CA LYS D 1085 -26.48 61.78 12.55
C LYS D 1085 -25.61 61.52 13.77
N THR D 1086 -26.21 60.91 14.79
CA THR D 1086 -25.48 60.67 16.04
C THR D 1086 -24.28 59.77 15.81
N GLY D 1087 -24.44 58.72 15.02
CA GLY D 1087 -23.34 57.82 14.72
C GLY D 1087 -23.40 57.29 13.29
N ALA D 1088 -22.32 57.47 12.54
CA ALA D 1088 -22.24 56.99 11.16
C ALA D 1088 -21.00 56.17 10.88
N TRP D 1089 -19.86 56.52 11.49
CA TRP D 1089 -18.61 55.79 11.27
C TRP D 1089 -18.78 54.29 11.54
N ILE D 1090 -19.67 53.95 12.47
CA ILE D 1090 -19.97 52.55 12.72
C ILE D 1090 -20.44 51.87 11.44
N VAL D 1091 -21.12 52.61 10.56
CA VAL D 1091 -21.56 52.02 9.30
C VAL D 1091 -20.38 51.60 8.42
N PRO D 1092 -19.40 52.45 8.15
CA PRO D 1092 -18.21 51.97 7.43
C PRO D 1092 -17.50 50.82 8.15
N ALA D 1093 -17.41 50.87 9.48
CA ALA D 1093 -16.73 49.77 10.18
C ALA D 1093 -17.45 48.45 9.93
N ILE D 1094 -18.78 48.45 10.09
CA ILE D 1094 -19.55 47.22 9.88
C ILE D 1094 -19.48 46.79 8.43
N MET D 1095 -19.46 47.76 7.50
CA MET D 1095 -19.34 47.42 6.09
C MET D 1095 -18.04 46.69 5.82
N ALA D 1096 -16.94 47.19 6.37
CA ALA D 1096 -15.64 46.55 6.17
C ALA D 1096 -15.65 45.14 6.75
N CYS D 1097 -16.17 44.99 7.96
CA CYS D 1097 -16.21 43.66 8.58
C CYS D 1097 -17.07 42.70 7.76
N TYR D 1098 -18.23 43.17 7.30
CA TYR D 1098 -19.14 42.33 6.54
C TYR D 1098 -18.53 41.89 5.22
N LEU D 1099 -17.88 42.83 4.51
CA LEU D 1099 -17.22 42.47 3.26
C LEU D 1099 -16.10 41.47 3.50
N LEU D 1100 -15.31 41.67 4.56
CA LEU D 1100 -14.25 40.73 4.85
C LEU D 1100 -14.82 39.34 5.12
N VAL D 1101 -15.91 39.25 5.88
CA VAL D 1101 -16.49 37.95 6.19
C VAL D 1101 -17.06 37.30 4.94
N ALA D 1102 -17.73 38.07 4.09
CA ALA D 1102 -18.48 37.50 2.98
C ALA D 1102 -17.59 37.18 1.78
N ASN D 1103 -16.93 38.20 1.23
CA ASN D 1103 -16.29 38.04 -0.08
C ASN D 1103 -15.08 37.13 -0.04
N ILE D 1104 -14.58 36.77 1.14
CA ILE D 1104 -13.35 35.99 1.27
C ILE D 1104 -13.61 34.63 1.91
N LEU D 1105 -14.13 34.61 3.14
CA LEU D 1105 -14.19 33.38 3.91
C LEU D 1105 -15.15 32.37 3.29
N LEU D 1106 -16.44 32.74 3.20
CA LEU D 1106 -17.47 31.77 2.81
C LEU D 1106 -17.27 31.27 1.39
N VAL D 1107 -16.92 32.16 0.46
CA VAL D 1107 -16.77 31.75 -0.93
C VAL D 1107 -15.62 30.77 -1.08
N ASN D 1108 -14.49 31.03 -0.43
CA ASN D 1108 -13.36 30.11 -0.50
C ASN D 1108 -13.69 28.79 0.19
N LEU D 1109 -14.46 28.83 1.28
CA LEU D 1109 -14.90 27.59 1.91
C LEU D 1109 -15.75 26.77 0.94
N LEU D 1110 -16.64 27.43 0.21
CA LEU D 1110 -17.44 26.73 -0.79
C LEU D 1110 -16.56 26.15 -1.89
N ILE D 1111 -15.54 26.88 -2.30
CA ILE D 1111 -14.60 26.37 -3.30
C ILE D 1111 -13.94 25.09 -2.79
N ALA D 1112 -13.51 25.10 -1.53
CA ALA D 1112 -12.89 23.91 -0.95
C ALA D 1112 -13.88 22.75 -0.92
N VAL D 1113 -15.13 23.02 -0.55
CA VAL D 1113 -16.15 21.97 -0.52
C VAL D 1113 -16.31 21.35 -1.90
N PHE D 1114 -16.41 22.20 -2.92
CA PHE D 1114 -16.57 21.69 -4.28
C PHE D 1114 -15.36 20.85 -4.69
N ASN D 1115 -14.15 21.33 -4.38
CA ASN D 1115 -12.96 20.58 -4.73
C ASN D 1115 -12.96 19.20 -4.08
N ASN D 1116 -13.35 19.14 -2.80
CA ASN D 1116 -13.38 17.85 -2.11
C ASN D 1116 -14.43 16.91 -2.71
N THR D 1117 -15.61 17.45 -3.04
CA THR D 1117 -16.73 16.59 -3.45
C THR D 1117 -16.69 16.22 -4.94
N PHE D 1118 -15.88 16.91 -5.74
CA PHE D 1118 -15.89 16.69 -7.19
C PHE D 1118 -15.54 15.25 -7.54
N PHE D 1119 -14.42 14.74 -7.00
CA PHE D 1119 -13.98 13.41 -7.36
C PHE D 1119 -14.99 12.36 -6.95
N GLU D 1120 -15.56 12.51 -5.74
CA GLU D 1120 -16.57 11.55 -5.28
C GLU D 1120 -17.78 11.55 -6.20
N VAL D 1121 -18.20 12.73 -6.66
CA VAL D 1121 -19.43 12.79 -7.46
C VAL D 1121 -19.20 12.32 -8.90
N LYS D 1122 -17.98 12.50 -9.42
CA LYS D 1122 -17.77 12.32 -10.86
C LYS D 1122 -18.07 10.88 -11.30
N SER D 1123 -17.46 9.89 -10.65
CA SER D 1123 -17.62 8.51 -11.07
C SER D 1123 -19.06 8.04 -10.92
N ILE D 1124 -19.71 8.43 -9.82
CA ILE D 1124 -21.09 8.05 -9.61
C ILE D 1124 -21.97 8.63 -10.71
N SER D 1125 -21.74 9.90 -11.07
CA SER D 1125 -22.52 10.51 -12.14
C SER D 1125 -22.31 9.77 -13.46
N ASN D 1126 -21.07 9.42 -13.76
CA ASN D 1126 -20.79 8.72 -15.02
C ASN D 1126 -21.53 7.38 -15.07
N GLN D 1127 -21.44 6.61 -13.98
CA GLN D 1127 -22.11 5.32 -13.95
C GLN D 1127 -23.62 5.46 -14.08
N VAL D 1128 -24.19 6.44 -13.37
CA VAL D 1128 -25.63 6.64 -13.41
C VAL D 1128 -26.07 7.02 -14.83
N TRP D 1129 -25.31 7.88 -15.50
CA TRP D 1129 -25.65 8.23 -16.88
C TRP D 1129 -25.58 7.01 -17.79
N LYS D 1130 -24.53 6.19 -17.63
CA LYS D 1130 -24.44 4.98 -18.43
C LYS D 1130 -25.64 4.08 -18.20
N PHE D 1131 -26.18 4.06 -16.97
CA PHE D 1131 -27.37 3.25 -16.71
C PHE D 1131 -28.61 3.86 -17.37
N GLN D 1132 -28.79 5.18 -17.24
CA GLN D 1132 -29.97 5.84 -17.81
C GLN D 1132 -29.97 5.79 -19.33
N ARG D 1133 -28.82 5.55 -19.94
CA ARG D 1133 -28.73 5.50 -21.40
C ARG D 1133 -29.72 4.48 -21.97
N TYR D 1134 -29.89 3.34 -21.31
CA TYR D 1134 -30.78 2.31 -21.83
C TYR D 1134 -32.22 2.81 -21.90
N GLN D 1135 -32.71 3.42 -20.81
CA GLN D 1135 -34.07 3.93 -20.81
C GLN D 1135 -34.23 5.03 -21.84
N LEU D 1136 -33.21 5.88 -22.01
CA LEU D 1136 -33.28 6.90 -23.04
C LEU D 1136 -33.45 6.27 -24.42
N ILE D 1137 -32.65 5.25 -24.72
CA ILE D 1137 -32.70 4.63 -26.04
C ILE D 1137 -34.07 3.99 -26.26
N MET D 1138 -34.58 3.28 -25.25
CA MET D 1138 -35.87 2.62 -25.42
C MET D 1138 -36.99 3.64 -25.57
N THR D 1139 -36.93 4.74 -24.83
CA THR D 1139 -37.97 5.76 -24.95
C THR D 1139 -38.00 6.33 -26.35
N PHE D 1140 -36.82 6.61 -26.92
CA PHE D 1140 -36.79 7.13 -28.28
C PHE D 1140 -37.13 6.03 -29.31
N HIS D 1141 -36.95 4.77 -28.94
CA HIS D 1141 -37.32 3.67 -29.82
C HIS D 1141 -38.84 3.52 -29.91
N GLU D 1142 -39.55 3.80 -28.82
CA GLU D 1142 -41.00 3.60 -28.80
C GLU D 1142 -41.78 4.78 -29.39
N ARG D 1143 -41.18 5.96 -29.46
CA ARG D 1143 -41.92 7.15 -29.85
C ARG D 1143 -42.30 7.10 -31.33
N PRO D 1144 -43.32 7.87 -31.73
CA PRO D 1144 -43.67 7.96 -33.14
C PRO D 1144 -42.59 8.68 -33.95
N VAL D 1145 -42.69 8.54 -35.26
CA VAL D 1145 -41.68 9.11 -36.15
C VAL D 1145 -41.78 10.64 -36.18
N LEU D 1146 -43.00 11.18 -36.22
CA LEU D 1146 -43.14 12.61 -36.43
C LEU D 1146 -42.92 13.38 -35.12
N PRO D 1147 -42.53 14.66 -35.21
CA PRO D 1147 -42.34 15.46 -34.00
C PRO D 1147 -43.66 16.01 -33.48
N PRO D 1148 -43.66 16.67 -32.34
CA PRO D 1148 -44.92 17.04 -31.66
C PRO D 1148 -45.83 17.90 -32.53
N PRO D 1149 -45.30 18.84 -33.30
CA PRO D 1149 -46.19 19.70 -34.10
C PRO D 1149 -47.08 18.93 -35.06
N LEU D 1150 -46.60 17.81 -35.60
CA LEU D 1150 -47.27 17.09 -36.67
C LEU D 1150 -47.81 15.73 -36.25
N ILE D 1151 -47.65 15.35 -34.98
CA ILE D 1151 -48.11 14.03 -34.55
C ILE D 1151 -49.60 13.99 -34.24
N ILE D 1152 -50.33 15.08 -34.48
CA ILE D 1152 -51.78 15.03 -34.36
C ILE D 1152 -52.34 14.00 -35.35
N PHE D 1153 -51.80 13.97 -36.56
CA PHE D 1153 -52.16 12.92 -37.51
C PHE D 1153 -51.77 11.55 -36.98
N SER D 1154 -50.61 11.47 -36.31
CA SER D 1154 -50.21 10.21 -35.69
C SER D 1154 -51.20 9.77 -34.61
N HIS D 1155 -51.68 10.72 -33.81
CA HIS D 1155 -52.69 10.39 -32.81
C HIS D 1155 -53.98 9.92 -33.47
N MET D 1156 -54.39 10.58 -34.55
CA MET D 1156 -55.59 10.17 -35.26
C MET D 1156 -55.44 8.75 -35.80
N THR D 1157 -54.27 8.43 -36.35
CA THR D 1157 -54.03 7.07 -36.82
C THR D 1157 -54.05 6.08 -35.66
N MET D 1158 -53.46 6.45 -34.53
CA MET D 1158 -53.39 5.54 -33.39
C MET D 1158 -54.77 5.21 -32.85
N ILE D 1159 -55.62 6.24 -32.71
CA ILE D 1159 -56.97 6.00 -32.18
C ILE D 1159 -57.77 5.14 -33.15
N PHE D 1160 -57.55 5.31 -34.46
CA PHE D 1160 -58.24 4.53 -35.47
C PHE D 1160 -57.83 3.06 -35.38
N THR D 1186 -32.57 -21.22 -33.43
CA THR D 1186 -32.89 -22.63 -33.59
C THR D 1186 -32.58 -23.41 -32.31
N ASP D 1187 -33.11 -24.63 -32.23
CA ASP D 1187 -32.83 -25.47 -31.07
C ASP D 1187 -31.35 -25.80 -30.97
N ASP D 1188 -30.70 -26.06 -32.12
CA ASP D 1188 -29.28 -26.35 -32.11
C ASP D 1188 -28.48 -25.16 -31.59
N GLU D 1189 -28.86 -23.94 -32.00
CA GLU D 1189 -28.18 -22.75 -31.50
C GLU D 1189 -28.34 -22.61 -29.99
N LEU D 1190 -29.54 -22.86 -29.48
CA LEU D 1190 -29.77 -22.78 -28.04
C LEU D 1190 -28.93 -23.83 -27.31
N LYS D 1191 -28.86 -25.05 -27.85
CA LYS D 1191 -28.04 -26.08 -27.23
C LYS D 1191 -26.56 -25.68 -27.23
N LYS D 1192 -26.09 -25.09 -28.33
CA LYS D 1192 -24.71 -24.63 -28.38
C LYS D 1192 -24.45 -23.54 -27.35
N VAL D 1193 -25.39 -22.61 -27.20
CA VAL D 1193 -25.23 -21.54 -26.22
C VAL D 1193 -25.19 -22.13 -24.81
N HIS D 1194 -26.06 -23.09 -24.52
CA HIS D 1194 -26.07 -23.71 -23.21
C HIS D 1194 -24.76 -24.46 -22.93
N ASP D 1195 -24.24 -25.17 -23.93
CA ASP D 1195 -22.97 -25.85 -23.77
C ASP D 1195 -21.84 -24.84 -23.53
N PHE D 1196 -21.85 -23.73 -24.26
CA PHE D 1196 -20.85 -22.69 -24.05
C PHE D 1196 -20.93 -22.15 -22.62
N GLU D 1197 -22.14 -21.91 -22.13
CA GLU D 1197 -22.31 -21.39 -20.79
C GLU D 1197 -21.83 -22.39 -19.74
N GLU D 1198 -22.15 -23.67 -19.92
CA GLU D 1198 -21.69 -24.69 -18.98
C GLU D 1198 -20.17 -24.78 -18.98
N GLN D 1199 -19.56 -24.75 -20.17
CA GLN D 1199 -18.10 -24.77 -20.25
C GLN D 1199 -17.51 -23.55 -19.54
N CYS D 1200 -18.10 -22.38 -19.75
CA CYS D 1200 -17.60 -21.18 -19.08
C CYS D 1200 -17.70 -21.30 -17.57
N ILE D 1201 -18.82 -21.83 -17.08
CA ILE D 1201 -19.00 -22.00 -15.64
C ILE D 1201 -17.93 -22.94 -15.08
N GLU D 1202 -17.73 -24.07 -15.76
CA GLU D 1202 -16.75 -25.04 -15.29
C GLU D 1202 -15.35 -24.44 -15.29
N GLU D 1203 -14.98 -23.73 -16.36
CA GLU D 1203 -13.66 -23.12 -16.45
C GLU D 1203 -13.48 -22.07 -15.36
N TYR D 1204 -14.50 -21.25 -15.13
CA TYR D 1204 -14.40 -20.21 -14.10
C TYR D 1204 -14.23 -20.82 -12.71
N PHE D 1205 -15.01 -21.87 -12.40
CA PHE D 1205 -14.88 -22.49 -11.08
C PHE D 1205 -13.52 -23.16 -10.92
N ARG D 1206 -13.04 -23.82 -11.98
CA ARG D 1206 -11.72 -24.45 -11.89
C ARG D 1206 -10.62 -23.41 -11.70
N GLU D 1207 -10.72 -22.29 -12.43
CA GLU D 1207 -9.73 -21.22 -12.27
C GLU D 1207 -9.78 -20.64 -10.86
N LYS D 1208 -10.98 -20.45 -10.31
CA LYS D 1208 -11.08 -19.93 -8.96
C LYS D 1208 -10.46 -20.88 -7.94
N ASP D 1209 -10.72 -22.18 -8.10
CA ASP D 1209 -10.13 -23.16 -7.19
C ASP D 1209 -8.61 -23.17 -7.31
N ASP D 1210 -8.10 -23.12 -8.55
CA ASP D 1210 -6.64 -23.11 -8.75
C ASP D 1210 -6.02 -21.85 -8.14
N ARG D 1211 -6.66 -20.70 -8.32
CA ARG D 1211 -6.15 -19.46 -7.74
C ARG D 1211 -6.13 -19.54 -6.22
N PHE D 1212 -7.20 -20.08 -5.62
CA PHE D 1212 -7.23 -20.22 -4.17
C PHE D 1212 -6.13 -21.15 -3.69
N ASN D 1213 -5.91 -22.26 -4.40
CA ASN D 1213 -4.86 -23.20 -3.99
C ASN D 1213 -3.48 -22.59 -4.16
N SER D 1214 -3.29 -21.74 -5.17
CA SER D 1214 -1.99 -21.11 -5.39
C SER D 1214 -1.67 -20.06 -4.35
N SER D 1215 -2.64 -19.65 -3.53
CA SER D 1215 -2.38 -18.65 -2.50
C SER D 1215 -1.28 -19.14 -1.56
N ASN D 1216 -0.37 -18.24 -1.20
CA ASN D 1216 0.73 -18.61 -0.31
C ASN D 1216 0.22 -19.10 1.04
N ASP D 1217 -0.94 -18.61 1.47
CA ASP D 1217 -1.49 -19.05 2.75
C ASP D 1217 -1.79 -20.54 2.73
N GLU D 1218 -2.36 -21.04 1.63
CA GLU D 1218 -2.65 -22.47 1.53
C GLU D 1218 -1.37 -23.29 1.57
N ARG D 1219 -0.34 -22.86 0.83
CA ARG D 1219 0.91 -23.59 0.83
C ARG D 1219 1.56 -23.58 2.21
N ILE D 1220 1.56 -22.43 2.88
CA ILE D 1220 2.15 -22.34 4.21
C ILE D 1220 1.44 -23.26 5.18
N ARG D 1221 0.10 -23.24 5.15
CA ARG D 1221 -0.66 -24.09 6.07
C ARG D 1221 -0.38 -25.56 5.83
N VAL D 1222 -0.36 -25.98 4.57
CA VAL D 1222 -0.10 -27.38 4.25
C VAL D 1222 1.32 -27.77 4.69
N THR D 1223 2.29 -26.91 4.41
CA THR D 1223 3.67 -27.22 4.76
C THR D 1223 3.82 -27.39 6.26
N SER D 1224 3.23 -26.48 7.04
CA SER D 1224 3.32 -26.58 8.50
C SER D 1224 2.68 -27.87 9.01
N GLU D 1225 1.51 -28.23 8.47
CA GLU D 1225 0.81 -29.41 8.95
C GLU D 1225 1.62 -30.68 8.67
N ARG D 1226 2.14 -30.82 7.44
CA ARG D 1226 2.91 -32.01 7.12
C ARG D 1226 4.21 -32.06 7.92
N VAL D 1227 4.88 -30.92 8.09
CA VAL D 1227 6.13 -30.91 8.84
C VAL D 1227 5.89 -31.33 10.28
N GLU D 1228 4.82 -30.81 10.90
CA GLU D 1228 4.53 -31.19 12.28
C GLU D 1228 4.26 -32.68 12.40
N ASN D 1229 3.43 -33.21 11.49
CA ASN D 1229 3.15 -34.65 11.52
C ASN D 1229 4.39 -35.46 11.22
N MET D 1230 5.17 -35.04 10.22
CA MET D 1230 6.39 -35.78 9.87
C MET D 1230 7.39 -35.75 11.00
N SER D 1231 7.57 -34.60 11.66
CA SER D 1231 8.52 -34.51 12.74
C SER D 1231 8.16 -35.45 13.89
N MET D 1232 6.88 -35.51 14.25
CA MET D 1232 6.44 -36.41 15.30
C MET D 1232 6.67 -37.87 14.90
N ARG D 1233 6.34 -38.21 13.66
CA ARG D 1233 6.57 -39.58 13.20
C ARG D 1233 8.05 -39.93 13.21
N LEU D 1234 8.90 -39.00 12.76
CA LEU D 1234 10.33 -39.27 12.75
C LEU D 1234 10.87 -39.44 14.16
N GLU D 1235 10.41 -38.64 15.11
CA GLU D 1235 10.87 -38.77 16.49
C GLU D 1235 10.52 -40.13 17.05
N GLU D 1236 9.31 -40.62 16.78
CA GLU D 1236 8.91 -41.93 17.27
C GLU D 1236 9.80 -43.02 16.69
N VAL D 1237 10.10 -42.93 15.38
CA VAL D 1237 10.95 -43.93 14.75
C VAL D 1237 12.35 -43.91 15.37
N ASN D 1238 12.89 -42.72 15.60
CA ASN D 1238 14.22 -42.63 16.20
C ASN D 1238 14.25 -43.23 17.59
N GLU D 1239 13.24 -42.94 18.41
CA GLU D 1239 13.18 -43.52 19.75
C GLU D 1239 13.00 -45.03 19.68
N ARG D 1240 12.15 -45.50 18.77
CA ARG D 1240 11.93 -46.94 18.62
C ARG D 1240 13.16 -47.64 18.06
N GLU D 1241 13.99 -46.92 17.29
CA GLU D 1241 15.19 -47.52 16.73
C GLU D 1241 16.18 -47.94 17.80
N HIS D 1242 16.07 -47.42 19.02
CA HIS D 1242 16.99 -47.81 20.09
C HIS D 1242 16.85 -49.30 20.41
N SER D 1243 15.62 -49.81 20.44
CA SER D 1243 15.42 -51.23 20.73
C SER D 1243 16.12 -52.10 19.69
N MET D 1244 16.04 -51.72 18.42
CA MET D 1244 16.71 -52.48 17.37
C MET D 1244 18.22 -52.50 17.60
N LYS D 1245 18.79 -51.37 18.01
CA LYS D 1245 20.22 -51.29 18.29
C LYS D 1245 20.63 -52.30 19.36
#